data_9LYO
#
_entry.id   9LYO
#
_cell.length_a   1.00
_cell.length_b   1.00
_cell.length_c   1.00
_cell.angle_alpha   90.00
_cell.angle_beta   90.00
_cell.angle_gamma   90.00
#
_symmetry.space_group_name_H-M   'P 1'
#
loop_
_entity.id
_entity.type
_entity.pdbx_description
1 polymer 'REGN10987 Fab homologue (Light chain)'
2 polymer 'REGN10987 Fab homologue (Heavy chain)'
3 polymer 'Spike glycoprotein'
4 branched 2-acetamido-2-deoxy-beta-D-glucopyranose-(1-4)-2-acetamido-2-deoxy-beta-D-glucopyranose
5 non-polymer 2-acetamido-2-deoxy-beta-D-glucopyranose
#
loop_
_entity_poly.entity_id
_entity_poly.type
_entity_poly.pdbx_seq_one_letter_code
_entity_poly.pdbx_strand_id
1 'polypeptide(L)'
;QSALTQPASVSGSPGQSITISCTGTSSDVGGYNYVSWYQQHPGKAPKLMIYDVSKRPSGVSNRFSGSKSGNTASLTISGL
QSEDEADYYCNSLTSISTWVFGGGTKLTVLGRTVAAPSVFIFPPSDEQLKSGTASVVCLLNNFYPREAKVQWKVDNALQS
GNSQESVTEQDSKDSTYSLSSTLTLSKADYEKHKVYACEVTHQGLSSPVTKSFNRGEC
;
i,g,l
2 'polypeptide(L)'
;QVQLVESGGGVVQPGRSLRLSCAASGFTFSNYAMYWVRQAPGKGLEWVAVISYDGSNKYYADSVKGRFTISRDNSKNTLY
LQMNSLRTEDTAVYYCASGSDYGDYLLVYWGQGTLVTVSSASTKGPSVFPLAPSSKSTSGGTAALGCLVKDYFPEPVTVS
WNSGALTSGVHTFPAVLQSSGLYSLSSVVTVPSSSLGTQTYICNVNHKPSNTKVDKKVEPKSC
;
j,h,n
3 'polypeptide(L)'
;METDTLLLWVLLLWVPGSTGDVNLTTRTQLPPAYTNSFTRGVYYPDKVFRSSVLHSTQDLFLPFFSNVTWFHAISGTNGT
KRFDNPVLPFNDGVYFASTEKSNIIRGWIFGTTLDSKTQSLLIVNNATNVVIKVCEFQFCNDPFLGVYHKNNKSWMESEF
RVYSSANNCTFEYVSQPFLMDLEGKQGNFKNLREFVFKNIDGYFKIYSKHTPINLVRDLPQGFSALEPLVDLPIGINITR
FQTLLALHRSYLTPGDSSSGWTAGAAAYYVGYLQPRTFLLKYNENGTITDAVDCALDPLSETKCTLKSFTVEKGIYQTSN
FRVQPTESIVRFPNITNLCPFGEVFNATRFASVYAWNRKRISNCVADYSVLYNSASFSTFKCYGVSPTKLNDLCFTNVYA
DSFVIRGDEVRQIAPGQTGKIADYNYKLPDDFTGCVIAWNSNNLDSKVGGNYNYLYRLFRKSNLKPFERDISTEIYQAGS
TPCNGVEGFNCYFPLQSYGFQPTYGVGYQPYRVVVLSFELLHAPATVCGPKKSTNLVKNKCVNFNFNGLTGTGVLTESNK
KFLPFQQFGRDIDDTTDAVRDPQTLEILDITPCSFGGVSVITPGTNTSNQVAVLYQGVNCTEVPVAIHADQLTPTWRVYS
TGSNVFQTRAGCLIGAEHVNNSYECDIPIGAGICASYQTQTNSHRAAASVASQSIIAYTMSLGAENSVAYSNNSIAIPIN
FTISVTTEILPVSMTKTSVDCTMYICGDSTECSNLLLQYGSFCTQLNRALTGIAVEQDKNTQEVFAQVKQIYKTPPIKDF
GGFNFSQILPDPSKPSKRSFIEDLLFNKVTLADAGFIKQYGDCLGDIAARDLICAQKFNGLTVLPPLLTDEMIAQYTSAL
LAGTITSGWTFGAGAALQIPFAMQMAYRFNGIGVTQNVLYENQKLIANQFNSAIGKIQDSLSSTASALGKLQDVVNQNAQ
ALNTLVKQLSSNFGAISSVLNDILARLDPPEAEVQIDRLITGRLQSLQTYVTQQLIRAAEIRASANLAATKMSECVLGQS
KRVDFCGKGYHLMSFPQSAPHGVVFLHVTYVPAQEKNFTTAPAICHDGKAHFPREGVFVSNGTHWFVTQRNFYEPQIITT
HNTFVSGNCDVVIGIVNNTVYDPLQPELDSFKEELDKYFKNHTSPDVDLGDISGINASVVNIQKEIDRLNEVAKNLNESL
IDLQELGKYEQEFGSGGYIPEAPRDGQAYVRKDGEWVLLSTFLKGQDNSADIQHSGRPLESRGPFEQKLISEEDLNMHTG
HHHHHH
;
A,B,C
#
# COMPACT_ATOMS: atom_id res chain seq x y z
N GLN A 1 -31.48 -0.58 -46.69
CA GLN A 1 -31.17 -1.54 -45.60
C GLN A 1 -29.86 -2.26 -45.90
N SER A 2 -29.02 -2.42 -44.88
CA SER A 2 -27.74 -3.11 -45.02
C SER A 2 -27.91 -4.63 -45.02
N ALA A 3 -28.73 -5.11 -45.95
CA ALA A 3 -28.99 -6.54 -46.05
C ALA A 3 -27.68 -7.30 -46.15
N LEU A 4 -27.56 -8.34 -45.32
CA LEU A 4 -26.32 -9.10 -45.25
C LEU A 4 -26.10 -9.92 -46.52
N THR A 5 -24.83 -10.03 -46.93
CA THR A 5 -24.47 -10.80 -48.11
C THR A 5 -24.34 -12.28 -47.76
N GLN A 6 -24.80 -13.14 -48.65
CA GLN A 6 -24.72 -14.58 -48.50
C GLN A 6 -24.47 -15.22 -49.85
N PRO A 7 -23.88 -16.42 -49.88
CA PRO A 7 -23.75 -17.13 -51.16
C PRO A 7 -25.12 -17.58 -51.65
N ALA A 8 -25.35 -17.41 -52.95
CA ALA A 8 -26.66 -17.75 -53.51
C ALA A 8 -26.98 -19.24 -53.33
N SER A 9 -25.99 -20.12 -53.46
CA SER A 9 -26.23 -21.53 -53.25
C SER A 9 -24.95 -22.24 -52.85
N VAL A 10 -25.12 -23.36 -52.14
CA VAL A 10 -24.02 -24.23 -51.74
C VAL A 10 -24.51 -25.66 -51.90
N SER A 11 -23.57 -26.58 -52.13
CA SER A 11 -23.93 -27.99 -52.33
C SER A 11 -22.88 -28.91 -51.74
N GLY A 12 -23.33 -30.09 -51.33
CA GLY A 12 -22.46 -31.09 -50.76
C GLY A 12 -23.06 -32.47 -50.91
N SER A 13 -22.18 -33.48 -50.91
CA SER A 13 -22.62 -34.87 -50.96
C SER A 13 -23.14 -35.32 -49.60
N PRO A 14 -24.10 -36.23 -49.56
CA PRO A 14 -24.59 -36.72 -48.27
C PRO A 14 -23.45 -37.16 -47.35
N GLY A 15 -23.57 -36.83 -46.07
CA GLY A 15 -22.56 -37.14 -45.08
C GLY A 15 -21.36 -36.22 -45.06
N GLN A 16 -21.23 -35.32 -46.02
CA GLN A 16 -20.11 -34.38 -46.03
C GLN A 16 -20.34 -33.25 -45.04
N SER A 17 -19.34 -32.36 -44.98
CA SER A 17 -19.40 -31.12 -44.20
C SER A 17 -19.44 -29.94 -45.15
N ILE A 18 -20.30 -28.97 -44.85
CA ILE A 18 -20.49 -27.79 -45.68
C ILE A 18 -20.66 -26.59 -44.77
N THR A 19 -20.25 -25.42 -45.25
CA THR A 19 -20.33 -24.19 -44.48
C THR A 19 -20.93 -23.05 -45.29
N ILE A 20 -21.89 -22.35 -44.68
CA ILE A 20 -22.53 -21.18 -45.27
C ILE A 20 -22.01 -19.95 -44.53
N SER A 21 -21.73 -18.88 -45.27
CA SER A 21 -21.19 -17.66 -44.69
C SER A 21 -22.16 -16.49 -44.81
N CYS A 22 -22.06 -15.59 -43.84
CA CYS A 22 -22.88 -14.38 -43.73
C CYS A 22 -21.93 -13.24 -43.40
N THR A 23 -22.11 -12.09 -44.06
CA THR A 23 -21.21 -10.96 -43.88
C THR A 23 -21.98 -9.65 -43.78
N GLY A 24 -21.52 -8.76 -42.90
CA GLY A 24 -22.19 -7.50 -42.68
C GLY A 24 -21.24 -6.45 -42.14
N THR A 25 -21.83 -5.28 -41.84
CA THR A 25 -21.07 -4.14 -41.35
C THR A 25 -20.53 -4.37 -39.95
N SER A 26 -19.49 -3.60 -39.60
CA SER A 26 -18.87 -3.65 -38.28
C SER A 26 -19.85 -3.31 -37.16
N SER A 27 -21.04 -2.81 -37.50
CA SER A 27 -22.09 -2.50 -36.54
C SER A 27 -23.34 -3.32 -36.82
N ASP A 28 -23.26 -4.28 -37.75
CA ASP A 28 -24.37 -5.15 -38.11
C ASP A 28 -24.11 -6.60 -37.73
N VAL A 29 -22.84 -7.00 -37.68
CA VAL A 29 -22.45 -8.34 -37.24
C VAL A 29 -21.18 -8.20 -36.42
N GLY A 30 -20.37 -7.20 -36.70
CA GLY A 30 -19.29 -6.83 -35.82
C GLY A 30 -19.83 -6.31 -34.50
N GLY A 31 -19.01 -6.40 -33.46
CA GLY A 31 -19.51 -5.98 -32.16
C GLY A 31 -20.44 -7.02 -31.58
N TYR A 32 -21.75 -6.79 -31.71
CA TYR A 32 -22.72 -7.71 -31.14
C TYR A 32 -22.49 -9.14 -31.66
N ASN A 33 -22.95 -10.10 -30.84
CA ASN A 33 -22.85 -11.53 -31.13
C ASN A 33 -24.21 -12.18 -31.29
N TYR A 34 -25.26 -11.39 -31.51
CA TYR A 34 -26.63 -11.89 -31.58
C TYR A 34 -26.97 -12.56 -32.92
N VAL A 35 -25.99 -12.80 -33.78
CA VAL A 35 -26.26 -13.44 -35.07
C VAL A 35 -27.03 -14.73 -34.86
N SER A 36 -28.08 -14.91 -35.65
CA SER A 36 -28.95 -16.08 -35.57
C SER A 36 -29.18 -16.61 -36.98
N TRP A 37 -29.46 -17.92 -37.08
CA TRP A 37 -29.66 -18.57 -38.36
C TRP A 37 -31.03 -19.22 -38.41
N TYR A 38 -31.71 -19.05 -39.54
CA TYR A 38 -33.05 -19.57 -39.76
C TYR A 38 -33.07 -20.56 -40.92
N GLN A 39 -33.99 -21.51 -40.83
CA GLN A 39 -34.17 -22.55 -41.84
C GLN A 39 -35.62 -22.51 -42.28
N GLN A 40 -35.86 -22.59 -43.59
CA GLN A 40 -37.23 -22.56 -44.11
C GLN A 40 -37.40 -23.56 -45.26
N HIS A 41 -38.01 -24.70 -44.96
CA HIS A 41 -38.39 -25.60 -46.04
C HIS A 41 -39.48 -24.92 -46.87
N PRO A 42 -39.61 -25.27 -48.14
CA PRO A 42 -40.64 -24.62 -48.97
C PRO A 42 -42.03 -24.88 -48.43
N GLY A 43 -42.90 -23.87 -48.59
CA GLY A 43 -44.29 -23.99 -48.18
C GLY A 43 -44.59 -23.95 -46.71
N LYS A 44 -43.64 -23.55 -45.85
CA LYS A 44 -43.91 -23.54 -44.42
C LYS A 44 -43.12 -22.43 -43.75
N ALA A 45 -43.51 -22.15 -42.50
CA ALA A 45 -42.89 -21.09 -41.72
C ALA A 45 -41.43 -21.40 -41.39
N PRO A 46 -40.55 -20.40 -41.40
CA PRO A 46 -39.14 -20.63 -41.04
C PRO A 46 -38.96 -21.15 -39.63
N LYS A 47 -37.92 -21.96 -39.47
CA LYS A 47 -37.39 -22.44 -38.22
C LYS A 47 -36.09 -21.69 -37.94
N LEU A 48 -35.62 -21.78 -36.69
CA LEU A 48 -34.33 -21.20 -36.36
C LEU A 48 -33.38 -22.33 -36.03
N MET A 49 -32.10 -22.06 -36.20
CA MET A 49 -31.13 -23.12 -35.94
C MET A 49 -30.02 -22.71 -34.98
N ILE A 50 -29.55 -21.47 -35.07
CA ILE A 50 -28.47 -20.96 -34.24
C ILE A 50 -28.87 -19.58 -33.71
N TYR A 51 -28.27 -19.19 -32.59
CA TYR A 51 -28.47 -17.83 -32.12
C TYR A 51 -27.19 -17.30 -31.48
N ASP A 52 -27.29 -16.50 -30.42
CA ASP A 52 -26.11 -15.86 -29.86
C ASP A 52 -25.05 -16.85 -29.39
N VAL A 53 -23.81 -16.60 -29.80
CA VAL A 53 -22.63 -17.39 -29.47
C VAL A 53 -22.76 -18.84 -29.96
N SER A 54 -23.39 -19.02 -31.11
CA SER A 54 -23.59 -20.33 -31.73
C SER A 54 -24.44 -21.28 -30.89
N LYS A 55 -25.12 -20.78 -29.86
CA LYS A 55 -25.97 -21.68 -29.07
C LYS A 55 -27.02 -22.32 -29.97
N ARG A 56 -27.58 -23.42 -29.49
CA ARG A 56 -28.55 -24.17 -30.26
C ARG A 56 -29.80 -24.42 -29.44
N PRO A 57 -30.99 -24.28 -30.02
CA PRO A 57 -32.22 -24.50 -29.26
C PRO A 57 -32.44 -25.98 -28.98
N SER A 58 -33.19 -26.24 -27.91
CA SER A 58 -33.55 -27.61 -27.58
C SER A 58 -34.40 -28.20 -28.69
N GLY A 59 -34.28 -29.51 -28.89
CA GLY A 59 -35.04 -30.19 -29.92
C GLY A 59 -34.47 -30.07 -31.31
N VAL A 60 -33.21 -29.66 -31.45
CA VAL A 60 -32.55 -29.55 -32.74
C VAL A 60 -31.24 -30.33 -32.68
N SER A 61 -30.98 -31.10 -33.73
CA SER A 61 -29.79 -31.94 -33.76
C SER A 61 -28.52 -31.12 -33.61
N ASN A 62 -27.53 -31.70 -32.94
CA ASN A 62 -26.23 -31.08 -32.69
C ASN A 62 -25.33 -31.04 -33.95
N ARG A 63 -25.89 -31.33 -35.12
CA ARG A 63 -25.12 -31.31 -36.35
C ARG A 63 -24.80 -29.91 -36.82
N PHE A 64 -25.52 -28.89 -36.36
CA PHE A 64 -25.32 -27.52 -36.77
C PHE A 64 -24.45 -26.77 -35.77
N SER A 65 -23.48 -26.02 -36.29
CA SER A 65 -22.60 -25.20 -35.47
C SER A 65 -22.36 -23.87 -36.17
N GLY A 66 -22.12 -22.85 -35.37
CA GLY A 66 -21.92 -21.50 -35.89
C GLY A 66 -20.62 -20.92 -35.43
N SER A 67 -20.10 -19.99 -36.23
CA SER A 67 -18.85 -19.30 -35.92
C SER A 67 -18.97 -17.84 -36.35
N LYS A 68 -18.23 -16.98 -35.66
CA LYS A 68 -18.18 -15.56 -35.97
C LYS A 68 -16.73 -15.13 -36.09
N SER A 69 -16.50 -14.18 -37.01
CA SER A 69 -15.17 -13.58 -37.17
C SER A 69 -15.38 -12.15 -37.66
N GLY A 70 -15.42 -11.22 -36.70
CA GLY A 70 -15.60 -9.82 -36.99
C GLY A 70 -16.78 -9.51 -37.89
N ASN A 71 -16.49 -8.98 -39.09
CA ASN A 71 -17.52 -8.63 -40.05
C ASN A 71 -18.24 -9.84 -40.65
N THR A 72 -17.81 -11.06 -40.36
CA THR A 72 -18.43 -12.24 -40.96
C THR A 72 -18.74 -13.31 -39.92
N ALA A 73 -19.74 -14.11 -40.23
CA ALA A 73 -20.18 -15.24 -39.43
C ALA A 73 -20.54 -16.36 -40.39
N SER A 74 -20.46 -17.60 -39.91
CA SER A 74 -20.74 -18.72 -40.80
C SER A 74 -21.43 -19.85 -40.05
N LEU A 75 -22.20 -20.63 -40.82
CA LEU A 75 -22.94 -21.79 -40.33
C LEU A 75 -22.39 -23.01 -41.04
N THR A 76 -21.93 -23.99 -40.26
CA THR A 76 -21.40 -25.24 -40.80
C THR A 76 -22.35 -26.39 -40.47
N ILE A 77 -22.70 -27.16 -41.48
CA ILE A 77 -23.60 -28.31 -41.36
C ILE A 77 -22.83 -29.56 -41.76
N SER A 78 -23.00 -30.62 -40.98
CA SER A 78 -22.34 -31.88 -41.25
C SER A 78 -23.37 -33.01 -41.24
N GLY A 79 -22.96 -34.14 -41.81
CA GLY A 79 -23.82 -35.30 -41.94
C GLY A 79 -25.04 -35.08 -42.81
N LEU A 80 -24.87 -34.36 -43.93
CA LEU A 80 -25.95 -34.04 -44.84
C LEU A 80 -26.86 -35.24 -45.05
N GLN A 81 -28.15 -35.04 -44.81
CA GLN A 81 -29.15 -36.10 -44.91
C GLN A 81 -30.18 -35.86 -46.01
N SER A 82 -29.96 -34.85 -46.86
CA SER A 82 -30.87 -34.41 -47.92
C SER A 82 -32.12 -33.68 -47.45
N GLU A 83 -32.38 -33.64 -46.14
CA GLU A 83 -33.50 -32.87 -45.58
C GLU A 83 -33.11 -31.44 -45.22
N ASP A 84 -31.82 -31.13 -45.23
CA ASP A 84 -31.23 -29.82 -44.96
C ASP A 84 -31.18 -28.90 -46.16
N GLU A 85 -31.69 -29.32 -47.32
CA GLU A 85 -31.66 -28.49 -48.51
C GLU A 85 -32.43 -27.18 -48.34
N ALA A 86 -33.30 -27.08 -47.34
CA ALA A 86 -34.03 -25.85 -47.08
C ALA A 86 -33.10 -24.65 -47.00
N ASP A 87 -33.53 -23.56 -47.61
CA ASP A 87 -32.75 -22.33 -47.63
C ASP A 87 -32.51 -21.80 -46.21
N TYR A 88 -31.31 -21.29 -45.99
CA TYR A 88 -30.89 -20.77 -44.69
C TYR A 88 -30.67 -19.27 -44.76
N TYR A 89 -31.21 -18.54 -43.79
CA TYR A 89 -31.06 -17.10 -43.70
C TYR A 89 -30.38 -16.73 -42.40
N CYS A 90 -29.47 -15.76 -42.46
CA CYS A 90 -28.84 -15.23 -41.26
C CYS A 90 -29.56 -13.95 -40.85
N ASN A 91 -29.52 -13.67 -39.55
CA ASN A 91 -30.19 -12.50 -39.00
C ASN A 91 -29.34 -11.94 -37.86
N SER A 92 -29.38 -10.61 -37.74
CA SER A 92 -28.60 -9.95 -36.70
C SER A 92 -29.26 -8.63 -36.34
N LEU A 93 -28.97 -8.16 -35.13
CA LEU A 93 -29.47 -6.89 -34.65
C LEU A 93 -28.41 -5.84 -34.92
N THR A 94 -28.84 -4.59 -35.04
CA THR A 94 -27.93 -3.53 -35.42
C THR A 94 -28.17 -2.31 -34.53
N SER A 95 -27.16 -1.46 -34.46
CA SER A 95 -27.34 -0.17 -33.84
C SER A 95 -28.51 0.54 -34.52
N ILE A 96 -29.04 1.56 -33.84
CA ILE A 96 -30.27 2.24 -34.23
C ILE A 96 -31.40 1.22 -34.26
N SER A 97 -31.30 0.23 -33.37
CA SER A 97 -32.37 -0.74 -33.09
C SER A 97 -33.07 -1.30 -34.32
N THR A 98 -32.30 -1.88 -35.24
CA THR A 98 -32.86 -2.37 -36.49
C THR A 98 -32.37 -3.79 -36.75
N TRP A 99 -33.23 -4.59 -37.38
CA TRP A 99 -32.93 -5.96 -37.77
C TRP A 99 -32.61 -6.04 -39.25
N VAL A 100 -31.70 -6.94 -39.60
CA VAL A 100 -31.32 -7.17 -40.99
C VAL A 100 -31.34 -8.67 -41.27
N PHE A 101 -31.74 -9.03 -42.49
CA PHE A 101 -31.76 -10.42 -42.94
C PHE A 101 -30.81 -10.58 -44.11
N GLY A 102 -30.20 -11.76 -44.21
CA GLY A 102 -29.35 -12.06 -45.34
C GLY A 102 -30.15 -12.46 -46.57
N GLY A 103 -29.47 -12.47 -47.72
CA GLY A 103 -30.14 -12.80 -48.96
C GLY A 103 -30.60 -14.24 -49.07
N GLY A 104 -30.24 -15.09 -48.12
CA GLY A 104 -30.65 -16.47 -48.14
C GLY A 104 -29.82 -17.35 -49.05
N THR A 105 -29.37 -18.49 -48.53
CA THR A 105 -28.58 -19.47 -49.27
C THR A 105 -29.40 -20.73 -49.45
N LYS A 106 -29.46 -21.23 -50.68
CA LYS A 106 -30.18 -22.47 -50.97
C LYS A 106 -29.19 -23.62 -51.01
N LEU A 107 -29.47 -24.66 -50.24
CA LEU A 107 -28.59 -25.82 -50.11
C LEU A 107 -29.12 -26.95 -50.96
N THR A 108 -28.27 -27.49 -51.85
CA THR A 108 -28.62 -28.62 -52.69
C THR A 108 -27.75 -29.81 -52.33
N VAL A 109 -28.37 -30.92 -51.96
CA VAL A 109 -27.67 -32.16 -51.62
C VAL A 109 -27.74 -33.10 -52.81
N LEU A 110 -26.59 -33.65 -53.18
CA LEU A 110 -26.50 -34.59 -54.31
C LEU A 110 -27.00 -35.97 -53.90
N GLY A 111 -28.27 -36.02 -53.51
CA GLY A 111 -28.88 -37.25 -53.00
C GLY A 111 -29.07 -38.36 -54.02
N ARG A 112 -28.72 -38.15 -55.29
CA ARG A 112 -28.84 -39.22 -56.28
C ARG A 112 -27.91 -38.93 -57.46
N THR A 113 -27.81 -39.93 -58.33
CA THR A 113 -27.04 -39.78 -59.57
C THR A 113 -27.64 -38.71 -60.47
N VAL A 114 -26.78 -38.12 -61.31
CA VAL A 114 -27.21 -37.13 -62.28
C VAL A 114 -28.15 -37.76 -63.30
N ALA A 115 -29.19 -37.02 -63.68
CA ALA A 115 -30.16 -37.44 -64.67
C ALA A 115 -30.32 -36.33 -65.69
N ALA A 116 -30.30 -36.71 -66.99
CA ALA A 116 -30.34 -35.71 -68.05
C ALA A 116 -31.76 -35.21 -68.33
N PRO A 117 -31.89 -33.96 -68.77
CA PRO A 117 -33.20 -33.42 -69.15
C PRO A 117 -33.69 -33.88 -70.51
N SER A 118 -35.00 -34.03 -70.62
CA SER A 118 -35.69 -34.22 -71.89
C SER A 118 -36.27 -32.88 -72.28
N VAL A 119 -36.07 -32.47 -73.53
CA VAL A 119 -36.44 -31.12 -73.95
C VAL A 119 -37.41 -31.14 -75.13
N PHE A 120 -38.42 -30.28 -75.06
CA PHE A 120 -39.48 -30.17 -76.05
C PHE A 120 -39.76 -28.69 -76.30
N ILE A 121 -40.21 -28.37 -77.52
CA ILE A 121 -40.55 -27.01 -77.91
C ILE A 121 -41.89 -27.03 -78.65
N PHE A 122 -42.77 -26.06 -78.34
CA PHE A 122 -44.13 -26.04 -78.92
C PHE A 122 -44.56 -24.63 -79.32
N PRO A 123 -45.12 -24.45 -80.51
CA PRO A 123 -45.76 -23.18 -80.85
C PRO A 123 -47.23 -23.15 -80.42
N PRO A 124 -47.63 -22.16 -79.61
CA PRO A 124 -49.05 -21.97 -79.31
C PRO A 124 -49.69 -21.08 -80.36
N SER A 125 -49.10 -21.12 -81.56
CA SER A 125 -49.35 -20.15 -82.62
C SER A 125 -50.81 -20.03 -83.02
N ASP A 126 -51.51 -21.14 -83.26
CA ASP A 126 -52.81 -21.01 -83.92
C ASP A 126 -53.85 -20.29 -83.05
N GLU A 127 -54.11 -20.77 -81.84
CA GLU A 127 -55.09 -20.10 -81.00
C GLU A 127 -54.57 -18.80 -80.41
N GLN A 128 -53.31 -18.75 -80.00
CA GLN A 128 -52.80 -17.53 -79.40
C GLN A 128 -52.74 -16.41 -80.44
N LEU A 129 -52.22 -16.70 -81.63
CA LEU A 129 -52.15 -15.68 -82.67
C LEU A 129 -53.54 -15.28 -83.14
N LYS A 130 -54.51 -16.22 -83.14
CA LYS A 130 -55.87 -15.80 -83.46
C LYS A 130 -56.41 -14.87 -82.39
N SER A 131 -56.00 -15.08 -81.13
CA SER A 131 -56.42 -14.20 -80.04
C SER A 131 -55.80 -12.81 -80.18
N GLY A 132 -54.62 -12.72 -80.79
CA GLY A 132 -53.95 -11.46 -80.99
C GLY A 132 -52.64 -11.25 -80.26
N THR A 133 -51.99 -12.32 -79.81
CA THR A 133 -50.71 -12.22 -79.12
C THR A 133 -49.89 -13.45 -79.49
N ALA A 134 -48.57 -13.33 -79.39
CA ALA A 134 -47.68 -14.41 -79.79
C ALA A 134 -46.70 -14.78 -78.67
N SER A 135 -46.47 -16.07 -78.51
CA SER A 135 -45.52 -16.61 -77.55
C SER A 135 -44.92 -17.88 -78.10
N VAL A 136 -43.74 -18.23 -77.61
CA VAL A 136 -43.06 -19.47 -77.96
C VAL A 136 -42.69 -20.16 -76.65
N VAL A 137 -42.81 -21.49 -76.63
CA VAL A 137 -42.65 -22.27 -75.41
C VAL A 137 -41.61 -23.38 -75.61
N CYS A 138 -40.81 -23.62 -74.58
CA CYS A 138 -39.76 -24.64 -74.57
C CYS A 138 -39.88 -25.37 -73.23
N LEU A 139 -39.77 -26.69 -73.26
CA LEU A 139 -39.96 -27.53 -72.08
C LEU A 139 -38.74 -28.38 -71.75
N LEU A 140 -38.37 -28.42 -70.47
CA LEU A 140 -37.28 -29.23 -69.95
C LEU A 140 -37.91 -30.17 -68.92
N ASN A 141 -37.74 -31.48 -69.13
CA ASN A 141 -38.42 -32.49 -68.33
C ASN A 141 -37.49 -33.39 -67.50
N ASN A 142 -37.93 -33.62 -66.26
CA ASN A 142 -37.34 -34.56 -65.30
C ASN A 142 -35.81 -34.59 -65.25
N PHE A 143 -35.20 -33.42 -65.06
CA PHE A 143 -33.76 -33.40 -64.84
C PHE A 143 -33.49 -33.45 -63.34
N TYR A 144 -32.25 -33.76 -62.96
CA TYR A 144 -31.94 -33.80 -61.53
C TYR A 144 -31.22 -32.59 -60.96
N PRO A 145 -30.08 -32.17 -61.50
CA PRO A 145 -29.30 -31.13 -60.82
C PRO A 145 -30.05 -29.83 -60.61
N ARG A 146 -30.97 -29.50 -61.52
CA ARG A 146 -31.81 -28.31 -61.50
C ARG A 146 -31.03 -27.00 -61.56
N GLU A 147 -29.71 -27.05 -61.77
CA GLU A 147 -28.90 -25.85 -61.97
C GLU A 147 -28.93 -25.40 -63.43
N ALA A 148 -29.82 -25.99 -64.22
CA ALA A 148 -29.89 -25.73 -65.65
C ALA A 148 -29.99 -24.25 -66.00
N LYS A 149 -29.29 -23.89 -67.07
CA LYS A 149 -29.33 -22.57 -67.67
C LYS A 149 -30.16 -22.66 -68.94
N VAL A 150 -30.99 -21.65 -69.18
CA VAL A 150 -31.86 -21.63 -70.35
C VAL A 150 -31.72 -20.31 -71.08
N GLN A 151 -31.63 -20.40 -72.42
CA GLN A 151 -31.45 -19.27 -73.31
C GLN A 151 -32.45 -19.38 -74.45
N TRP A 152 -32.98 -18.24 -74.88
CA TRP A 152 -33.90 -18.19 -76.00
C TRP A 152 -33.18 -17.59 -77.20
N LYS A 153 -33.34 -18.22 -78.36
CA LYS A 153 -32.69 -17.78 -79.59
C LYS A 153 -33.74 -17.53 -80.67
N VAL A 154 -33.64 -16.37 -81.31
CA VAL A 154 -34.52 -15.98 -82.41
C VAL A 154 -33.60 -15.52 -83.53
N ASP A 155 -33.73 -16.14 -84.70
CA ASP A 155 -32.79 -15.89 -85.79
C ASP A 155 -31.35 -16.03 -85.28
N ASN A 156 -31.17 -16.98 -84.37
CA ASN A 156 -29.91 -17.23 -83.66
C ASN A 156 -29.45 -16.02 -82.86
N ALA A 157 -30.33 -15.05 -82.63
CA ALA A 157 -30.03 -13.92 -81.78
C ALA A 157 -30.58 -14.22 -80.39
N LEU A 158 -29.88 -13.76 -79.36
CA LEU A 158 -30.24 -14.13 -78.00
C LEU A 158 -31.18 -13.11 -77.38
N GLN A 159 -32.19 -13.61 -76.68
CA GLN A 159 -33.22 -12.81 -76.06
C GLN A 159 -33.21 -13.04 -74.56
N SER A 160 -33.51 -11.99 -73.80
CA SER A 160 -33.57 -12.08 -72.35
C SER A 160 -34.60 -11.07 -71.84
N GLY A 161 -35.16 -11.37 -70.67
CA GLY A 161 -36.20 -10.52 -70.10
C GLY A 161 -37.56 -10.69 -70.76
N ASN A 162 -37.57 -11.00 -72.06
CA ASN A 162 -38.80 -11.27 -72.78
C ASN A 162 -39.36 -12.66 -72.51
N SER A 163 -38.68 -13.47 -71.70
CA SER A 163 -39.12 -14.81 -71.38
C SER A 163 -39.29 -14.97 -69.86
N GLN A 164 -40.16 -15.90 -69.48
CA GLN A 164 -40.35 -16.27 -68.09
C GLN A 164 -40.28 -17.78 -67.95
N GLU A 165 -39.57 -18.25 -66.93
CA GLU A 165 -39.37 -19.67 -66.68
C GLU A 165 -39.88 -20.04 -65.29
N SER A 166 -40.38 -21.27 -65.18
CA SER A 166 -40.90 -21.82 -63.93
C SER A 166 -40.40 -23.24 -63.76
N VAL A 167 -39.95 -23.57 -62.55
CA VAL A 167 -39.41 -24.89 -62.23
C VAL A 167 -40.28 -25.54 -61.18
N THR A 168 -40.74 -26.76 -61.46
CA THR A 168 -41.58 -27.50 -60.52
C THR A 168 -40.72 -28.04 -59.37
N GLU A 169 -41.39 -28.34 -58.26
CA GLU A 169 -40.69 -28.85 -57.08
C GLU A 169 -40.14 -30.26 -57.35
N GLN A 170 -39.25 -30.68 -56.45
CA GLN A 170 -38.62 -31.99 -56.53
C GLN A 170 -39.65 -33.11 -56.52
N ASP A 171 -39.62 -33.95 -57.54
CA ASP A 171 -40.52 -35.09 -57.64
C ASP A 171 -40.00 -36.19 -56.71
N SER A 172 -40.70 -36.40 -55.60
CA SER A 172 -40.25 -37.34 -54.57
C SER A 172 -40.14 -38.78 -55.05
N LYS A 173 -40.64 -39.12 -56.24
CA LYS A 173 -40.46 -40.50 -56.71
C LYS A 173 -39.04 -40.74 -57.21
N ASP A 174 -38.36 -39.69 -57.67
CA ASP A 174 -37.03 -39.87 -58.23
C ASP A 174 -36.13 -38.65 -58.03
N SER A 175 -36.56 -37.64 -57.27
CA SER A 175 -35.82 -36.41 -57.03
C SER A 175 -35.55 -35.60 -58.29
N THR A 176 -36.20 -35.91 -59.41
CA THR A 176 -35.97 -35.15 -60.62
C THR A 176 -36.71 -33.81 -60.58
N TYR A 177 -36.37 -32.96 -61.54
CA TYR A 177 -36.91 -31.61 -61.65
C TYR A 177 -37.30 -31.35 -63.10
N SER A 178 -38.18 -30.37 -63.29
CA SER A 178 -38.64 -29.99 -64.62
C SER A 178 -38.79 -28.48 -64.66
N LEU A 179 -38.52 -27.90 -65.83
CA LEU A 179 -38.59 -26.47 -66.03
C LEU A 179 -39.43 -26.15 -67.25
N SER A 180 -40.23 -25.08 -67.15
CA SER A 180 -41.01 -24.57 -68.25
C SER A 180 -40.42 -23.23 -68.68
N SER A 181 -40.32 -23.03 -69.99
CA SER A 181 -39.73 -21.81 -70.55
C SER A 181 -40.64 -21.27 -71.63
N THR A 182 -40.77 -19.94 -71.68
CA THR A 182 -41.67 -19.31 -72.63
C THR A 182 -41.24 -17.87 -72.87
N LEU A 183 -41.05 -17.53 -74.15
CA LEU A 183 -40.74 -16.18 -74.60
C LEU A 183 -42.01 -15.59 -75.20
N THR A 184 -42.21 -14.29 -75.00
CA THR A 184 -43.40 -13.61 -75.50
C THR A 184 -43.02 -12.50 -76.47
N LEU A 185 -43.86 -12.35 -77.49
CA LEU A 185 -43.62 -11.44 -78.61
C LEU A 185 -44.95 -10.85 -79.07
N SER A 186 -44.86 -9.74 -79.78
CA SER A 186 -46.04 -9.11 -80.37
C SER A 186 -46.27 -9.68 -81.76
N LYS A 187 -47.53 -9.64 -82.19
CA LYS A 187 -47.91 -10.23 -83.46
C LYS A 187 -47.03 -9.74 -84.62
N ALA A 188 -46.78 -8.43 -84.68
CA ALA A 188 -45.94 -7.90 -85.75
C ALA A 188 -44.51 -8.44 -85.65
N ASP A 189 -43.93 -8.41 -84.45
CA ASP A 189 -42.58 -8.92 -84.29
C ASP A 189 -42.53 -10.44 -84.52
N TYR A 190 -43.54 -11.15 -84.03
CA TYR A 190 -43.59 -12.59 -84.24
C TYR A 190 -43.63 -12.94 -85.72
N GLU A 191 -44.34 -12.14 -86.52
CA GLU A 191 -44.38 -12.35 -87.96
C GLU A 191 -43.10 -11.90 -88.65
N LYS A 192 -42.43 -10.87 -88.12
CA LYS A 192 -41.14 -10.46 -88.68
C LYS A 192 -40.10 -11.56 -88.58
N HIS A 193 -40.00 -12.19 -87.41
CA HIS A 193 -39.00 -13.23 -87.21
C HIS A 193 -39.31 -14.47 -88.05
N LYS A 194 -38.25 -15.17 -88.44
CA LYS A 194 -38.32 -16.38 -89.26
C LYS A 194 -38.00 -17.65 -88.51
N VAL A 195 -37.03 -17.64 -87.60
CA VAL A 195 -36.58 -18.83 -86.90
C VAL A 195 -36.72 -18.62 -85.40
N TYR A 196 -37.13 -19.69 -84.70
CA TYR A 196 -37.30 -19.69 -83.25
C TYR A 196 -36.55 -20.87 -82.67
N ALA A 197 -35.82 -20.63 -81.57
CA ALA A 197 -35.04 -21.69 -80.96
C ALA A 197 -34.88 -21.42 -79.47
N CYS A 198 -34.71 -22.52 -78.72
CA CYS A 198 -34.41 -22.46 -77.29
C CYS A 198 -33.16 -23.29 -77.05
N GLU A 199 -32.30 -22.81 -76.14
CA GLU A 199 -31.02 -23.44 -75.85
C GLU A 199 -30.89 -23.62 -74.34
N VAL A 200 -30.34 -24.76 -73.93
CA VAL A 200 -30.14 -25.07 -72.53
C VAL A 200 -28.74 -25.64 -72.31
N THR A 201 -28.09 -25.19 -71.23
CA THR A 201 -26.78 -25.64 -70.80
C THR A 201 -26.94 -26.08 -69.34
N HIS A 202 -26.58 -27.31 -69.03
CA HIS A 202 -26.84 -27.79 -67.69
C HIS A 202 -25.89 -28.95 -67.37
N GLN A 203 -25.59 -29.09 -66.06
CA GLN A 203 -24.80 -30.22 -65.59
C GLN A 203 -25.45 -31.55 -65.94
N GLY A 204 -26.78 -31.58 -66.08
CA GLY A 204 -27.49 -32.78 -66.48
C GLY A 204 -27.20 -33.21 -67.90
N LEU A 205 -26.53 -32.37 -68.68
CA LEU A 205 -26.21 -32.65 -70.07
C LEU A 205 -24.70 -32.67 -70.26
N SER A 206 -24.25 -33.55 -71.16
CA SER A 206 -22.82 -33.63 -71.46
C SER A 206 -22.36 -32.43 -72.28
N SER A 207 -23.26 -31.87 -73.07
CA SER A 207 -22.98 -30.67 -73.87
C SER A 207 -24.29 -29.94 -74.06
N PRO A 208 -24.25 -28.63 -74.35
CA PRO A 208 -25.49 -27.88 -74.54
C PRO A 208 -26.38 -28.53 -75.59
N VAL A 209 -27.69 -28.44 -75.36
CA VAL A 209 -28.70 -28.98 -76.27
C VAL A 209 -29.51 -27.79 -76.77
N THR A 210 -29.70 -27.72 -78.09
CA THR A 210 -30.47 -26.67 -78.71
C THR A 210 -31.53 -27.26 -79.61
N LYS A 211 -32.73 -26.72 -79.52
CA LYS A 211 -33.86 -27.12 -80.36
C LYS A 211 -34.33 -25.89 -81.12
N SER A 212 -34.63 -26.07 -82.41
CA SER A 212 -35.00 -24.92 -83.23
C SER A 212 -35.97 -25.35 -84.32
N PHE A 213 -36.76 -24.38 -84.77
CA PHE A 213 -37.70 -24.57 -85.86
C PHE A 213 -37.87 -23.24 -86.58
N ASN A 214 -38.21 -23.31 -87.87
CA ASN A 214 -38.51 -22.11 -88.65
C ASN A 214 -40.01 -21.97 -88.79
N ARG A 215 -40.51 -20.77 -88.50
CA ARG A 215 -41.95 -20.50 -88.57
C ARG A 215 -42.52 -20.80 -89.95
N GLY A 216 -41.69 -20.66 -90.99
CA GLY A 216 -42.11 -20.90 -92.36
C GLY A 216 -42.19 -22.34 -92.82
N GLU A 217 -41.79 -23.31 -92.00
CA GLU A 217 -41.85 -24.70 -92.47
C GLU A 217 -43.28 -25.19 -92.65
N CYS A 218 -44.20 -24.75 -91.80
CA CYS A 218 -45.61 -25.14 -91.94
C CYS A 218 -46.44 -24.00 -92.50
N GLN B 1 -47.12 -26.38 -25.41
CA GLN B 1 -47.14 -26.02 -26.85
C GLN B 1 -47.40 -24.53 -27.05
N VAL B 2 -46.94 -24.00 -28.18
CA VAL B 2 -47.18 -22.62 -28.57
C VAL B 2 -47.64 -22.60 -30.01
N GLN B 3 -48.62 -21.75 -30.32
CA GLN B 3 -49.08 -21.61 -31.69
C GLN B 3 -49.53 -20.17 -31.94
N LEU B 4 -49.36 -19.73 -33.18
CA LEU B 4 -49.78 -18.41 -33.63
C LEU B 4 -50.53 -18.58 -34.95
N VAL B 5 -51.51 -17.70 -35.17
CA VAL B 5 -52.30 -17.71 -36.41
C VAL B 5 -52.50 -16.28 -36.90
N GLU B 6 -52.21 -16.06 -38.18
CA GLU B 6 -52.44 -14.78 -38.83
C GLU B 6 -53.73 -14.84 -39.65
N SER B 7 -54.43 -13.71 -39.73
CA SER B 7 -55.69 -13.66 -40.45
C SER B 7 -55.94 -12.27 -41.02
N GLY B 8 -56.76 -12.23 -42.07
CA GLY B 8 -57.17 -11.00 -42.72
C GLY B 8 -56.41 -10.64 -43.98
N GLY B 9 -55.25 -11.25 -44.21
CA GLY B 9 -54.50 -10.95 -45.42
C GLY B 9 -55.19 -11.47 -46.67
N GLY B 10 -55.14 -10.67 -47.73
CA GLY B 10 -55.75 -11.08 -48.98
C GLY B 10 -55.58 -10.06 -50.07
N VAL B 11 -56.36 -10.23 -51.13
CA VAL B 11 -56.32 -9.32 -52.28
C VAL B 11 -56.85 -7.94 -51.90
N VAL B 12 -56.18 -6.90 -52.41
CA VAL B 12 -56.61 -5.52 -52.24
C VAL B 12 -56.12 -4.74 -53.45
N GLN B 13 -56.74 -3.57 -53.69
CA GLN B 13 -56.24 -2.69 -54.74
C GLN B 13 -55.17 -1.76 -54.18
N PRO B 14 -54.32 -1.20 -55.04
CA PRO B 14 -53.26 -0.32 -54.55
C PRO B 14 -53.79 0.94 -53.86
N GLY B 15 -52.93 1.50 -53.01
CA GLY B 15 -53.22 2.71 -52.26
C GLY B 15 -54.21 2.58 -51.12
N ARG B 16 -54.83 1.42 -50.96
CA ARG B 16 -55.78 1.23 -49.88
C ARG B 16 -55.07 0.87 -48.57
N SER B 17 -55.83 0.93 -47.48
CA SER B 17 -55.39 0.47 -46.17
C SER B 17 -55.94 -0.93 -45.91
N LEU B 18 -55.24 -1.66 -45.04
CA LEU B 18 -55.66 -3.01 -44.67
C LEU B 18 -55.15 -3.29 -43.26
N ARG B 19 -55.85 -4.17 -42.57
CA ARG B 19 -55.50 -4.56 -41.20
C ARG B 19 -55.31 -6.06 -41.08
N LEU B 20 -54.22 -6.47 -40.44
CA LEU B 20 -53.90 -7.87 -40.20
C LEU B 20 -53.91 -8.16 -38.71
N SER B 21 -54.32 -9.36 -38.35
CA SER B 21 -54.33 -9.80 -36.96
C SER B 21 -53.52 -11.09 -36.83
N CYS B 22 -52.91 -11.25 -35.66
CA CYS B 22 -52.17 -12.45 -35.30
C CYS B 22 -52.61 -12.79 -33.88
N ALA B 23 -52.92 -14.06 -33.64
CA ALA B 23 -53.37 -14.50 -32.33
C ALA B 23 -52.47 -15.61 -31.82
N ALA B 24 -52.07 -15.50 -30.57
CA ALA B 24 -51.12 -16.42 -29.95
C ALA B 24 -51.76 -17.08 -28.72
N SER B 25 -51.36 -18.32 -28.46
CA SER B 25 -51.82 -19.04 -27.29
C SER B 25 -50.72 -20.01 -26.85
N GLY B 26 -50.71 -20.33 -25.56
CA GLY B 26 -49.72 -21.23 -25.01
C GLY B 26 -48.56 -20.58 -24.30
N PHE B 27 -48.47 -19.24 -24.29
CA PHE B 27 -47.38 -18.57 -23.59
C PHE B 27 -47.84 -17.18 -23.17
N THR B 28 -47.07 -16.58 -22.25
CA THR B 28 -47.32 -15.23 -21.75
C THR B 28 -47.04 -14.19 -22.83
N PHE B 29 -48.02 -14.02 -23.71
CA PHE B 29 -47.90 -13.08 -24.82
C PHE B 29 -47.51 -11.68 -24.33
N SER B 30 -48.05 -11.26 -23.19
CA SER B 30 -47.72 -9.96 -22.63
C SER B 30 -46.25 -9.81 -22.24
N ASN B 31 -45.59 -10.91 -21.85
CA ASN B 31 -44.21 -10.81 -21.39
C ASN B 31 -43.20 -10.48 -22.48
N TYR B 32 -43.25 -11.16 -23.63
CA TYR B 32 -42.10 -11.00 -24.52
C TYR B 32 -42.17 -9.85 -25.53
N ALA B 33 -42.44 -10.18 -26.79
CA ALA B 33 -42.47 -9.21 -27.87
C ALA B 33 -43.12 -9.87 -29.07
N MET B 34 -43.63 -9.05 -29.98
CA MET B 34 -44.14 -9.54 -31.25
C MET B 34 -43.46 -8.80 -32.39
N TYR B 35 -43.18 -9.54 -33.45
CA TYR B 35 -42.50 -9.04 -34.63
C TYR B 35 -43.32 -9.40 -35.86
N TRP B 36 -43.20 -8.60 -36.90
CA TRP B 36 -43.76 -8.94 -38.20
C TRP B 36 -42.64 -9.05 -39.22
N VAL B 37 -42.72 -10.08 -40.06
CA VAL B 37 -41.70 -10.35 -41.06
C VAL B 37 -42.44 -10.72 -42.34
N ARG B 38 -41.93 -10.26 -43.48
CA ARG B 38 -42.59 -10.55 -44.73
C ARG B 38 -41.61 -11.18 -45.72
N GLN B 39 -42.15 -11.93 -46.66
CA GLN B 39 -41.37 -12.62 -47.69
C GLN B 39 -42.07 -12.46 -49.02
N ALA B 40 -41.49 -11.69 -49.92
CA ALA B 40 -42.01 -11.60 -51.27
C ALA B 40 -41.78 -12.94 -51.96
N PRO B 41 -42.80 -13.53 -52.59
CA PRO B 41 -42.58 -14.84 -53.23
C PRO B 41 -41.38 -14.83 -54.16
N GLY B 42 -40.53 -15.84 -53.99
CA GLY B 42 -39.30 -15.94 -54.77
C GLY B 42 -38.14 -15.14 -54.25
N LYS B 43 -38.25 -14.54 -53.07
CA LYS B 43 -37.19 -13.73 -52.49
C LYS B 43 -36.99 -14.12 -51.03
N GLY B 44 -35.93 -13.58 -50.44
CA GLY B 44 -35.62 -13.86 -49.05
C GLY B 44 -36.54 -13.14 -48.10
N LEU B 45 -36.19 -13.24 -46.82
CA LEU B 45 -36.96 -12.62 -45.76
C LEU B 45 -36.43 -11.24 -45.43
N GLU B 46 -37.33 -10.37 -44.98
CA GLU B 46 -36.95 -9.03 -44.54
C GLU B 46 -37.88 -8.65 -43.41
N TRP B 47 -37.40 -7.80 -42.50
CA TRP B 47 -38.13 -7.43 -41.30
C TRP B 47 -39.02 -6.21 -41.54
N VAL B 48 -40.25 -6.29 -41.05
CA VAL B 48 -41.24 -5.23 -41.26
C VAL B 48 -41.44 -4.34 -40.03
N ALA B 49 -41.79 -4.93 -38.89
CA ALA B 49 -42.09 -4.12 -37.72
C ALA B 49 -41.91 -4.95 -36.45
N VAL B 50 -41.87 -4.23 -35.32
CA VAL B 50 -41.72 -4.85 -34.01
C VAL B 50 -42.43 -3.99 -32.97
N ILE B 51 -42.88 -4.64 -31.89
CA ILE B 51 -43.52 -3.96 -30.77
C ILE B 51 -43.02 -4.58 -29.47
N SER B 52 -42.98 -3.77 -28.42
CA SER B 52 -42.43 -4.21 -27.14
C SER B 52 -43.51 -4.81 -26.24
N TYR B 53 -43.05 -5.60 -25.26
CA TYR B 53 -43.93 -6.22 -24.29
C TYR B 53 -45.08 -5.32 -23.83
N ASP B 54 -44.77 -4.09 -23.41
CA ASP B 54 -45.82 -3.17 -23.01
C ASP B 54 -46.52 -2.47 -24.17
N GLY B 55 -45.97 -2.53 -25.38
CA GLY B 55 -46.56 -1.80 -26.48
C GLY B 55 -46.20 -0.34 -26.48
N SER B 56 -45.35 0.09 -25.54
CA SER B 56 -44.95 1.48 -25.43
C SER B 56 -43.98 1.89 -26.53
N ASN B 57 -43.24 0.95 -27.12
CA ASN B 57 -42.25 1.25 -28.13
C ASN B 57 -42.53 0.47 -29.40
N LYS B 58 -42.24 1.09 -30.54
CA LYS B 58 -42.47 0.53 -31.85
C LYS B 58 -41.31 0.91 -32.77
N TYR B 59 -40.98 0.01 -33.68
CA TYR B 59 -39.97 0.29 -34.70
C TYR B 59 -40.44 -0.29 -36.02
N TYR B 60 -39.99 0.32 -37.12
CA TYR B 60 -40.43 -0.07 -38.45
C TYR B 60 -39.26 0.03 -39.41
N ALA B 61 -39.32 -0.77 -40.47
CA ALA B 61 -38.32 -0.66 -41.52
C ALA B 61 -38.55 0.63 -42.30
N ASP B 62 -37.47 1.15 -42.89
CA ASP B 62 -37.57 2.40 -43.65
C ASP B 62 -38.59 2.30 -44.77
N SER B 63 -38.78 1.11 -45.35
CA SER B 63 -39.78 0.94 -46.39
C SER B 63 -41.21 1.13 -45.90
N VAL B 64 -41.46 0.94 -44.62
CA VAL B 64 -42.82 0.98 -44.08
C VAL B 64 -42.95 2.00 -42.95
N LYS B 65 -41.81 2.52 -42.48
CA LYS B 65 -41.84 3.49 -41.40
C LYS B 65 -42.80 4.63 -41.70
N GLY B 66 -43.67 4.90 -40.72
CA GLY B 66 -44.71 5.91 -40.84
C GLY B 66 -45.92 5.45 -41.64
N ARG B 67 -45.71 4.62 -42.66
CA ARG B 67 -46.84 4.12 -43.43
C ARG B 67 -47.66 3.12 -42.62
N PHE B 68 -47.00 2.11 -42.08
CA PHE B 68 -47.66 1.07 -41.29
C PHE B 68 -47.65 1.44 -39.80
N THR B 69 -48.55 0.79 -39.07
CA THR B 69 -48.64 0.96 -37.62
C THR B 69 -48.85 -0.40 -36.99
N ILE B 70 -48.15 -0.65 -35.89
CA ILE B 70 -48.25 -1.89 -35.14
C ILE B 70 -48.86 -1.60 -33.78
N SER B 71 -49.78 -2.47 -33.36
CA SER B 71 -50.46 -2.32 -32.09
C SER B 71 -50.81 -3.71 -31.57
N ARG B 72 -50.95 -3.81 -30.25
CA ARG B 72 -51.23 -5.08 -29.61
C ARG B 72 -52.20 -4.88 -28.46
N ASP B 73 -52.93 -5.94 -28.13
CA ASP B 73 -53.83 -5.98 -26.98
C ASP B 73 -53.40 -7.16 -26.12
N ASN B 74 -52.57 -6.88 -25.11
CA ASN B 74 -52.07 -7.93 -24.23
C ASN B 74 -53.16 -8.52 -23.34
N SER B 75 -54.37 -7.96 -23.35
CA SER B 75 -55.47 -8.56 -22.61
C SER B 75 -56.15 -9.68 -23.39
N LYS B 76 -55.88 -9.80 -24.69
CA LYS B 76 -56.51 -10.80 -25.54
C LYS B 76 -55.49 -11.75 -26.16
N ASN B 77 -54.20 -11.64 -25.82
CA ASN B 77 -53.16 -12.39 -26.50
C ASN B 77 -53.31 -12.24 -28.01
N THR B 78 -53.58 -11.01 -28.43
CA THR B 78 -53.85 -10.69 -29.83
C THR B 78 -52.93 -9.56 -30.29
N LEU B 79 -52.44 -9.68 -31.52
CA LEU B 79 -51.56 -8.71 -32.13
C LEU B 79 -52.23 -8.18 -33.40
N TYR B 80 -51.96 -6.92 -33.73
CA TYR B 80 -52.53 -6.32 -34.92
C TYR B 80 -51.47 -5.53 -35.68
N LEU B 81 -51.67 -5.43 -37.00
CA LEU B 81 -50.86 -4.60 -37.86
C LEU B 81 -51.80 -3.78 -38.73
N GLN B 82 -51.55 -2.47 -38.82
CA GLN B 82 -52.33 -1.59 -39.66
C GLN B 82 -51.47 -1.12 -40.84
N MET B 83 -51.97 -1.33 -42.05
CA MET B 83 -51.25 -0.96 -43.27
C MET B 83 -52.01 0.14 -43.99
N ASN B 84 -51.28 1.15 -44.45
CA ASN B 84 -51.85 2.27 -45.18
C ASN B 84 -51.02 2.56 -46.41
N SER B 85 -51.68 3.05 -47.45
CA SER B 85 -51.01 3.36 -48.72
C SER B 85 -50.20 2.18 -49.23
N LEU B 86 -50.85 1.03 -49.33
CA LEU B 86 -50.19 -0.17 -49.82
C LEU B 86 -49.70 0.04 -51.25
N ARG B 87 -48.51 -0.49 -51.55
CA ARG B 87 -47.91 -0.34 -52.87
C ARG B 87 -47.51 -1.70 -53.42
N THR B 88 -47.22 -1.71 -54.72
CA THR B 88 -46.92 -2.95 -55.43
C THR B 88 -45.74 -3.71 -54.84
N GLU B 89 -44.92 -3.06 -54.02
CA GLU B 89 -43.80 -3.75 -53.38
C GLU B 89 -44.20 -4.45 -52.10
N ASP B 90 -45.40 -4.18 -51.58
CA ASP B 90 -45.93 -4.81 -50.38
C ASP B 90 -46.57 -6.16 -50.68
N THR B 91 -46.54 -6.62 -51.93
CA THR B 91 -47.19 -7.86 -52.34
C THR B 91 -46.45 -9.09 -51.84
N ALA B 92 -46.28 -9.22 -50.52
CA ALA B 92 -45.52 -10.32 -49.94
C ALA B 92 -46.39 -11.15 -49.00
N VAL B 93 -45.74 -12.13 -48.38
CA VAL B 93 -46.30 -12.97 -47.33
C VAL B 93 -45.82 -12.38 -46.01
N TYR B 94 -46.72 -12.20 -45.05
CA TYR B 94 -46.40 -11.59 -43.76
C TYR B 94 -46.58 -12.59 -42.63
N TYR B 95 -45.52 -12.79 -41.85
CA TYR B 95 -45.51 -13.69 -40.71
C TYR B 95 -45.44 -12.89 -39.41
N CYS B 96 -46.11 -13.36 -38.37
CA CYS B 96 -45.96 -12.79 -37.05
C CYS B 96 -45.03 -13.71 -36.25
N ALA B 97 -44.22 -13.11 -35.37
CA ALA B 97 -43.27 -13.89 -34.60
C ALA B 97 -43.02 -13.20 -33.26
N SER B 98 -42.66 -14.00 -32.26
CA SER B 98 -42.46 -13.51 -30.92
C SER B 98 -41.12 -13.94 -30.34
N GLY B 99 -40.65 -13.16 -29.37
CA GLY B 99 -39.49 -13.53 -28.59
C GLY B 99 -39.80 -14.71 -27.69
N SER B 100 -38.76 -15.18 -27.00
CA SER B 100 -38.94 -16.25 -26.02
C SER B 100 -37.81 -16.15 -24.99
N ASP B 101 -37.79 -17.12 -24.06
CA ASP B 101 -36.73 -17.17 -23.07
C ASP B 101 -35.34 -17.26 -23.71
N TYR B 102 -35.25 -17.76 -24.94
CA TYR B 102 -33.96 -17.79 -25.61
C TYR B 102 -33.45 -16.38 -25.89
N GLY B 103 -34.35 -15.42 -26.00
CA GLY B 103 -33.97 -14.05 -26.27
C GLY B 103 -35.11 -13.25 -26.85
N ASP B 104 -35.40 -12.10 -26.26
CA ASP B 104 -36.50 -11.27 -26.76
C ASP B 104 -36.20 -10.78 -28.17
N TYR B 105 -34.93 -10.64 -28.50
CA TYR B 105 -34.50 -10.21 -29.83
C TYR B 105 -34.57 -11.31 -30.88
N LEU B 106 -34.92 -12.54 -30.51
CA LEU B 106 -34.94 -13.66 -31.43
C LEU B 106 -36.35 -14.02 -31.87
N LEU B 107 -36.51 -14.30 -33.17
CA LEU B 107 -37.79 -14.70 -33.75
C LEU B 107 -37.97 -16.21 -33.51
N VAL B 108 -38.21 -16.55 -32.24
CA VAL B 108 -38.29 -17.94 -31.83
C VAL B 108 -39.51 -18.63 -32.41
N TYR B 109 -40.70 -18.08 -32.20
CA TYR B 109 -41.94 -18.68 -32.66
C TYR B 109 -42.51 -17.90 -33.84
N TRP B 110 -43.01 -18.66 -34.83
CA TRP B 110 -43.56 -18.09 -36.04
C TRP B 110 -44.95 -18.67 -36.30
N GLY B 111 -45.81 -17.84 -36.87
CA GLY B 111 -47.11 -18.27 -37.32
C GLY B 111 -47.04 -18.94 -38.68
N GLN B 112 -48.06 -18.71 -39.50
CA GLN B 112 -48.11 -19.21 -40.88
C GLN B 112 -48.74 -18.05 -41.67
N GLY B 113 -47.88 -17.21 -42.22
CA GLY B 113 -48.29 -15.94 -42.79
C GLY B 113 -49.36 -15.93 -43.85
N THR B 114 -50.10 -14.82 -43.90
CA THR B 114 -51.12 -14.57 -44.89
C THR B 114 -50.50 -13.92 -46.12
N LEU B 115 -51.14 -14.11 -47.27
CA LEU B 115 -50.65 -13.57 -48.53
C LEU B 115 -51.45 -12.31 -48.86
N VAL B 116 -50.76 -11.21 -49.12
CA VAL B 116 -51.39 -9.94 -49.45
C VAL B 116 -50.74 -9.37 -50.72
N THR B 117 -51.57 -9.00 -51.69
CA THR B 117 -51.09 -8.39 -52.93
C THR B 117 -51.99 -7.25 -53.34
N VAL B 118 -51.40 -6.16 -53.81
CA VAL B 118 -52.15 -5.02 -54.31
C VAL B 118 -52.17 -5.09 -55.83
N SER B 119 -53.37 -5.07 -56.42
CA SER B 119 -53.50 -5.12 -57.86
C SER B 119 -54.74 -4.37 -58.31
N SER B 120 -54.59 -3.54 -59.34
CA SER B 120 -55.73 -2.83 -59.89
C SER B 120 -56.52 -3.68 -60.87
N ALA B 121 -55.91 -4.75 -61.38
CA ALA B 121 -56.58 -5.65 -62.30
C ALA B 121 -57.75 -6.38 -61.64
N SER B 122 -58.83 -6.52 -62.40
CA SER B 122 -60.01 -7.22 -61.94
C SER B 122 -59.77 -8.73 -61.93
N THR B 123 -60.76 -9.47 -61.43
CA THR B 123 -60.71 -10.93 -61.37
C THR B 123 -60.93 -11.56 -62.75
N LYS B 124 -60.07 -11.19 -63.69
CA LYS B 124 -60.15 -11.72 -65.05
C LYS B 124 -59.93 -13.22 -65.02
N GLY B 125 -60.80 -13.96 -65.71
CA GLY B 125 -60.65 -15.39 -65.80
C GLY B 125 -59.65 -15.84 -66.85
N PRO B 126 -59.12 -17.05 -66.68
CA PRO B 126 -58.14 -17.57 -67.64
C PRO B 126 -58.74 -18.00 -68.96
N SER B 127 -57.86 -18.13 -69.96
CA SER B 127 -58.17 -18.66 -71.28
C SER B 127 -57.13 -19.73 -71.56
N VAL B 128 -57.56 -20.83 -72.19
CA VAL B 128 -56.72 -22.00 -72.40
C VAL B 128 -56.43 -22.18 -73.89
N PHE B 129 -55.15 -22.36 -74.23
CA PHE B 129 -54.66 -22.60 -75.57
C PHE B 129 -53.87 -23.89 -75.59
N PRO B 130 -53.80 -24.61 -76.72
CA PRO B 130 -53.05 -25.86 -76.77
C PRO B 130 -51.64 -25.73 -77.34
N LEU B 131 -50.77 -26.68 -77.03
CA LEU B 131 -49.44 -26.74 -77.63
C LEU B 131 -49.50 -27.58 -78.91
N ALA B 132 -48.67 -27.22 -79.89
CA ALA B 132 -48.63 -27.93 -81.17
C ALA B 132 -47.68 -29.13 -81.23
N PRO B 133 -48.17 -30.37 -81.14
CA PRO B 133 -47.28 -31.53 -81.30
C PRO B 133 -46.61 -31.50 -82.68
N SER B 134 -45.30 -31.79 -82.71
CA SER B 134 -44.56 -31.67 -83.97
C SER B 134 -43.25 -32.46 -83.87
N SER B 135 -42.50 -32.44 -84.98
CA SER B 135 -41.23 -33.17 -85.05
C SER B 135 -40.19 -32.61 -84.09
N LYS B 136 -40.19 -31.30 -83.89
CA LYS B 136 -39.30 -30.68 -82.91
C LYS B 136 -39.69 -31.04 -81.48
N SER B 137 -40.71 -31.85 -81.31
CA SER B 137 -41.18 -32.33 -80.02
C SER B 137 -41.14 -33.86 -80.05
N THR B 138 -42.12 -34.47 -80.72
CA THR B 138 -42.19 -35.91 -80.89
C THR B 138 -40.86 -36.44 -81.45
N SER B 139 -40.12 -37.18 -80.63
CA SER B 139 -38.84 -37.73 -81.05
C SER B 139 -38.58 -39.03 -80.28
N GLY B 140 -37.86 -39.95 -80.92
CA GLY B 140 -37.61 -41.25 -80.32
C GLY B 140 -38.89 -42.00 -80.01
N GLY B 141 -39.94 -41.75 -80.79
CA GLY B 141 -41.23 -42.38 -80.57
C GLY B 141 -41.98 -41.86 -79.35
N THR B 142 -41.45 -40.85 -78.68
CA THR B 142 -42.04 -40.27 -77.49
C THR B 142 -42.31 -38.80 -77.76
N ALA B 143 -43.38 -38.27 -77.16
CA ALA B 143 -43.71 -36.87 -77.39
C ALA B 143 -44.32 -36.27 -76.14
N ALA B 144 -44.18 -34.95 -76.03
CA ALA B 144 -44.82 -34.15 -75.00
C ALA B 144 -45.96 -33.35 -75.61
N LEU B 145 -47.05 -33.20 -74.87
CA LEU B 145 -48.16 -32.36 -75.30
C LEU B 145 -48.52 -31.45 -74.12
N GLY B 146 -49.03 -30.26 -74.44
CA GLY B 146 -49.29 -29.27 -73.42
C GLY B 146 -50.41 -28.32 -73.75
N CYS B 147 -50.89 -27.66 -72.71
CA CYS B 147 -51.87 -26.58 -72.79
C CYS B 147 -51.27 -25.34 -72.15
N LEU B 148 -51.67 -24.18 -72.65
CA LEU B 148 -51.17 -22.91 -72.16
C LEU B 148 -52.35 -22.02 -71.79
N VAL B 149 -52.23 -21.36 -70.65
CA VAL B 149 -53.22 -20.42 -70.14
C VAL B 149 -52.77 -18.99 -70.40
N LYS B 150 -53.72 -18.13 -70.78
CA LYS B 150 -53.47 -16.72 -70.98
C LYS B 150 -53.71 -16.02 -69.66
N ASP B 151 -52.93 -14.96 -69.41
CA ASP B 151 -52.86 -14.37 -68.08
C ASP B 151 -54.23 -14.09 -67.46
N TYR B 152 -54.30 -14.33 -66.16
CA TYR B 152 -55.49 -14.19 -65.33
C TYR B 152 -55.03 -13.74 -63.96
N PHE B 153 -55.84 -12.95 -63.27
CA PHE B 153 -55.39 -12.42 -61.99
C PHE B 153 -55.59 -13.32 -60.78
N PRO B 154 -56.78 -13.91 -60.56
CA PRO B 154 -57.02 -14.60 -59.29
C PRO B 154 -55.99 -15.70 -59.04
N GLU B 155 -55.67 -15.88 -57.77
CA GLU B 155 -54.69 -16.85 -57.28
C GLU B 155 -55.09 -18.30 -57.46
N PRO B 156 -56.35 -18.68 -57.26
CA PRO B 156 -56.70 -20.11 -57.36
C PRO B 156 -56.92 -20.57 -58.79
N VAL B 157 -56.34 -21.73 -59.12
CA VAL B 157 -56.50 -22.36 -60.41
C VAL B 157 -56.25 -23.86 -60.22
N THR B 158 -56.88 -24.66 -61.08
CA THR B 158 -56.62 -26.10 -61.09
C THR B 158 -56.79 -26.62 -62.51
N VAL B 159 -55.82 -27.40 -62.97
CA VAL B 159 -55.81 -27.95 -64.32
C VAL B 159 -56.20 -29.42 -64.25
N SER B 160 -57.09 -29.84 -65.12
CA SER B 160 -57.57 -31.22 -65.19
C SER B 160 -57.27 -31.81 -66.56
N TRP B 161 -57.08 -33.12 -66.59
CA TRP B 161 -56.70 -33.86 -67.78
C TRP B 161 -57.36 -35.22 -67.78
N ASN B 162 -57.47 -35.81 -68.97
CA ASN B 162 -57.90 -37.19 -69.07
C ASN B 162 -57.03 -38.07 -68.18
N SER B 163 -55.74 -37.74 -68.12
CA SER B 163 -54.76 -38.38 -67.25
C SER B 163 -54.96 -38.03 -65.78
N GLY B 164 -55.96 -37.22 -65.43
CA GLY B 164 -56.17 -36.88 -64.03
C GLY B 164 -56.46 -38.10 -63.18
N ALA B 165 -56.93 -39.19 -63.78
CA ALA B 165 -57.15 -40.42 -63.04
C ALA B 165 -55.84 -41.08 -62.67
N LEU B 166 -54.76 -40.78 -63.41
CA LEU B 166 -53.44 -41.32 -63.13
C LEU B 166 -52.45 -40.32 -63.75
N THR B 167 -52.03 -39.36 -62.92
CA THR B 167 -51.19 -38.24 -63.33
C THR B 167 -49.74 -38.62 -63.62
N SER B 168 -49.49 -39.85 -64.04
CA SER B 168 -48.14 -40.28 -64.35
C SER B 168 -47.60 -39.44 -65.50
N GLY B 169 -46.45 -38.79 -65.28
CA GLY B 169 -45.85 -37.95 -66.28
C GLY B 169 -46.57 -36.65 -66.56
N VAL B 170 -47.46 -36.22 -65.65
CA VAL B 170 -48.18 -34.96 -65.80
C VAL B 170 -47.57 -33.93 -64.87
N HIS B 171 -47.38 -32.71 -65.38
CA HIS B 171 -46.89 -31.60 -64.58
C HIS B 171 -47.78 -30.38 -64.75
N THR B 172 -47.94 -29.64 -63.65
CA THR B 172 -48.69 -28.39 -63.59
C THR B 172 -47.73 -27.41 -62.93
N PHE B 173 -47.01 -26.65 -63.76
CA PHE B 173 -45.97 -25.77 -63.25
C PHE B 173 -46.55 -24.62 -62.44
N PRO B 174 -45.80 -24.11 -61.46
CA PRO B 174 -46.24 -22.93 -60.71
C PRO B 174 -46.52 -21.77 -61.65
N ALA B 175 -47.67 -21.13 -61.44
CA ALA B 175 -48.04 -20.00 -62.27
C ALA B 175 -47.06 -18.84 -62.07
N VAL B 176 -47.02 -17.97 -63.07
CA VAL B 176 -46.13 -16.81 -63.08
C VAL B 176 -46.93 -15.62 -63.57
N LEU B 177 -46.51 -14.42 -63.16
CA LEU B 177 -47.21 -13.20 -63.53
C LEU B 177 -46.46 -12.47 -64.64
N GLN B 178 -47.20 -12.07 -65.67
CA GLN B 178 -46.68 -11.25 -66.75
C GLN B 178 -46.53 -9.81 -66.28
N SER B 179 -45.82 -9.01 -67.07
CA SER B 179 -45.70 -7.60 -66.72
C SER B 179 -47.07 -6.93 -66.66
N SER B 180 -48.09 -7.57 -67.24
CA SER B 180 -49.46 -7.10 -67.14
C SER B 180 -49.95 -7.15 -65.69
N GLY B 181 -49.31 -7.94 -64.84
CA GLY B 181 -49.74 -8.11 -63.47
C GLY B 181 -50.74 -9.23 -63.24
N LEU B 182 -50.97 -10.09 -64.24
CA LEU B 182 -51.90 -11.19 -64.14
C LEU B 182 -51.13 -12.51 -64.23
N TYR B 183 -51.60 -13.51 -63.50
CA TYR B 183 -50.96 -14.81 -63.47
C TYR B 183 -51.27 -15.62 -64.73
N SER B 184 -50.36 -16.54 -65.04
CA SER B 184 -50.51 -17.49 -66.12
C SER B 184 -49.80 -18.78 -65.73
N LEU B 185 -50.15 -19.88 -66.41
CA LEU B 185 -49.55 -21.17 -66.08
C LEU B 185 -49.56 -22.08 -67.30
N SER B 186 -48.64 -23.04 -67.29
CA SER B 186 -48.53 -24.08 -68.31
C SER B 186 -48.61 -25.45 -67.64
N SER B 187 -49.23 -26.40 -68.35
CA SER B 187 -49.29 -27.79 -67.92
C SER B 187 -49.02 -28.69 -69.11
N VAL B 188 -48.28 -29.78 -68.88
CA VAL B 188 -47.89 -30.69 -69.95
C VAL B 188 -47.92 -32.13 -69.46
N VAL B 189 -48.12 -33.06 -70.39
CA VAL B 189 -48.09 -34.49 -70.14
C VAL B 189 -47.21 -35.15 -71.20
N THR B 190 -46.48 -36.18 -70.81
CA THR B 190 -45.65 -36.94 -71.74
C THR B 190 -46.38 -38.22 -72.13
N VAL B 191 -46.39 -38.52 -73.42
CA VAL B 191 -47.21 -39.59 -73.98
C VAL B 191 -46.49 -40.28 -75.12
N PRO B 192 -46.85 -41.52 -75.46
CA PRO B 192 -46.19 -42.23 -76.56
C PRO B 192 -46.85 -41.92 -77.89
N SER B 193 -46.03 -41.96 -78.95
CA SER B 193 -46.51 -41.62 -80.28
C SER B 193 -47.72 -42.46 -80.67
N SER B 194 -47.79 -43.71 -80.20
CA SER B 194 -48.96 -44.53 -80.48
C SER B 194 -50.23 -43.89 -79.92
N SER B 195 -50.12 -43.20 -78.78
CA SER B 195 -51.27 -42.53 -78.19
C SER B 195 -51.69 -41.31 -78.98
N LEU B 196 -50.75 -40.63 -79.64
CA LEU B 196 -51.09 -39.44 -80.40
C LEU B 196 -52.08 -39.74 -81.52
N GLY B 197 -52.00 -40.93 -82.11
CA GLY B 197 -52.92 -41.36 -83.13
C GLY B 197 -54.10 -42.16 -82.67
N THR B 198 -54.23 -42.43 -81.36
CA THR B 198 -55.30 -43.29 -80.87
C THR B 198 -56.02 -42.79 -79.63
N GLN B 199 -55.53 -41.77 -78.92
CA GLN B 199 -56.18 -41.28 -77.71
C GLN B 199 -56.33 -39.77 -77.76
N THR B 200 -57.54 -39.30 -77.45
CA THR B 200 -57.82 -37.87 -77.34
C THR B 200 -57.32 -37.34 -76.01
N TYR B 201 -56.55 -36.24 -76.06
CA TYR B 201 -56.08 -35.53 -74.89
C TYR B 201 -56.71 -34.15 -74.85
N ILE B 202 -57.50 -33.88 -73.82
CA ILE B 202 -58.18 -32.60 -73.64
C ILE B 202 -57.94 -32.11 -72.23
N CYS B 203 -57.65 -30.83 -72.10
CA CYS B 203 -57.41 -30.18 -70.82
C CYS B 203 -58.57 -29.24 -70.47
N ASN B 204 -58.96 -29.26 -69.20
CA ASN B 204 -60.02 -28.40 -68.68
C ASN B 204 -59.50 -27.73 -67.42
N VAL B 205 -59.72 -26.42 -67.31
CA VAL B 205 -59.20 -25.60 -66.23
C VAL B 205 -60.33 -25.11 -65.35
N ASN B 206 -60.12 -25.19 -64.04
CA ASN B 206 -61.09 -24.78 -63.03
C ASN B 206 -60.62 -23.47 -62.42
N HIS B 207 -61.54 -22.52 -62.28
CA HIS B 207 -61.21 -21.20 -61.75
C HIS B 207 -62.34 -20.79 -60.79
N LYS B 208 -62.06 -20.88 -59.50
CA LYS B 208 -63.08 -20.64 -58.47
C LYS B 208 -63.84 -19.33 -58.62
N PRO B 209 -63.23 -18.20 -58.98
CA PRO B 209 -64.02 -16.97 -59.17
C PRO B 209 -64.99 -17.04 -60.33
N SER B 210 -64.91 -18.08 -61.18
CA SER B 210 -65.83 -18.23 -62.30
C SER B 210 -66.01 -19.73 -62.54
N ASN B 211 -67.12 -20.26 -62.02
CA ASN B 211 -67.39 -21.69 -62.12
C ASN B 211 -67.48 -22.18 -63.56
N THR B 212 -67.64 -21.28 -64.53
CA THR B 212 -67.64 -21.68 -65.92
C THR B 212 -66.23 -22.10 -66.32
N LYS B 213 -66.07 -23.38 -66.63
CA LYS B 213 -64.77 -23.94 -66.99
C LYS B 213 -64.38 -23.58 -68.42
N VAL B 214 -63.10 -23.76 -68.72
CA VAL B 214 -62.53 -23.61 -70.05
C VAL B 214 -61.77 -24.89 -70.36
N ASP B 215 -61.90 -25.36 -71.60
CA ASP B 215 -61.20 -26.58 -72.00
C ASP B 215 -60.78 -26.50 -73.45
N LYS B 216 -59.71 -27.24 -73.78
CA LYS B 216 -59.16 -27.27 -75.12
C LYS B 216 -58.52 -28.62 -75.39
N LYS B 217 -58.66 -29.10 -76.61
CA LYS B 217 -58.11 -30.38 -77.04
C LYS B 217 -56.80 -30.17 -77.78
N VAL B 218 -55.84 -31.07 -77.54
CA VAL B 218 -54.55 -31.06 -78.21
C VAL B 218 -54.54 -32.18 -79.24
N GLU B 219 -54.13 -31.86 -80.47
CA GLU B 219 -54.09 -32.79 -81.58
C GLU B 219 -52.80 -32.56 -82.35
N PRO B 220 -52.23 -33.61 -82.93
CA PRO B 220 -50.90 -33.47 -83.55
C PRO B 220 -50.90 -32.66 -84.84
N LYS B 221 -50.40 -31.44 -84.74
CA LYS B 221 -50.24 -30.57 -85.90
C LYS B 221 -49.23 -31.14 -86.88
N SER B 222 -49.39 -30.79 -88.15
CA SER B 222 -48.44 -31.19 -89.18
C SER B 222 -47.15 -30.38 -89.12
N CYS B 223 -47.14 -29.28 -88.38
CA CYS B 223 -45.96 -28.42 -88.26
C CYS B 223 -44.87 -29.11 -87.47
N ALA C 33 31.85 38.27 -6.58
CA ALA C 33 32.34 38.44 -5.19
C ALA C 33 31.62 37.49 -4.25
N TYR C 34 31.99 37.52 -2.96
CA TYR C 34 31.37 36.68 -1.96
C TYR C 34 31.42 37.34 -0.60
N THR C 35 30.44 37.01 0.24
CA THR C 35 30.42 37.44 1.63
C THR C 35 29.80 36.34 2.47
N ASN C 36 30.07 36.38 3.76
CA ASN C 36 29.70 35.29 4.67
C ASN C 36 28.43 35.65 5.42
N SER C 37 27.44 34.76 5.35
CA SER C 37 26.19 34.91 6.09
C SER C 37 26.37 34.20 7.43
N PHE C 38 26.35 34.97 8.51
CA PHE C 38 26.74 34.43 9.81
C PHE C 38 25.60 33.67 10.47
N THR C 39 24.53 34.37 10.84
CA THR C 39 23.41 33.77 11.57
C THR C 39 22.10 34.32 11.03
N ARG C 40 21.97 34.34 9.70
CA ARG C 40 20.79 34.90 9.06
C ARG C 40 20.20 33.86 8.12
N GLY C 41 18.90 34.01 7.85
CA GLY C 41 18.15 33.01 7.13
C GLY C 41 17.22 32.19 7.99
N VAL C 42 17.10 32.51 9.28
CA VAL C 42 16.16 31.81 10.15
C VAL C 42 14.77 32.38 9.94
N TYR C 43 13.78 31.50 9.82
CA TYR C 43 12.42 31.92 9.58
C TYR C 43 11.46 30.95 10.28
N TYR C 44 10.31 31.46 10.67
CA TYR C 44 9.30 30.65 11.33
C TYR C 44 8.77 29.59 10.38
N PRO C 45 9.14 28.31 10.54
CA PRO C 45 8.73 27.30 9.56
C PRO C 45 7.24 27.03 9.52
N ASP C 46 6.49 27.38 10.56
CA ASP C 46 5.06 27.07 10.59
C ASP C 46 4.33 28.12 11.40
N LYS C 47 3.00 28.01 11.38
CA LYS C 47 2.13 29.04 11.96
C LYS C 47 1.88 28.77 13.45
N VAL C 48 2.71 27.93 14.06
CA VAL C 48 2.49 27.47 15.42
C VAL C 48 3.14 28.44 16.40
N PHE C 49 2.66 28.45 17.63
CA PHE C 49 3.20 29.27 18.69
C PHE C 49 3.76 28.37 19.78
N ARG C 50 5.01 28.59 20.15
CA ARG C 50 5.67 27.85 21.22
C ARG C 50 6.35 28.84 22.14
N SER C 51 6.20 28.63 23.45
CA SER C 51 6.70 29.53 24.46
C SER C 51 7.82 28.86 25.25
N SER C 52 9.00 29.48 25.25
CA SER C 52 10.11 29.02 26.07
C SER C 52 10.59 27.63 25.66
N VAL C 53 10.05 27.09 24.58
CA VAL C 53 10.38 25.73 24.17
C VAL C 53 11.47 25.77 23.11
N LEU C 54 12.29 24.73 23.08
CA LEU C 54 13.31 24.55 22.05
C LEU C 54 12.80 23.49 21.08
N HIS C 55 12.68 23.86 19.81
CA HIS C 55 12.08 23.02 18.80
C HIS C 55 13.12 22.57 17.79
N SER C 56 12.83 21.45 17.13
CA SER C 56 13.68 20.90 16.09
C SER C 56 12.87 20.76 14.80
N THR C 57 13.53 20.91 13.66
CA THR C 57 12.84 20.90 12.39
C THR C 57 13.74 20.35 11.30
N GLN C 58 13.11 19.82 10.25
CA GLN C 58 13.79 19.51 8.99
C GLN C 58 13.13 20.35 7.90
N ASP C 59 13.91 21.19 7.24
CA ASP C 59 13.35 22.06 6.22
C ASP C 59 14.49 22.70 5.45
N LEU C 60 14.12 23.42 4.39
CA LEU C 60 15.07 24.13 3.56
C LEU C 60 15.53 25.37 4.28
N PHE C 61 16.84 25.60 4.32
CA PHE C 61 17.41 26.68 5.10
C PHE C 61 18.73 27.11 4.49
N LEU C 62 19.21 28.27 4.91
CA LEU C 62 20.52 28.73 4.51
C LEU C 62 21.53 28.35 5.59
N PRO C 63 22.46 27.43 5.31
CA PRO C 63 23.38 27.00 6.38
C PRO C 63 24.17 28.16 6.95
N PHE C 64 24.37 28.12 8.27
CA PHE C 64 25.05 29.20 8.95
C PHE C 64 26.49 29.31 8.47
N PHE C 65 27.01 30.54 8.49
CA PHE C 65 28.38 30.81 8.05
C PHE C 65 28.60 30.26 6.64
N SER C 66 27.77 30.72 5.71
CA SER C 66 27.83 30.28 4.32
C SER C 66 28.15 31.48 3.43
N ASN C 67 28.66 31.18 2.24
CA ASN C 67 29.09 32.20 1.30
C ASN C 67 27.88 32.77 0.57
N VAL C 68 27.85 34.09 0.46
CA VAL C 68 26.75 34.82 -0.18
C VAL C 68 27.35 35.78 -1.20
N THR C 69 26.75 35.83 -2.39
CA THR C 69 27.29 36.59 -3.51
C THR C 69 26.88 38.04 -3.38
N TRP C 70 27.86 38.94 -3.48
CA TRP C 70 27.57 40.37 -3.55
C TRP C 70 27.26 40.76 -4.98
N PHE C 71 26.23 41.58 -5.16
CA PHE C 71 25.75 41.97 -6.47
C PHE C 71 25.50 43.46 -6.52
N HIS C 72 25.77 44.07 -7.67
CA HIS C 72 25.38 45.45 -7.92
C HIS C 72 24.13 45.50 -8.78
N ASN C 85 22.12 41.99 -11.01
CA ASN C 85 21.84 42.36 -12.39
C ASN C 85 21.46 41.16 -13.26
N PRO C 86 22.30 40.13 -13.30
CA PRO C 86 22.06 39.01 -14.21
C PRO C 86 20.91 38.13 -13.72
N VAL C 87 20.57 37.15 -14.55
CA VAL C 87 19.50 36.21 -14.22
C VAL C 87 20.12 35.06 -13.43
N LEU C 88 19.72 34.93 -12.18
CA LEU C 88 20.24 33.90 -11.30
C LEU C 88 19.50 32.58 -11.51
N PRO C 89 20.09 31.47 -11.09
CA PRO C 89 19.35 30.21 -11.02
C PRO C 89 18.49 30.16 -9.77
N PHE C 90 17.53 29.24 -9.77
CA PHE C 90 16.62 29.05 -8.64
C PHE C 90 16.56 27.56 -8.34
N ASN C 91 17.37 27.13 -7.37
CA ASN C 91 17.46 25.70 -7.09
C ASN C 91 16.12 25.14 -6.60
N ASP C 92 15.76 25.46 -5.36
CA ASP C 92 14.41 25.20 -4.86
C ASP C 92 13.92 26.39 -4.06
N GLY C 93 14.85 27.18 -3.54
CA GLY C 93 14.50 28.36 -2.77
C GLY C 93 15.75 29.18 -2.52
N VAL C 94 15.55 30.49 -2.35
CA VAL C 94 16.67 31.41 -2.27
C VAL C 94 16.45 32.39 -1.13
N TYR C 95 17.55 33.03 -0.75
CA TYR C 95 17.59 34.04 0.30
C TYR C 95 18.01 35.36 -0.31
N PHE C 96 17.36 36.44 0.09
CA PHE C 96 17.65 37.75 -0.47
C PHE C 96 17.68 38.79 0.64
N ALA C 97 18.59 39.75 0.50
CA ALA C 97 18.66 40.88 1.41
C ALA C 97 19.21 42.07 0.63
N SER C 98 19.03 43.26 1.18
CA SER C 98 19.49 44.46 0.50
C SER C 98 19.67 45.59 1.50
N THR C 99 20.70 46.40 1.26
CA THR C 99 20.92 47.63 2.02
C THR C 99 20.31 48.78 1.24
N GLU C 100 19.18 49.28 1.71
CA GLU C 100 18.36 50.11 0.85
C GLU C 100 18.62 51.62 0.95
N LYS C 101 18.08 52.26 1.99
CA LYS C 101 18.26 53.69 2.22
C LYS C 101 17.86 54.55 1.01
N SER C 102 17.53 53.92 -0.13
CA SER C 102 17.27 54.64 -1.38
C SER C 102 16.25 53.95 -2.26
N ASN C 103 15.54 52.96 -1.74
CA ASN C 103 14.72 52.05 -2.54
C ASN C 103 15.57 51.26 -3.53
N ILE C 104 15.66 51.73 -4.78
CA ILE C 104 16.41 51.06 -5.84
C ILE C 104 15.76 49.73 -6.20
N ILE C 105 15.87 48.75 -5.31
CA ILE C 105 15.38 47.40 -5.60
C ILE C 105 13.87 47.36 -5.50
N ARG C 106 13.20 47.34 -6.65
CA ARG C 106 11.76 47.52 -6.69
C ARG C 106 10.98 46.26 -7.04
N GLY C 107 11.61 45.09 -7.13
CA GLY C 107 10.84 43.89 -7.40
C GLY C 107 11.73 42.75 -7.88
N TRP C 108 11.06 41.69 -8.31
CA TRP C 108 11.71 40.45 -8.75
C TRP C 108 10.90 39.83 -9.87
N ILE C 109 11.53 38.91 -10.58
CA ILE C 109 10.88 38.14 -11.65
C ILE C 109 11.26 36.68 -11.47
N PHE C 110 10.31 35.78 -11.68
CA PHE C 110 10.54 34.35 -11.52
C PHE C 110 9.80 33.59 -12.61
N GLY C 111 10.26 32.39 -12.90
CA GLY C 111 9.57 31.52 -13.83
C GLY C 111 10.51 30.52 -14.45
N THR C 112 9.92 29.48 -15.03
CA THR C 112 10.71 28.48 -15.75
C THR C 112 11.30 29.05 -17.03
N THR C 113 10.51 29.82 -17.78
CA THR C 113 11.00 30.51 -18.96
C THR C 113 10.26 31.84 -19.06
N LEU C 114 11.01 32.90 -19.28
CA LEU C 114 10.47 34.26 -19.24
C LEU C 114 10.83 35.00 -20.52
N ASP C 115 10.76 34.32 -21.65
CA ASP C 115 11.09 34.88 -22.95
C ASP C 115 9.95 34.62 -23.93
N SER C 116 8.73 34.90 -23.50
CA SER C 116 7.51 34.70 -24.28
C SER C 116 7.10 33.24 -24.35
N LYS C 117 7.58 32.42 -23.41
CA LYS C 117 7.23 31.01 -23.39
C LYS C 117 7.16 30.53 -21.95
N THR C 118 6.17 29.69 -21.66
CA THR C 118 5.99 29.09 -20.34
C THR C 118 5.49 30.13 -19.35
N GLN C 119 4.49 29.75 -18.54
CA GLN C 119 3.94 30.67 -17.56
C GLN C 119 5.01 31.04 -16.55
N SER C 120 4.94 32.27 -16.04
CA SER C 120 5.94 32.78 -15.11
C SER C 120 5.25 33.71 -14.12
N LEU C 121 6.04 34.20 -13.16
CA LEU C 121 5.56 35.04 -12.09
C LEU C 121 6.33 36.36 -12.07
N LEU C 122 5.70 37.39 -11.52
CA LEU C 122 6.28 38.72 -11.48
C LEU C 122 5.83 39.42 -10.21
N ILE C 123 6.77 40.11 -9.56
CA ILE C 123 6.52 40.82 -8.32
C ILE C 123 7.24 42.15 -8.42
N VAL C 124 6.53 43.24 -8.14
CA VAL C 124 7.06 44.59 -8.32
C VAL C 124 6.43 45.52 -7.30
N ASN C 125 7.16 46.59 -6.99
CA ASN C 125 6.70 47.61 -6.05
C ASN C 125 7.07 48.99 -6.56
N ASN C 126 6.30 49.99 -6.10
CA ASN C 126 6.71 51.39 -6.19
C ASN C 126 6.38 52.14 -4.90
N ALA C 127 6.44 51.43 -3.77
CA ALA C 127 6.29 52.04 -2.45
C ALA C 127 4.85 52.42 -2.15
N THR C 128 3.95 52.28 -3.14
CA THR C 128 2.54 52.56 -2.89
C THR C 128 1.76 51.27 -2.69
N ASN C 129 2.03 50.26 -3.51
CA ASN C 129 1.37 48.97 -3.39
C ASN C 129 2.27 47.92 -4.00
N VAL C 130 2.04 46.67 -3.62
CA VAL C 130 2.66 45.55 -4.32
C VAL C 130 1.76 45.19 -5.49
N VAL C 131 2.36 44.85 -6.62
CA VAL C 131 1.62 44.39 -7.79
C VAL C 131 2.20 43.05 -8.21
N ILE C 132 1.37 42.01 -8.15
CA ILE C 132 1.81 40.64 -8.40
C ILE C 132 1.02 40.11 -9.59
N LYS C 133 1.73 39.49 -10.52
CA LYS C 133 1.11 38.93 -11.72
C LYS C 133 1.70 37.57 -12.00
N VAL C 134 0.87 36.71 -12.59
CA VAL C 134 1.31 35.43 -13.14
C VAL C 134 0.93 35.43 -14.61
N CYS C 135 1.88 35.76 -15.48
CA CYS C 135 1.56 35.99 -16.88
C CYS C 135 2.78 35.71 -17.73
N GLU C 136 2.53 35.43 -19.01
CA GLU C 136 3.61 35.27 -19.97
C GLU C 136 4.26 36.61 -20.27
N PHE C 137 5.58 36.59 -20.43
CA PHE C 137 6.35 37.82 -20.60
C PHE C 137 7.56 37.52 -21.46
N GLN C 138 8.25 38.59 -21.88
CA GLN C 138 9.48 38.43 -22.65
C GLN C 138 10.61 39.29 -22.11
N PHE C 139 10.29 40.41 -21.47
CA PHE C 139 11.28 41.30 -20.88
C PHE C 139 12.37 41.65 -21.90
N CYS C 140 11.96 42.42 -22.91
CA CYS C 140 12.86 42.71 -24.02
C CYS C 140 14.15 43.37 -23.55
N ASN C 141 14.04 44.45 -22.77
CA ASN C 141 15.19 45.31 -22.51
C ASN C 141 15.38 45.60 -21.03
N ASP C 142 15.27 44.57 -20.18
CA ASP C 142 15.72 44.68 -18.80
C ASP C 142 15.02 45.83 -18.08
N PRO C 143 13.77 45.64 -17.64
CA PRO C 143 13.01 46.76 -17.04
C PRO C 143 13.83 47.58 -16.06
N PHE C 144 13.56 48.88 -16.04
CA PHE C 144 14.34 49.83 -15.27
C PHE C 144 13.61 51.16 -15.24
N LEU C 145 13.97 52.00 -14.27
CA LEU C 145 13.34 53.33 -14.17
C LEU C 145 13.82 54.24 -15.28
N GLY C 146 15.14 54.40 -15.43
CA GLY C 146 15.73 55.09 -16.56
C GLY C 146 15.90 56.59 -16.40
N VAL C 147 15.37 57.18 -15.33
CA VAL C 147 15.48 58.63 -15.16
C VAL C 147 16.93 59.06 -15.15
N GLU C 157 8.68 58.68 -10.71
CA GLU C 157 8.25 58.16 -12.00
C GLU C 157 8.09 59.27 -13.02
N SER C 158 8.95 60.29 -12.93
CA SER C 158 8.97 61.31 -13.96
C SER C 158 9.17 60.71 -15.34
N GLU C 159 10.03 59.70 -15.44
CA GLU C 159 10.15 58.87 -16.64
C GLU C 159 9.99 57.41 -16.23
N PHE C 160 9.17 56.69 -16.98
CA PHE C 160 8.86 55.31 -16.63
C PHE C 160 8.60 54.53 -17.92
N ARG C 161 8.89 53.23 -17.86
CA ARG C 161 8.74 52.37 -19.03
C ARG C 161 8.26 51.01 -18.55
N VAL C 162 7.13 50.55 -19.08
CA VAL C 162 6.51 49.32 -18.58
C VAL C 162 7.27 48.11 -19.10
N TYR C 163 7.20 47.01 -18.35
CA TYR C 163 7.97 45.82 -18.65
C TYR C 163 7.22 44.91 -19.62
N SER C 164 8.00 44.20 -20.45
CA SER C 164 7.48 43.14 -21.30
C SER C 164 6.19 43.54 -22.01
N SER C 165 5.12 42.77 -21.82
CA SER C 165 3.88 43.00 -22.56
C SER C 165 2.74 42.30 -21.82
N ALA C 166 1.52 42.70 -22.17
CA ALA C 166 0.33 42.03 -21.66
C ALA C 166 0.08 40.77 -22.46
N ASN C 167 -0.28 39.68 -21.77
CA ASN C 167 -0.36 38.37 -22.40
C ASN C 167 -1.34 37.51 -21.62
N ASN C 168 -1.22 36.19 -21.77
CA ASN C 168 -2.14 35.22 -21.19
C ASN C 168 -1.85 35.08 -19.70
N CYS C 169 -2.48 35.94 -18.90
CA CYS C 169 -2.29 35.92 -17.46
C CYS C 169 -3.26 34.95 -16.79
N THR C 170 -2.95 34.60 -15.54
CA THR C 170 -3.76 33.65 -14.79
C THR C 170 -3.95 34.00 -13.31
N PHE C 171 -3.49 35.15 -12.85
CA PHE C 171 -3.59 35.50 -11.45
C PHE C 171 -3.10 36.93 -11.26
N GLU C 172 -3.58 37.59 -10.21
CA GLU C 172 -3.16 38.96 -9.92
C GLU C 172 -3.45 39.27 -8.46
N TYR C 173 -2.80 40.30 -7.94
CA TYR C 173 -2.96 40.70 -6.56
C TYR C 173 -2.30 42.06 -6.33
N VAL C 174 -2.88 42.85 -5.43
CA VAL C 174 -2.36 44.17 -5.07
C VAL C 174 -2.75 44.46 -3.63
N SER C 175 -1.81 45.01 -2.85
CA SER C 175 -2.09 45.33 -1.45
C SER C 175 -0.86 45.99 -0.82
N GLN C 176 -1.04 46.42 0.44
CA GLN C 176 0.06 46.63 1.37
C GLN C 176 1.18 47.52 0.87
N PRO C 177 1.05 48.86 0.92
CA PRO C 177 2.24 49.70 0.71
C PRO C 177 3.44 49.10 1.44
N PHE C 178 4.48 48.77 0.67
CA PHE C 178 5.40 47.72 1.06
C PHE C 178 6.60 48.21 1.87
N LEU C 179 6.92 49.51 1.81
CA LEU C 179 8.11 50.02 2.47
C LEU C 179 9.35 49.28 1.99
N LYS C 190 21.90 53.43 8.29
CA LYS C 190 21.65 52.56 7.14
C LYS C 190 20.46 51.64 7.40
N ASN C 191 19.81 51.20 6.33
CA ASN C 191 18.63 50.36 6.41
C ASN C 191 18.86 49.07 5.64
N LEU C 192 18.39 47.95 6.19
CA LEU C 192 18.53 46.64 5.58
C LEU C 192 17.20 45.91 5.63
N ARG C 193 16.87 45.22 4.54
CA ARG C 193 15.68 44.37 4.48
C ARG C 193 16.10 42.96 4.09
N GLU C 194 15.28 41.99 4.49
CA GLU C 194 15.61 40.58 4.36
C GLU C 194 14.42 39.85 3.75
N PHE C 195 14.70 38.76 3.02
CA PHE C 195 13.66 38.03 2.31
C PHE C 195 14.01 36.57 2.24
N VAL C 196 13.00 35.76 1.94
CA VAL C 196 13.16 34.34 1.61
C VAL C 196 12.06 33.99 0.62
N PHE C 197 12.42 33.21 -0.40
CA PHE C 197 11.47 32.73 -1.37
C PHE C 197 11.66 31.23 -1.53
N LYS C 198 10.56 30.48 -1.58
CA LYS C 198 10.64 29.04 -1.72
C LYS C 198 9.36 28.51 -2.33
N ASN C 199 9.45 27.33 -2.92
CA ASN C 199 8.31 26.65 -3.52
C ASN C 199 8.01 25.39 -2.73
N ILE C 200 6.71 25.13 -2.52
CA ILE C 200 6.28 23.91 -1.84
C ILE C 200 5.09 23.34 -2.58
N ASP C 201 5.34 22.31 -3.41
CA ASP C 201 4.33 21.53 -4.10
C ASP C 201 3.11 22.37 -4.49
N GLY C 202 3.35 23.52 -5.09
CA GLY C 202 2.29 24.38 -5.58
C GLY C 202 2.13 25.67 -4.82
N TYR C 203 2.74 25.81 -3.65
CA TYR C 203 2.64 27.03 -2.85
C TYR C 203 3.94 27.83 -2.95
N PHE C 204 3.81 29.13 -3.13
CA PHE C 204 4.95 30.04 -3.20
C PHE C 204 4.92 30.94 -1.97
N LYS C 205 5.94 30.80 -1.12
CA LYS C 205 5.97 31.45 0.18
C LYS C 205 7.00 32.58 0.17
N ILE C 206 6.68 33.67 0.88
CA ILE C 206 7.57 34.82 0.97
C ILE C 206 7.62 35.27 2.43
N TYR C 207 8.83 35.43 2.94
CA TYR C 207 9.07 35.86 4.31
C TYR C 207 9.93 37.11 4.26
N SER C 208 9.93 37.89 5.33
CA SER C 208 10.71 39.12 5.31
C SER C 208 10.88 39.70 6.70
N LYS C 209 11.79 40.67 6.79
CA LYS C 209 12.09 41.42 8.00
C LYS C 209 12.74 42.74 7.65
N HIS C 210 12.70 43.67 8.59
CA HIS C 210 13.41 44.94 8.48
C HIS C 210 14.32 45.15 9.67
N THR C 211 15.39 45.91 9.46
CA THR C 211 16.30 46.25 10.53
C THR C 211 17.21 47.37 10.07
N PRO C 212 17.36 48.44 10.88
CA PRO C 212 18.36 49.46 10.55
C PRO C 212 19.73 49.07 11.08
N ILE C 213 20.79 49.40 10.36
CA ILE C 213 22.13 48.96 10.71
C ILE C 213 23.11 50.10 10.52
N ASN C 214 24.32 49.92 11.05
CA ASN C 214 25.41 50.87 10.86
C ASN C 214 26.43 50.39 9.83
N LEU C 215 26.55 49.07 9.65
CA LEU C 215 27.56 48.54 8.75
C LEU C 215 27.30 48.97 7.32
N VAL C 216 28.39 49.10 6.56
CA VAL C 216 28.31 49.46 5.16
C VAL C 216 28.96 48.43 4.25
N ARG C 217 29.64 47.42 4.79
CA ARG C 217 30.34 46.45 3.96
C ARG C 217 29.42 45.32 3.51
N ASP C 218 28.83 44.61 4.48
CA ASP C 218 28.01 43.45 4.15
C ASP C 218 27.12 43.12 5.36
N LEU C 219 26.51 41.95 5.32
CA LEU C 219 25.52 41.57 6.32
C LEU C 219 26.14 41.62 7.71
N PRO C 220 25.51 42.29 8.67
CA PRO C 220 26.05 42.29 10.03
C PRO C 220 25.72 40.99 10.76
N GLN C 221 26.34 40.84 11.92
CA GLN C 221 26.01 39.72 12.80
C GLN C 221 24.73 40.04 13.55
N GLY C 222 24.39 39.23 14.55
CA GLY C 222 23.12 39.37 15.23
C GLY C 222 22.11 38.39 14.67
N PHE C 223 20.98 38.29 15.37
CA PHE C 223 19.96 37.30 15.04
C PHE C 223 18.76 37.97 14.42
N SER C 224 18.20 37.33 13.39
CA SER C 224 17.06 37.84 12.66
C SER C 224 16.19 36.66 12.23
N ALA C 225 14.94 36.64 12.71
CA ALA C 225 14.00 35.58 12.38
C ALA C 225 12.91 36.18 11.49
N LEU C 226 12.73 35.60 10.31
CA LEU C 226 11.80 36.15 9.33
C LEU C 226 10.39 35.67 9.61
N GLU C 227 9.52 36.59 9.97
CA GLU C 227 8.12 36.27 10.08
C GLU C 227 7.46 36.24 8.71
N PRO C 228 6.40 35.47 8.54
CA PRO C 228 5.89 35.19 7.19
C PRO C 228 4.97 36.26 6.62
N LEU C 229 4.93 36.34 5.29
CA LEU C 229 3.90 37.05 4.56
C LEU C 229 2.98 36.05 3.91
N VAL C 230 1.97 36.55 3.23
CA VAL C 230 0.90 35.71 2.69
C VAL C 230 1.48 34.79 1.62
N ASP C 231 0.87 33.61 1.51
CA ASP C 231 1.34 32.56 0.61
C ASP C 231 0.53 32.56 -0.67
N LEU C 232 1.16 32.16 -1.78
CA LEU C 232 0.52 32.13 -3.08
C LEU C 232 0.41 30.69 -3.57
N PRO C 233 -0.79 30.14 -3.79
CA PRO C 233 -0.93 28.80 -4.36
C PRO C 233 -0.94 28.79 -5.89
N ILE C 234 0.16 29.24 -6.49
CA ILE C 234 0.21 29.40 -7.94
C ILE C 234 0.16 28.04 -8.64
N GLY C 235 0.97 27.09 -8.20
CA GLY C 235 1.02 25.80 -8.85
C GLY C 235 1.85 25.77 -10.12
N ILE C 236 2.88 26.59 -10.24
CA ILE C 236 3.75 26.64 -11.40
C ILE C 236 5.20 26.70 -10.95
N ASN C 237 6.07 26.01 -11.69
CA ASN C 237 7.47 25.88 -11.29
C ASN C 237 8.18 27.23 -11.37
N ILE C 238 9.38 27.26 -10.79
CA ILE C 238 10.34 28.33 -10.98
C ILE C 238 11.73 27.71 -11.07
N THR C 239 12.55 28.21 -11.99
CA THR C 239 13.93 27.77 -12.10
C THR C 239 14.93 28.90 -12.26
N ARG C 240 14.50 30.12 -12.57
CA ARG C 240 15.37 31.28 -12.67
C ARG C 240 14.69 32.45 -11.98
N PHE C 241 15.45 33.51 -11.77
CA PHE C 241 14.87 34.76 -11.32
C PHE C 241 15.87 35.88 -11.55
N GLN C 242 15.36 37.11 -11.60
CA GLN C 242 16.21 38.29 -11.76
C GLN C 242 15.54 39.47 -11.10
N THR C 243 16.34 40.49 -10.80
CA THR C 243 15.91 41.61 -9.97
C THR C 243 15.54 42.80 -10.82
N LEU C 244 14.45 43.47 -10.45
CA LEU C 244 14.11 44.77 -11.02
C LEU C 244 14.82 45.86 -10.25
N LEU C 245 15.28 46.88 -10.97
CA LEU C 245 16.12 47.92 -10.38
C LEU C 245 15.61 49.31 -10.78
N ALA C 246 16.06 50.31 -10.03
CA ALA C 246 15.68 51.69 -10.28
C ALA C 246 16.77 52.59 -9.70
N LEU C 247 16.75 53.85 -10.12
CA LEU C 247 17.73 54.83 -9.64
C LEU C 247 17.01 56.06 -9.07
N ALA C 266 21.71 47.25 -6.36
CA ALA C 266 23.04 47.83 -6.38
C ALA C 266 23.84 47.41 -5.16
N ALA C 267 23.15 47.11 -4.07
CA ALA C 267 23.78 46.77 -2.80
C ALA C 267 23.08 45.57 -2.18
N TYR C 268 22.79 44.55 -2.98
CA TYR C 268 21.99 43.43 -2.53
C TYR C 268 22.79 42.12 -2.56
N TYR C 269 22.23 41.10 -1.91
CA TYR C 269 22.90 39.84 -1.66
C TYR C 269 21.97 38.69 -2.04
N VAL C 270 22.55 37.51 -2.28
CA VAL C 270 21.78 36.35 -2.69
C VAL C 270 22.42 35.09 -2.14
N GLY C 271 21.61 34.25 -1.50
CA GLY C 271 22.04 32.94 -1.06
C GLY C 271 21.04 31.89 -1.49
N TYR C 272 21.44 30.64 -1.37
CA TYR C 272 20.63 29.51 -1.80
C TYR C 272 20.38 28.58 -0.63
N LEU C 273 19.14 28.12 -0.50
CA LEU C 273 18.75 27.27 0.63
C LEU C 273 19.17 25.83 0.38
N GLN C 274 19.15 25.05 1.45
CA GLN C 274 19.62 23.66 1.42
C GLN C 274 18.89 22.90 2.51
N PRO C 275 18.47 21.67 2.24
CA PRO C 275 17.82 20.89 3.31
C PRO C 275 18.74 20.69 4.48
N ARG C 276 18.22 20.77 5.70
CA ARG C 276 19.06 20.81 6.88
C ARG C 276 18.18 20.76 8.12
N THR C 277 18.74 20.24 9.20
CA THR C 277 18.06 20.16 10.48
C THR C 277 18.56 21.28 11.40
N PHE C 278 17.66 21.79 12.23
CA PHE C 278 18.00 22.92 13.08
C PHE C 278 17.36 22.74 14.45
N LEU C 279 17.88 23.51 15.42
CA LEU C 279 17.29 23.65 16.73
C LEU C 279 16.95 25.12 16.93
N LEU C 280 15.68 25.41 17.18
CA LEU C 280 15.19 26.77 17.26
C LEU C 280 14.70 27.04 18.67
N LYS C 281 14.97 28.24 19.17
CA LYS C 281 14.61 28.62 20.53
C LYS C 281 13.49 29.64 20.49
N TYR C 282 12.44 29.40 21.27
CA TYR C 282 11.35 30.36 21.43
C TYR C 282 11.40 30.91 22.84
N ASN C 283 11.15 32.22 22.98
CA ASN C 283 11.11 32.84 24.29
C ASN C 283 9.68 32.90 24.80
N GLU C 284 9.49 33.52 25.97
CA GLU C 284 8.19 33.51 26.61
C GLU C 284 7.12 34.15 25.75
N ASN C 285 7.50 35.04 24.84
CA ASN C 285 6.56 35.73 23.98
C ASN C 285 6.42 35.08 22.61
N GLY C 286 7.00 33.90 22.41
CA GLY C 286 6.85 33.22 21.14
C GLY C 286 7.79 33.66 20.05
N THR C 287 8.67 34.62 20.34
CA THR C 287 9.63 35.06 19.34
C THR C 287 10.87 34.17 19.37
N ILE C 288 11.52 34.04 18.22
CA ILE C 288 12.68 33.19 18.05
C ILE C 288 13.93 34.06 18.08
N THR C 289 14.76 33.92 19.12
CA THR C 289 16.10 34.48 19.02
C THR C 289 17.09 33.47 19.59
N ASP C 290 17.41 32.47 18.78
CA ASP C 290 18.59 31.63 18.92
C ASP C 290 18.50 30.55 17.86
N ALA C 291 19.60 29.87 17.58
CA ALA C 291 19.55 28.77 16.63
C ALA C 291 20.85 27.97 16.68
N VAL C 292 20.75 26.73 16.22
CA VAL C 292 21.90 25.86 16.01
C VAL C 292 21.80 25.26 14.62
N ASP C 293 22.78 25.54 13.78
CA ASP C 293 22.88 24.91 12.47
C ASP C 293 23.50 23.54 12.71
N CYS C 294 22.70 22.49 12.50
CA CYS C 294 23.00 21.20 13.11
C CYS C 294 24.10 20.44 12.39
N ALA C 295 24.68 21.00 11.34
CA ALA C 295 25.84 20.38 10.71
C ALA C 295 27.01 21.34 10.62
N LEU C 296 26.96 22.48 11.31
CA LEU C 296 28.05 23.44 11.25
C LEU C 296 29.33 22.86 11.83
N ASP C 297 29.22 22.14 12.94
CA ASP C 297 30.39 21.58 13.62
C ASP C 297 29.89 20.52 14.59
N PRO C 298 30.78 19.65 15.06
CA PRO C 298 30.35 18.61 16.01
C PRO C 298 29.68 19.16 17.26
N LEU C 299 30.14 20.29 17.77
CA LEU C 299 29.50 20.85 18.96
C LEU C 299 28.04 21.18 18.68
N SER C 300 27.76 21.72 17.50
CA SER C 300 26.37 22.00 17.13
C SER C 300 25.56 20.72 17.07
N GLU C 301 26.15 19.65 16.54
CA GLU C 301 25.43 18.38 16.47
C GLU C 301 25.10 17.85 17.86
N THR C 302 26.04 18.00 18.78
CA THR C 302 25.77 17.60 20.16
C THR C 302 24.66 18.45 20.77
N LYS C 303 24.68 19.75 20.49
CA LYS C 303 23.60 20.60 20.97
C LYS C 303 22.26 20.13 20.42
N CYS C 304 22.22 19.75 19.14
CA CYS C 304 21.01 19.17 18.59
C CYS C 304 20.56 17.98 19.42
N THR C 305 21.38 16.93 19.47
CA THR C 305 20.94 15.69 20.10
C THR C 305 20.54 15.91 21.56
N LEU C 306 21.21 16.84 22.25
CA LEU C 306 20.82 17.13 23.63
C LEU C 306 19.60 18.05 23.68
N LYS C 307 19.28 18.72 22.58
CA LYS C 307 18.21 19.71 22.56
C LYS C 307 18.41 20.76 23.65
N SER C 308 19.65 21.21 23.79
CA SER C 308 20.00 22.24 24.75
C SER C 308 21.12 23.08 24.19
N PHE C 309 21.17 24.35 24.62
CA PHE C 309 22.22 25.26 24.19
C PHE C 309 23.38 25.31 25.16
N THR C 310 23.33 24.54 26.25
CA THR C 310 24.44 24.39 27.17
C THR C 310 24.66 22.92 27.43
N VAL C 311 25.90 22.47 27.25
CA VAL C 311 26.25 21.06 27.41
C VAL C 311 27.35 20.95 28.44
N GLU C 312 27.18 20.03 29.38
CA GLU C 312 28.10 19.92 30.50
C GLU C 312 29.31 19.08 30.12
N LYS C 313 30.36 19.19 30.93
CA LYS C 313 31.56 18.38 30.76
C LYS C 313 31.18 16.91 30.60
N GLY C 314 31.51 16.31 29.46
CA GLY C 314 31.19 14.92 29.23
C GLY C 314 31.54 14.51 27.83
N ILE C 315 31.16 13.29 27.48
CA ILE C 315 31.37 12.75 26.13
C ILE C 315 30.03 12.21 25.64
N TYR C 316 29.60 12.67 24.47
CA TYR C 316 28.32 12.31 23.90
C TYR C 316 28.51 11.71 22.52
N GLN C 317 27.64 10.77 22.17
CA GLN C 317 27.73 10.02 20.92
C GLN C 317 26.66 10.48 19.95
N THR C 318 27.08 11.02 18.80
CA THR C 318 26.12 11.53 17.83
C THR C 318 26.73 11.39 16.42
N SER C 319 26.43 10.28 15.76
CA SER C 319 26.67 10.15 14.31
C SER C 319 26.37 8.74 13.86
N ASN C 320 26.35 8.57 12.55
CA ASN C 320 26.46 7.28 11.89
C ASN C 320 27.52 7.41 10.81
N PHE C 321 28.75 7.02 11.12
CA PHE C 321 29.90 7.24 10.24
C PHE C 321 30.16 6.01 9.41
N ARG C 322 30.26 6.18 8.09
CA ARG C 322 30.50 5.08 7.18
C ARG C 322 31.43 5.53 6.07
N VAL C 323 32.41 4.69 5.73
CA VAL C 323 33.23 4.92 4.55
C VAL C 323 32.38 4.59 3.34
N GLN C 324 32.16 5.58 2.48
CA GLN C 324 31.23 5.39 1.36
C GLN C 324 31.89 4.57 0.25
N PRO C 325 31.08 3.83 -0.51
CA PRO C 325 31.64 3.03 -1.62
C PRO C 325 32.13 3.93 -2.74
N THR C 326 33.42 3.81 -3.06
CA THR C 326 34.01 4.69 -4.08
C THR C 326 33.61 4.29 -5.49
N GLU C 327 33.29 3.02 -5.74
CA GLU C 327 33.05 2.56 -7.09
C GLU C 327 32.07 1.39 -7.06
N SER C 328 31.45 1.15 -8.21
CA SER C 328 30.57 0.00 -8.40
C SER C 328 31.26 -1.00 -9.33
N ILE C 329 31.22 -2.27 -8.94
CA ILE C 329 31.94 -3.33 -9.64
C ILE C 329 31.00 -4.50 -9.88
N VAL C 330 31.16 -5.15 -11.02
CA VAL C 330 30.40 -6.35 -11.36
C VAL C 330 31.30 -7.26 -12.19
N ARG C 331 31.23 -8.56 -11.90
CA ARG C 331 32.00 -9.55 -12.64
C ARG C 331 31.08 -10.68 -13.06
N PHE C 332 31.56 -11.49 -14.01
CA PHE C 332 30.85 -12.68 -14.45
C PHE C 332 31.84 -13.60 -15.13
N PRO C 333 31.50 -14.89 -15.28
CA PRO C 333 32.40 -15.81 -15.96
C PRO C 333 32.63 -15.41 -17.42
N ASN C 334 33.64 -16.02 -18.02
CA ASN C 334 33.94 -15.75 -19.41
C ASN C 334 32.73 -16.06 -20.29
N ILE C 335 32.49 -15.19 -21.27
CA ILE C 335 31.40 -15.40 -22.22
C ILE C 335 31.77 -16.62 -23.07
N THR C 336 30.89 -17.62 -23.09
CA THR C 336 31.15 -18.86 -23.82
C THR C 336 29.81 -19.47 -24.22
N ASN C 337 29.90 -20.57 -24.96
CA ASN C 337 28.73 -21.31 -25.46
C ASN C 337 27.65 -20.36 -25.98
N LEU C 338 28.01 -19.60 -27.00
CA LEU C 338 27.08 -18.65 -27.60
C LEU C 338 26.02 -19.38 -28.42
N CYS C 339 24.84 -18.76 -28.53
CA CYS C 339 23.78 -19.34 -29.32
C CYS C 339 24.10 -19.24 -30.81
N PRO C 340 23.51 -20.10 -31.63
CA PRO C 340 23.87 -20.12 -33.06
C PRO C 340 23.13 -19.08 -33.89
N PHE C 341 23.12 -17.83 -33.42
CA PHE C 341 22.49 -16.77 -34.21
C PHE C 341 23.27 -16.51 -35.49
N GLY C 342 24.59 -16.37 -35.38
CA GLY C 342 25.40 -16.10 -36.55
C GLY C 342 25.37 -17.21 -37.58
N GLU C 343 25.27 -18.46 -37.12
CA GLU C 343 25.28 -19.59 -38.03
C GLU C 343 24.15 -19.48 -39.06
N VAL C 344 22.92 -19.21 -38.58
CA VAL C 344 21.80 -19.09 -39.51
C VAL C 344 21.96 -17.85 -40.39
N PHE C 345 22.49 -16.76 -39.85
CA PHE C 345 22.66 -15.55 -40.64
C PHE C 345 23.82 -15.71 -41.64
N ASN C 346 24.88 -16.42 -41.25
CA ASN C 346 25.98 -16.68 -42.17
C ASN C 346 25.73 -17.90 -43.06
N ALA C 347 24.68 -18.67 -42.79
CA ALA C 347 24.34 -19.77 -43.66
C ALA C 347 23.73 -19.26 -44.96
N THR C 348 23.79 -20.09 -46.00
CA THR C 348 23.33 -19.71 -47.32
C THR C 348 22.22 -20.59 -47.88
N ARG C 349 22.04 -21.80 -47.34
CA ARG C 349 21.03 -22.71 -47.89
C ARG C 349 19.66 -22.42 -47.31
N PHE C 350 19.15 -21.22 -47.55
CA PHE C 350 17.84 -20.85 -47.04
C PHE C 350 16.76 -21.65 -47.74
N ALA C 351 15.67 -21.93 -47.03
CA ALA C 351 14.63 -22.81 -47.53
C ALA C 351 13.55 -22.04 -48.26
N SER C 352 12.84 -22.73 -49.15
CA SER C 352 11.64 -22.16 -49.74
C SER C 352 10.59 -21.98 -48.67
N VAL C 353 9.91 -20.83 -48.69
CA VAL C 353 9.01 -20.48 -47.60
C VAL C 353 7.88 -21.49 -47.46
N TYR C 354 7.51 -22.19 -48.54
CA TYR C 354 6.46 -23.20 -48.44
C TYR C 354 6.82 -24.29 -47.43
N ALA C 355 8.11 -24.52 -47.22
CA ALA C 355 8.60 -25.55 -46.31
C ALA C 355 9.69 -24.96 -45.43
N TRP C 356 9.41 -23.76 -44.88
CA TRP C 356 10.38 -23.05 -44.07
C TRP C 356 11.02 -24.00 -43.05
N ASN C 357 12.32 -23.82 -42.84
CA ASN C 357 13.08 -24.64 -41.91
C ASN C 357 13.24 -23.89 -40.59
N ARG C 358 13.22 -24.64 -39.50
CA ARG C 358 13.25 -24.09 -38.15
C ARG C 358 14.52 -24.50 -37.43
N LYS C 359 15.11 -23.54 -36.71
CA LYS C 359 16.25 -23.79 -35.84
C LYS C 359 15.83 -23.57 -34.39
N ARG C 360 16.24 -24.47 -33.52
CA ARG C 360 15.89 -24.43 -32.11
C ARG C 360 17.08 -23.91 -31.31
N ILE C 361 16.82 -22.96 -30.41
CA ILE C 361 17.85 -22.34 -29.58
C ILE C 361 17.57 -22.72 -28.14
N SER C 362 18.59 -23.23 -27.46
CA SER C 362 18.44 -23.65 -26.07
C SER C 362 19.82 -23.87 -25.47
N ASN C 363 19.92 -23.65 -24.16
CA ASN C 363 21.13 -23.93 -23.40
C ASN C 363 22.35 -23.25 -24.03
N CYS C 364 22.26 -21.93 -24.17
CA CYS C 364 23.34 -21.16 -24.76
C CYS C 364 23.20 -19.70 -24.35
N VAL C 365 24.30 -18.96 -24.50
CA VAL C 365 24.30 -17.53 -24.22
C VAL C 365 23.78 -16.80 -25.45
N ALA C 366 22.75 -15.97 -25.26
CA ALA C 366 22.11 -15.27 -26.37
C ALA C 366 22.83 -13.94 -26.59
N ASP C 367 23.88 -13.99 -27.41
CA ASP C 367 24.67 -12.81 -27.74
C ASP C 367 24.01 -12.10 -28.90
N TYR C 368 23.20 -11.09 -28.56
CA TYR C 368 22.54 -10.28 -29.58
C TYR C 368 23.40 -9.14 -30.08
N SER C 369 24.63 -9.01 -29.59
CA SER C 369 25.43 -7.82 -29.89
C SER C 369 25.64 -7.66 -31.40
N VAL C 370 25.97 -8.74 -32.10
CA VAL C 370 26.27 -8.63 -33.52
C VAL C 370 25.02 -8.26 -34.31
N LEU C 371 23.84 -8.71 -33.85
CA LEU C 371 22.63 -8.54 -34.64
C LEU C 371 22.30 -7.07 -34.85
N TYR C 372 22.25 -6.29 -33.77
CA TYR C 372 21.90 -4.87 -33.93
C TYR C 372 23.12 -4.02 -34.23
N ASN C 373 24.32 -4.57 -34.06
CA ASN C 373 25.52 -3.82 -34.42
C ASN C 373 25.76 -3.84 -35.93
N SER C 374 25.40 -4.94 -36.60
CA SER C 374 25.69 -5.07 -38.02
C SER C 374 24.86 -4.09 -38.83
N ALA C 375 25.50 -3.46 -39.82
CA ALA C 375 24.82 -2.54 -40.72
C ALA C 375 24.44 -3.19 -42.05
N SER C 376 24.68 -4.49 -42.21
CA SER C 376 24.44 -5.16 -43.48
C SER C 376 23.01 -5.64 -43.66
N PHE C 377 22.14 -5.44 -42.66
CA PHE C 377 20.79 -5.97 -42.69
C PHE C 377 19.80 -4.83 -42.90
N SER C 378 18.84 -5.05 -43.81
CA SER C 378 17.95 -3.98 -44.25
C SER C 378 16.95 -3.58 -43.17
N THR C 379 16.32 -4.56 -42.51
CA THR C 379 15.28 -4.27 -41.53
C THR C 379 15.43 -5.22 -40.36
N PHE C 380 15.20 -4.71 -39.16
CA PHE C 380 15.37 -5.49 -37.93
C PHE C 380 14.32 -5.00 -36.94
N LYS C 381 13.20 -5.72 -36.87
CA LYS C 381 12.04 -5.30 -36.10
C LYS C 381 11.74 -6.27 -34.97
N CYS C 382 11.14 -5.74 -33.91
CA CYS C 382 10.67 -6.53 -32.78
C CYS C 382 9.34 -5.98 -32.32
N TYR C 383 8.52 -6.86 -31.73
CA TYR C 383 7.18 -6.51 -31.29
C TYR C 383 7.04 -6.82 -29.80
N GLY C 384 6.78 -5.79 -29.01
CA GLY C 384 6.75 -5.93 -27.57
C GLY C 384 8.12 -6.02 -26.92
N VAL C 385 9.19 -5.82 -27.68
CA VAL C 385 10.56 -5.94 -27.19
C VAL C 385 11.46 -5.03 -28.00
N SER C 386 12.50 -4.52 -27.34
CA SER C 386 13.53 -3.71 -27.97
C SER C 386 14.74 -4.58 -28.31
N PRO C 387 15.43 -4.29 -29.41
CA PRO C 387 16.53 -5.19 -29.81
C PRO C 387 17.66 -5.25 -28.79
N THR C 388 18.21 -4.10 -28.40
CA THR C 388 19.26 -4.11 -27.39
C THR C 388 18.74 -4.62 -26.06
N LYS C 389 17.43 -4.51 -25.81
CA LYS C 389 16.84 -5.01 -24.58
C LYS C 389 16.87 -6.54 -24.54
N LEU C 390 17.14 -7.19 -25.67
CA LEU C 390 17.09 -8.64 -25.72
C LEU C 390 18.13 -9.27 -24.81
N ASN C 391 19.23 -8.57 -24.54
CA ASN C 391 20.24 -9.10 -23.64
C ASN C 391 19.67 -9.31 -22.24
N ASP C 392 18.68 -8.52 -21.86
CA ASP C 392 18.12 -8.61 -20.51
C ASP C 392 17.20 -9.82 -20.37
N LEU C 393 16.60 -10.28 -21.46
CA LEU C 393 15.55 -11.28 -21.37
C LEU C 393 16.11 -12.69 -21.37
N CYS C 394 15.43 -13.57 -20.64
CA CYS C 394 15.76 -14.99 -20.58
C CYS C 394 14.53 -15.80 -20.92
N PHE C 395 14.74 -16.98 -21.49
CA PHE C 395 13.64 -17.82 -21.93
C PHE C 395 14.04 -19.28 -21.83
N THR C 396 13.04 -20.15 -21.82
CA THR C 396 13.30 -21.58 -21.94
C THR C 396 13.91 -21.89 -23.29
N ASN C 397 13.17 -21.63 -24.37
CA ASN C 397 13.61 -21.87 -25.73
C ASN C 397 13.18 -20.69 -26.59
N VAL C 398 13.92 -20.45 -27.67
CA VAL C 398 13.53 -19.51 -28.70
C VAL C 398 13.83 -20.15 -30.06
N TYR C 399 12.81 -20.18 -30.92
CA TYR C 399 12.90 -20.82 -32.22
C TYR C 399 13.21 -19.76 -33.26
N ALA C 400 13.81 -20.20 -34.38
CA ALA C 400 14.15 -19.32 -35.48
C ALA C 400 13.73 -19.98 -36.79
N ASP C 401 13.05 -19.22 -37.64
CA ASP C 401 12.62 -19.69 -38.95
C ASP C 401 13.29 -18.87 -40.04
N SER C 402 13.57 -19.53 -41.16
CA SER C 402 14.23 -18.90 -42.29
C SER C 402 13.49 -19.26 -43.57
N PHE C 403 13.53 -18.36 -44.55
CA PHE C 403 12.85 -18.60 -45.82
C PHE C 403 13.24 -17.50 -46.81
N VAL C 404 13.07 -17.81 -48.09
CA VAL C 404 13.41 -16.92 -49.19
C VAL C 404 12.12 -16.39 -49.80
N ILE C 405 12.05 -15.08 -50.00
CA ILE C 405 10.84 -14.44 -50.50
C ILE C 405 11.25 -13.30 -51.43
N ARG C 406 10.25 -12.63 -52.01
CA ARG C 406 10.46 -11.48 -52.86
C ARG C 406 10.35 -10.20 -52.03
N GLY C 407 10.72 -9.08 -52.65
CA GLY C 407 10.74 -7.82 -51.91
C GLY C 407 9.38 -7.45 -51.35
N ASP C 408 8.33 -7.58 -52.16
CA ASP C 408 6.99 -7.25 -51.68
C ASP C 408 6.52 -8.23 -50.62
N GLU C 409 6.90 -9.50 -50.76
CA GLU C 409 6.45 -10.52 -49.80
C GLU C 409 6.99 -10.26 -48.41
N VAL C 410 8.01 -9.40 -48.29
CA VAL C 410 8.54 -9.06 -46.97
C VAL C 410 7.49 -8.36 -46.14
N ARG C 411 6.59 -7.59 -46.78
CA ARG C 411 5.57 -6.86 -46.04
C ARG C 411 4.56 -7.79 -45.38
N GLN C 412 4.51 -9.06 -45.79
CA GLN C 412 3.61 -10.01 -45.16
C GLN C 412 4.20 -10.65 -43.91
N ILE C 413 5.49 -10.46 -43.65
CA ILE C 413 6.12 -11.04 -42.46
C ILE C 413 5.97 -10.08 -41.29
N ALA C 414 4.82 -10.12 -40.64
CA ALA C 414 4.54 -9.28 -39.48
C ALA C 414 3.22 -9.71 -38.89
N PRO C 415 3.01 -9.48 -37.59
CA PRO C 415 1.73 -9.83 -36.98
C PRO C 415 0.58 -9.06 -37.62
N GLY C 416 -0.56 -9.73 -37.76
CA GLY C 416 -1.73 -9.12 -38.38
C GLY C 416 -1.67 -9.02 -39.88
N GLN C 417 -0.77 -9.74 -40.53
CA GLN C 417 -0.61 -9.68 -41.98
C GLN C 417 -1.40 -10.81 -42.65
N THR C 418 -1.83 -10.55 -43.88
CA THR C 418 -2.49 -11.54 -44.71
C THR C 418 -1.89 -11.49 -46.10
N GLY C 419 -2.01 -12.60 -46.81
CA GLY C 419 -1.50 -12.73 -48.16
C GLY C 419 -1.14 -14.16 -48.49
N LYS C 420 -0.59 -14.34 -49.69
CA LYS C 420 -0.24 -15.67 -50.15
C LYS C 420 0.80 -16.31 -49.23
N ILE C 421 1.89 -15.61 -48.98
CA ILE C 421 2.95 -16.16 -48.12
C ILE C 421 2.46 -16.27 -46.69
N ALA C 422 1.82 -15.22 -46.18
CA ALA C 422 1.40 -15.20 -44.79
C ALA C 422 0.37 -16.30 -44.52
N ASP C 423 -0.54 -16.53 -45.46
CA ASP C 423 -1.66 -17.43 -45.19
C ASP C 423 -1.31 -18.86 -45.57
N TYR C 424 -0.69 -19.07 -46.73
CA TYR C 424 -0.51 -20.42 -47.25
C TYR C 424 0.86 -20.99 -46.90
N ASN C 425 1.87 -20.14 -46.69
CA ASN C 425 3.24 -20.61 -46.48
C ASN C 425 3.70 -20.51 -45.03
N TYR C 426 3.58 -19.35 -44.41
CA TYR C 426 4.06 -19.17 -43.04
C TYR C 426 3.16 -18.14 -42.36
N LYS C 427 2.42 -18.58 -41.35
CA LYS C 427 1.44 -17.75 -40.67
C LYS C 427 1.95 -17.38 -39.27
N LEU C 428 1.87 -16.07 -38.93
CA LEU C 428 2.23 -15.56 -37.62
C LEU C 428 0.98 -15.25 -36.81
N PRO C 429 1.05 -15.26 -35.49
CA PRO C 429 -0.08 -14.82 -34.67
C PRO C 429 -0.17 -13.30 -34.61
N ASP C 430 -1.36 -12.83 -34.23
CA ASP C 430 -1.60 -11.40 -34.14
C ASP C 430 -0.97 -10.77 -32.90
N ASP C 431 -0.74 -11.55 -31.85
CA ASP C 431 -0.05 -11.10 -30.65
C ASP C 431 1.40 -11.59 -30.62
N PHE C 432 2.04 -11.64 -31.79
CA PHE C 432 3.33 -12.30 -31.96
C PHE C 432 4.40 -11.75 -31.03
N THR C 433 4.89 -12.58 -30.12
CA THR C 433 6.03 -12.24 -29.27
C THR C 433 7.30 -12.76 -29.94
N GLY C 434 7.75 -12.03 -30.95
CA GLY C 434 8.92 -12.43 -31.72
C GLY C 434 9.49 -11.29 -32.52
N CYS C 435 10.68 -11.50 -33.05
CA CYS C 435 11.40 -10.48 -33.82
C CYS C 435 11.59 -10.96 -35.24
N VAL C 436 11.68 -10.01 -36.17
CA VAL C 436 11.84 -10.29 -37.59
C VAL C 436 13.05 -9.53 -38.11
N ILE C 437 13.90 -10.24 -38.86
CA ILE C 437 15.09 -9.67 -39.48
C ILE C 437 15.12 -10.05 -40.96
N ALA C 438 15.39 -9.08 -41.83
CA ALA C 438 15.42 -9.30 -43.27
C ALA C 438 16.64 -8.60 -43.87
N TRP C 439 17.24 -9.24 -44.86
CA TRP C 439 18.32 -8.64 -45.63
C TRP C 439 18.20 -9.07 -47.08
N ASN C 440 18.63 -8.21 -47.99
CA ASN C 440 18.50 -8.42 -49.42
C ASN C 440 19.53 -9.42 -49.90
N SER C 441 19.09 -10.38 -50.71
CA SER C 441 19.97 -11.41 -51.26
C SER C 441 19.92 -11.44 -52.78
N ASN C 442 19.86 -10.28 -53.43
CA ASN C 442 19.78 -10.25 -54.89
C ASN C 442 21.02 -10.86 -55.53
N ASN C 443 22.21 -10.57 -54.99
CA ASN C 443 23.43 -11.12 -55.58
C ASN C 443 23.43 -12.64 -55.50
N LEU C 444 22.95 -13.20 -54.39
CA LEU C 444 23.02 -14.64 -54.19
C LEU C 444 21.86 -15.36 -54.85
N ASP C 445 20.63 -14.84 -54.65
CA ASP C 445 19.45 -15.61 -55.03
C ASP C 445 18.93 -15.26 -56.42
N SER C 446 19.25 -14.07 -56.94
CA SER C 446 18.69 -13.65 -58.22
C SER C 446 19.49 -14.22 -59.39
N LYS C 447 19.47 -15.54 -59.54
CA LYS C 447 20.10 -16.16 -60.70
C LYS C 447 19.39 -15.70 -61.98
N VAL C 448 20.16 -15.12 -62.90
CA VAL C 448 19.57 -14.34 -63.99
C VAL C 448 18.66 -15.17 -64.87
N GLY C 449 18.88 -16.47 -64.99
CA GLY C 449 18.03 -17.28 -65.83
C GLY C 449 16.65 -17.56 -65.28
N GLY C 450 16.35 -17.06 -64.09
CA GLY C 450 15.07 -17.29 -63.45
C GLY C 450 15.15 -18.41 -62.43
N ASN C 451 15.20 -18.04 -61.14
CA ASN C 451 15.33 -19.02 -60.08
C ASN C 451 13.98 -19.68 -59.83
N TYR C 452 13.49 -20.45 -60.80
CA TYR C 452 12.21 -21.12 -60.68
C TYR C 452 12.32 -22.46 -59.95
N ASN C 453 13.52 -22.87 -59.54
CA ASN C 453 13.67 -24.09 -58.76
C ASN C 453 13.08 -23.95 -57.36
N TYR C 454 12.98 -22.72 -56.84
CA TYR C 454 12.32 -22.49 -55.58
C TYR C 454 10.81 -22.54 -55.78
N LEU C 455 10.07 -22.65 -54.68
CA LEU C 455 8.65 -22.93 -54.73
C LEU C 455 7.88 -22.14 -53.67
N TYR C 456 6.59 -21.94 -53.93
CA TYR C 456 5.65 -21.46 -52.92
C TYR C 456 4.31 -22.14 -53.12
N ARG C 457 3.50 -22.13 -52.06
CA ARG C 457 2.19 -22.77 -52.07
C ARG C 457 1.12 -21.73 -52.37
N LEU C 458 0.24 -22.05 -53.32
CA LEU C 458 -0.85 -21.18 -53.70
C LEU C 458 -2.21 -21.67 -53.22
N PHE C 459 -2.37 -22.98 -53.01
CA PHE C 459 -3.67 -23.55 -52.68
C PHE C 459 -3.56 -24.50 -51.50
N ARG C 460 -4.49 -24.35 -50.57
CA ARG C 460 -4.65 -25.29 -49.47
C ARG C 460 -6.12 -25.31 -49.08
N LYS C 461 -6.55 -26.43 -48.50
CA LYS C 461 -7.95 -26.58 -48.12
C LYS C 461 -8.35 -25.60 -47.02
N SER C 462 -7.38 -25.02 -46.31
CA SER C 462 -7.66 -23.96 -45.36
C SER C 462 -6.36 -23.20 -45.09
N ASN C 463 -6.50 -21.96 -44.64
CA ASN C 463 -5.33 -21.14 -44.37
C ASN C 463 -4.60 -21.66 -43.13
N LEU C 464 -3.33 -21.30 -43.02
CA LEU C 464 -2.44 -21.91 -42.04
C LEU C 464 -2.77 -21.47 -40.62
N LYS C 465 -2.69 -22.43 -39.70
CA LYS C 465 -2.61 -22.12 -38.29
C LYS C 465 -1.23 -21.52 -37.99
N PRO C 466 -1.13 -20.55 -37.08
CA PRO C 466 0.16 -19.91 -36.83
C PRO C 466 1.28 -20.92 -36.66
N PHE C 467 2.36 -20.72 -37.44
CA PHE C 467 3.53 -21.59 -37.45
C PHE C 467 3.21 -22.99 -38.00
N GLU C 468 2.16 -23.12 -38.80
CA GLU C 468 1.79 -24.41 -39.34
C GLU C 468 2.60 -24.74 -40.59
N ARG C 469 2.87 -26.03 -40.76
CA ARG C 469 3.62 -26.54 -41.90
C ARG C 469 2.81 -27.64 -42.56
N ASP C 470 2.79 -27.65 -43.89
CA ASP C 470 2.09 -28.68 -44.65
C ASP C 470 2.90 -28.97 -45.90
N ILE C 471 3.12 -30.25 -46.18
CA ILE C 471 3.88 -30.70 -47.33
C ILE C 471 3.05 -31.53 -48.29
N SER C 472 1.76 -31.71 -48.03
CA SER C 472 0.90 -32.41 -48.97
C SER C 472 0.76 -31.58 -50.25
N THR C 473 0.63 -32.28 -51.38
CA THR C 473 0.58 -31.63 -52.69
C THR C 473 -0.58 -32.14 -53.52
N GLU C 474 -1.68 -32.51 -52.88
CA GLU C 474 -2.85 -32.95 -53.62
C GLU C 474 -3.38 -31.81 -54.48
N ILE C 475 -3.89 -32.17 -55.66
CA ILE C 475 -4.36 -31.16 -56.60
C ILE C 475 -5.55 -30.40 -56.00
N TYR C 476 -5.52 -29.08 -56.10
CA TYR C 476 -6.65 -28.26 -55.70
C TYR C 476 -7.74 -28.39 -56.76
N GLN C 477 -8.89 -28.90 -56.36
CA GLN C 477 -9.99 -29.20 -57.28
C GLN C 477 -11.05 -28.12 -57.17
N ALA C 478 -11.35 -27.47 -58.29
CA ALA C 478 -12.32 -26.39 -58.35
C ALA C 478 -13.60 -26.77 -59.09
N GLY C 479 -13.78 -28.04 -59.42
CA GLY C 479 -14.96 -28.44 -60.16
C GLY C 479 -15.11 -29.94 -60.21
N SER C 480 -16.07 -30.39 -61.01
CA SER C 480 -16.36 -31.81 -61.13
C SER C 480 -15.31 -32.56 -61.92
N THR C 481 -14.42 -31.86 -62.61
CA THR C 481 -13.43 -32.51 -63.45
C THR C 481 -12.44 -33.29 -62.58
N PRO C 482 -12.30 -34.60 -62.75
CA PRO C 482 -11.29 -35.33 -61.97
C PRO C 482 -9.88 -34.85 -62.30
N CYS C 483 -9.01 -34.87 -61.29
CA CYS C 483 -7.63 -34.46 -61.48
C CYS C 483 -6.68 -35.64 -61.62
N ASN C 484 -6.95 -36.75 -60.92
CA ASN C 484 -6.08 -37.93 -60.97
C ASN C 484 -4.67 -37.59 -60.50
N GLY C 485 -4.54 -36.60 -59.63
CA GLY C 485 -3.25 -36.17 -59.15
C GLY C 485 -2.46 -35.34 -60.12
N VAL C 486 -3.07 -34.86 -61.20
CA VAL C 486 -2.40 -34.08 -62.23
C VAL C 486 -3.22 -32.82 -62.49
N GLU C 487 -2.54 -31.79 -62.98
CA GLU C 487 -3.19 -30.51 -63.23
C GLU C 487 -4.13 -30.61 -64.43
N GLY C 488 -5.01 -29.62 -64.53
CA GLY C 488 -5.95 -29.58 -65.63
C GLY C 488 -7.04 -28.57 -65.35
N PHE C 489 -8.01 -28.51 -66.25
CA PHE C 489 -9.15 -27.63 -66.05
C PHE C 489 -9.85 -27.99 -64.74
N ASN C 490 -10.08 -26.97 -63.90
CA ASN C 490 -10.60 -27.17 -62.56
C ASN C 490 -9.70 -28.07 -61.72
N CYS C 491 -8.38 -28.00 -61.94
CA CYS C 491 -7.41 -28.81 -61.21
C CYS C 491 -6.10 -28.03 -61.17
N TYR C 492 -5.70 -27.61 -59.97
CA TYR C 492 -4.52 -26.76 -59.79
C TYR C 492 -3.54 -27.41 -58.83
N PHE C 493 -2.28 -27.46 -59.23
CA PHE C 493 -1.23 -28.00 -58.37
C PHE C 493 -0.86 -26.95 -57.31
N PRO C 494 -0.93 -27.30 -56.02
CA PRO C 494 -0.83 -26.26 -54.98
C PRO C 494 0.45 -25.43 -55.03
N LEU C 495 1.59 -26.02 -55.36
CA LEU C 495 2.86 -25.32 -55.31
C LEU C 495 3.13 -24.59 -56.62
N GLN C 496 4.02 -23.60 -56.56
CA GLN C 496 4.35 -22.77 -57.70
C GLN C 496 5.75 -22.21 -57.52
N SER C 497 6.36 -21.77 -58.62
CA SER C 497 7.78 -21.43 -58.66
C SER C 497 8.00 -19.94 -58.48
N TYR C 498 9.20 -19.59 -58.01
CA TYR C 498 9.61 -18.20 -57.86
C TYR C 498 10.17 -17.65 -59.17
N GLY C 499 9.85 -16.41 -59.48
CA GLY C 499 10.52 -15.68 -60.54
C GLY C 499 11.50 -14.67 -59.95
N PHE C 500 12.79 -14.99 -59.97
CA PHE C 500 13.84 -14.09 -59.50
C PHE C 500 14.76 -13.76 -60.66
N GLN C 501 14.93 -12.47 -60.93
CA GLN C 501 15.81 -12.00 -61.97
C GLN C 501 16.26 -10.58 -61.61
N PRO C 502 17.52 -10.23 -61.90
CA PRO C 502 17.95 -8.84 -61.64
C PRO C 502 17.22 -7.82 -62.50
N THR C 503 16.58 -8.25 -63.59
CA THR C 503 15.87 -7.32 -64.46
C THR C 503 14.61 -6.77 -63.82
N TYR C 504 14.11 -7.41 -62.77
CA TYR C 504 12.93 -6.91 -62.08
C TYR C 504 13.28 -5.71 -61.20
N GLY C 505 12.24 -5.09 -60.64
CA GLY C 505 12.45 -4.09 -59.63
C GLY C 505 12.80 -4.71 -58.28
N VAL C 506 13.19 -3.85 -57.34
CA VAL C 506 13.58 -4.33 -56.01
C VAL C 506 12.42 -5.07 -55.35
N GLY C 507 11.19 -4.68 -55.64
CA GLY C 507 10.05 -5.35 -55.05
C GLY C 507 9.96 -6.83 -55.39
N TYR C 508 10.41 -7.21 -56.59
CA TYR C 508 10.40 -8.61 -57.00
C TYR C 508 11.76 -9.28 -56.83
N GLN C 509 12.80 -8.54 -56.41
CA GLN C 509 14.09 -9.15 -56.17
C GLN C 509 14.08 -9.93 -54.85
N PRO C 510 14.91 -10.97 -54.74
CA PRO C 510 14.83 -11.85 -53.57
C PRO C 510 15.31 -11.23 -52.27
N TYR C 511 14.67 -11.63 -51.18
CA TYR C 511 15.08 -11.29 -49.82
C TYR C 511 15.21 -12.55 -48.99
N ARG C 512 16.15 -12.54 -48.06
CA ARG C 512 16.34 -13.63 -47.10
C ARG C 512 15.91 -13.13 -45.73
N VAL C 513 14.93 -13.81 -45.15
CA VAL C 513 14.24 -13.35 -43.95
C VAL C 513 14.35 -14.41 -42.87
N VAL C 514 14.62 -13.98 -41.64
CA VAL C 514 14.63 -14.85 -40.48
C VAL C 514 13.66 -14.28 -39.45
N VAL C 515 12.87 -15.16 -38.85
CA VAL C 515 11.92 -14.81 -37.80
C VAL C 515 12.15 -15.72 -36.61
N LEU C 516 12.27 -15.14 -35.42
CA LEU C 516 12.46 -15.90 -34.20
C LEU C 516 11.40 -15.53 -33.17
N SER C 517 10.87 -16.55 -32.51
CA SER C 517 9.85 -16.40 -31.48
C SER C 517 10.33 -17.07 -30.20
N PHE C 518 9.91 -16.52 -29.06
CA PHE C 518 10.44 -16.89 -27.76
C PHE C 518 9.42 -17.74 -27.01
N GLU C 519 9.88 -18.86 -26.46
CA GLU C 519 9.01 -19.82 -25.79
C GLU C 519 8.65 -19.34 -24.39
N LEU C 520 7.49 -19.80 -23.91
CA LEU C 520 7.02 -19.44 -22.59
C LEU C 520 7.83 -20.16 -21.51
N LEU C 521 7.61 -19.74 -20.27
CA LEU C 521 8.30 -20.33 -19.11
C LEU C 521 7.56 -21.58 -18.63
N HIS C 522 7.64 -22.62 -19.46
CA HIS C 522 7.14 -23.94 -19.07
C HIS C 522 8.15 -24.74 -18.27
N ALA C 523 9.40 -24.29 -18.20
CA ALA C 523 10.47 -25.00 -17.52
C ALA C 523 11.54 -23.98 -17.14
N PRO C 524 12.54 -24.39 -16.37
CA PRO C 524 13.60 -23.45 -16.01
C PRO C 524 14.31 -22.90 -17.23
N ALA C 525 14.67 -21.62 -17.15
CA ALA C 525 15.26 -20.93 -18.28
C ALA C 525 16.61 -21.55 -18.65
N THR C 526 16.94 -21.49 -19.95
CA THR C 526 18.16 -22.07 -20.47
C THR C 526 19.01 -21.10 -21.29
N VAL C 527 18.45 -19.99 -21.76
CA VAL C 527 19.16 -19.04 -22.60
C VAL C 527 19.07 -17.65 -21.99
N CYS C 528 20.19 -16.95 -21.96
CA CYS C 528 20.25 -15.59 -21.46
C CYS C 528 21.34 -14.84 -22.21
N GLY C 529 21.27 -13.51 -22.14
CA GLY C 529 22.24 -12.66 -22.78
C GLY C 529 23.52 -12.55 -21.99
N PRO C 530 24.61 -12.16 -22.66
CA PRO C 530 25.88 -11.97 -21.94
C PRO C 530 25.79 -10.82 -20.96
N LYS C 531 26.67 -10.85 -19.96
CA LYS C 531 26.64 -9.91 -18.86
C LYS C 531 27.77 -8.90 -18.97
N LYS C 532 27.72 -7.90 -18.09
CA LYS C 532 28.79 -6.93 -17.98
C LYS C 532 29.95 -7.53 -17.19
N SER C 533 31.19 -7.19 -17.59
CA SER C 533 32.40 -7.68 -16.94
C SER C 533 33.36 -6.51 -16.73
N THR C 534 33.21 -5.83 -15.60
CA THR C 534 34.09 -4.71 -15.27
C THR C 534 35.40 -5.21 -14.70
N ASN C 535 36.37 -4.31 -14.62
CA ASN C 535 37.66 -4.66 -14.04
C ASN C 535 37.57 -4.62 -12.51
N LEU C 536 38.55 -5.23 -11.86
CA LEU C 536 38.52 -5.42 -10.42
C LEU C 536 39.43 -4.42 -9.72
N VAL C 537 39.13 -4.19 -8.44
CA VAL C 537 39.95 -3.34 -7.57
C VAL C 537 40.03 -4.00 -6.21
N LYS C 538 41.11 -3.68 -5.48
CA LYS C 538 41.34 -4.23 -4.16
C LYS C 538 41.70 -3.10 -3.20
N ASN C 539 41.33 -3.29 -1.94
CA ASN C 539 41.62 -2.34 -0.87
C ASN C 539 40.75 -1.09 -0.98
N LYS C 540 39.96 -0.99 -2.04
CA LYS C 540 38.99 0.09 -2.14
C LYS C 540 37.63 -0.37 -1.65
N CYS C 541 36.86 0.58 -1.12
CA CYS C 541 35.51 0.33 -0.67
C CYS C 541 34.57 0.43 -1.86
N VAL C 542 34.00 -0.70 -2.28
CA VAL C 542 33.23 -0.76 -3.50
C VAL C 542 31.89 -1.42 -3.23
N ASN C 543 30.93 -1.15 -4.11
CA ASN C 543 29.65 -1.84 -4.13
C ASN C 543 29.71 -2.87 -5.24
N PHE C 544 29.47 -4.14 -4.90
CA PHE C 544 29.81 -5.25 -5.78
C PHE C 544 28.59 -6.12 -6.06
N ASN C 545 28.59 -6.72 -7.26
CA ASN C 545 27.69 -7.82 -7.64
C ASN C 545 28.58 -8.84 -8.35
N PHE C 546 29.13 -9.78 -7.58
CA PHE C 546 30.19 -10.63 -8.12
C PHE C 546 29.65 -11.63 -9.12
N ASN C 547 28.85 -12.58 -8.66
CA ASN C 547 28.18 -13.48 -9.60
C ASN C 547 26.67 -13.35 -9.51
N GLY C 548 26.13 -13.56 -8.32
CA GLY C 548 24.71 -13.40 -8.08
C GLY C 548 24.43 -12.55 -6.86
N LEU C 549 25.37 -12.50 -5.94
CA LEU C 549 25.15 -11.87 -4.64
C LEU C 549 25.51 -10.39 -4.72
N THR C 550 24.58 -9.53 -4.33
CA THR C 550 24.85 -8.10 -4.22
C THR C 550 25.33 -7.78 -2.82
N GLY C 551 26.27 -6.84 -2.72
CA GLY C 551 26.78 -6.44 -1.43
C GLY C 551 27.84 -5.38 -1.57
N THR C 552 28.30 -4.86 -0.44
CA THR C 552 29.31 -3.80 -0.39
C THR C 552 30.37 -4.22 0.60
N GLY C 553 31.64 -3.95 0.28
CA GLY C 553 32.72 -4.30 1.18
C GLY C 553 34.06 -3.90 0.62
N VAL C 554 35.11 -4.29 1.32
CA VAL C 554 36.49 -4.05 0.92
C VAL C 554 37.08 -5.39 0.52
N LEU C 555 37.72 -5.45 -0.65
CA LEU C 555 38.19 -6.70 -1.21
C LEU C 555 39.67 -6.89 -0.95
N THR C 556 40.03 -8.10 -0.54
CA THR C 556 41.41 -8.49 -0.32
C THR C 556 41.63 -9.88 -0.88
N GLU C 557 42.84 -10.13 -1.37
CA GLU C 557 43.22 -11.46 -1.85
C GLU C 557 43.39 -12.36 -0.63
N SER C 558 42.81 -13.56 -0.70
CA SER C 558 42.64 -14.41 0.46
C SER C 558 43.69 -15.51 0.52
N ASN C 559 43.89 -16.04 1.72
CA ASN C 559 44.70 -17.22 1.94
C ASN C 559 43.88 -18.51 1.99
N LYS C 560 42.56 -18.40 1.95
CA LYS C 560 41.71 -19.58 2.06
C LYS C 560 41.98 -20.52 0.89
N LYS C 561 41.45 -21.75 1.01
CA LYS C 561 41.62 -22.78 0.00
C LYS C 561 40.25 -23.37 -0.33
N PHE C 562 39.56 -22.76 -1.29
CA PHE C 562 38.27 -23.27 -1.72
C PHE C 562 38.45 -24.57 -2.49
N LEU C 563 37.41 -25.40 -2.46
CA LEU C 563 37.38 -26.59 -3.29
C LEU C 563 36.92 -26.22 -4.70
N PRO C 564 37.18 -27.08 -5.68
CA PRO C 564 36.88 -26.73 -7.07
C PRO C 564 35.45 -26.29 -7.31
N PHE C 565 34.49 -26.93 -6.66
CA PHE C 565 33.09 -26.62 -6.89
C PHE C 565 32.59 -25.45 -6.04
N GLN C 566 33.22 -25.19 -4.91
CA GLN C 566 32.75 -24.13 -4.02
C GLN C 566 32.90 -22.78 -4.71
N GLN C 567 31.90 -21.92 -4.53
CA GLN C 567 31.84 -20.63 -5.20
C GLN C 567 32.14 -19.47 -4.26
N PHE C 568 31.54 -19.45 -3.07
CA PHE C 568 31.78 -18.37 -2.12
C PHE C 568 31.72 -18.92 -0.71
N GLY C 569 32.34 -18.20 0.22
CA GLY C 569 32.46 -18.63 1.60
C GLY C 569 31.34 -18.12 2.48
N ARG C 570 31.49 -18.43 3.76
CA ARG C 570 30.50 -18.06 4.77
C ARG C 570 31.17 -18.17 6.14
N ASP C 571 30.46 -17.70 7.16
CA ASP C 571 30.94 -17.77 8.53
C ASP C 571 29.78 -18.11 9.45
N ILE C 572 30.10 -18.31 10.73
CA ILE C 572 29.15 -18.82 11.71
C ILE C 572 27.84 -18.04 11.64
N ASP C 573 27.92 -16.72 11.60
CA ASP C 573 26.72 -15.88 11.61
C ASP C 573 26.14 -15.69 10.21
N ASP C 574 26.48 -16.55 9.25
CA ASP C 574 25.99 -16.45 7.89
C ASP C 574 26.46 -15.18 7.19
N THR C 575 27.54 -14.58 7.68
CA THR C 575 28.14 -13.44 6.99
C THR C 575 28.99 -13.92 5.82
N THR C 576 28.81 -13.28 4.67
CA THR C 576 29.58 -13.63 3.48
C THR C 576 31.01 -13.15 3.68
N ASP C 577 31.91 -14.09 4.00
CA ASP C 577 33.27 -13.73 4.37
C ASP C 577 34.26 -13.83 3.22
N ALA C 578 33.90 -14.50 2.12
CA ALA C 578 34.83 -14.63 1.00
C ALA C 578 34.05 -14.90 -0.27
N VAL C 579 34.70 -14.66 -1.40
CA VAL C 579 34.13 -14.93 -2.71
C VAL C 579 35.25 -15.31 -3.66
N ARG C 580 34.94 -16.20 -4.59
CA ARG C 580 35.89 -16.65 -5.60
C ARG C 580 35.80 -15.73 -6.81
N ASP C 581 36.96 -15.46 -7.42
CA ASP C 581 37.01 -14.62 -8.60
C ASP C 581 36.74 -15.48 -9.83
N PRO C 582 35.60 -15.34 -10.49
CA PRO C 582 35.30 -16.24 -11.61
C PRO C 582 36.29 -16.14 -12.76
N GLN C 583 36.86 -14.97 -13.02
CA GLN C 583 37.65 -14.73 -14.22
C GLN C 583 39.10 -15.16 -14.06
N THR C 584 39.56 -15.45 -12.84
CA THR C 584 40.90 -15.98 -12.65
C THR C 584 40.91 -17.08 -11.60
N LEU C 585 39.75 -17.42 -11.05
CA LEU C 585 39.65 -18.44 -10.01
C LEU C 585 40.56 -18.12 -8.82
N GLU C 586 40.68 -16.83 -8.51
CA GLU C 586 41.36 -16.40 -7.30
C GLU C 586 40.32 -16.19 -6.21
N ILE C 587 40.75 -16.40 -4.96
CA ILE C 587 39.86 -16.38 -3.81
C ILE C 587 40.03 -15.05 -3.10
N LEU C 588 38.91 -14.37 -2.85
CA LEU C 588 38.92 -13.02 -2.31
C LEU C 588 38.15 -12.96 -0.99
N ASP C 589 38.69 -12.21 -0.05
CA ASP C 589 38.04 -11.93 1.22
C ASP C 589 37.22 -10.66 1.11
N ILE C 590 36.20 -10.55 1.97
CA ILE C 590 35.34 -9.39 2.01
C ILE C 590 35.31 -8.87 3.44
N THR C 591 35.73 -7.62 3.61
CA THR C 591 35.66 -6.94 4.89
C THR C 591 34.60 -5.84 4.83
N PRO C 592 33.69 -5.76 5.80
CA PRO C 592 32.60 -4.79 5.69
C PRO C 592 33.14 -3.36 5.67
N CYS C 593 32.39 -2.49 5.01
CA CYS C 593 32.72 -1.08 5.00
C CYS C 593 32.96 -0.58 6.42
N SER C 594 34.16 -0.07 6.67
CA SER C 594 34.49 0.39 8.01
C SER C 594 33.52 1.47 8.46
N PHE C 595 32.73 1.16 9.48
CA PHE C 595 31.76 2.09 10.04
C PHE C 595 32.00 2.19 11.53
N GLY C 596 31.53 3.29 12.12
CA GLY C 596 31.68 3.49 13.55
C GLY C 596 30.79 4.62 14.02
N GLY C 597 30.68 4.76 15.33
CA GLY C 597 29.98 5.86 15.94
C GLY C 597 30.95 6.99 16.25
N VAL C 598 30.44 8.21 16.26
CA VAL C 598 31.24 9.40 16.53
C VAL C 598 30.79 9.98 17.85
N SER C 599 31.75 10.22 18.73
CA SER C 599 31.50 10.89 20.00
C SER C 599 32.35 12.14 20.06
N VAL C 600 31.86 13.14 20.79
CA VAL C 600 32.56 14.40 20.95
C VAL C 600 32.91 14.58 22.41
N ILE C 601 34.11 15.07 22.68
CA ILE C 601 34.56 15.40 24.02
C ILE C 601 34.58 16.90 24.16
N THR C 602 33.84 17.42 25.14
CA THR C 602 33.73 18.84 25.34
C THR C 602 33.97 19.18 26.80
N PRO C 603 34.78 20.19 27.10
CA PRO C 603 34.92 20.63 28.50
C PRO C 603 33.62 21.18 29.06
N GLY C 604 32.68 21.56 28.22
CA GLY C 604 31.45 22.18 28.67
C GLY C 604 31.34 23.61 28.21
N THR C 605 30.24 23.95 27.54
CA THR C 605 30.09 25.30 26.99
C THR C 605 30.20 26.36 28.07
N ASN C 606 29.92 26.00 29.32
CA ASN C 606 30.13 26.93 30.43
C ASN C 606 31.60 27.34 30.52
N THR C 607 32.51 26.46 30.09
CA THR C 607 33.94 26.77 30.10
C THR C 607 34.40 27.32 28.76
N SER C 608 34.23 26.55 27.69
CA SER C 608 34.66 26.98 26.37
C SER C 608 33.90 26.18 25.32
N ASN C 609 33.95 26.68 24.08
CA ASN C 609 33.29 26.04 22.95
C ASN C 609 34.23 25.16 22.14
N GLN C 610 35.34 24.74 22.74
CA GLN C 610 36.27 23.85 22.07
C GLN C 610 35.84 22.40 22.27
N VAL C 611 36.14 21.55 21.27
CA VAL C 611 35.73 20.16 21.30
C VAL C 611 36.73 19.29 20.56
N ALA C 612 36.78 18.03 20.95
CA ALA C 612 37.50 16.99 20.24
C ALA C 612 36.52 15.86 19.92
N VAL C 613 36.81 15.13 18.85
CA VAL C 613 35.89 14.14 18.31
C VAL C 613 36.60 12.79 18.27
N LEU C 614 35.87 11.74 18.68
CA LEU C 614 36.38 10.38 18.70
C LEU C 614 35.62 9.54 17.68
N TYR C 615 36.34 8.78 16.87
CA TYR C 615 35.75 7.84 15.95
C TYR C 615 35.96 6.43 16.48
N GLN C 616 34.87 5.67 16.59
CA GLN C 616 34.87 4.40 17.29
C GLN C 616 35.50 3.31 16.43
N GLY C 617 36.54 2.68 16.95
CA GLY C 617 37.07 1.47 16.34
C GLY C 617 37.88 1.66 15.07
N VAL C 618 37.73 2.81 14.41
CA VAL C 618 38.34 2.97 13.11
C VAL C 618 39.85 3.09 13.25
N ASN C 619 40.58 2.24 12.53
CA ASN C 619 41.99 2.51 12.30
C ASN C 619 42.10 3.87 11.64
N CYS C 620 42.84 4.76 12.29
CA CYS C 620 42.61 6.17 12.01
C CYS C 620 43.04 6.59 10.61
N THR C 621 43.58 5.66 9.80
CA THR C 621 44.08 6.02 8.47
C THR C 621 42.98 6.50 7.54
N GLU C 622 41.73 6.08 7.77
CA GLU C 622 40.66 6.32 6.80
C GLU C 622 39.62 7.33 7.29
N VAL C 623 40.01 8.26 8.15
CA VAL C 623 39.12 9.38 8.50
C VAL C 623 39.27 10.42 7.41
N PRO C 624 38.23 11.20 7.08
CA PRO C 624 38.34 12.23 6.05
C PRO C 624 39.50 13.20 6.30
N GLY C 642 43.85 22.38 14.74
CA GLY C 642 43.27 21.12 15.16
C GLY C 642 43.78 19.94 14.37
N SER C 643 45.08 19.97 14.04
CA SER C 643 45.69 18.92 13.23
C SER C 643 46.16 17.74 14.07
N ASN C 644 46.07 17.80 15.39
CA ASN C 644 46.50 16.69 16.23
C ASN C 644 45.56 15.51 16.06
N VAL C 645 46.14 14.34 15.78
CA VAL C 645 45.39 13.11 15.59
C VAL C 645 46.10 11.99 16.32
N PHE C 646 45.35 11.16 17.03
CA PHE C 646 45.92 10.24 18.01
C PHE C 646 45.10 8.97 18.01
N GLN C 647 45.76 7.83 17.79
CA GLN C 647 45.08 6.54 17.73
C GLN C 647 45.10 5.89 19.11
N THR C 648 43.92 5.50 19.59
CA THR C 648 43.79 4.79 20.85
C THR C 648 43.22 3.40 20.60
N ARG C 649 43.29 2.56 21.64
CA ARG C 649 42.75 1.22 21.53
C ARG C 649 41.23 1.23 21.31
N ALA C 650 40.58 2.35 21.56
CA ALA C 650 39.13 2.47 21.40
C ALA C 650 38.76 3.17 20.09
N GLY C 651 39.60 4.08 19.62
CA GLY C 651 39.32 4.82 18.40
C GLY C 651 40.38 5.86 18.13
N CYS C 652 40.11 6.72 17.14
CA CYS C 652 41.02 7.79 16.74
C CYS C 652 40.51 9.09 17.34
N LEU C 653 41.36 9.77 18.10
CA LEU C 653 41.03 11.08 18.65
C LEU C 653 41.56 12.17 17.74
N ILE C 654 40.74 13.20 17.55
CA ILE C 654 41.09 14.37 16.76
C ILE C 654 40.86 15.61 17.59
N GLY C 655 41.85 16.48 17.63
CA GLY C 655 41.74 17.70 18.39
C GLY C 655 42.15 17.59 19.86
N ALA C 656 42.83 16.51 20.24
CA ALA C 656 43.31 16.33 21.59
C ALA C 656 44.81 16.11 21.56
N GLU C 657 45.53 16.79 22.45
CA GLU C 657 46.97 16.67 22.54
C GLU C 657 47.32 15.52 23.47
N HIS C 658 48.09 14.55 22.96
CA HIS C 658 48.48 13.39 23.75
C HIS C 658 49.68 13.75 24.61
N VAL C 659 49.58 13.49 25.91
CA VAL C 659 50.59 13.90 26.87
C VAL C 659 51.03 12.70 27.69
N ASN C 660 52.20 12.82 28.31
CA ASN C 660 52.72 11.74 29.15
C ASN C 660 52.20 11.83 30.57
N ASN C 661 52.12 13.05 31.12
CA ASN C 661 51.82 13.24 32.53
C ASN C 661 50.42 12.70 32.82
N SER C 662 50.35 11.62 33.58
CA SER C 662 49.09 10.96 33.88
C SER C 662 48.38 11.69 35.01
N TYR C 663 47.16 12.12 34.76
CA TYR C 663 46.33 12.75 35.79
C TYR C 663 45.15 11.85 36.14
N GLU C 664 44.39 12.29 37.14
CA GLU C 664 43.15 11.60 37.46
C GLU C 664 42.15 11.80 36.33
N CYS C 665 41.26 10.83 36.16
CA CYS C 665 40.32 10.87 35.05
C CYS C 665 39.18 11.84 35.31
N ASP C 666 38.75 12.52 34.25
CA ASP C 666 37.56 13.37 34.30
C ASP C 666 36.58 13.08 33.18
N ILE C 667 37.06 12.75 32.00
CA ILE C 667 36.21 12.35 30.87
C ILE C 667 36.73 11.01 30.36
N PRO C 668 36.00 9.91 30.56
CA PRO C 668 36.53 8.59 30.19
C PRO C 668 36.40 8.35 28.69
N ILE C 669 37.55 8.24 28.02
CA ILE C 669 37.54 7.90 26.60
C ILE C 669 37.32 6.40 26.43
N GLY C 670 38.15 5.59 27.08
CA GLY C 670 38.05 4.15 26.95
C GLY C 670 39.42 3.51 26.91
N ALA C 671 39.51 2.25 27.34
CA ALA C 671 40.77 1.51 27.33
C ALA C 671 41.84 2.25 28.12
N GLY C 672 41.43 2.88 29.21
CA GLY C 672 42.37 3.54 30.10
C GLY C 672 42.78 4.93 29.70
N ILE C 673 42.15 5.51 28.68
CA ILE C 673 42.46 6.86 28.23
C ILE C 673 41.38 7.80 28.74
N CYS C 674 41.78 9.03 29.07
CA CYS C 674 40.84 10.05 29.50
C CYS C 674 41.22 11.38 28.85
N ALA C 675 40.23 12.26 28.71
CA ALA C 675 40.44 13.57 28.11
C ALA C 675 40.08 14.66 29.12
N SER C 676 40.79 15.79 29.04
CA SER C 676 40.61 16.85 30.02
C SER C 676 40.98 18.18 29.39
N TYR C 677 40.60 19.26 30.08
CA TYR C 677 40.92 20.62 29.67
C TYR C 677 41.97 21.19 30.60
N GLN C 678 43.04 21.75 30.02
CA GLN C 678 44.18 22.18 30.79
C GLN C 678 44.71 23.49 30.24
N THR C 679 45.44 24.22 31.10
CA THR C 679 46.16 25.40 30.65
C THR C 679 47.41 24.99 29.89
N GLN C 680 47.79 25.79 28.90
CA GLN C 680 48.96 25.50 28.09
C GLN C 680 49.63 26.80 27.66
N SER C 692 47.15 28.74 25.16
CA SER C 692 46.72 29.13 26.49
C SER C 692 45.89 28.03 27.13
N GLN C 693 44.91 27.53 26.38
CA GLN C 693 44.05 26.44 26.83
C GLN C 693 43.95 25.41 25.72
N SER C 694 43.84 24.13 26.11
CA SER C 694 43.81 23.05 25.13
C SER C 694 43.14 21.84 25.75
N ILE C 695 42.78 20.88 24.90
CA ILE C 695 42.24 19.60 25.32
C ILE C 695 43.33 18.55 25.20
N ILE C 696 43.52 17.77 26.24
CA ILE C 696 44.59 16.79 26.30
C ILE C 696 43.99 15.40 26.48
N ALA C 697 44.70 14.40 25.97
CA ALA C 697 44.37 13.00 26.19
C ALA C 697 45.55 12.33 26.87
N TYR C 698 45.27 11.55 27.91
CA TYR C 698 46.32 11.00 28.74
C TYR C 698 45.86 9.67 29.31
N THR C 699 46.82 8.85 29.72
CA THR C 699 46.55 7.58 30.37
C THR C 699 46.23 7.86 31.83
N MET C 700 45.03 7.48 32.26
CA MET C 700 44.58 7.81 33.60
C MET C 700 45.46 7.15 34.64
N SER C 701 45.69 7.86 35.74
CA SER C 701 46.45 7.36 36.86
C SER C 701 45.48 6.90 37.95
N LEU C 702 45.73 5.71 38.49
CA LEU C 702 44.80 5.13 39.45
C LEU C 702 44.83 5.82 40.80
N GLY C 703 45.96 6.40 41.19
CA GLY C 703 46.04 7.09 42.45
C GLY C 703 47.47 7.42 42.79
N ALA C 704 47.64 8.05 43.94
CA ALA C 704 48.95 8.42 44.44
C ALA C 704 49.57 7.22 45.16
N GLU C 705 50.68 6.74 44.62
CA GLU C 705 51.33 5.53 45.13
C GLU C 705 51.87 5.78 46.52
N ASN C 706 51.71 4.80 47.40
CA ASN C 706 52.07 4.92 48.82
C ASN C 706 52.76 3.63 49.24
N SER C 707 54.08 3.68 49.38
CA SER C 707 54.86 2.53 49.82
C SER C 707 54.90 2.53 51.34
N VAL C 708 53.85 1.96 51.94
CA VAL C 708 53.77 1.89 53.38
C VAL C 708 54.96 1.10 53.91
N ALA C 709 55.57 1.61 54.98
CA ALA C 709 56.86 1.11 55.45
C ALA C 709 56.70 -0.12 56.35
N TYR C 710 56.46 -1.26 55.71
CA TYR C 710 56.34 -2.51 56.44
C TYR C 710 57.67 -2.90 57.05
N SER C 711 57.61 -3.45 58.26
CA SER C 711 58.78 -4.01 58.93
C SER C 711 58.28 -5.03 59.93
N ASN C 712 59.06 -6.09 60.13
CA ASN C 712 58.53 -7.19 60.91
C ASN C 712 58.58 -6.94 62.42
N ASN C 713 58.85 -5.71 62.86
CA ASN C 713 58.78 -5.41 64.28
C ASN C 713 58.23 -4.02 64.58
N SER C 714 57.68 -3.31 63.60
CA SER C 714 57.22 -1.94 63.79
C SER C 714 55.73 -1.86 63.58
N ILE C 715 55.07 -1.02 64.38
CA ILE C 715 53.64 -0.79 64.28
C ILE C 715 53.38 0.70 64.37
N ALA C 716 52.39 1.18 63.63
CA ALA C 716 51.98 2.58 63.67
C ALA C 716 50.62 2.68 64.32
N ILE C 717 50.49 3.59 65.28
CA ILE C 717 49.26 3.77 66.04
C ILE C 717 48.83 5.22 65.90
N PRO C 718 47.53 5.51 65.78
CA PRO C 718 47.10 6.91 65.67
C PRO C 718 47.06 7.62 67.01
N ILE C 719 47.61 8.83 67.08
CA ILE C 719 47.61 9.58 68.33
C ILE C 719 46.49 10.60 68.40
N ASN C 720 45.64 10.69 67.39
CA ASN C 720 44.56 11.66 67.35
C ASN C 720 43.53 11.16 66.35
N PHE C 721 42.33 11.73 66.42
CA PHE C 721 41.22 11.26 65.62
C PHE C 721 40.50 12.44 65.02
N THR C 722 39.78 12.19 63.93
CA THR C 722 38.87 13.16 63.34
C THR C 722 37.50 12.51 63.16
N ILE C 723 36.46 13.27 63.46
CA ILE C 723 35.09 12.82 63.31
C ILE C 723 34.51 13.50 62.08
N SER C 724 34.23 12.72 61.05
CA SER C 724 33.78 13.24 59.77
C SER C 724 32.40 12.69 59.48
N VAL C 725 31.52 13.59 59.01
CA VAL C 725 30.14 13.24 58.69
C VAL C 725 30.02 13.15 57.19
N THR C 726 29.67 11.96 56.69
CA THR C 726 29.55 11.69 55.27
C THR C 726 28.08 11.53 54.93
N THR C 727 27.71 11.96 53.73
CA THR C 727 26.31 11.96 53.30
C THR C 727 26.11 10.95 52.19
N GLU C 728 24.99 10.23 52.25
CA GLU C 728 24.67 9.20 51.27
C GLU C 728 23.23 9.39 50.83
N ILE C 729 23.00 9.37 49.52
CA ILE C 729 21.68 9.59 48.93
C ILE C 729 21.23 8.30 48.25
N LEU C 730 20.00 7.89 48.52
CA LEU C 730 19.43 6.70 47.92
C LEU C 730 18.01 6.98 47.45
N PRO C 731 17.67 6.65 46.21
CA PRO C 731 16.27 6.74 45.80
C PRO C 731 15.41 5.73 46.55
N VAL C 732 14.19 6.10 46.90
CA VAL C 732 13.30 5.22 47.64
C VAL C 732 11.96 5.02 46.94
N SER C 733 11.63 5.85 45.96
CA SER C 733 10.32 5.78 45.32
C SER C 733 10.41 6.45 43.97
N MET C 734 9.30 6.39 43.23
CA MET C 734 9.19 7.11 41.97
C MET C 734 7.71 7.36 41.71
N THR C 735 7.44 8.35 40.86
CA THR C 735 6.07 8.78 40.64
C THR C 735 5.21 7.62 40.19
N LYS C 736 3.99 7.57 40.70
CA LYS C 736 3.04 6.50 40.41
C LYS C 736 2.16 6.95 39.25
N THR C 737 2.34 6.34 38.09
CA THR C 737 1.59 6.69 36.91
C THR C 737 0.52 5.64 36.63
N SER C 738 -0.46 6.03 35.83
CA SER C 738 -1.47 5.12 35.33
C SER C 738 -1.96 5.65 33.99
N VAL C 739 -2.53 4.77 33.18
CA VAL C 739 -2.94 5.12 31.82
C VAL C 739 -4.29 4.49 31.53
N ASP C 740 -5.18 5.28 30.94
CA ASP C 740 -6.42 4.76 30.36
C ASP C 740 -6.04 4.17 29.00
N CYS C 741 -5.81 2.86 28.98
CA CYS C 741 -5.32 2.22 27.76
C CYS C 741 -6.18 2.60 26.56
N THR C 742 -7.50 2.49 26.70
CA THR C 742 -8.37 2.81 25.57
C THR C 742 -8.24 4.27 25.17
N MET C 743 -8.23 5.18 26.15
CA MET C 743 -8.13 6.59 25.80
C MET C 743 -6.80 6.93 25.18
N TYR C 744 -5.70 6.38 25.71
CA TYR C 744 -4.40 6.66 25.12
C TYR C 744 -4.32 6.14 23.70
N ILE C 745 -4.64 4.86 23.51
CA ILE C 745 -4.52 4.29 22.17
C ILE C 745 -5.41 5.05 21.20
N CYS C 746 -6.65 5.30 21.58
CA CYS C 746 -7.51 6.16 20.76
C CYS C 746 -8.67 6.65 21.62
N GLY C 747 -8.77 7.95 21.78
CA GLY C 747 -9.81 8.51 22.60
C GLY C 747 -11.05 8.80 21.78
N ASP C 748 -12.17 8.98 22.47
CA ASP C 748 -13.42 9.47 21.89
C ASP C 748 -13.72 8.88 20.50
N SER C 749 -13.09 7.77 20.12
CA SER C 749 -13.38 7.16 18.82
C SER C 749 -14.07 5.82 19.04
N THR C 750 -15.39 5.77 18.78
CA THR C 750 -16.10 4.51 18.95
C THR C 750 -15.62 3.46 17.96
N GLU C 751 -15.32 3.88 16.72
CA GLU C 751 -14.83 2.93 15.74
C GLU C 751 -13.54 2.27 16.21
N CYS C 752 -12.57 3.08 16.62
CA CYS C 752 -11.30 2.52 17.08
C CYS C 752 -11.49 1.76 18.39
N SER C 753 -12.39 2.23 19.25
CA SER C 753 -12.65 1.50 20.49
C SER C 753 -13.11 0.08 20.18
N ASN C 754 -14.06 -0.07 19.25
CA ASN C 754 -14.48 -1.40 18.86
C ASN C 754 -13.34 -2.17 18.21
N LEU C 755 -12.61 -1.54 17.30
CA LEU C 755 -11.56 -2.24 16.60
C LEU C 755 -10.49 -2.74 17.55
N LEU C 756 -10.29 -2.04 18.66
CA LEU C 756 -9.36 -2.47 19.69
C LEU C 756 -9.98 -3.51 20.61
N LEU C 757 -11.31 -3.50 20.72
CA LEU C 757 -11.98 -4.43 21.62
C LEU C 757 -11.66 -5.87 21.25
N GLN C 758 -11.74 -6.20 19.98
CA GLN C 758 -11.45 -7.55 19.50
C GLN C 758 -9.96 -7.83 19.38
N TYR C 759 -9.12 -7.00 19.97
CA TYR C 759 -7.68 -7.19 19.90
C TYR C 759 -7.13 -7.96 21.10
N GLY C 760 -7.96 -8.23 22.09
CA GLY C 760 -7.54 -9.00 23.23
C GLY C 760 -7.68 -8.23 24.54
N SER C 761 -7.15 -8.83 25.60
CA SER C 761 -7.21 -8.25 26.93
C SER C 761 -5.91 -7.56 27.30
N PHE C 762 -5.25 -6.91 26.35
CA PHE C 762 -4.03 -6.18 26.67
C PHE C 762 -4.31 -5.04 27.64
N CYS C 763 -5.31 -4.21 27.32
CA CYS C 763 -5.58 -3.03 28.13
C CYS C 763 -5.83 -3.37 29.59
N THR C 764 -5.93 -4.65 29.95
CA THR C 764 -6.02 -5.03 31.35
C THR C 764 -4.64 -5.34 31.93
N GLN C 765 -3.79 -6.01 31.17
CA GLN C 765 -2.47 -6.37 31.69
C GLN C 765 -1.67 -5.13 32.02
N LEU C 766 -1.75 -4.10 31.17
CA LEU C 766 -0.94 -2.91 31.38
C LEU C 766 -1.38 -2.17 32.63
N ASN C 767 -2.69 -2.00 32.80
CA ASN C 767 -3.20 -1.35 33.99
C ASN C 767 -2.83 -2.16 35.23
N ARG C 768 -2.91 -3.48 35.13
CA ARG C 768 -2.55 -4.33 36.26
C ARG C 768 -1.08 -4.13 36.64
N ALA C 769 -0.19 -4.12 35.66
CA ALA C 769 1.24 -3.96 35.94
C ALA C 769 1.51 -2.60 36.56
N LEU C 770 0.92 -1.55 36.00
CA LEU C 770 1.16 -0.22 36.55
C LEU C 770 0.60 -0.08 37.96
N THR C 771 -0.56 -0.67 38.23
CA THR C 771 -1.11 -0.65 39.58
C THR C 771 -0.21 -1.40 40.54
N GLY C 772 0.32 -2.54 40.12
CA GLY C 772 1.30 -3.23 40.96
C GLY C 772 2.49 -2.36 41.25
N ILE C 773 2.99 -1.64 40.25
CA ILE C 773 4.14 -0.76 40.48
C ILE C 773 3.78 0.33 41.48
N ALA C 774 2.60 0.91 41.37
CA ALA C 774 2.21 1.99 42.28
C ALA C 774 2.13 1.47 43.71
N VAL C 775 1.48 0.32 43.90
CA VAL C 775 1.39 -0.25 45.25
C VAL C 775 2.78 -0.55 45.78
N GLU C 776 3.67 -1.00 44.90
CA GLU C 776 5.04 -1.27 45.33
C GLU C 776 5.74 0.00 45.77
N GLN C 777 5.49 1.13 45.10
CA GLN C 777 6.08 2.38 45.56
C GLN C 777 5.59 2.73 46.96
N ASP C 778 4.29 2.58 47.19
CA ASP C 778 3.77 2.83 48.54
C ASP C 778 4.47 1.93 49.55
N LYS C 779 4.62 0.65 49.22
CA LYS C 779 5.29 -0.28 50.11
C LYS C 779 6.74 0.12 50.36
N ASN C 780 7.41 0.62 49.31
CA ASN C 780 8.80 1.04 49.46
C ASN C 780 8.91 2.15 50.50
N THR C 781 8.10 3.20 50.34
CA THR C 781 8.19 4.30 51.29
C THR C 781 7.85 3.83 52.70
N GLN C 782 6.79 3.03 52.84
CA GLN C 782 6.42 2.55 54.17
C GLN C 782 7.54 1.72 54.78
N GLU C 783 8.16 0.86 53.98
CA GLU C 783 9.22 -0.01 54.48
C GLU C 783 10.42 0.78 54.94
N VAL C 784 10.81 1.81 54.18
CA VAL C 784 12.00 2.56 54.56
C VAL C 784 11.74 3.40 55.79
N PHE C 785 10.61 4.10 55.83
CA PHE C 785 10.45 5.12 56.87
C PHE C 785 9.68 4.61 58.08
N ALA C 786 8.57 3.91 57.85
CA ALA C 786 7.72 3.49 58.96
C ALA C 786 8.32 2.35 59.77
N GLN C 787 9.42 2.61 60.47
CA GLN C 787 10.03 1.59 61.32
C GLN C 787 9.76 1.84 62.78
N VAL C 788 9.61 3.11 63.17
CA VAL C 788 9.30 3.43 64.56
C VAL C 788 7.84 3.14 64.83
N LYS C 789 7.55 2.64 66.03
CA LYS C 789 6.18 2.38 66.43
C LYS C 789 5.55 3.58 67.11
N GLN C 790 6.28 4.25 67.99
CA GLN C 790 5.81 5.44 68.68
C GLN C 790 6.55 6.65 68.15
N ILE C 791 5.81 7.72 67.86
CA ILE C 791 6.37 8.94 67.30
C ILE C 791 6.99 9.72 68.45
N TYR C 792 8.30 9.60 68.63
CA TYR C 792 8.99 10.34 69.66
C TYR C 792 9.14 11.80 69.26
N LYS C 793 9.49 12.63 70.23
CA LYS C 793 9.70 14.05 69.97
C LYS C 793 10.81 14.57 70.88
N THR C 794 11.59 15.50 70.35
CA THR C 794 12.76 15.99 71.05
C THR C 794 12.33 16.79 72.28
N PRO C 795 13.11 16.74 73.36
CA PRO C 795 12.80 17.59 74.51
C PRO C 795 12.97 19.05 74.14
N PRO C 796 12.19 19.93 74.77
CA PRO C 796 12.34 21.36 74.45
C PRO C 796 13.73 21.91 74.70
N ILE C 797 14.42 21.43 75.73
CA ILE C 797 15.72 21.96 76.14
C ILE C 797 16.82 21.11 75.53
N LYS C 798 17.95 21.74 75.22
CA LYS C 798 18.95 21.17 74.33
C LYS C 798 20.32 21.02 75.00
N ASP C 799 20.35 20.46 76.21
CA ASP C 799 21.63 20.18 76.87
C ASP C 799 22.20 18.87 76.37
N PHE C 800 22.55 18.80 75.08
CA PHE C 800 23.18 17.60 74.53
C PHE C 800 24.68 17.63 74.65
N GLY C 801 25.20 17.88 75.85
CA GLY C 801 26.63 17.78 76.09
C GLY C 801 27.49 18.60 75.16
N GLY C 802 26.95 19.68 74.60
CA GLY C 802 27.68 20.51 73.67
C GLY C 802 27.45 20.18 72.21
N PHE C 803 26.96 18.99 71.90
CA PHE C 803 26.59 18.67 70.53
C PHE C 803 25.43 19.57 70.10
N ASN C 804 25.38 19.86 68.81
CA ASN C 804 24.43 20.83 68.27
C ASN C 804 23.75 20.24 67.05
N PHE C 805 22.53 19.74 67.23
CA PHE C 805 21.77 19.12 66.15
C PHE C 805 20.79 20.07 65.50
N SER C 806 20.84 21.37 65.81
CA SER C 806 19.89 22.30 65.24
C SER C 806 19.85 22.21 63.72
N GLN C 807 20.97 21.88 63.10
CA GLN C 807 21.04 21.75 61.66
C GLN C 807 20.19 20.62 61.11
N ILE C 808 19.85 19.61 61.92
CA ILE C 808 19.14 18.44 61.43
C ILE C 808 17.81 18.26 62.16
N LEU C 809 17.62 18.98 63.24
CA LEU C 809 16.34 18.85 63.94
C LEU C 809 15.29 19.74 63.29
N PRO C 810 14.02 19.35 63.37
CA PRO C 810 12.97 20.13 62.69
C PRO C 810 12.93 21.56 63.20
N ASP C 811 12.69 22.50 62.28
CA ASP C 811 12.66 23.91 62.61
C ASP C 811 11.25 24.32 63.03
N PRO C 812 11.04 24.72 64.29
CA PRO C 812 9.67 25.09 64.71
C PRO C 812 9.10 26.24 63.89
N SER C 813 9.92 27.22 63.52
CA SER C 813 9.41 28.40 62.84
C SER C 813 8.88 28.10 61.45
N LYS C 814 9.40 27.06 60.80
CA LYS C 814 9.01 26.81 59.41
C LYS C 814 7.59 26.26 59.34
N PRO C 815 6.80 26.69 58.35
CA PRO C 815 5.47 26.09 58.18
C PRO C 815 5.52 24.58 57.94
N SER C 816 6.52 24.12 57.19
CA SER C 816 6.61 22.70 56.86
C SER C 816 7.25 21.87 57.97
N LYS C 817 7.88 22.51 58.96
CA LYS C 817 8.55 21.83 60.06
C LYS C 817 9.70 20.96 59.57
N ARG C 818 10.18 21.20 58.36
CA ARG C 818 11.33 20.46 57.87
C ARG C 818 12.61 21.00 58.51
N SER C 819 13.62 20.15 58.57
CA SER C 819 14.78 20.37 59.43
C SER C 819 15.92 21.06 58.69
N PHE C 820 15.68 22.25 58.18
CA PHE C 820 16.76 23.10 57.72
C PHE C 820 17.52 22.48 56.56
N ILE C 821 18.28 21.41 56.81
CA ILE C 821 18.93 20.70 55.70
C ILE C 821 17.89 20.11 54.77
N GLU C 822 16.83 19.54 55.32
CA GLU C 822 15.77 18.98 54.48
C GLU C 822 15.22 20.05 53.54
N ASP C 823 15.11 21.28 54.02
CA ASP C 823 14.68 22.37 53.14
C ASP C 823 15.68 22.60 52.02
N LEU C 824 16.98 22.55 52.33
CA LEU C 824 17.99 22.70 51.29
C LEU C 824 17.86 21.61 50.25
N LEU C 825 17.60 20.37 50.68
CA LEU C 825 17.41 19.28 49.74
C LEU C 825 16.19 19.53 48.86
N PHE C 826 15.06 19.89 49.48
CA PHE C 826 13.84 20.08 48.71
C PHE C 826 13.95 21.23 47.73
N ASN C 827 14.73 22.25 48.07
CA ASN C 827 14.88 23.38 47.16
C ASN C 827 15.79 23.05 45.99
N LYS C 828 16.80 22.20 46.21
CA LYS C 828 17.77 21.92 45.15
C LYS C 828 17.16 21.10 44.02
N VAL C 829 16.37 20.08 44.34
CA VAL C 829 15.80 19.23 43.32
C VAL C 829 14.79 20.02 42.50
N THR C 830 14.73 19.74 41.21
CA THR C 830 13.79 20.39 40.31
C THR C 830 12.35 20.12 40.75
N ALA C 848 0.79 18.39 38.76
CA ALA C 848 1.58 18.39 39.99
C ALA C 848 0.68 18.37 41.22
N ALA C 849 -0.53 18.90 41.08
CA ALA C 849 -1.48 19.03 42.19
C ALA C 849 -0.91 19.91 43.30
N ARG C 850 0.03 20.78 42.96
CA ARG C 850 0.68 21.63 43.96
C ARG C 850 -0.32 22.59 44.60
N ASP C 851 -1.15 23.24 43.78
CA ASP C 851 -2.16 24.18 44.25
C ASP C 851 -3.57 23.68 44.01
N LEU C 852 -3.92 23.36 42.76
CA LEU C 852 -5.18 22.72 42.43
C LEU C 852 -4.89 21.48 41.62
N ILE C 853 -5.76 20.47 41.77
CA ILE C 853 -5.49 19.18 41.15
C ILE C 853 -5.50 19.34 39.64
N CYS C 854 -4.31 19.18 39.02
CA CYS C 854 -4.21 19.29 37.57
C CYS C 854 -3.29 18.22 36.97
N ALA C 855 -3.08 17.10 37.66
CA ALA C 855 -2.19 16.05 37.18
C ALA C 855 -2.89 15.19 36.12
N GLN C 856 -3.09 15.79 34.94
CA GLN C 856 -3.72 15.10 33.83
C GLN C 856 -3.25 15.71 32.53
N LYS C 857 -3.40 14.94 31.45
CA LYS C 857 -3.10 15.42 30.11
C LYS C 857 -4.20 14.97 29.17
N PHE C 858 -4.08 15.42 27.92
CA PHE C 858 -5.14 15.22 26.93
C PHE C 858 -5.28 13.76 26.53
N ASN C 859 -4.36 12.91 26.99
CA ASN C 859 -4.23 11.56 26.44
C ASN C 859 -4.17 10.49 27.54
N GLY C 860 -5.02 10.59 28.54
CA GLY C 860 -5.25 9.47 29.44
C GLY C 860 -4.12 9.13 30.38
N LEU C 861 -3.10 9.98 30.47
CA LEU C 861 -1.98 9.75 31.38
C LEU C 861 -2.19 10.55 32.65
N THR C 862 -2.22 9.86 33.79
CA THR C 862 -2.48 10.48 35.07
C THR C 862 -1.46 10.00 36.09
N VAL C 863 -1.16 10.85 37.06
CA VAL C 863 -0.20 10.56 38.11
C VAL C 863 -0.95 10.47 39.42
N LEU C 864 -0.71 9.40 40.17
CA LEU C 864 -1.40 9.20 41.43
C LEU C 864 -0.58 9.77 42.58
N PRO C 865 -1.19 10.27 43.63
CA PRO C 865 -0.44 10.84 44.74
C PRO C 865 0.06 9.75 45.67
N PRO C 866 1.20 9.94 46.33
CA PRO C 866 1.69 8.93 47.26
C PRO C 866 0.84 8.86 48.51
N LEU C 867 0.84 7.69 49.13
CA LEU C 867 0.03 7.51 50.34
C LEU C 867 0.48 8.44 51.45
N LEU C 868 1.79 8.59 51.62
CA LEU C 868 2.35 9.46 52.64
C LEU C 868 2.77 10.79 52.02
N THR C 869 2.22 11.88 52.54
CA THR C 869 2.63 13.19 52.10
C THR C 869 3.97 13.56 52.73
N ASP C 870 4.63 14.57 52.15
CA ASP C 870 5.95 14.94 52.64
C ASP C 870 5.92 15.30 54.12
N GLU C 871 4.81 15.84 54.61
CA GLU C 871 4.73 16.13 56.04
C GLU C 871 4.82 14.86 56.87
N MET C 872 4.19 13.78 56.43
CA MET C 872 4.27 12.53 57.17
C MET C 872 5.68 11.96 57.14
N ILE C 873 6.35 12.03 55.99
CA ILE C 873 7.73 11.56 55.93
C ILE C 873 8.61 12.39 56.86
N ALA C 874 8.39 13.70 56.89
CA ALA C 874 9.16 14.56 57.78
C ALA C 874 8.90 14.21 59.24
N GLN C 875 7.65 13.93 59.60
CA GLN C 875 7.36 13.52 60.96
C GLN C 875 8.05 12.20 61.29
N TYR C 876 8.06 11.26 60.36
CA TYR C 876 8.74 9.99 60.61
C TYR C 876 10.22 10.20 60.85
N THR C 877 10.86 11.01 60.01
CA THR C 877 12.29 11.25 60.20
C THR C 877 12.56 12.02 61.48
N SER C 878 11.65 12.93 61.86
CA SER C 878 11.81 13.63 63.13
C SER C 878 11.70 12.67 64.30
N ALA C 879 10.77 11.71 64.22
CA ALA C 879 10.66 10.71 65.27
C ALA C 879 11.93 9.89 65.36
N LEU C 880 12.48 9.48 64.22
CA LEU C 880 13.72 8.73 64.24
C LEU C 880 14.86 9.55 64.83
N LEU C 881 14.95 10.84 64.47
CA LEU C 881 15.98 11.70 65.03
C LEU C 881 15.84 11.81 66.55
N ALA C 882 14.61 12.04 67.03
CA ALA C 882 14.40 12.18 68.47
C ALA C 882 14.75 10.90 69.19
N GLY C 883 14.34 9.76 68.64
CA GLY C 883 14.68 8.49 69.26
C GLY C 883 16.17 8.27 69.32
N THR C 884 16.87 8.56 68.21
CA THR C 884 18.31 8.36 68.18
C THR C 884 19.00 9.27 69.18
N ILE C 885 18.56 10.52 69.28
CA ILE C 885 19.23 11.48 70.14
C ILE C 885 19.01 11.14 71.61
N THR C 886 17.77 10.85 71.99
CA THR C 886 17.48 10.66 73.41
C THR C 886 17.78 9.24 73.86
N SER C 887 17.26 8.24 73.15
CA SER C 887 17.29 6.88 73.64
C SER C 887 18.46 6.06 73.11
N GLY C 888 19.12 6.52 72.05
CA GLY C 888 20.21 5.76 71.48
C GLY C 888 19.70 4.71 70.51
N TRP C 889 20.27 3.50 70.59
CA TRP C 889 19.79 2.42 69.73
C TRP C 889 18.76 1.54 70.42
N THR C 890 18.38 1.87 71.66
CA THR C 890 17.45 1.02 72.39
C THR C 890 16.06 1.06 71.77
N PHE C 891 15.61 2.23 71.31
CA PHE C 891 14.25 2.33 70.82
C PHE C 891 14.02 1.46 69.59
N GLY C 892 15.08 1.00 68.93
CA GLY C 892 14.92 0.11 67.81
C GLY C 892 14.74 -1.34 68.19
N ALA C 893 14.83 -1.66 69.47
CA ALA C 893 14.72 -3.03 69.97
C ALA C 893 13.53 -3.25 70.88
N GLY C 894 13.30 -2.36 71.84
CA GLY C 894 12.18 -2.50 72.76
C GLY C 894 11.70 -1.15 73.23
N ALA C 895 11.42 -1.02 74.53
CA ALA C 895 11.04 0.26 75.07
C ALA C 895 12.18 1.25 74.94
N ALA C 896 11.86 2.49 74.60
CA ALA C 896 12.89 3.51 74.41
C ALA C 896 13.42 3.97 75.76
N LEU C 897 14.69 3.70 76.00
CA LEU C 897 15.34 4.01 77.28
C LEU C 897 16.18 5.26 77.09
N GLN C 898 15.84 6.33 77.80
CA GLN C 898 16.61 7.55 77.68
C GLN C 898 17.99 7.38 78.31
N ILE C 899 18.94 8.15 77.81
CA ILE C 899 20.32 8.11 78.30
C ILE C 899 21.02 9.37 77.85
N PRO C 900 21.85 10.01 78.68
CA PRO C 900 22.48 11.25 78.26
C PRO C 900 23.28 11.05 76.97
N PHE C 901 23.12 11.98 76.04
CA PHE C 901 23.70 11.77 74.72
C PHE C 901 25.22 11.64 74.80
N ALA C 902 25.86 12.41 75.68
CA ALA C 902 27.29 12.21 75.89
C ALA C 902 27.58 10.75 76.20
N MET C 903 26.69 10.11 76.96
CA MET C 903 26.90 8.71 77.30
C MET C 903 26.62 7.78 76.11
N GLN C 904 25.66 8.13 75.25
CA GLN C 904 25.49 7.35 74.03
C GLN C 904 26.76 7.38 73.19
N MET C 905 27.35 8.56 73.04
CA MET C 905 28.58 8.64 72.27
C MET C 905 29.70 7.90 72.97
N ALA C 906 29.70 7.88 74.30
CA ALA C 906 30.69 7.07 75.01
C ALA C 906 30.54 5.61 74.67
N TYR C 907 29.31 5.10 74.63
CA TYR C 907 29.11 3.68 74.36
C TYR C 907 29.31 3.35 72.89
N ARG C 908 29.10 4.32 72.00
CA ARG C 908 29.37 4.08 70.59
C ARG C 908 30.86 4.09 70.31
N PHE C 909 31.61 4.92 71.04
CA PHE C 909 33.06 4.83 70.97
C PHE C 909 33.52 3.46 71.42
N ASN C 910 32.97 2.95 72.52
CA ASN C 910 33.34 1.64 73.00
C ASN C 910 33.02 0.57 71.98
N GLY C 911 32.05 0.82 71.11
CA GLY C 911 31.71 -0.16 70.08
C GLY C 911 32.82 -0.35 69.07
N ILE C 912 33.42 0.75 68.60
CA ILE C 912 34.44 0.63 67.58
C ILE C 912 35.73 0.07 68.16
N GLY C 913 35.93 0.22 69.48
CA GLY C 913 37.07 -0.38 70.13
C GLY C 913 38.02 0.60 70.79
N VAL C 914 37.49 1.74 71.23
CA VAL C 914 38.25 2.72 71.99
C VAL C 914 37.58 2.90 73.34
N THR C 915 38.35 2.85 74.41
CA THR C 915 37.80 2.94 75.75
C THR C 915 36.97 4.20 75.89
N GLN C 916 36.10 4.21 76.90
CA GLN C 916 35.21 5.33 77.11
C GLN C 916 35.98 6.62 77.42
N ASN C 917 37.04 6.52 78.21
CA ASN C 917 37.72 7.72 78.67
C ASN C 917 38.19 8.58 77.50
N VAL C 918 38.42 7.97 76.34
CA VAL C 918 38.86 8.74 75.19
C VAL C 918 37.84 9.78 74.79
N LEU C 919 36.57 9.56 75.13
CA LEU C 919 35.55 10.55 74.79
C LEU C 919 35.49 11.67 75.82
N TYR C 920 35.19 11.32 77.07
CA TYR C 920 34.88 12.33 78.08
C TYR C 920 35.98 13.39 78.15
N GLU C 921 37.24 12.97 78.04
CA GLU C 921 38.32 13.94 78.08
C GLU C 921 38.33 14.81 76.83
N ASN C 922 37.98 14.24 75.69
CA ASN C 922 37.96 15.01 74.45
C ASN C 922 36.56 15.51 74.10
N GLN C 923 35.61 15.38 75.01
CA GLN C 923 34.23 15.74 74.69
C GLN C 923 34.12 17.15 74.15
N LYS C 924 34.88 18.08 74.73
CA LYS C 924 34.84 19.46 74.28
C LYS C 924 35.28 19.55 72.82
N LEU C 925 36.35 18.85 72.46
CA LEU C 925 36.86 18.91 71.10
C LEU C 925 35.98 18.11 70.14
N ILE C 926 35.45 16.97 70.60
CA ILE C 926 34.61 16.14 69.75
C ILE C 926 33.33 16.89 69.39
N ALA C 927 32.77 17.63 70.34
CA ALA C 927 31.57 18.40 70.04
C ALA C 927 31.84 19.42 68.95
N ASN C 928 32.96 20.13 69.03
CA ASN C 928 33.30 21.10 68.01
C ASN C 928 33.49 20.44 66.65
N GLN C 929 34.18 19.29 66.62
CA GLN C 929 34.38 18.61 65.36
C GLN C 929 33.04 18.21 64.75
N PHE C 930 32.14 17.67 65.58
CA PHE C 930 30.82 17.27 65.10
C PHE C 930 30.07 18.47 64.52
N ASN C 931 30.01 19.57 65.26
CA ASN C 931 29.24 20.72 64.79
C ASN C 931 29.83 21.29 63.52
N SER C 932 31.15 21.42 63.46
CA SER C 932 31.77 21.95 62.25
C SER C 932 31.51 21.05 61.06
N ALA C 933 31.56 19.73 61.26
CA ALA C 933 31.30 18.81 60.16
C ALA C 933 29.86 18.96 59.66
N ILE C 934 28.91 19.12 60.57
CA ILE C 934 27.52 19.29 60.15
C ILE C 934 27.37 20.57 59.32
N GLY C 935 27.95 21.67 59.80
CA GLY C 935 27.91 22.89 59.03
C GLY C 935 28.56 22.73 57.66
N LYS C 936 29.65 21.96 57.62
CA LYS C 936 30.33 21.70 56.36
C LYS C 936 29.43 20.94 55.41
N ILE C 937 28.64 20.00 55.92
CA ILE C 937 27.69 19.29 55.06
C ILE C 937 26.66 20.25 54.51
N GLN C 938 26.14 21.13 55.35
CA GLN C 938 25.20 22.14 54.84
C GLN C 938 25.81 22.89 53.67
N ASP C 939 27.02 23.42 53.87
CA ASP C 939 27.66 24.21 52.83
C ASP C 939 27.92 23.37 51.58
N SER C 940 28.40 22.13 51.75
CA SER C 940 28.70 21.29 50.61
C SER C 940 27.46 21.01 49.78
N LEU C 941 26.35 20.69 50.45
CA LEU C 941 25.11 20.48 49.71
C LEU C 941 24.67 21.74 49.00
N SER C 942 24.82 22.91 49.63
CA SER C 942 24.46 24.16 48.97
C SER C 942 25.32 24.39 47.73
N SER C 943 26.62 24.07 47.82
CA SER C 943 27.54 24.48 46.76
C SER C 943 27.61 23.45 45.64
N THR C 944 27.86 22.18 45.97
CA THR C 944 28.05 21.17 44.93
C THR C 944 26.80 21.08 44.06
N ALA C 945 27.01 20.90 42.76
CA ALA C 945 25.90 20.89 41.81
C ALA C 945 25.32 19.50 41.64
N SER C 946 26.18 18.50 41.44
CA SER C 946 25.74 17.15 41.16
C SER C 946 25.56 16.29 42.41
N ALA C 947 25.41 16.92 43.58
CA ALA C 947 25.31 16.15 44.82
C ALA C 947 24.10 15.23 44.78
N LEU C 948 22.93 15.77 44.41
CA LEU C 948 21.69 15.03 44.43
C LEU C 948 21.40 14.34 43.10
N GLY C 949 22.42 14.02 42.32
CA GLY C 949 22.18 13.47 41.00
C GLY C 949 21.35 12.21 41.02
N LYS C 950 21.47 11.40 42.07
CA LYS C 950 20.80 10.11 42.08
C LYS C 950 19.28 10.26 42.07
N LEU C 951 18.75 11.20 42.85
CA LEU C 951 17.31 11.47 42.81
C LEU C 951 16.95 12.24 41.54
N GLN C 952 17.76 13.24 41.21
CA GLN C 952 17.51 14.03 40.01
C GLN C 952 17.44 13.13 38.79
N ASP C 953 18.28 12.09 38.73
CA ASP C 953 18.28 11.25 37.55
C ASP C 953 17.03 10.40 37.48
N VAL C 954 16.49 9.92 38.61
CA VAL C 954 15.27 9.14 38.53
C VAL C 954 14.10 10.02 38.10
N VAL C 955 14.01 11.23 38.64
CA VAL C 955 12.92 12.11 38.20
C VAL C 955 13.08 12.43 36.71
N ASN C 956 14.30 12.70 36.27
CA ASN C 956 14.53 12.98 34.86
C ASN C 956 14.16 11.79 33.99
N GLN C 957 14.53 10.58 34.42
CA GLN C 957 14.24 9.39 33.63
C GLN C 957 12.74 9.18 33.51
N ASN C 958 12.00 9.36 34.61
CA ASN C 958 10.56 9.19 34.54
C ASN C 958 9.93 10.24 33.62
N ALA C 959 10.35 11.51 33.75
CA ALA C 959 9.81 12.53 32.87
C ALA C 959 10.14 12.23 31.42
N GLN C 960 11.35 11.76 31.16
CA GLN C 960 11.73 11.40 29.80
C GLN C 960 10.86 10.28 29.26
N ALA C 961 10.61 9.27 30.07
CA ALA C 961 9.75 8.17 29.64
C ALA C 961 8.37 8.67 29.28
N LEU C 962 7.78 9.49 30.15
CA LEU C 962 6.44 9.99 29.87
C LEU C 962 6.43 10.84 28.60
N ASN C 963 7.42 11.72 28.44
CA ASN C 963 7.44 12.58 27.27
C ASN C 963 7.59 11.77 25.99
N THR C 964 8.48 10.78 25.98
CA THR C 964 8.61 9.93 24.81
C THR C 964 7.32 9.18 24.53
N LEU C 965 6.62 8.76 25.59
CA LEU C 965 5.34 8.11 25.39
C LEU C 965 4.34 9.04 24.73
N VAL C 966 4.25 10.28 25.20
CA VAL C 966 3.27 11.21 24.65
C VAL C 966 3.68 11.64 23.25
N LYS C 967 4.95 11.98 23.05
CA LYS C 967 5.40 12.39 21.73
C LYS C 967 5.17 11.28 20.72
N GLN C 968 5.06 10.04 21.19
CA GLN C 968 4.88 8.93 20.26
C GLN C 968 3.52 8.99 19.58
N LEU C 969 2.54 9.62 20.22
CA LEU C 969 1.21 9.70 19.62
C LEU C 969 1.26 10.37 18.26
N SER C 970 2.10 11.39 18.11
CA SER C 970 2.22 12.10 16.84
C SER C 970 2.90 11.27 15.77
N SER C 971 3.47 10.12 16.12
CA SER C 971 4.12 9.29 15.12
C SER C 971 3.08 8.69 14.18
N ASN C 972 3.53 8.33 12.98
CA ASN C 972 2.63 7.87 11.93
C ASN C 972 2.49 6.35 11.88
N PHE C 973 3.56 5.61 12.12
CA PHE C 973 3.54 4.15 12.09
C PHE C 973 3.10 3.62 10.74
N GLY C 974 3.32 4.38 9.67
CA GLY C 974 2.98 3.93 8.34
C GLY C 974 1.56 4.19 7.92
N ALA C 975 0.71 4.71 8.80
CA ALA C 975 -0.63 5.09 8.41
C ALA C 975 -0.59 6.38 7.59
N ILE C 976 -1.71 6.69 6.93
CA ILE C 976 -1.77 7.89 6.11
C ILE C 976 -1.81 9.17 6.93
N SER C 977 -2.11 9.09 8.22
CA SER C 977 -2.15 10.26 9.07
C SER C 977 -2.00 9.82 10.52
N SER C 978 -1.76 10.80 11.38
CA SER C 978 -1.51 10.53 12.80
C SER C 978 -2.70 10.83 13.71
N VAL C 979 -3.84 11.21 13.15
CA VAL C 979 -5.01 11.59 13.94
C VAL C 979 -6.16 10.65 13.59
N LEU C 980 -6.79 10.09 14.62
CA LEU C 980 -7.91 9.18 14.39
C LEU C 980 -9.03 9.87 13.62
N ASN C 981 -9.47 11.03 14.11
CA ASN C 981 -10.58 11.71 13.47
C ASN C 981 -10.24 12.11 12.03
N ASP C 982 -9.00 12.53 11.79
CA ASP C 982 -8.59 12.84 10.42
C ASP C 982 -8.79 11.64 9.51
N ILE C 983 -8.27 10.48 9.90
CA ILE C 983 -8.38 9.29 9.06
C ILE C 983 -9.85 8.93 8.85
N LEU C 984 -10.62 8.92 9.93
CA LEU C 984 -12.04 8.60 9.80
C LEU C 984 -12.73 9.56 8.85
N ALA C 985 -12.31 10.82 8.82
CA ALA C 985 -12.96 11.81 7.98
C ALA C 985 -12.59 11.62 6.51
N ARG C 986 -11.31 11.34 6.23
CA ARG C 986 -10.84 11.46 4.85
C ARG C 986 -11.01 10.16 4.06
N LEU C 987 -11.15 9.02 4.72
CA LEU C 987 -11.29 7.75 4.03
C LEU C 987 -12.58 7.02 4.42
N ASP C 988 -12.88 5.99 3.63
CA ASP C 988 -14.09 5.22 3.83
C ASP C 988 -13.92 4.21 4.97
N PRO C 989 -15.01 3.65 5.47
CA PRO C 989 -14.93 2.83 6.70
C PRO C 989 -13.93 1.70 6.59
N PRO C 990 -13.90 0.94 5.49
CA PRO C 990 -12.96 -0.20 5.46
C PRO C 990 -11.51 0.22 5.28
N GLU C 991 -11.26 1.18 4.39
CA GLU C 991 -9.90 1.69 4.26
C GLU C 991 -9.45 2.36 5.54
N ALA C 992 -10.35 3.08 6.21
CA ALA C 992 -10.03 3.62 7.52
C ALA C 992 -9.67 2.50 8.49
N GLU C 993 -10.47 1.43 8.51
CA GLU C 993 -10.21 0.33 9.42
C GLU C 993 -8.80 -0.21 9.21
N VAL C 994 -8.43 -0.46 7.95
CA VAL C 994 -7.08 -1.00 7.73
C VAL C 994 -6.03 0.04 8.09
N GLN C 995 -6.30 1.33 7.86
CA GLN C 995 -5.36 2.36 8.29
C GLN C 995 -5.33 2.49 9.80
N ILE C 996 -6.52 2.52 10.43
CA ILE C 996 -6.58 2.65 11.89
C ILE C 996 -5.84 1.52 12.55
N ASP C 997 -5.95 0.31 11.99
CA ASP C 997 -5.28 -0.83 12.59
C ASP C 997 -3.79 -0.58 12.75
N ARG C 998 -3.17 0.06 11.76
CA ARG C 998 -1.74 0.33 11.85
C ARG C 998 -1.43 1.27 13.00
N LEU C 999 -2.28 2.27 13.23
CA LEU C 999 -2.06 3.16 14.36
C LEU C 999 -2.23 2.43 15.67
N ILE C 1000 -3.24 1.56 15.78
CA ILE C 1000 -3.47 0.86 17.03
C ILE C 1000 -2.26 0.02 17.40
N THR C 1001 -1.74 -0.73 16.42
CA THR C 1001 -0.61 -1.59 16.70
C THR C 1001 0.60 -0.79 17.16
N GLY C 1002 0.89 0.31 16.48
CA GLY C 1002 2.04 1.12 16.88
C GLY C 1002 1.87 1.72 18.26
N ARG C 1003 0.71 2.31 18.52
CA ARG C 1003 0.45 2.91 19.82
C ARG C 1003 0.57 1.85 20.91
N LEU C 1004 -0.01 0.69 20.68
CA LEU C 1004 0.01 -0.37 21.69
C LEU C 1004 1.42 -0.88 21.91
N GLN C 1005 2.21 -1.02 20.85
CA GLN C 1005 3.59 -1.46 21.02
C GLN C 1005 4.39 -0.44 21.82
N SER C 1006 4.18 0.84 21.54
CA SER C 1006 4.84 1.87 22.34
C SER C 1006 4.45 1.77 23.80
N LEU C 1007 3.17 1.52 24.06
CA LEU C 1007 2.72 1.40 25.45
C LEU C 1007 3.33 0.16 26.11
N GLN C 1008 3.46 -0.93 25.36
CA GLN C 1008 4.15 -2.11 25.91
C GLN C 1008 5.57 -1.79 26.28
N THR C 1009 6.28 -1.09 25.40
CA THR C 1009 7.66 -0.72 25.70
C THR C 1009 7.73 0.14 26.95
N TYR C 1010 6.81 1.09 27.07
CA TYR C 1010 6.81 1.95 28.25
C TYR C 1010 6.57 1.13 29.51
N VAL C 1011 5.61 0.20 29.47
CA VAL C 1011 5.31 -0.58 30.66
C VAL C 1011 6.50 -1.45 31.04
N THR C 1012 7.15 -2.07 30.06
CA THR C 1012 8.30 -2.91 30.38
C THR C 1012 9.44 -2.08 30.96
N GLN C 1013 9.69 -0.91 30.38
CA GLN C 1013 10.73 -0.05 30.94
C GLN C 1013 10.40 0.34 32.37
N GLN C 1014 9.13 0.66 32.63
CA GLN C 1014 8.73 1.00 33.98
C GLN C 1014 8.94 -0.18 34.92
N LEU C 1015 8.63 -1.39 34.48
CA LEU C 1015 8.83 -2.55 35.34
C LEU C 1015 10.30 -2.73 35.68
N ILE C 1016 11.18 -2.59 34.68
CA ILE C 1016 12.61 -2.73 34.93
C ILE C 1016 13.07 -1.66 35.92
N ARG C 1017 12.68 -0.41 35.67
CA ARG C 1017 13.09 0.68 36.54
C ARG C 1017 12.56 0.49 37.94
N ALA C 1018 11.33 0.01 38.07
CA ALA C 1018 10.76 -0.23 39.39
C ALA C 1018 11.49 -1.35 40.10
N ALA C 1019 11.96 -2.36 39.37
CA ALA C 1019 12.76 -3.40 40.00
C ALA C 1019 14.04 -2.82 40.59
N GLU C 1020 14.74 -1.99 39.81
CA GLU C 1020 15.97 -1.42 40.36
C GLU C 1020 15.69 -0.45 41.50
N ILE C 1021 14.59 0.30 41.43
CA ILE C 1021 14.23 1.19 42.53
C ILE C 1021 13.85 0.39 43.76
N ARG C 1022 13.23 -0.76 43.59
CA ARG C 1022 12.92 -1.60 44.73
C ARG C 1022 14.19 -2.13 45.38
N ALA C 1023 15.16 -2.51 44.56
CA ALA C 1023 16.45 -2.90 45.12
C ALA C 1023 17.07 -1.76 45.91
N SER C 1024 17.01 -0.55 45.36
CA SER C 1024 17.55 0.61 46.07
C SER C 1024 16.78 0.86 47.36
N ALA C 1025 15.46 0.73 47.34
CA ALA C 1025 14.67 0.95 48.54
C ALA C 1025 14.95 -0.10 49.60
N ASN C 1026 15.15 -1.34 49.19
CA ASN C 1026 15.53 -2.37 50.15
C ASN C 1026 16.89 -2.08 50.77
N LEU C 1027 17.85 -1.63 49.96
CA LEU C 1027 19.14 -1.24 50.53
C LEU C 1027 18.97 -0.07 51.49
N ALA C 1028 18.13 0.89 51.15
CA ALA C 1028 17.91 2.03 52.03
C ALA C 1028 17.27 1.60 53.33
N ALA C 1029 16.31 0.68 53.27
CA ALA C 1029 15.69 0.16 54.48
C ALA C 1029 16.70 -0.56 55.35
N THR C 1030 17.58 -1.37 54.74
CA THR C 1030 18.62 -2.01 55.52
C THR C 1030 19.53 -0.98 56.17
N LYS C 1031 19.94 0.04 55.42
CA LYS C 1031 20.80 1.06 56.01
C LYS C 1031 20.11 1.76 57.16
N MET C 1032 18.85 2.14 57.00
CA MET C 1032 18.12 2.74 58.11
C MET C 1032 18.14 1.81 59.31
N SER C 1033 17.69 0.58 59.12
CA SER C 1033 17.51 -0.34 60.24
C SER C 1033 18.82 -0.59 60.96
N GLU C 1034 19.93 -0.65 60.22
CA GLU C 1034 21.19 -1.05 60.82
C GLU C 1034 21.94 0.14 61.38
N CYS C 1035 22.14 1.18 60.57
CA CYS C 1035 23.01 2.28 60.98
C CYS C 1035 22.26 3.36 61.74
N VAL C 1036 20.99 3.58 61.44
CA VAL C 1036 20.22 4.58 62.18
C VAL C 1036 19.77 4.01 63.51
N LEU C 1037 19.12 2.85 63.48
CA LEU C 1037 18.57 2.24 64.68
C LEU C 1037 19.61 1.44 65.48
N GLY C 1038 20.84 1.37 65.00
CA GLY C 1038 21.89 0.64 65.71
C GLY C 1038 23.24 1.19 65.36
N GLN C 1039 24.26 0.34 65.43
CA GLN C 1039 25.61 0.72 65.02
C GLN C 1039 26.20 -0.46 64.29
N SER C 1040 26.52 -0.29 63.02
CA SER C 1040 26.92 -1.37 62.15
C SER C 1040 28.42 -1.57 62.20
N LYS C 1041 28.85 -2.81 62.38
CA LYS C 1041 30.26 -3.16 62.27
C LYS C 1041 30.65 -3.63 60.88
N ARG C 1042 29.72 -3.64 59.93
CA ARG C 1042 30.03 -3.99 58.55
C ARG C 1042 30.87 -2.86 57.97
N VAL C 1043 32.17 -3.12 57.82
CA VAL C 1043 33.08 -2.04 57.44
C VAL C 1043 32.69 -1.46 56.09
N ASP C 1044 32.67 -0.13 56.02
CA ASP C 1044 32.38 0.61 54.80
C ASP C 1044 30.93 0.52 54.38
N PHE C 1045 30.09 -0.16 55.16
CA PHE C 1045 28.67 -0.23 54.81
C PHE C 1045 28.01 1.13 54.98
N CYS C 1046 28.35 1.85 56.05
CA CYS C 1046 27.84 3.20 56.30
C CYS C 1046 29.03 4.15 56.47
N GLY C 1047 29.52 4.67 55.35
CA GLY C 1047 30.56 5.66 55.36
C GLY C 1047 31.93 5.07 55.64
N LYS C 1048 32.95 5.73 55.09
CA LYS C 1048 34.31 5.30 55.34
C LYS C 1048 34.73 5.62 56.77
N GLY C 1049 35.53 4.74 57.34
CA GLY C 1049 35.97 4.86 58.72
C GLY C 1049 35.04 4.10 59.65
N TYR C 1050 35.53 3.89 60.87
CA TYR C 1050 34.76 3.20 61.90
C TYR C 1050 33.47 3.98 62.16
N HIS C 1051 32.37 3.26 62.23
CA HIS C 1051 31.04 3.84 62.20
C HIS C 1051 30.56 4.21 63.58
N LEU C 1052 30.29 5.49 63.79
CA LEU C 1052 29.46 5.96 64.88
C LEU C 1052 28.03 6.08 64.36
N MET C 1053 27.18 6.69 65.16
CA MET C 1053 25.76 6.81 64.85
C MET C 1053 25.50 7.63 63.59
N SER C 1054 24.34 7.41 62.98
CA SER C 1054 23.94 8.06 61.74
C SER C 1054 22.56 8.69 61.88
N PHE C 1055 22.25 9.61 60.96
CA PHE C 1055 20.98 10.32 60.96
C PHE C 1055 20.28 10.18 59.61
N PRO C 1056 18.97 10.02 59.59
CA PRO C 1056 18.25 10.06 58.31
C PRO C 1056 17.74 11.45 57.97
N GLN C 1057 17.56 11.72 56.68
CA GLN C 1057 16.92 12.94 56.23
C GLN C 1057 16.04 12.60 55.03
N SER C 1058 14.95 13.33 54.88
CA SER C 1058 14.01 13.11 53.81
C SER C 1058 14.43 13.89 52.58
N ALA C 1059 13.96 13.45 51.41
CA ALA C 1059 14.25 14.13 50.16
C ALA C 1059 13.24 13.70 49.13
N PRO C 1060 13.05 14.45 48.07
CA PRO C 1060 12.09 14.06 47.04
C PRO C 1060 12.33 12.64 46.53
N HIS C 1061 11.40 11.73 46.82
CA HIS C 1061 11.49 10.36 46.33
C HIS C 1061 12.82 9.72 46.70
N GLY C 1062 13.31 10.00 47.90
CA GLY C 1062 14.58 9.45 48.32
C GLY C 1062 14.83 9.74 49.78
N VAL C 1063 15.91 9.18 50.30
CA VAL C 1063 16.32 9.37 51.68
C VAL C 1063 17.80 9.66 51.70
N VAL C 1064 18.19 10.61 52.55
CA VAL C 1064 19.58 11.04 52.68
C VAL C 1064 20.05 10.70 54.08
N PHE C 1065 21.17 9.99 54.18
CA PHE C 1065 21.77 9.64 55.46
C PHE C 1065 22.98 10.51 55.71
N LEU C 1066 23.19 10.85 56.98
CA LEU C 1066 24.39 11.56 57.41
C LEU C 1066 25.15 10.66 58.37
N HIS C 1067 26.09 9.89 57.84
CA HIS C 1067 26.87 8.95 58.63
C HIS C 1067 27.95 9.71 59.38
N VAL C 1068 28.06 9.44 60.67
CA VAL C 1068 29.13 9.97 61.51
C VAL C 1068 30.11 8.84 61.77
N THR C 1069 31.39 9.08 61.47
CA THR C 1069 32.38 8.03 61.52
C THR C 1069 33.64 8.54 62.23
N TYR C 1070 34.33 7.62 62.89
CA TYR C 1070 35.58 7.92 63.58
C TYR C 1070 36.73 7.56 62.67
N VAL C 1071 37.57 8.54 62.37
CA VAL C 1071 38.69 8.35 61.43
C VAL C 1071 39.99 8.70 62.13
N PRO C 1072 40.97 7.80 62.22
CA PRO C 1072 42.20 8.12 62.95
C PRO C 1072 43.06 9.17 62.29
N ALA C 1073 43.55 10.13 63.08
CA ALA C 1073 44.39 11.21 62.59
C ALA C 1073 45.86 10.85 62.71
N GLN C 1074 46.73 11.86 62.62
CA GLN C 1074 48.18 11.66 62.59
C GLN C 1074 48.61 10.48 63.42
N GLU C 1075 49.44 9.62 62.83
CA GLU C 1075 49.88 8.38 63.46
C GLU C 1075 51.39 8.41 63.67
N LYS C 1076 51.83 7.73 64.71
CA LYS C 1076 53.23 7.69 65.09
C LYS C 1076 53.75 6.27 65.02
N ASN C 1077 55.01 6.12 64.66
CA ASN C 1077 55.67 4.83 64.58
C ASN C 1077 55.99 4.31 65.97
N PHE C 1078 56.11 2.99 66.08
CA PHE C 1078 56.58 2.36 67.31
C PHE C 1078 57.19 1.02 66.97
N THR C 1079 57.97 0.50 67.90
CA THR C 1079 58.51 -0.85 67.83
C THR C 1079 57.64 -1.76 68.67
N THR C 1080 57.23 -2.89 68.10
CA THR C 1080 56.29 -3.78 68.75
C THR C 1080 56.87 -5.18 68.83
N ALA C 1081 56.48 -5.91 69.87
CA ALA C 1081 56.87 -7.29 70.05
C ALA C 1081 55.62 -8.12 70.33
N PRO C 1082 55.55 -9.35 69.83
CA PRO C 1082 54.33 -10.14 70.04
C PRO C 1082 53.98 -10.31 71.51
N ALA C 1083 55.00 -10.49 72.34
CA ALA C 1083 54.82 -10.68 73.76
C ALA C 1083 56.10 -10.26 74.44
N ILE C 1084 56.04 -10.05 75.74
CA ILE C 1084 57.23 -9.81 76.55
C ILE C 1084 57.21 -10.78 77.71
N CYS C 1085 58.33 -11.44 77.95
CA CYS C 1085 58.36 -12.47 78.96
C CYS C 1085 59.08 -12.00 80.20
N HIS C 1086 59.01 -12.82 81.23
CA HIS C 1086 59.23 -12.45 82.61
C HIS C 1086 59.83 -13.66 83.29
N ASP C 1087 59.63 -13.81 84.59
CA ASP C 1087 60.35 -14.86 85.30
C ASP C 1087 59.88 -16.21 84.79
N GLY C 1088 60.32 -16.57 83.58
CA GLY C 1088 60.06 -17.87 83.01
C GLY C 1088 58.84 -17.93 82.12
N LYS C 1089 57.93 -16.98 82.26
CA LYS C 1089 56.66 -17.05 81.57
C LYS C 1089 56.54 -15.92 80.55
N ALA C 1090 55.75 -16.17 79.51
CA ALA C 1090 55.50 -15.18 78.46
C ALA C 1090 54.15 -14.51 78.72
N HIS C 1091 54.13 -13.18 78.64
CA HIS C 1091 52.93 -12.40 78.89
C HIS C 1091 52.41 -11.83 77.58
N PHE C 1092 51.11 -11.99 77.35
CA PHE C 1092 50.46 -11.42 76.18
C PHE C 1092 49.49 -10.32 76.61
N PRO C 1093 49.24 -9.34 75.75
CA PRO C 1093 48.38 -8.23 76.17
C PRO C 1093 46.92 -8.62 76.23
N ARG C 1094 46.21 -8.20 77.27
CA ARG C 1094 44.81 -8.60 77.41
C ARG C 1094 43.99 -8.14 76.21
N GLU C 1095 43.83 -6.84 76.04
CA GLU C 1095 43.11 -6.29 74.90
C GLU C 1095 43.85 -5.06 74.36
N GLY C 1096 45.16 -5.19 74.24
CA GLY C 1096 45.97 -4.09 73.75
C GLY C 1096 47.05 -4.60 72.83
N VAL C 1097 48.14 -3.85 72.78
CA VAL C 1097 49.31 -4.21 71.99
C VAL C 1097 50.53 -3.62 72.65
N PHE C 1098 51.64 -4.35 72.58
CA PHE C 1098 52.89 -3.91 73.18
C PHE C 1098 53.60 -2.98 72.22
N VAL C 1099 53.97 -1.79 72.71
CA VAL C 1099 54.73 -0.83 71.92
C VAL C 1099 55.81 -0.25 72.83
N SER C 1100 56.86 0.28 72.21
CA SER C 1100 57.92 0.95 72.93
C SER C 1100 58.28 2.24 72.23
N ASN C 1101 58.51 3.30 73.00
CA ASN C 1101 58.93 4.57 72.44
C ASN C 1101 60.43 4.62 72.19
N GLY C 1102 61.08 3.47 72.10
CA GLY C 1102 62.50 3.36 71.89
C GLY C 1102 63.28 2.94 73.12
N THR C 1103 62.78 3.27 74.31
CA THR C 1103 63.45 2.92 75.55
C THR C 1103 62.60 2.12 76.51
N HIS C 1104 61.32 2.45 76.64
CA HIS C 1104 60.41 1.76 77.53
C HIS C 1104 59.32 1.08 76.72
N TRP C 1105 58.79 -0.02 77.24
CA TRP C 1105 57.66 -0.71 76.63
C TRP C 1105 56.37 -0.32 77.34
N PHE C 1106 55.27 -0.35 76.60
CA PHE C 1106 53.97 0.00 77.12
C PHE C 1106 52.91 -0.88 76.49
N VAL C 1107 51.77 -0.95 77.15
CA VAL C 1107 50.57 -1.56 76.61
C VAL C 1107 49.61 -0.44 76.24
N THR C 1108 49.03 -0.53 75.05
CA THR C 1108 48.12 0.50 74.59
C THR C 1108 47.02 -0.13 73.77
N GLN C 1109 45.83 0.48 73.83
CA GLN C 1109 44.76 0.05 72.95
C GLN C 1109 45.17 0.29 71.51
N ARG C 1110 44.69 -0.58 70.61
CA ARG C 1110 45.25 -0.62 69.27
C ARG C 1110 44.63 0.40 68.32
N ASN C 1111 43.68 1.21 68.77
CA ASN C 1111 43.05 2.21 67.92
C ASN C 1111 43.32 3.64 68.33
N PHE C 1112 44.05 3.86 69.43
CA PHE C 1112 44.31 5.22 69.90
C PHE C 1112 45.41 5.17 70.95
N TYR C 1113 46.39 6.05 70.83
CA TYR C 1113 47.62 5.93 71.63
C TYR C 1113 47.36 6.37 73.06
N GLU C 1114 47.36 5.40 73.98
CA GLU C 1114 47.30 5.67 75.42
C GLU C 1114 48.29 4.76 76.12
N PRO C 1115 49.57 5.11 76.17
CA PRO C 1115 50.55 4.21 76.78
C PRO C 1115 50.24 3.98 78.25
N GLN C 1116 50.43 2.74 78.69
CA GLN C 1116 50.24 2.37 80.08
C GLN C 1116 51.32 1.37 80.48
N ILE C 1117 51.80 1.50 81.71
CA ILE C 1117 52.80 0.56 82.21
C ILE C 1117 52.21 -0.85 82.18
N ILE C 1118 53.08 -1.82 81.95
CA ILE C 1118 52.65 -3.20 81.82
C ILE C 1118 52.54 -3.81 83.20
N THR C 1119 51.38 -4.38 83.52
CA THR C 1119 51.15 -4.98 84.81
C THR C 1119 50.51 -6.35 84.64
N THR C 1120 50.70 -7.21 85.64
CA THR C 1120 50.12 -8.54 85.58
C THR C 1120 48.60 -8.48 85.46
N HIS C 1121 47.98 -7.38 85.91
CA HIS C 1121 46.55 -7.19 85.71
C HIS C 1121 46.23 -6.72 84.30
N ASN C 1122 47.24 -6.34 83.53
CA ASN C 1122 47.08 -5.83 82.18
C ASN C 1122 47.39 -6.87 81.11
N THR C 1123 47.75 -8.09 81.51
CA THR C 1123 48.21 -9.11 80.58
C THR C 1123 47.80 -10.47 81.10
N PHE C 1124 47.75 -11.44 80.21
CA PHE C 1124 47.54 -12.83 80.59
C PHE C 1124 48.73 -13.66 80.14
N VAL C 1125 49.07 -14.67 80.94
CA VAL C 1125 50.33 -15.38 80.84
C VAL C 1125 50.04 -16.82 80.44
N SER C 1126 50.80 -17.33 79.48
CA SER C 1126 50.65 -18.73 79.06
C SER C 1126 51.92 -19.20 78.37
N GLY C 1127 52.64 -20.10 79.00
CA GLY C 1127 53.79 -20.73 78.37
C GLY C 1127 55.09 -20.00 78.61
N ASN C 1128 56.18 -20.75 78.47
CA ASN C 1128 57.52 -20.22 78.62
C ASN C 1128 57.95 -19.50 77.34
N CYS C 1129 58.92 -18.62 77.46
CA CYS C 1129 59.24 -17.71 76.35
C CYS C 1129 60.44 -18.23 75.56
N ASP C 1130 60.21 -19.37 74.91
CA ASP C 1130 61.05 -19.78 73.79
C ASP C 1130 60.24 -20.27 72.60
N VAL C 1131 58.98 -20.66 72.79
CA VAL C 1131 58.15 -21.07 71.66
C VAL C 1131 57.77 -19.88 70.80
N VAL C 1132 57.49 -18.74 71.43
CA VAL C 1132 57.13 -17.53 70.70
C VAL C 1132 58.39 -16.95 70.07
N ILE C 1133 58.27 -16.53 68.82
CA ILE C 1133 59.39 -15.97 68.06
C ILE C 1133 59.17 -14.48 67.91
N GLY C 1134 60.20 -13.70 68.18
CA GLY C 1134 60.08 -12.25 68.22
C GLY C 1134 59.82 -11.69 69.59
N ILE C 1135 59.98 -12.48 70.64
CA ILE C 1135 59.59 -12.12 71.99
C ILE C 1135 60.78 -11.48 72.70
N VAL C 1136 60.54 -10.35 73.35
CA VAL C 1136 61.56 -9.65 74.11
C VAL C 1136 61.35 -9.94 75.60
N ASN C 1137 62.39 -9.73 76.39
CA ASN C 1137 62.25 -9.73 77.84
C ASN C 1137 62.22 -8.29 78.37
N ASN C 1138 61.29 -8.04 79.26
CA ASN C 1138 61.16 -6.76 79.94
C ASN C 1138 60.33 -6.98 81.19
N THR C 1139 60.64 -6.25 82.25
CA THR C 1139 59.96 -6.48 83.51
C THR C 1139 58.48 -6.14 83.40
N VAL C 1140 57.66 -6.93 84.07
CA VAL C 1140 56.22 -6.71 84.16
C VAL C 1140 55.89 -6.35 85.60
N TYR C 1141 55.33 -5.17 85.80
CA TYR C 1141 55.03 -4.70 87.14
C TYR C 1141 53.91 -5.54 87.75
N ASP C 1142 53.82 -5.49 89.07
CA ASP C 1142 52.78 -6.20 89.81
C ASP C 1142 52.27 -5.31 90.94
N PRO C 1143 50.97 -5.03 91.01
CA PRO C 1143 50.48 -4.07 92.01
C PRO C 1143 50.53 -4.57 93.44
N LEU C 1144 50.74 -5.86 93.68
CA LEU C 1144 50.69 -6.37 95.06
C LEU C 1144 52.01 -6.23 95.80
N GLN C 1145 53.13 -6.09 95.11
CA GLN C 1145 54.40 -5.99 95.81
C GLN C 1145 54.44 -4.81 96.78
N PRO C 1146 54.01 -3.61 96.41
CA PRO C 1146 54.00 -2.52 97.40
C PRO C 1146 53.15 -2.83 98.62
N GLU C 1147 52.11 -3.65 98.45
CA GLU C 1147 51.16 -3.86 99.55
C GLU C 1147 51.67 -4.90 100.55
N LEU C 1148 52.73 -5.62 100.22
CA LEU C 1148 53.16 -6.73 101.07
C LEU C 1148 53.55 -6.27 102.47
N ASP C 1149 54.35 -5.19 102.56
CA ASP C 1149 54.83 -4.73 103.86
C ASP C 1149 54.55 -3.25 104.08
N SER C 1150 53.42 -2.75 103.60
CA SER C 1150 53.06 -1.35 103.76
C SER C 1150 52.20 -1.16 105.01
N ALA D 33 19.09 -59.50 -2.42
CA ALA D 33 19.99 -59.36 -1.24
C ALA D 33 19.91 -57.95 -0.67
N TYR D 34 20.29 -57.80 0.61
CA TYR D 34 20.24 -56.52 1.28
C TYR D 34 21.52 -56.28 2.06
N THR D 35 21.85 -55.01 2.26
CA THR D 35 22.99 -54.62 3.08
C THR D 35 22.65 -53.35 3.82
N ASN D 36 23.42 -53.04 4.85
CA ASN D 36 23.19 -51.88 5.69
C ASN D 36 24.23 -50.81 5.40
N SER D 37 23.76 -49.62 5.01
CA SER D 37 24.63 -48.49 4.70
C SER D 37 24.80 -47.67 5.97
N PHE D 38 26.01 -47.61 6.49
CA PHE D 38 26.23 -47.02 7.80
C PHE D 38 26.17 -45.51 7.75
N THR D 39 27.07 -44.87 7.01
CA THR D 39 27.13 -43.42 6.92
C THR D 39 27.46 -42.97 5.50
N ARG D 40 27.20 -43.83 4.52
CA ARG D 40 27.47 -43.48 3.13
C ARG D 40 26.34 -42.63 2.59
N GLY D 41 26.64 -41.87 1.54
CA GLY D 41 25.62 -41.13 0.83
C GLY D 41 25.40 -39.70 1.28
N VAL D 42 26.34 -39.11 2.00
CA VAL D 42 26.26 -37.70 2.33
C VAL D 42 27.02 -36.89 1.28
N TYR D 43 26.49 -35.72 0.95
CA TYR D 43 27.04 -34.92 -0.14
C TYR D 43 26.93 -33.45 0.23
N TYR D 44 27.77 -32.63 -0.39
CA TYR D 44 27.74 -31.21 -0.13
C TYR D 44 26.43 -30.61 -0.64
N PRO D 45 25.52 -30.22 0.25
CA PRO D 45 24.21 -29.74 -0.23
C PRO D 45 24.30 -28.51 -1.10
N ASP D 46 25.30 -27.65 -0.91
CA ASP D 46 25.39 -26.41 -1.67
C ASP D 46 26.85 -26.08 -1.93
N LYS D 47 27.05 -25.23 -2.93
CA LYS D 47 28.40 -24.83 -3.34
C LYS D 47 28.89 -23.64 -2.55
N VAL D 48 29.13 -23.82 -1.25
CA VAL D 48 29.67 -22.77 -0.40
C VAL D 48 30.81 -23.34 0.42
N PHE D 49 31.64 -22.46 0.97
CA PHE D 49 32.79 -22.85 1.76
C PHE D 49 32.57 -22.46 3.21
N ARG D 50 32.79 -23.41 4.11
CA ARG D 50 32.64 -23.18 5.54
C ARG D 50 33.83 -23.82 6.24
N SER D 51 34.38 -23.13 7.23
CA SER D 51 35.62 -23.54 7.87
C SER D 51 35.38 -23.82 9.34
N SER D 52 35.70 -25.03 9.77
CA SER D 52 35.71 -25.39 11.19
C SER D 52 34.42 -25.00 11.89
N VAL D 53 33.29 -25.25 11.22
CA VAL D 53 31.97 -24.96 11.78
C VAL D 53 31.05 -26.12 11.51
N LEU D 54 29.96 -26.17 12.27
CA LEU D 54 28.92 -27.19 12.11
C LEU D 54 27.71 -26.53 11.48
N HIS D 55 27.14 -27.19 10.48
CA HIS D 55 25.99 -26.67 9.76
C HIS D 55 24.88 -27.72 9.73
N SER D 56 23.65 -27.25 9.93
CA SER D 56 22.47 -28.10 9.95
C SER D 56 21.61 -27.77 8.74
N THR D 57 21.23 -28.80 7.99
CA THR D 57 20.50 -28.60 6.74
C THR D 57 19.36 -29.59 6.64
N GLN D 58 18.32 -29.20 5.91
CA GLN D 58 17.19 -30.08 5.59
C GLN D 58 17.25 -30.37 4.10
N ASP D 59 17.73 -31.56 3.75
CA ASP D 59 17.86 -31.93 2.35
C ASP D 59 17.63 -33.43 2.23
N LEU D 60 17.40 -33.87 1.00
CA LEU D 60 17.07 -35.26 0.73
C LEU D 60 18.35 -36.08 0.83
N PHE D 61 18.59 -36.63 2.01
CA PHE D 61 19.73 -37.51 2.27
C PHE D 61 19.29 -38.97 2.33
N LEU D 62 20.28 -39.84 2.36
CA LEU D 62 20.03 -41.25 2.63
C LEU D 62 20.21 -41.51 4.12
N PRO D 63 19.17 -41.90 4.85
CA PRO D 63 19.30 -42.02 6.31
C PRO D 63 20.43 -42.95 6.70
N PHE D 64 21.06 -42.64 7.83
CA PHE D 64 22.13 -43.48 8.32
C PHE D 64 21.61 -44.87 8.68
N PHE D 65 22.50 -45.85 8.60
CA PHE D 65 22.19 -47.23 8.95
C PHE D 65 20.87 -47.64 8.30
N SER D 66 20.82 -47.49 6.99
CA SER D 66 19.62 -47.74 6.22
C SER D 66 19.69 -49.09 5.53
N ASN D 67 18.61 -49.44 4.85
CA ASN D 67 18.41 -50.77 4.28
C ASN D 67 18.38 -50.61 2.77
N VAL D 68 19.47 -51.01 2.11
CA VAL D 68 19.67 -50.80 0.69
C VAL D 68 19.65 -52.13 -0.03
N THR D 69 18.93 -52.19 -1.16
CA THR D 69 18.90 -53.40 -1.96
C THR D 69 20.26 -53.67 -2.56
N TRP D 70 20.54 -54.95 -2.82
CA TRP D 70 21.81 -55.38 -3.37
C TRP D 70 21.53 -56.32 -4.53
N PHE D 71 22.15 -56.04 -5.68
CA PHE D 71 21.85 -56.73 -6.92
C PHE D 71 23.10 -57.37 -7.50
N HIS D 72 22.90 -58.19 -8.52
CA HIS D 72 23.99 -58.74 -9.32
C HIS D 72 24.30 -57.81 -10.48
N ASN D 85 14.75 -59.02 -14.79
CA ASN D 85 15.94 -58.18 -14.82
C ASN D 85 15.62 -56.82 -14.19
N PRO D 86 16.66 -56.12 -13.71
CA PRO D 86 16.43 -54.98 -12.82
C PRO D 86 15.94 -53.75 -13.56
N VAL D 87 14.72 -53.32 -13.20
CA VAL D 87 14.22 -51.98 -13.48
C VAL D 87 13.61 -51.46 -12.19
N LEU D 88 14.04 -50.27 -11.77
CA LEU D 88 13.76 -49.82 -10.42
C LEU D 88 13.00 -48.50 -10.43
N PRO D 89 12.24 -48.20 -9.38
CA PRO D 89 11.46 -46.95 -9.37
C PRO D 89 12.34 -45.74 -9.06
N PHE D 90 11.69 -44.57 -9.09
CA PHE D 90 12.33 -43.30 -8.81
C PHE D 90 11.23 -42.26 -8.64
N ASN D 91 11.34 -41.46 -7.59
CA ASN D 91 10.41 -40.35 -7.43
C ASN D 91 11.12 -39.01 -7.21
N ASP D 92 12.13 -39.01 -6.34
CA ASP D 92 12.81 -37.77 -5.98
C ASP D 92 14.32 -37.87 -6.12
N GLY D 93 14.88 -39.03 -5.78
CA GLY D 93 16.31 -39.22 -5.88
C GLY D 93 16.67 -40.63 -5.48
N VAL D 94 17.89 -41.02 -5.84
CA VAL D 94 18.37 -42.37 -5.57
C VAL D 94 19.89 -42.33 -5.38
N TYR D 95 20.37 -43.17 -4.49
CA TYR D 95 21.79 -43.33 -4.24
C TYR D 95 22.26 -44.63 -4.90
N PHE D 96 23.43 -44.58 -5.53
CA PHE D 96 23.96 -45.72 -6.27
C PHE D 96 25.44 -45.89 -5.99
N ALA D 97 25.84 -47.14 -5.73
CA ALA D 97 27.24 -47.50 -5.55
C ALA D 97 27.49 -48.81 -6.26
N SER D 98 28.73 -49.02 -6.72
CA SER D 98 29.02 -50.18 -7.54
C SER D 98 30.40 -50.74 -7.20
N THR D 99 30.59 -52.02 -7.53
CA THR D 99 31.88 -52.68 -7.37
C THR D 99 32.77 -52.36 -8.56
N GLU D 100 34.07 -52.22 -8.30
CA GLU D 100 34.99 -51.76 -9.34
C GLU D 100 35.69 -52.94 -10.01
N LYS D 101 35.89 -54.04 -9.28
CA LYS D 101 36.76 -55.11 -9.77
C LYS D 101 36.38 -55.57 -11.17
N SER D 102 35.17 -56.09 -11.34
CA SER D 102 34.77 -56.72 -12.58
C SER D 102 34.47 -55.73 -13.71
N ASN D 103 34.11 -54.50 -13.37
CA ASN D 103 33.92 -53.45 -14.37
C ASN D 103 32.80 -53.80 -15.34
N ILE D 104 32.61 -52.96 -16.36
CA ILE D 104 31.61 -53.16 -17.40
C ILE D 104 30.22 -53.06 -16.81
N ILE D 105 29.90 -51.89 -16.25
CA ILE D 105 28.53 -51.52 -15.94
C ILE D 105 28.22 -50.30 -16.79
N ARG D 106 28.98 -49.23 -16.58
CA ARG D 106 29.21 -48.16 -17.54
C ARG D 106 27.92 -47.46 -18.00
N GLY D 107 26.99 -47.16 -17.12
CA GLY D 107 25.92 -46.27 -17.51
C GLY D 107 24.67 -46.45 -16.70
N TRP D 108 23.71 -45.58 -16.98
CA TRP D 108 22.38 -45.61 -16.38
C TRP D 108 21.38 -45.12 -17.41
N ILE D 109 20.11 -45.40 -17.18
CA ILE D 109 19.01 -44.93 -18.02
C ILE D 109 17.89 -44.46 -17.12
N PHE D 110 17.33 -43.29 -17.41
CA PHE D 110 16.28 -42.69 -16.60
C PHE D 110 15.17 -42.20 -17.52
N GLY D 111 13.94 -42.27 -17.04
CA GLY D 111 12.82 -41.76 -17.81
C GLY D 111 11.50 -42.19 -17.20
N THR D 112 10.51 -41.30 -17.30
CA THR D 112 9.16 -41.60 -16.83
C THR D 112 8.37 -42.42 -17.83
N THR D 113 8.81 -42.50 -19.08
CA THR D 113 8.14 -43.28 -20.11
C THR D 113 9.18 -44.07 -20.89
N LEU D 114 8.75 -45.19 -21.44
CA LEU D 114 9.61 -45.99 -22.31
C LEU D 114 8.82 -46.50 -23.50
N ASP D 115 7.88 -45.69 -23.98
CA ASP D 115 7.06 -46.02 -25.14
C ASP D 115 7.08 -44.88 -26.15
N SER D 116 8.27 -44.33 -26.39
CA SER D 116 8.45 -43.27 -27.39
C SER D 116 7.57 -42.06 -27.08
N LYS D 117 7.55 -41.65 -25.81
CA LYS D 117 6.84 -40.45 -25.40
C LYS D 117 7.72 -39.63 -24.47
N THR D 118 7.65 -38.31 -24.62
CA THR D 118 8.37 -37.37 -23.74
C THR D 118 9.86 -37.62 -23.94
N GLN D 119 10.67 -37.52 -22.88
CA GLN D 119 12.12 -37.65 -22.99
C GLN D 119 12.61 -38.66 -21.96
N SER D 120 13.90 -38.93 -22.01
CA SER D 120 14.52 -39.89 -21.09
C SER D 120 16.02 -39.72 -21.16
N LEU D 121 16.65 -39.49 -20.00
CA LEU D 121 18.09 -39.29 -19.96
C LEU D 121 18.81 -40.62 -20.09
N LEU D 122 19.83 -40.67 -20.94
CA LEU D 122 20.73 -41.80 -21.03
C LEU D 122 22.15 -41.32 -20.77
N ILE D 123 22.84 -41.97 -19.84
CA ILE D 123 24.19 -41.60 -19.43
C ILE D 123 25.03 -42.85 -19.51
N VAL D 124 26.08 -42.81 -20.34
CA VAL D 124 26.91 -43.99 -20.59
C VAL D 124 28.35 -43.55 -20.77
N ASN D 125 29.27 -44.49 -20.53
CA ASN D 125 30.70 -44.24 -20.60
C ASN D 125 31.32 -45.15 -21.65
N ASN D 126 32.35 -44.65 -22.34
CA ASN D 126 33.15 -45.47 -23.24
C ASN D 126 34.65 -45.18 -23.09
N ALA D 127 35.07 -44.71 -21.92
CA ALA D 127 36.48 -44.52 -21.59
C ALA D 127 37.11 -43.37 -22.35
N THR D 128 36.35 -42.74 -23.26
CA THR D 128 36.83 -41.57 -23.98
C THR D 128 36.06 -40.32 -23.57
N ASN D 129 34.75 -40.43 -23.43
CA ASN D 129 33.90 -39.34 -22.98
C ASN D 129 32.59 -39.92 -22.49
N VAL D 130 31.84 -39.11 -21.77
CA VAL D 130 30.49 -39.46 -21.33
C VAL D 130 29.51 -38.72 -22.22
N VAL D 131 28.51 -39.45 -22.71
CA VAL D 131 27.47 -38.89 -23.56
C VAL D 131 26.16 -38.91 -22.80
N ILE D 132 25.57 -37.74 -22.64
CA ILE D 132 24.31 -37.59 -21.90
C ILE D 132 23.25 -37.30 -22.95
N LYS D 133 22.61 -38.33 -23.45
CA LYS D 133 21.61 -38.24 -24.49
C LYS D 133 20.23 -38.21 -23.83
N VAL D 134 19.53 -37.08 -23.96
CA VAL D 134 18.18 -36.92 -23.43
C VAL D 134 17.14 -37.39 -24.42
N CYS D 135 17.54 -38.15 -25.43
CA CYS D 135 16.68 -38.49 -26.54
C CYS D 135 15.85 -39.72 -26.20
N GLU D 136 14.56 -39.67 -26.54
CA GLU D 136 13.66 -40.78 -26.27
C GLU D 136 13.90 -41.92 -27.24
N PHE D 137 13.67 -43.15 -26.79
CA PHE D 137 13.96 -44.33 -27.59
C PHE D 137 13.22 -45.51 -27.01
N GLN D 138 13.50 -46.69 -27.59
CA GLN D 138 12.95 -47.95 -27.11
C GLN D 138 14.10 -48.85 -26.70
N PHE D 139 13.99 -49.45 -25.51
CA PHE D 139 15.12 -50.21 -24.97
C PHE D 139 15.26 -51.55 -25.68
N CYS D 140 16.41 -52.19 -25.45
CA CYS D 140 16.63 -53.57 -25.84
C CYS D 140 16.59 -54.46 -24.61
N ASN D 141 16.02 -55.66 -24.77
CA ASN D 141 15.82 -56.55 -23.63
C ASN D 141 17.16 -56.92 -22.99
N ASP D 142 18.22 -57.04 -23.79
CA ASP D 142 19.56 -57.32 -23.29
C ASP D 142 20.53 -56.27 -23.83
N PRO D 143 20.57 -55.08 -23.25
CA PRO D 143 21.40 -54.01 -23.83
C PRO D 143 22.87 -54.12 -23.46
N PHE D 144 23.45 -55.31 -23.61
CA PHE D 144 24.89 -55.45 -23.42
C PHE D 144 25.60 -54.52 -24.40
N LEU D 145 26.56 -53.75 -23.89
CA LEU D 145 27.10 -52.62 -24.63
C LEU D 145 28.15 -53.05 -25.65
N GLY D 146 27.76 -54.01 -26.49
CA GLY D 146 28.53 -54.31 -27.67
C GLY D 146 29.94 -54.79 -27.40
N VAL D 147 30.83 -54.54 -28.35
CA VAL D 147 32.22 -54.97 -28.28
C VAL D 147 32.98 -54.12 -27.26
N SER D 158 31.46 -55.83 -35.31
CA SER D 158 31.43 -54.86 -34.22
C SER D 158 30.10 -54.12 -34.17
N GLU D 159 29.55 -53.99 -32.97
CA GLU D 159 28.27 -53.30 -32.78
C GLU D 159 28.23 -52.71 -31.38
N PHE D 160 27.47 -51.63 -31.24
CA PHE D 160 27.28 -50.97 -29.95
C PHE D 160 25.90 -50.33 -29.97
N ARG D 161 24.98 -50.83 -29.14
CA ARG D 161 23.65 -50.24 -29.09
C ARG D 161 22.99 -50.59 -27.78
N VAL D 162 22.04 -49.74 -27.39
CA VAL D 162 21.19 -49.98 -26.24
C VAL D 162 19.71 -49.93 -26.58
N TYR D 163 19.33 -49.30 -27.69
CA TYR D 163 17.94 -49.13 -28.06
C TYR D 163 17.74 -49.59 -29.50
N SER D 164 16.53 -50.04 -29.80
CA SER D 164 16.19 -50.48 -31.15
C SER D 164 15.72 -49.35 -32.04
N SER D 165 15.16 -48.28 -31.46
CA SER D 165 14.67 -47.16 -32.24
C SER D 165 14.70 -45.91 -31.37
N ALA D 166 14.71 -44.75 -32.03
CA ALA D 166 14.75 -43.46 -31.35
C ALA D 166 14.00 -42.45 -32.20
N ASN D 167 13.62 -41.34 -31.55
CA ASN D 167 12.81 -40.31 -32.18
C ASN D 167 13.47 -38.94 -31.99
N ASN D 168 12.75 -37.86 -32.30
CA ASN D 168 13.29 -36.51 -32.18
C ASN D 168 13.76 -36.25 -30.76
N CYS D 169 14.49 -35.16 -30.56
CA CYS D 169 15.19 -34.97 -29.30
C CYS D 169 15.42 -33.48 -29.06
N THR D 170 15.50 -33.11 -27.77
CA THR D 170 15.47 -31.71 -27.39
C THR D 170 16.57 -31.29 -26.42
N PHE D 171 17.58 -32.13 -26.21
CA PHE D 171 18.72 -31.73 -25.39
C PHE D 171 19.88 -32.65 -25.69
N GLU D 172 21.09 -32.13 -25.48
CA GLU D 172 22.31 -32.90 -25.72
C GLU D 172 23.41 -32.35 -24.83
N TYR D 173 24.32 -33.23 -24.42
CA TYR D 173 25.42 -32.86 -23.57
C TYR D 173 26.51 -33.91 -23.67
N VAL D 174 27.76 -33.49 -23.53
CA VAL D 174 28.91 -34.38 -23.54
C VAL D 174 29.95 -33.85 -22.57
N SER D 175 30.82 -34.73 -22.09
CA SER D 175 31.85 -34.33 -21.14
C SER D 175 32.92 -35.42 -21.09
N GLN D 176 33.80 -35.28 -20.10
CA GLN D 176 34.90 -36.22 -19.92
C GLN D 176 34.45 -37.44 -19.10
N PRO D 177 35.22 -38.53 -19.14
CA PRO D 177 34.80 -39.75 -18.46
C PRO D 177 34.74 -39.58 -16.95
N PHE D 178 33.93 -40.44 -16.31
CA PHE D 178 33.92 -40.60 -14.86
C PHE D 178 34.93 -41.63 -14.37
N LEU D 179 35.69 -42.22 -15.28
CA LEU D 179 36.59 -43.32 -14.94
C LEU D 179 35.80 -44.46 -14.33
N LYS D 190 38.72 -53.27 -4.36
CA LYS D 190 39.86 -52.40 -4.10
C LYS D 190 39.48 -50.94 -4.31
N ASN D 191 38.33 -50.70 -4.92
CA ASN D 191 37.81 -49.35 -5.11
C ASN D 191 36.29 -49.39 -5.07
N LEU D 192 35.70 -48.22 -4.81
CA LEU D 192 34.26 -48.06 -4.81
C LEU D 192 33.88 -46.90 -5.71
N ARG D 193 32.79 -47.10 -6.46
CA ARG D 193 32.30 -46.12 -7.42
C ARG D 193 30.92 -45.70 -6.96
N GLU D 194 30.76 -44.42 -6.65
CA GLU D 194 29.61 -43.95 -5.90
C GLU D 194 28.98 -42.77 -6.61
N PHE D 195 27.65 -42.64 -6.50
CA PHE D 195 26.93 -41.58 -7.18
C PHE D 195 25.65 -41.26 -6.42
N VAL D 196 25.11 -40.09 -6.69
CA VAL D 196 23.79 -39.68 -6.20
C VAL D 196 23.09 -38.92 -7.31
N PHE D 197 21.80 -39.17 -7.49
CA PHE D 197 21.02 -38.53 -8.54
C PHE D 197 19.78 -37.90 -7.94
N LYS D 198 19.51 -36.64 -8.29
CA LYS D 198 18.40 -35.90 -7.72
C LYS D 198 17.77 -35.02 -8.79
N ASN D 199 16.44 -34.98 -8.80
CA ASN D 199 15.68 -34.11 -9.68
C ASN D 199 14.92 -33.10 -8.84
N ILE D 200 15.06 -31.82 -9.19
CA ILE D 200 14.45 -30.73 -8.42
C ILE D 200 13.80 -29.78 -9.42
N ASP D 201 12.47 -29.78 -9.46
CA ASP D 201 11.67 -28.75 -10.13
C ASP D 201 12.24 -28.38 -11.50
N GLY D 202 12.88 -29.33 -12.18
CA GLY D 202 13.38 -29.10 -13.51
C GLY D 202 14.87 -29.30 -13.64
N TYR D 203 15.60 -29.13 -12.54
CA TYR D 203 17.05 -29.28 -12.54
C TYR D 203 17.43 -30.68 -12.07
N PHE D 204 18.29 -31.33 -12.83
CA PHE D 204 18.76 -32.68 -12.54
C PHE D 204 20.21 -32.59 -12.10
N LYS D 205 20.51 -33.12 -10.92
CA LYS D 205 21.82 -32.98 -10.30
C LYS D 205 22.43 -34.36 -10.10
N ILE D 206 23.76 -34.44 -10.26
CA ILE D 206 24.50 -35.66 -9.99
C ILE D 206 25.69 -35.31 -9.10
N TYR D 207 25.80 -36.01 -7.98
CA TYR D 207 26.96 -35.94 -7.11
C TYR D 207 27.69 -37.26 -7.21
N SER D 208 29.00 -37.24 -6.96
CA SER D 208 29.80 -38.41 -7.25
C SER D 208 30.99 -38.50 -6.31
N LYS D 209 31.58 -39.68 -6.27
CA LYS D 209 32.80 -39.94 -5.54
C LYS D 209 33.42 -41.22 -6.08
N HIS D 210 34.73 -41.32 -6.00
CA HIS D 210 35.46 -42.52 -6.39
C HIS D 210 36.66 -42.65 -5.47
N THR D 211 36.81 -43.81 -4.82
CA THR D 211 37.82 -43.98 -3.80
C THR D 211 38.24 -45.43 -3.70
N PRO D 212 39.51 -45.70 -3.41
CA PRO D 212 39.91 -47.07 -3.03
C PRO D 212 39.23 -47.51 -1.75
N ILE D 213 39.41 -48.77 -1.36
CA ILE D 213 38.84 -49.28 -0.13
C ILE D 213 39.85 -50.19 0.55
N ASN D 214 39.92 -50.09 1.88
CA ASN D 214 40.85 -50.90 2.66
C ASN D 214 40.57 -52.39 2.51
N LEU D 215 39.32 -52.78 2.25
CA LEU D 215 38.96 -54.17 2.09
C LEU D 215 38.03 -54.31 0.89
N VAL D 216 37.98 -55.51 0.34
CA VAL D 216 37.27 -55.76 -0.91
C VAL D 216 35.83 -56.16 -0.64
N ARG D 217 35.37 -55.95 0.58
CA ARG D 217 34.03 -56.34 0.98
C ARG D 217 33.03 -55.24 0.59
N ASP D 218 31.80 -55.35 1.09
CA ASP D 218 30.75 -54.40 0.74
C ASP D 218 31.15 -52.99 1.17
N LEU D 219 30.27 -52.04 0.87
CA LEU D 219 30.49 -50.65 1.24
C LEU D 219 30.76 -50.54 2.75
N PRO D 220 31.89 -49.98 3.16
CA PRO D 220 32.32 -50.10 4.55
C PRO D 220 31.75 -48.99 5.44
N GLN D 221 32.18 -49.02 6.70
CA GLN D 221 31.79 -48.01 7.67
C GLN D 221 32.45 -46.66 7.42
N GLY D 222 33.40 -46.58 6.49
CA GLY D 222 34.13 -45.35 6.29
C GLY D 222 33.22 -44.20 5.90
N PHE D 223 33.74 -42.99 6.06
CA PHE D 223 33.01 -41.76 5.81
C PHE D 223 33.62 -41.03 4.61
N SER D 224 32.76 -40.55 3.72
CA SER D 224 33.23 -39.82 2.54
C SER D 224 32.06 -39.07 1.93
N ALA D 225 32.23 -37.76 1.72
CA ALA D 225 31.17 -36.96 1.13
C ALA D 225 31.34 -36.89 -0.39
N LEU D 226 30.22 -36.81 -1.09
CA LEU D 226 30.23 -36.88 -2.55
C LEU D 226 30.30 -35.49 -3.15
N GLU D 227 31.39 -35.21 -3.87
CA GLU D 227 31.57 -33.90 -4.45
C GLU D 227 30.57 -33.67 -5.60
N PRO D 228 29.94 -32.50 -5.65
CA PRO D 228 28.97 -32.25 -6.72
C PRO D 228 29.62 -31.65 -7.96
N LEU D 229 29.47 -32.28 -9.12
CA LEU D 229 29.70 -31.56 -10.37
C LEU D 229 28.83 -32.18 -11.48
N VAL D 230 27.60 -31.69 -11.58
CA VAL D 230 26.78 -31.77 -12.79
C VAL D 230 25.59 -30.84 -12.56
N ASP D 231 25.01 -30.36 -13.65
CA ASP D 231 23.72 -29.67 -13.59
C ASP D 231 23.10 -29.73 -14.97
N LEU D 232 21.90 -30.30 -15.06
CA LEU D 232 21.22 -30.51 -16.33
C LEU D 232 19.81 -29.94 -16.25
N PRO D 233 19.57 -28.73 -16.75
CA PRO D 233 18.21 -28.18 -16.71
C PRO D 233 17.30 -28.82 -17.76
N ILE D 234 16.78 -30.00 -17.45
CA ILE D 234 15.98 -30.75 -18.39
C ILE D 234 14.50 -30.38 -18.31
N GLY D 235 13.94 -30.22 -17.12
CA GLY D 235 12.54 -29.90 -16.99
C GLY D 235 11.59 -31.07 -17.04
N ILE D 236 12.09 -32.30 -16.95
CA ILE D 236 11.26 -33.50 -17.00
C ILE D 236 11.57 -34.38 -15.81
N ASN D 237 10.51 -34.88 -15.17
CA ASN D 237 10.61 -35.81 -14.05
C ASN D 237 11.16 -37.16 -14.51
N ILE D 238 11.46 -38.00 -13.53
CA ILE D 238 11.84 -39.38 -13.75
C ILE D 238 10.99 -40.24 -12.83
N THR D 239 10.57 -41.40 -13.34
CA THR D 239 9.80 -42.35 -12.54
C THR D 239 10.44 -43.72 -12.43
N ARG D 240 11.38 -44.06 -13.30
CA ARG D 240 12.11 -45.32 -13.21
C ARG D 240 13.50 -45.12 -13.76
N PHE D 241 14.40 -46.03 -13.39
CA PHE D 241 15.75 -46.01 -13.91
C PHE D 241 16.28 -47.44 -13.98
N GLN D 242 17.21 -47.65 -14.90
CA GLN D 242 17.85 -48.95 -15.10
C GLN D 242 19.33 -48.74 -15.28
N THR D 243 20.11 -49.73 -14.87
CA THR D 243 21.56 -49.68 -14.96
C THR D 243 22.05 -50.44 -16.19
N LEU D 244 23.07 -49.90 -16.85
CA LEU D 244 23.61 -50.49 -18.05
C LEU D 244 24.54 -51.67 -17.69
N LEU D 245 24.96 -52.41 -18.71
CA LEU D 245 25.90 -53.51 -18.51
C LEU D 245 26.81 -53.65 -19.73
N ALA D 266 30.26 -55.91 -11.41
CA ALA D 266 29.25 -56.91 -11.75
C ALA D 266 28.08 -56.87 -10.76
N ALA D 267 28.25 -56.09 -9.69
CA ALA D 267 27.21 -55.94 -8.67
C ALA D 267 27.15 -54.49 -8.23
N TYR D 268 26.00 -54.09 -7.70
CA TYR D 268 25.83 -52.71 -7.26
C TYR D 268 24.72 -52.66 -6.23
N TYR D 269 24.71 -51.58 -5.46
CA TYR D 269 23.71 -51.32 -4.45
C TYR D 269 22.88 -50.11 -4.85
N VAL D 270 21.75 -49.93 -4.18
CA VAL D 270 20.83 -48.84 -4.47
C VAL D 270 20.18 -48.38 -3.18
N GLY D 271 20.03 -47.07 -3.03
CA GLY D 271 19.36 -46.50 -1.87
C GLY D 271 18.34 -45.46 -2.31
N TYR D 272 17.32 -45.27 -1.49
CA TYR D 272 16.22 -44.37 -1.79
C TYR D 272 16.27 -43.21 -0.80
N LEU D 273 16.37 -42.00 -1.32
CA LEU D 273 16.56 -40.83 -0.47
C LEU D 273 15.29 -40.50 0.31
N GLN D 274 15.45 -39.70 1.34
CA GLN D 274 14.35 -39.23 2.17
C GLN D 274 14.58 -37.79 2.53
N PRO D 275 13.51 -37.02 2.75
CA PRO D 275 13.67 -35.63 3.20
C PRO D 275 14.04 -35.54 4.66
N ARG D 276 15.32 -35.69 4.96
CA ARG D 276 15.81 -35.83 6.33
C ARG D 276 16.66 -34.63 6.70
N THR D 277 16.74 -34.34 8.00
CA THR D 277 17.57 -33.28 8.52
C THR D 277 18.90 -33.84 9.00
N PHE D 278 19.98 -33.12 8.74
CA PHE D 278 21.33 -33.59 9.03
C PHE D 278 22.14 -32.48 9.67
N LEU D 279 23.18 -32.87 10.39
CA LEU D 279 24.20 -31.95 10.90
C LEU D 279 25.51 -32.29 10.22
N LEU D 280 26.18 -31.26 9.71
CA LEU D 280 27.41 -31.45 8.94
C LEU D 280 28.54 -30.66 9.59
N LYS D 281 29.72 -31.29 9.66
CA LYS D 281 30.88 -30.71 10.32
C LYS D 281 31.99 -30.54 9.29
N TYR D 282 32.41 -29.30 9.08
CA TYR D 282 33.46 -28.98 8.13
C TYR D 282 34.78 -28.84 8.86
N ASN D 283 35.85 -29.36 8.25
CA ASN D 283 37.18 -29.09 8.77
C ASN D 283 37.64 -27.72 8.29
N GLU D 284 38.81 -27.29 8.77
CA GLU D 284 39.30 -25.97 8.43
C GLU D 284 39.47 -25.78 6.93
N ASN D 285 39.62 -26.86 6.19
CA ASN D 285 39.84 -26.80 4.76
C ASN D 285 38.54 -26.81 3.96
N GLY D 286 37.40 -26.78 4.62
CA GLY D 286 36.13 -26.81 3.92
C GLY D 286 35.66 -28.18 3.53
N THR D 287 36.40 -29.23 3.86
CA THR D 287 36.00 -30.59 3.52
C THR D 287 35.15 -31.18 4.64
N ILE D 288 34.11 -31.92 4.24
CA ILE D 288 33.14 -32.50 5.16
C ILE D 288 33.58 -33.93 5.48
N THR D 289 34.03 -34.15 6.71
CA THR D 289 34.08 -35.53 7.19
C THR D 289 33.53 -35.59 8.61
N ASP D 290 32.21 -35.63 8.71
CA ASP D 290 31.46 -35.99 9.90
C ASP D 290 29.99 -35.72 9.60
N ALA D 291 29.11 -36.31 10.38
CA ALA D 291 27.69 -36.01 10.23
C ALA D 291 26.89 -36.69 11.33
N VAL D 292 25.68 -36.20 11.54
CA VAL D 292 24.72 -36.81 12.46
C VAL D 292 23.35 -36.76 11.81
N ASP D 293 22.62 -37.86 11.88
CA ASP D 293 21.26 -37.94 11.36
C ASP D 293 20.30 -37.67 12.53
N CYS D 294 19.67 -36.50 12.51
CA CYS D 294 18.93 -36.03 13.67
C CYS D 294 17.79 -36.97 14.08
N ALA D 295 17.23 -37.72 13.14
CA ALA D 295 16.12 -38.61 13.44
C ALA D 295 16.54 -40.06 13.67
N LEU D 296 17.84 -40.35 13.64
CA LEU D 296 18.27 -41.74 13.79
C LEU D 296 17.88 -42.31 15.15
N ASP D 297 18.24 -41.62 16.22
CA ASP D 297 18.07 -42.13 17.57
C ASP D 297 18.09 -40.97 18.54
N PRO D 298 17.60 -41.15 19.77
CA PRO D 298 17.58 -40.03 20.70
C PRO D 298 18.94 -39.40 20.94
N LEU D 299 20.01 -40.20 21.00
CA LEU D 299 21.32 -39.62 21.21
C LEU D 299 21.64 -38.59 20.12
N SER D 300 21.29 -38.91 18.88
CA SER D 300 21.55 -37.97 17.80
C SER D 300 20.71 -36.70 17.94
N GLU D 301 19.50 -36.82 18.48
CA GLU D 301 18.65 -35.64 18.64
C GLU D 301 19.35 -34.59 19.51
N THR D 302 19.96 -35.02 20.61
CA THR D 302 20.64 -34.09 21.49
C THR D 302 21.79 -33.41 20.77
N LYS D 303 22.56 -34.16 19.98
CA LYS D 303 23.66 -33.57 19.23
C LYS D 303 23.15 -32.49 18.30
N CYS D 304 22.07 -32.78 17.56
CA CYS D 304 21.55 -31.80 16.62
C CYS D 304 21.04 -30.56 17.33
N THR D 305 20.27 -30.73 18.40
CA THR D 305 19.72 -29.56 19.10
C THR D 305 20.84 -28.73 19.72
N LEU D 306 21.85 -29.39 20.29
CA LEU D 306 22.96 -28.66 20.89
C LEU D 306 23.97 -28.22 19.84
N LYS D 307 23.89 -28.76 18.63
CA LYS D 307 24.84 -28.48 17.57
C LYS D 307 26.26 -28.77 18.05
N SER D 308 26.46 -30.02 18.45
CA SER D 308 27.76 -30.49 18.89
C SER D 308 27.87 -31.97 18.55
N PHE D 309 29.10 -32.42 18.34
CA PHE D 309 29.36 -33.83 18.12
C PHE D 309 29.78 -34.54 19.40
N THR D 310 29.86 -33.82 20.51
CA THR D 310 30.01 -34.41 21.82
C THR D 310 29.09 -33.67 22.78
N VAL D 311 28.61 -34.37 23.80
CA VAL D 311 27.73 -33.81 24.80
C VAL D 311 28.20 -34.28 26.17
N GLU D 312 28.18 -33.38 27.14
CA GLU D 312 28.55 -33.71 28.50
C GLU D 312 27.34 -34.17 29.29
N LYS D 313 27.60 -34.87 30.39
CA LYS D 313 26.53 -35.49 31.15
C LYS D 313 25.52 -34.45 31.58
N GLY D 314 24.24 -34.78 31.45
CA GLY D 314 23.18 -33.86 31.78
C GLY D 314 21.87 -34.37 31.23
N ILE D 315 20.82 -33.60 31.43
CA ILE D 315 19.48 -33.92 30.91
C ILE D 315 19.11 -32.82 29.93
N TYR D 316 18.92 -33.18 28.67
CA TYR D 316 18.65 -32.24 27.61
C TYR D 316 17.26 -32.48 27.04
N GLN D 317 16.65 -31.41 26.54
CA GLN D 317 15.30 -31.47 26.01
C GLN D 317 15.33 -31.71 24.51
N THR D 318 14.19 -32.16 23.98
CA THR D 318 14.07 -32.46 22.57
C THR D 318 12.61 -32.26 22.17
N SER D 319 12.39 -32.07 20.88
CA SER D 319 11.06 -31.77 20.37
C SER D 319 10.04 -32.76 20.92
N ASN D 320 8.88 -32.22 21.29
CA ASN D 320 7.84 -33.00 21.96
C ASN D 320 7.32 -34.10 21.05
N PHE D 321 6.38 -34.88 21.58
CA PHE D 321 5.74 -35.97 20.85
C PHE D 321 4.25 -35.87 21.06
N ARG D 322 3.48 -36.54 20.22
CA ARG D 322 2.04 -36.63 20.41
C ARG D 322 1.49 -37.84 19.67
N VAL D 323 0.52 -38.51 20.28
CA VAL D 323 -0.10 -39.68 19.68
C VAL D 323 -0.83 -39.24 18.42
N GLN D 324 -0.36 -39.69 17.27
CA GLN D 324 -0.98 -39.29 16.02
C GLN D 324 -2.40 -39.85 15.93
N PRO D 325 -3.31 -39.16 15.25
CA PRO D 325 -4.67 -39.70 15.08
C PRO D 325 -4.65 -40.97 14.24
N THR D 326 -5.16 -42.05 14.82
CA THR D 326 -5.17 -43.33 14.12
C THR D 326 -6.13 -43.33 12.94
N GLU D 327 -7.29 -42.70 13.09
CA GLU D 327 -8.32 -42.75 12.05
C GLU D 327 -9.18 -41.50 12.19
N SER D 328 -9.99 -41.25 11.16
CA SER D 328 -10.83 -40.07 11.09
C SER D 328 -12.30 -40.46 11.02
N ILE D 329 -13.15 -39.62 11.61
CA ILE D 329 -14.58 -39.84 11.62
C ILE D 329 -15.28 -38.53 11.27
N VAL D 330 -16.54 -38.63 10.85
CA VAL D 330 -17.37 -37.48 10.56
C VAL D 330 -18.82 -37.85 10.85
N ARG D 331 -19.53 -36.96 11.53
CA ARG D 331 -20.95 -37.14 11.82
C ARG D 331 -21.72 -35.93 11.31
N PHE D 332 -22.86 -36.21 10.69
CA PHE D 332 -23.80 -35.19 10.24
C PHE D 332 -25.21 -35.68 10.54
N PRO D 333 -26.16 -34.77 10.64
CA PRO D 333 -27.53 -35.19 11.02
C PRO D 333 -28.16 -36.08 9.97
N ASN D 334 -29.30 -36.67 10.35
CA ASN D 334 -30.05 -37.54 9.41
C ASN D 334 -30.46 -36.68 8.21
N ILE D 335 -29.59 -36.56 7.21
CA ILE D 335 -29.88 -35.67 6.04
C ILE D 335 -31.37 -35.70 5.74
N THR D 336 -32.02 -34.53 5.79
CA THR D 336 -33.49 -34.47 5.58
C THR D 336 -33.82 -34.30 4.09
N ASN D 337 -33.04 -33.47 3.38
CA ASN D 337 -33.38 -33.19 1.96
C ASN D 337 -32.17 -32.64 1.21
N LEU D 338 -32.26 -32.53 -0.12
CA LEU D 338 -31.17 -31.92 -0.91
C LEU D 338 -31.17 -30.41 -0.62
N CYS D 339 -31.65 -29.60 -1.56
CA CYS D 339 -31.79 -28.14 -1.28
C CYS D 339 -32.45 -27.44 -2.47
N PRO D 340 -33.39 -26.50 -2.23
CA PRO D 340 -34.08 -25.78 -3.30
C PRO D 340 -33.23 -24.81 -4.10
N PHE D 341 -31.91 -24.98 -4.14
CA PHE D 341 -31.09 -24.10 -4.97
C PHE D 341 -31.57 -24.10 -6.42
N GLY D 342 -32.08 -25.22 -6.91
CA GLY D 342 -32.59 -25.25 -8.28
C GLY D 342 -33.64 -24.18 -8.53
N GLU D 343 -34.62 -24.08 -7.62
CA GLU D 343 -35.65 -23.05 -7.74
C GLU D 343 -35.12 -21.67 -7.38
N VAL D 344 -34.11 -21.60 -6.52
CA VAL D 344 -33.52 -20.31 -6.15
C VAL D 344 -32.85 -19.65 -7.35
N PHE D 345 -32.01 -20.39 -8.04
CA PHE D 345 -31.30 -19.86 -9.20
C PHE D 345 -32.23 -19.74 -10.41
N ASN D 346 -33.07 -20.73 -10.65
CA ASN D 346 -33.97 -20.76 -11.81
C ASN D 346 -35.39 -20.32 -11.44
N ALA D 347 -35.52 -19.25 -10.64
CA ALA D 347 -36.84 -18.78 -10.22
C ALA D 347 -37.61 -18.09 -11.34
N THR D 348 -37.06 -18.04 -12.56
CA THR D 348 -37.67 -17.40 -13.72
C THR D 348 -37.80 -15.88 -13.65
N ARG D 349 -37.92 -15.30 -12.46
CA ARG D 349 -38.01 -13.83 -12.37
C ARG D 349 -37.57 -13.39 -10.98
N PHE D 350 -36.43 -12.72 -10.90
CA PHE D 350 -35.97 -12.23 -9.61
C PHE D 350 -36.65 -10.92 -9.25
N ALA D 351 -36.69 -10.63 -7.96
CA ALA D 351 -37.25 -9.39 -7.43
C ALA D 351 -36.39 -8.20 -7.82
N SER D 352 -37.02 -7.02 -7.84
CA SER D 352 -36.27 -5.83 -8.18
C SER D 352 -35.14 -5.62 -7.17
N VAL D 353 -34.23 -4.72 -7.50
CA VAL D 353 -33.07 -4.49 -6.64
C VAL D 353 -33.50 -3.88 -5.31
N TYR D 354 -34.32 -2.82 -5.35
CA TYR D 354 -34.71 -2.14 -4.12
C TYR D 354 -35.49 -3.07 -3.21
N ALA D 355 -36.44 -3.82 -3.76
CA ALA D 355 -37.20 -4.78 -2.98
C ALA D 355 -36.57 -6.15 -3.25
N TRP D 356 -35.56 -6.49 -2.48
CA TRP D 356 -34.85 -7.76 -2.66
C TRP D 356 -35.52 -8.79 -1.77
N ASN D 357 -36.00 -9.86 -2.38
CA ASN D 357 -36.64 -10.94 -1.63
C ASN D 357 -35.62 -11.78 -0.89
N ARG D 358 -36.11 -12.50 0.12
CA ARG D 358 -35.29 -13.41 0.91
C ARG D 358 -36.04 -14.71 1.09
N LYS D 359 -35.27 -15.77 1.32
CA LYS D 359 -35.82 -17.10 1.55
C LYS D 359 -34.90 -17.85 2.51
N ARG D 360 -35.50 -18.46 3.53
CA ARG D 360 -34.75 -19.20 4.53
C ARG D 360 -34.55 -20.63 4.06
N ILE D 361 -33.31 -21.11 4.17
CA ILE D 361 -32.94 -22.47 3.76
C ILE D 361 -32.61 -23.26 5.02
N SER D 362 -33.24 -24.42 5.17
CA SER D 362 -33.06 -25.21 6.38
C SER D 362 -33.14 -26.70 6.08
N ASN D 363 -32.47 -27.50 6.91
CA ASN D 363 -32.43 -28.95 6.82
C ASN D 363 -31.87 -29.46 5.49
N CYS D 364 -31.29 -28.58 4.67
CA CYS D 364 -30.74 -28.99 3.40
C CYS D 364 -29.44 -29.77 3.52
N VAL D 365 -29.13 -30.48 2.45
CA VAL D 365 -27.79 -30.98 2.16
C VAL D 365 -27.36 -30.13 0.97
N ALA D 366 -26.32 -29.33 1.14
CA ALA D 366 -25.93 -28.36 0.12
C ALA D 366 -24.74 -28.83 -0.71
N ASP D 367 -25.02 -29.21 -1.96
CA ASP D 367 -24.03 -29.71 -2.91
C ASP D 367 -23.28 -28.54 -3.56
N TYR D 368 -22.67 -27.71 -2.71
CA TYR D 368 -21.99 -26.52 -3.23
C TYR D 368 -20.99 -26.83 -4.33
N SER D 369 -20.19 -27.90 -4.21
CA SER D 369 -19.18 -28.16 -5.23
C SER D 369 -19.77 -28.37 -6.62
N VAL D 370 -20.91 -29.05 -6.72
CA VAL D 370 -21.46 -29.27 -8.07
C VAL D 370 -22.05 -27.98 -8.63
N LEU D 371 -22.56 -27.10 -7.77
CA LEU D 371 -23.03 -25.79 -8.19
C LEU D 371 -21.88 -24.88 -8.62
N TYR D 372 -20.85 -24.78 -7.79
CA TYR D 372 -19.72 -23.89 -8.03
C TYR D 372 -18.99 -24.21 -9.32
N ASN D 373 -18.73 -25.48 -9.59
CA ASN D 373 -17.98 -25.81 -10.80
C ASN D 373 -18.79 -25.61 -12.07
N SER D 374 -20.06 -25.21 -12.00
CA SER D 374 -20.81 -24.95 -13.23
C SER D 374 -20.23 -23.75 -13.96
N ALA D 375 -20.35 -23.77 -15.28
CA ALA D 375 -19.77 -22.74 -16.14
C ALA D 375 -20.62 -21.49 -16.27
N SER D 376 -21.91 -21.54 -15.94
CA SER D 376 -22.78 -20.38 -16.15
C SER D 376 -22.46 -19.21 -15.23
N PHE D 377 -21.95 -19.45 -14.03
CA PHE D 377 -21.66 -18.35 -13.13
C PHE D 377 -20.45 -17.54 -13.60
N SER D 378 -20.70 -16.26 -13.93
CA SER D 378 -19.64 -15.38 -14.38
C SER D 378 -18.69 -15.00 -13.26
N THR D 379 -19.17 -15.02 -12.02
CA THR D 379 -18.34 -14.73 -10.87
C THR D 379 -18.88 -15.50 -9.68
N PHE D 380 -17.96 -15.89 -8.79
CA PHE D 380 -18.30 -16.70 -7.62
C PHE D 380 -17.49 -16.22 -6.42
N LYS D 381 -17.24 -14.92 -6.33
CA LYS D 381 -16.45 -14.41 -5.23
C LYS D 381 -17.04 -14.82 -3.89
N CYS D 382 -16.16 -15.15 -2.95
CA CYS D 382 -16.53 -15.54 -1.60
C CYS D 382 -15.62 -14.81 -0.63
N TYR D 383 -16.13 -14.57 0.58
CA TYR D 383 -15.39 -13.84 1.59
C TYR D 383 -15.47 -14.60 2.90
N GLY D 384 -14.32 -14.71 3.57
CA GLY D 384 -14.24 -15.47 4.81
C GLY D 384 -14.39 -16.96 4.64
N VAL D 385 -14.65 -17.42 3.42
CA VAL D 385 -14.83 -18.84 3.12
C VAL D 385 -14.34 -19.07 1.69
N SER D 386 -13.96 -20.31 1.39
CA SER D 386 -13.52 -20.66 0.04
C SER D 386 -14.51 -21.63 -0.61
N PRO D 387 -14.70 -21.53 -1.93
CA PRO D 387 -15.76 -22.33 -2.56
C PRO D 387 -15.52 -23.83 -2.55
N THR D 388 -14.28 -24.29 -2.71
CA THR D 388 -14.02 -25.73 -2.69
C THR D 388 -14.26 -26.34 -1.32
N LYS D 389 -13.96 -25.58 -0.26
CA LYS D 389 -14.18 -26.01 1.11
C LYS D 389 -15.67 -26.13 1.46
N LEU D 390 -16.53 -25.39 0.76
CA LEU D 390 -17.93 -25.27 1.15
C LEU D 390 -18.59 -26.61 1.50
N ASN D 391 -18.27 -27.68 0.77
CA ASN D 391 -18.84 -28.97 1.17
C ASN D 391 -18.28 -29.45 2.50
N ASP D 392 -17.01 -29.16 2.80
CA ASP D 392 -16.47 -29.53 4.11
C ASP D 392 -16.98 -28.65 5.24
N LEU D 393 -18.09 -27.95 5.00
CA LEU D 393 -18.66 -27.06 6.05
C LEU D 393 -20.13 -27.40 6.32
N CYS D 394 -20.77 -26.62 7.20
CA CYS D 394 -22.18 -26.86 7.58
C CYS D 394 -22.64 -25.63 8.38
N PHE D 395 -23.60 -24.85 7.86
CA PHE D 395 -23.98 -23.58 8.51
C PHE D 395 -25.36 -23.68 9.16
N THR D 396 -25.51 -23.49 10.49
CA THR D 396 -26.83 -23.68 11.07
C THR D 396 -27.92 -23.50 10.03
N ASN D 397 -28.17 -22.25 9.64
CA ASN D 397 -29.12 -21.92 8.58
C ASN D 397 -28.48 -20.84 7.70
N VAL D 398 -28.93 -20.77 6.45
CA VAL D 398 -28.40 -19.81 5.49
C VAL D 398 -29.56 -19.12 4.78
N TYR D 399 -29.38 -17.85 4.48
CA TYR D 399 -30.35 -17.07 3.71
C TYR D 399 -29.76 -16.77 2.34
N ALA D 400 -30.63 -16.70 1.34
CA ALA D 400 -30.23 -16.30 0.00
C ALA D 400 -31.07 -15.11 -0.45
N ASP D 401 -30.40 -14.03 -0.83
CA ASP D 401 -31.05 -12.84 -1.35
C ASP D 401 -30.88 -12.84 -2.86
N SER D 402 -31.85 -12.29 -3.57
CA SER D 402 -31.76 -12.28 -5.02
C SER D 402 -32.26 -10.97 -5.60
N PHE D 403 -31.54 -10.49 -6.61
CA PHE D 403 -31.86 -9.24 -7.29
C PHE D 403 -31.17 -9.26 -8.63
N VAL D 404 -31.66 -8.44 -9.55
CA VAL D 404 -31.09 -8.26 -10.87
C VAL D 404 -30.47 -6.87 -10.96
N ILE D 405 -29.22 -6.80 -11.40
CA ILE D 405 -28.43 -5.58 -11.38
C ILE D 405 -27.49 -5.56 -12.57
N ARG D 406 -27.00 -4.38 -12.89
CA ARG D 406 -26.17 -4.18 -14.07
C ARG D 406 -24.71 -4.51 -13.78
N GLY D 407 -23.99 -4.90 -14.83
CA GLY D 407 -22.65 -5.42 -14.66
C GLY D 407 -21.72 -4.54 -13.84
N ASP D 408 -21.70 -3.24 -14.13
CA ASP D 408 -20.87 -2.33 -13.35
C ASP D 408 -21.26 -2.29 -11.89
N GLU D 409 -22.55 -2.45 -11.60
CA GLU D 409 -23.03 -2.47 -10.23
C GLU D 409 -22.73 -3.78 -9.50
N VAL D 410 -22.59 -4.89 -10.22
CA VAL D 410 -22.22 -6.15 -9.56
C VAL D 410 -20.93 -5.96 -8.76
N ARG D 411 -20.01 -5.19 -9.29
CA ARG D 411 -18.78 -4.89 -8.55
C ARG D 411 -19.08 -4.23 -7.21
N GLN D 412 -20.14 -3.44 -7.14
CA GLN D 412 -20.51 -2.80 -5.87
C GLN D 412 -21.02 -3.78 -4.84
N ILE D 413 -21.59 -4.91 -5.26
CA ILE D 413 -22.11 -5.87 -4.30
C ILE D 413 -20.96 -6.69 -3.73
N ALA D 414 -20.20 -6.10 -2.82
CA ALA D 414 -19.08 -6.75 -2.16
C ALA D 414 -18.89 -6.07 -0.81
N PRO D 415 -18.38 -6.78 0.19
CA PRO D 415 -18.23 -6.17 1.52
C PRO D 415 -17.21 -5.04 1.48
N GLY D 416 -17.61 -3.89 2.04
CA GLY D 416 -16.76 -2.71 2.05
C GLY D 416 -16.91 -1.80 0.86
N GLN D 417 -17.72 -2.16 -0.13
CA GLN D 417 -17.94 -1.31 -1.28
C GLN D 417 -18.91 -0.19 -0.95
N THR D 418 -18.91 0.82 -1.82
CA THR D 418 -19.80 1.96 -1.70
C THR D 418 -20.26 2.34 -3.10
N GLY D 419 -21.39 3.03 -3.15
CA GLY D 419 -22.01 3.35 -4.42
C GLY D 419 -23.52 3.40 -4.30
N LYS D 420 -24.14 3.89 -5.36
CA LYS D 420 -25.58 4.13 -5.34
C LYS D 420 -26.38 2.91 -4.94
N ILE D 421 -26.05 1.73 -5.48
CA ILE D 421 -26.79 0.53 -5.11
C ILE D 421 -26.36 -0.01 -3.77
N ALA D 422 -25.07 0.00 -3.48
CA ALA D 422 -24.61 -0.51 -2.19
C ALA D 422 -25.09 0.38 -1.07
N ASP D 423 -25.10 1.68 -1.30
CA ASP D 423 -25.53 2.61 -0.27
C ASP D 423 -27.05 2.62 -0.09
N TYR D 424 -27.80 2.85 -1.17
CA TYR D 424 -29.26 2.96 -1.08
C TYR D 424 -30.06 1.65 -1.21
N ASN D 425 -29.72 0.80 -2.19
CA ASN D 425 -30.55 -0.38 -2.42
C ASN D 425 -30.23 -1.56 -1.50
N TYR D 426 -28.98 -1.98 -1.41
CA TYR D 426 -28.68 -3.20 -0.67
C TYR D 426 -27.29 -3.10 -0.08
N LYS D 427 -27.22 -2.64 1.16
CA LYS D 427 -25.95 -2.46 1.86
C LYS D 427 -25.45 -3.81 2.35
N LEU D 428 -24.43 -4.33 1.70
CA LEU D 428 -23.79 -5.53 2.20
C LEU D 428 -23.00 -5.17 3.46
N PRO D 429 -22.97 -6.04 4.46
CA PRO D 429 -22.27 -5.67 5.70
C PRO D 429 -20.78 -5.50 5.51
N ASP D 430 -20.20 -4.66 6.36
CA ASP D 430 -18.75 -4.46 6.42
C ASP D 430 -18.07 -5.54 7.21
N ASP D 431 -18.49 -6.78 6.96
CA ASP D 431 -18.05 -7.96 7.70
C ASP D 431 -18.19 -9.14 6.75
N PHE D 432 -18.11 -10.35 7.29
CA PHE D 432 -18.35 -11.53 6.47
C PHE D 432 -19.71 -11.41 5.78
N THR D 433 -19.80 -11.96 4.57
CA THR D 433 -21.05 -11.88 3.81
C THR D 433 -21.26 -13.08 2.88
N GLY D 434 -20.50 -14.15 3.02
CA GLY D 434 -20.63 -15.32 2.18
C GLY D 434 -20.42 -15.03 0.69
N CYS D 435 -20.68 -16.05 -0.11
CA CYS D 435 -20.45 -15.96 -1.53
C CYS D 435 -21.48 -15.10 -2.25
N VAL D 436 -21.00 -14.34 -3.23
CA VAL D 436 -21.84 -13.55 -4.13
C VAL D 436 -21.77 -14.20 -5.50
N ILE D 437 -22.91 -14.62 -6.03
CA ILE D 437 -22.96 -15.32 -7.31
C ILE D 437 -23.70 -14.45 -8.30
N ALA D 438 -23.13 -14.29 -9.50
CA ALA D 438 -23.78 -13.52 -10.55
C ALA D 438 -23.54 -14.14 -11.91
N TRP D 439 -24.56 -14.04 -12.77
CA TRP D 439 -24.49 -14.51 -14.14
C TRP D 439 -25.23 -13.52 -15.03
N ASN D 440 -24.86 -13.49 -16.31
CA ASN D 440 -25.41 -12.50 -17.24
C ASN D 440 -26.66 -13.05 -17.89
N SER D 441 -27.81 -12.71 -17.33
CA SER D 441 -29.12 -13.15 -17.81
C SER D 441 -29.73 -12.20 -18.83
N ASN D 442 -28.90 -11.53 -19.64
CA ASN D 442 -29.41 -10.56 -20.60
C ASN D 442 -30.51 -11.14 -21.48
N ASN D 443 -30.46 -12.44 -21.78
CA ASN D 443 -31.49 -13.03 -22.62
C ASN D 443 -32.88 -12.92 -22.00
N LEU D 444 -33.00 -13.31 -20.74
CA LEU D 444 -34.28 -13.27 -20.05
C LEU D 444 -34.68 -11.87 -19.57
N ASP D 445 -33.78 -11.17 -18.89
CA ASP D 445 -34.12 -9.90 -18.28
C ASP D 445 -34.18 -8.73 -19.27
N SER D 446 -33.35 -8.68 -20.28
CA SER D 446 -33.45 -7.56 -21.22
C SER D 446 -34.58 -7.80 -22.21
N LYS D 447 -35.20 -6.70 -22.64
CA LYS D 447 -36.29 -6.74 -23.60
C LYS D 447 -36.23 -5.55 -24.52
N VAL D 448 -36.80 -5.72 -25.72
CA VAL D 448 -36.82 -4.65 -26.70
C VAL D 448 -37.57 -3.45 -26.13
N GLY D 449 -36.97 -2.27 -26.25
CA GLY D 449 -37.52 -1.06 -25.68
C GLY D 449 -37.22 -0.85 -24.21
N GLY D 450 -36.51 -1.77 -23.58
CA GLY D 450 -36.10 -1.63 -22.19
C GLY D 450 -37.09 -2.18 -21.18
N ASN D 451 -36.61 -3.08 -20.34
CA ASN D 451 -37.43 -3.66 -19.28
C ASN D 451 -37.61 -2.65 -18.15
N TYR D 452 -38.86 -2.30 -17.86
CA TYR D 452 -39.18 -1.36 -16.79
C TYR D 452 -39.62 -2.05 -15.51
N ASN D 453 -39.58 -3.37 -15.47
CA ASN D 453 -39.95 -4.11 -14.26
C ASN D 453 -38.88 -4.06 -13.17
N TYR D 454 -37.67 -3.60 -13.48
CA TYR D 454 -36.59 -3.54 -12.52
C TYR D 454 -36.22 -2.09 -12.22
N LEU D 455 -36.19 -1.74 -10.93
CA LEU D 455 -36.00 -0.38 -10.46
C LEU D 455 -34.93 -0.32 -9.39
N TYR D 456 -34.31 0.85 -9.26
CA TYR D 456 -33.25 1.10 -8.29
C TYR D 456 -33.51 2.41 -7.57
N ARG D 457 -32.96 2.55 -6.35
CA ARG D 457 -33.19 3.74 -5.55
C ARG D 457 -32.23 4.82 -5.98
N LEU D 458 -32.76 5.90 -6.54
CA LEU D 458 -31.89 6.96 -7.02
C LEU D 458 -31.18 7.68 -5.88
N PHE D 459 -31.88 7.93 -4.77
CA PHE D 459 -31.27 8.53 -3.58
C PHE D 459 -32.13 8.30 -2.35
N ARG D 460 -31.51 8.50 -1.18
CA ARG D 460 -32.16 8.29 0.11
C ARG D 460 -31.60 9.28 1.14
N LYS D 461 -32.36 9.47 2.23
CA LYS D 461 -31.94 10.37 3.30
C LYS D 461 -30.55 10.02 3.82
N SER D 462 -30.32 8.74 4.05
CA SER D 462 -29.06 8.25 4.58
C SER D 462 -28.87 6.85 4.04
N ASN D 463 -27.63 6.41 3.98
CA ASN D 463 -27.35 5.11 3.41
C ASN D 463 -27.96 4.02 4.29
N LEU D 464 -28.27 2.89 3.67
CA LEU D 464 -28.88 1.78 4.39
C LEU D 464 -27.91 1.08 5.33
N LYS D 465 -28.48 0.53 6.41
CA LYS D 465 -27.74 -0.34 7.31
C LYS D 465 -27.62 -1.72 6.66
N PRO D 466 -26.62 -2.51 7.04
CA PRO D 466 -26.47 -3.84 6.46
C PRO D 466 -27.78 -4.63 6.44
N PHE D 467 -28.05 -5.26 5.30
CA PHE D 467 -29.27 -6.04 5.08
C PHE D 467 -30.54 -5.26 5.37
N GLU D 468 -30.49 -3.93 5.33
CA GLU D 468 -31.71 -3.15 5.51
C GLU D 468 -32.50 -3.21 4.21
N ARG D 469 -33.82 -3.25 4.34
CA ARG D 469 -34.72 -3.25 3.19
C ARG D 469 -35.86 -2.30 3.47
N ASP D 470 -36.24 -1.53 2.47
CA ASP D 470 -37.39 -0.63 2.57
C ASP D 470 -38.15 -0.56 1.27
N ILE D 471 -39.47 -0.38 1.40
CA ILE D 471 -40.40 -0.28 0.28
C ILE D 471 -40.99 1.11 0.19
N SER D 472 -40.65 1.99 1.13
CA SER D 472 -41.15 3.35 1.20
C SER D 472 -40.86 4.12 -0.09
N THR D 473 -41.89 4.36 -0.89
CA THR D 473 -41.74 5.04 -2.17
C THR D 473 -42.55 6.33 -2.05
N GLU D 474 -41.88 7.38 -1.58
CA GLU D 474 -42.47 8.71 -1.46
C GLU D 474 -41.51 9.72 -2.05
N ILE D 475 -42.08 10.66 -2.79
CA ILE D 475 -41.32 11.70 -3.46
C ILE D 475 -40.50 12.47 -2.43
N TYR D 476 -39.24 12.72 -2.75
CA TYR D 476 -38.34 13.44 -1.84
C TYR D 476 -38.37 14.92 -2.18
N GLN D 477 -39.30 15.63 -1.58
CA GLN D 477 -39.40 17.07 -1.71
C GLN D 477 -39.14 17.77 -0.38
N ALA D 478 -39.56 17.16 0.72
CA ALA D 478 -39.44 17.69 2.08
C ALA D 478 -40.20 19.01 2.24
N GLY D 479 -40.94 19.43 1.23
CA GLY D 479 -41.62 20.71 1.29
C GLY D 479 -40.62 21.79 1.60
N SER D 480 -40.98 22.65 2.55
CA SER D 480 -40.08 23.70 2.99
C SER D 480 -39.86 24.72 1.88
N THR D 481 -38.99 25.70 2.12
CA THR D 481 -38.61 26.70 1.12
C THR D 481 -37.77 26.13 -0.01
N PRO D 482 -36.84 25.19 0.25
CA PRO D 482 -36.01 24.68 -0.85
C PRO D 482 -36.77 24.02 -1.99
N CYS D 483 -37.80 23.23 -1.71
CA CYS D 483 -38.52 22.51 -2.75
C CYS D 483 -40.03 22.64 -2.55
N ASN D 484 -40.75 22.18 -3.57
CA ASN D 484 -42.21 22.15 -3.57
C ASN D 484 -42.74 21.40 -2.36
N GLY D 485 -43.83 21.92 -1.79
CA GLY D 485 -44.47 21.29 -0.65
C GLY D 485 -44.64 19.81 -0.84
N VAL D 486 -44.73 19.07 0.27
CA VAL D 486 -44.86 17.62 0.25
C VAL D 486 -46.01 17.19 -0.64
N GLU D 487 -45.93 15.95 -1.15
CA GLU D 487 -46.86 15.40 -2.13
C GLU D 487 -46.58 15.89 -3.55
N GLY D 488 -45.80 16.96 -3.70
CA GLY D 488 -45.47 17.47 -5.01
C GLY D 488 -44.43 16.63 -5.75
N PHE D 489 -44.39 16.81 -7.07
CA PHE D 489 -43.50 16.06 -7.94
C PHE D 489 -42.33 16.91 -8.45
N ASN D 490 -42.15 18.12 -7.93
CA ASN D 490 -41.04 18.96 -8.40
C ASN D 490 -39.68 18.31 -8.19
N CYS D 491 -39.46 17.74 -7.00
CA CYS D 491 -38.18 17.12 -6.66
C CYS D 491 -38.08 15.66 -7.12
N TYR D 492 -38.24 15.47 -8.43
CA TYR D 492 -38.10 14.18 -9.09
C TYR D 492 -38.96 13.07 -8.51
N PHE D 493 -38.41 11.85 -8.45
CA PHE D 493 -39.08 10.69 -7.89
C PHE D 493 -38.02 9.74 -7.34
N PRO D 494 -38.30 9.02 -6.26
CA PRO D 494 -37.26 8.18 -5.64
C PRO D 494 -36.75 7.02 -6.50
N LEU D 495 -37.62 6.38 -7.28
CA LEU D 495 -37.21 5.22 -8.08
C LEU D 495 -37.06 5.54 -9.57
N GLN D 496 -36.21 4.74 -10.23
CA GLN D 496 -36.01 4.76 -11.67
C GLN D 496 -35.85 3.34 -12.18
N SER D 497 -36.22 3.13 -13.44
CA SER D 497 -36.16 1.82 -14.09
C SER D 497 -34.96 1.72 -15.01
N TYR D 498 -34.33 0.53 -15.04
CA TYR D 498 -33.12 0.36 -15.84
C TYR D 498 -33.40 0.38 -17.34
N GLY D 499 -34.52 -0.17 -17.78
CA GLY D 499 -34.77 -0.18 -19.22
C GLY D 499 -33.79 -1.02 -20.01
N PHE D 500 -33.43 -2.20 -19.50
CA PHE D 500 -32.44 -3.04 -20.17
C PHE D 500 -32.79 -3.35 -21.62
N GLN D 501 -31.92 -2.93 -22.53
CA GLN D 501 -32.07 -3.17 -23.96
C GLN D 501 -30.93 -4.05 -24.46
N PRO D 502 -31.13 -4.84 -25.51
CA PRO D 502 -29.99 -5.60 -26.06
C PRO D 502 -28.86 -4.68 -26.48
N THR D 503 -29.22 -3.51 -27.03
CA THR D 503 -28.26 -2.51 -27.46
C THR D 503 -27.34 -2.05 -26.33
N TYR D 504 -27.84 -2.08 -25.09
CA TYR D 504 -27.06 -1.66 -23.93
C TYR D 504 -25.68 -2.29 -23.90
N GLY D 505 -25.52 -3.47 -24.49
CA GLY D 505 -24.22 -4.08 -24.67
C GLY D 505 -23.69 -4.69 -23.39
N VAL D 506 -22.55 -5.39 -23.54
CA VAL D 506 -21.84 -6.06 -22.45
C VAL D 506 -21.62 -5.21 -21.21
N GLY D 507 -21.56 -3.89 -21.35
CA GLY D 507 -21.29 -3.10 -20.16
C GLY D 507 -22.50 -2.90 -19.29
N TYR D 508 -23.63 -2.62 -19.94
CA TYR D 508 -24.90 -2.34 -19.29
C TYR D 508 -25.82 -3.54 -19.21
N GLN D 509 -25.33 -4.75 -19.49
CA GLN D 509 -26.19 -5.92 -19.44
C GLN D 509 -26.74 -6.11 -18.02
N PRO D 510 -27.88 -6.78 -17.91
CA PRO D 510 -28.42 -7.05 -16.58
C PRO D 510 -27.96 -8.41 -16.08
N TYR D 511 -27.33 -8.43 -14.91
CA TYR D 511 -26.91 -9.67 -14.28
C TYR D 511 -27.91 -10.03 -13.20
N ARG D 512 -28.04 -11.33 -12.96
CA ARG D 512 -28.86 -11.82 -11.87
C ARG D 512 -27.90 -12.19 -10.76
N VAL D 513 -28.17 -11.70 -9.55
CA VAL D 513 -27.30 -11.95 -8.41
C VAL D 513 -28.05 -12.71 -7.32
N VAL D 514 -27.35 -13.63 -6.68
CA VAL D 514 -27.81 -14.24 -5.45
C VAL D 514 -26.63 -14.20 -4.48
N VAL D 515 -26.93 -14.02 -3.19
CA VAL D 515 -25.89 -13.92 -2.17
C VAL D 515 -26.36 -14.69 -0.94
N LEU D 516 -25.45 -15.48 -0.37
CA LEU D 516 -25.74 -16.33 0.76
C LEU D 516 -24.96 -15.85 1.98
N SER D 517 -25.60 -15.89 3.15
CA SER D 517 -24.95 -15.53 4.41
C SER D 517 -24.90 -16.75 5.34
N PHE D 518 -23.75 -16.95 5.96
CA PHE D 518 -23.51 -18.03 6.90
C PHE D 518 -23.22 -17.52 8.30
N GLU D 519 -23.96 -18.00 9.29
CA GLU D 519 -23.75 -17.63 10.70
C GLU D 519 -23.50 -18.86 11.54
N LEU D 520 -22.71 -18.70 12.60
CA LEU D 520 -22.23 -19.81 13.42
C LEU D 520 -22.33 -19.51 14.91
N LEU D 521 -22.11 -20.58 15.69
CA LEU D 521 -22.04 -20.56 17.15
C LEU D 521 -23.35 -20.26 17.87
N HIS D 522 -24.27 -19.54 17.23
CA HIS D 522 -25.51 -19.18 17.92
C HIS D 522 -26.51 -20.34 18.02
N ALA D 523 -26.29 -21.45 17.32
CA ALA D 523 -27.21 -22.57 17.38
C ALA D 523 -26.49 -23.81 16.84
N PRO D 524 -27.04 -25.00 17.10
CA PRO D 524 -26.45 -26.20 16.51
C PRO D 524 -26.66 -26.23 15.00
N ALA D 525 -25.78 -26.94 14.31
CA ALA D 525 -25.88 -27.03 12.86
C ALA D 525 -27.13 -27.81 12.46
N THR D 526 -27.69 -27.42 11.31
CA THR D 526 -28.86 -28.09 10.75
C THR D 526 -28.72 -28.44 9.27
N VAL D 527 -27.94 -27.63 8.51
CA VAL D 527 -27.82 -27.83 7.03
C VAL D 527 -26.35 -28.01 6.64
N CYS D 528 -25.99 -29.12 5.98
CA CYS D 528 -24.59 -29.24 5.52
C CYS D 528 -24.49 -29.87 4.15
N GLY D 529 -23.37 -29.64 3.48
CA GLY D 529 -23.14 -30.22 2.15
C GLY D 529 -23.03 -31.72 2.19
N PRO D 530 -23.03 -32.39 1.03
CA PRO D 530 -23.04 -33.85 1.01
C PRO D 530 -21.71 -34.37 1.54
N LYS D 531 -21.71 -34.96 2.72
CA LYS D 531 -20.47 -35.58 3.26
C LYS D 531 -20.85 -36.87 3.97
N LYS D 532 -20.44 -38.01 3.41
CA LYS D 532 -20.81 -39.31 4.02
C LYS D 532 -20.68 -39.17 5.53
N SER D 533 -21.72 -39.53 6.28
CA SER D 533 -21.59 -39.54 7.75
C SER D 533 -21.07 -40.90 8.17
N THR D 534 -20.11 -40.95 9.09
CA THR D 534 -19.64 -42.27 9.58
C THR D 534 -20.17 -42.53 10.99
N ASN D 535 -19.76 -43.62 11.63
CA ASN D 535 -20.19 -44.00 13.00
C ASN D 535 -19.25 -43.36 14.02
N LEU D 536 -19.08 -43.98 15.19
CA LEU D 536 -18.22 -43.43 16.21
C LEU D 536 -17.15 -44.44 16.63
N VAL D 537 -16.15 -43.94 17.35
CA VAL D 537 -15.12 -44.76 17.97
C VAL D 537 -14.68 -44.09 19.27
N LYS D 538 -14.51 -44.91 20.31
CA LYS D 538 -14.22 -44.42 21.65
C LYS D 538 -12.79 -44.78 22.02
N ASN D 539 -12.18 -43.91 22.82
CA ASN D 539 -10.85 -44.15 23.38
C ASN D 539 -9.83 -44.50 22.31
N LYS D 540 -9.84 -43.79 21.18
CA LYS D 540 -9.03 -44.15 20.03
C LYS D 540 -8.11 -43.03 19.55
N CYS D 541 -8.24 -41.82 20.09
CA CYS D 541 -7.42 -40.71 19.64
C CYS D 541 -7.61 -40.47 18.15
N VAL D 542 -8.81 -40.04 17.75
CA VAL D 542 -9.15 -39.85 16.35
C VAL D 542 -9.31 -38.36 16.07
N ASN D 543 -9.23 -38.01 14.80
CA ASN D 543 -9.54 -36.66 14.34
C ASN D 543 -10.90 -36.68 13.69
N PHE D 544 -11.78 -35.76 14.11
CA PHE D 544 -13.20 -35.90 13.87
C PHE D 544 -13.78 -34.60 13.34
N ASN D 545 -14.96 -34.72 12.73
CA ASN D 545 -15.76 -33.58 12.29
C ASN D 545 -17.19 -33.76 12.78
N PHE D 546 -17.72 -32.73 13.44
CA PHE D 546 -19.11 -32.72 13.89
C PHE D 546 -19.79 -31.49 13.33
N ASN D 547 -20.80 -31.69 12.48
CA ASN D 547 -21.64 -30.61 11.98
C ASN D 547 -20.81 -29.49 11.35
N GLY D 548 -19.59 -29.77 10.93
CA GLY D 548 -18.67 -28.74 10.52
C GLY D 548 -17.67 -28.35 11.57
N LEU D 549 -17.92 -28.68 12.83
CA LEU D 549 -16.94 -28.54 13.90
C LEU D 549 -15.86 -29.58 13.73
N THR D 550 -14.60 -29.15 13.86
CA THR D 550 -13.47 -30.02 13.62
C THR D 550 -12.58 -30.02 14.84
N GLY D 551 -11.86 -31.13 15.03
CA GLY D 551 -10.95 -31.25 16.16
C GLY D 551 -10.13 -32.51 16.03
N THR D 552 -9.33 -32.78 17.06
CA THR D 552 -8.49 -33.97 17.11
C THR D 552 -8.29 -34.34 18.57
N GLY D 553 -8.89 -35.46 18.99
CA GLY D 553 -8.80 -35.87 20.37
C GLY D 553 -9.34 -37.26 20.56
N VAL D 554 -9.44 -37.66 21.82
CA VAL D 554 -9.92 -38.99 22.20
C VAL D 554 -11.30 -38.83 22.83
N LEU D 555 -12.24 -39.65 22.36
CA LEU D 555 -13.65 -39.50 22.70
C LEU D 555 -14.01 -40.48 23.82
N THR D 556 -14.73 -39.98 24.82
CA THR D 556 -15.20 -40.81 25.92
C THR D 556 -16.67 -40.52 26.16
N GLU D 557 -17.36 -41.48 26.77
CA GLU D 557 -18.78 -41.33 27.08
C GLU D 557 -18.89 -40.39 28.27
N SER D 558 -19.42 -39.19 28.03
CA SER D 558 -19.50 -38.17 29.07
C SER D 558 -20.60 -38.51 30.07
N ASN D 559 -20.50 -37.90 31.26
CA ASN D 559 -21.49 -38.06 32.31
C ASN D 559 -21.97 -36.72 32.85
N LYS D 560 -21.76 -35.63 32.11
CA LYS D 560 -22.21 -34.31 32.50
C LYS D 560 -23.56 -34.04 31.84
N LYS D 561 -24.54 -33.66 32.64
CA LYS D 561 -25.94 -33.62 32.21
C LYS D 561 -26.20 -32.38 31.38
N PHE D 562 -26.16 -32.55 30.06
CA PHE D 562 -26.63 -31.50 29.17
C PHE D 562 -28.13 -31.34 29.29
N LEU D 563 -28.59 -30.11 29.13
CA LEU D 563 -30.02 -29.90 28.97
C LEU D 563 -30.43 -30.12 27.52
N PRO D 564 -31.69 -30.44 27.27
CA PRO D 564 -32.09 -30.83 25.92
C PRO D 564 -31.73 -29.81 24.84
N PHE D 565 -31.72 -28.54 25.19
CA PHE D 565 -31.46 -27.48 24.22
C PHE D 565 -29.98 -27.20 24.02
N GLN D 566 -29.11 -27.79 24.83
CA GLN D 566 -27.67 -27.55 24.70
C GLN D 566 -27.05 -28.52 23.71
N GLN D 567 -26.06 -28.05 22.97
CA GLN D 567 -25.40 -28.85 21.95
C GLN D 567 -23.99 -29.28 22.34
N PHE D 568 -23.11 -28.35 22.69
CA PHE D 568 -21.74 -28.72 23.02
C PHE D 568 -21.29 -27.93 24.23
N GLY D 569 -20.44 -28.57 25.04
CA GLY D 569 -19.88 -27.95 26.22
C GLY D 569 -18.71 -27.06 25.86
N ARG D 570 -18.17 -26.39 26.87
CA ARG D 570 -17.08 -25.46 26.67
C ARG D 570 -16.35 -25.25 27.98
N ASP D 571 -15.08 -24.87 27.89
CA ASP D 571 -14.31 -24.49 29.07
C ASP D 571 -13.20 -23.55 28.63
N ILE D 572 -12.76 -22.72 29.58
CA ILE D 572 -11.76 -21.68 29.32
C ILE D 572 -12.02 -21.03 27.98
N ASP D 573 -13.29 -20.80 27.67
CA ASP D 573 -13.74 -19.84 26.67
C ASP D 573 -13.53 -20.28 25.22
N ASP D 574 -12.76 -21.34 24.97
CA ASP D 574 -12.62 -21.83 23.61
C ASP D 574 -12.44 -23.34 23.47
N THR D 575 -12.44 -24.09 24.56
CA THR D 575 -12.20 -25.52 24.47
C THR D 575 -13.52 -26.27 24.40
N THR D 576 -13.79 -26.93 23.27
CA THR D 576 -15.01 -27.69 23.10
C THR D 576 -14.91 -28.97 23.94
N ASP D 577 -15.16 -28.80 25.23
CA ASP D 577 -14.96 -29.89 26.19
C ASP D 577 -15.85 -31.08 25.89
N ALA D 578 -17.03 -30.86 25.30
CA ALA D 578 -17.95 -31.95 25.04
C ALA D 578 -18.83 -31.58 23.85
N VAL D 579 -19.44 -32.61 23.24
CA VAL D 579 -20.35 -32.44 22.12
C VAL D 579 -21.38 -33.57 22.16
N ARG D 580 -22.58 -33.30 21.65
CA ARG D 580 -23.56 -34.34 21.38
C ARG D 580 -23.52 -34.65 19.89
N ASP D 581 -23.44 -35.93 19.56
CA ASP D 581 -23.39 -36.32 18.16
C ASP D 581 -24.73 -36.00 17.49
N PRO D 582 -24.71 -35.68 16.19
CA PRO D 582 -25.94 -35.24 15.53
C PRO D 582 -26.88 -36.38 15.12
N GLN D 583 -26.54 -37.64 15.40
CA GLN D 583 -27.39 -38.76 14.98
C GLN D 583 -27.98 -39.51 16.17
N THR D 584 -27.16 -40.03 17.08
CA THR D 584 -27.69 -40.68 18.27
C THR D 584 -28.05 -39.68 19.35
N LEU D 585 -27.77 -38.40 19.15
CA LEU D 585 -28.25 -37.32 20.01
C LEU D 585 -27.80 -37.51 21.45
N GLU D 586 -26.59 -38.05 21.67
CA GLU D 586 -26.08 -38.25 23.02
C GLU D 586 -24.70 -37.59 23.13
N ILE D 587 -24.31 -37.32 24.36
CA ILE D 587 -23.21 -36.44 24.68
C ILE D 587 -21.97 -37.26 24.97
N LEU D 588 -20.89 -36.95 24.26
CA LEU D 588 -19.58 -37.54 24.51
C LEU D 588 -18.57 -36.42 24.66
N ASP D 589 -17.68 -36.56 25.64
CA ASP D 589 -16.68 -35.55 25.92
C ASP D 589 -15.36 -35.93 25.25
N ILE D 590 -14.54 -34.91 24.99
CA ILE D 590 -13.32 -35.08 24.22
C ILE D 590 -12.16 -34.49 25.01
N THR D 591 -11.00 -35.13 24.89
CA THR D 591 -9.77 -34.62 25.46
C THR D 591 -8.67 -34.71 24.40
N PRO D 592 -7.67 -33.84 24.47
CA PRO D 592 -6.61 -33.87 23.46
C PRO D 592 -5.90 -35.21 23.45
N CYS D 593 -5.48 -35.63 22.27
CA CYS D 593 -4.69 -36.84 22.17
C CYS D 593 -3.44 -36.70 23.02
N SER D 594 -3.09 -37.77 23.73
CA SER D 594 -1.99 -37.71 24.68
C SER D 594 -0.73 -37.19 24.02
N PHE D 595 -0.07 -36.25 24.68
CA PHE D 595 1.16 -35.66 24.19
C PHE D 595 1.96 -35.13 25.37
N GLY D 596 3.23 -34.87 25.13
CA GLY D 596 4.10 -34.33 26.17
C GLY D 596 5.49 -34.07 25.62
N GLY D 597 6.34 -33.52 26.47
CA GLY D 597 7.71 -33.25 26.12
C GLY D 597 8.59 -34.45 26.39
N VAL D 598 9.67 -34.57 25.63
CA VAL D 598 10.61 -35.68 25.73
C VAL D 598 11.99 -35.13 26.03
N SER D 599 12.64 -35.70 27.04
CA SER D 599 13.99 -35.31 27.42
C SER D 599 14.89 -36.52 27.31
N VAL D 600 16.14 -36.28 26.93
CA VAL D 600 17.14 -37.31 26.74
C VAL D 600 18.17 -37.19 27.85
N ILE D 601 18.43 -38.29 28.53
CA ILE D 601 19.42 -38.34 29.61
C ILE D 601 20.64 -39.08 29.08
N THR D 602 21.80 -38.45 29.20
CA THR D 602 23.03 -39.02 28.70
C THR D 602 24.14 -38.78 29.71
N PRO D 603 24.94 -39.79 30.03
CA PRO D 603 26.12 -39.57 30.89
C PRO D 603 27.27 -38.86 30.19
N GLY D 604 27.10 -38.50 28.93
CA GLY D 604 28.13 -37.77 28.20
C GLY D 604 28.92 -38.66 27.28
N THR D 605 29.21 -38.13 26.08
CA THR D 605 30.03 -38.87 25.13
C THR D 605 31.41 -39.17 25.69
N ASN D 606 31.84 -38.43 26.70
CA ASN D 606 33.10 -38.71 27.36
C ASN D 606 33.15 -40.11 27.96
N THR D 607 31.99 -40.69 28.26
CA THR D 607 31.92 -42.00 28.90
C THR D 607 31.24 -43.06 28.05
N SER D 608 30.03 -42.79 27.59
CA SER D 608 29.24 -43.81 26.93
C SER D 608 28.35 -43.18 25.86
N ASN D 609 27.84 -44.02 24.97
CA ASN D 609 26.87 -43.62 23.98
C ASN D 609 25.44 -44.03 24.36
N GLN D 610 25.26 -44.67 25.51
CA GLN D 610 23.91 -45.02 25.94
C GLN D 610 23.16 -43.77 26.40
N VAL D 611 21.83 -43.86 26.37
CA VAL D 611 20.98 -42.77 26.80
C VAL D 611 19.67 -43.35 27.33
N ALA D 612 19.10 -42.66 28.30
CA ALA D 612 17.77 -42.94 28.80
C ALA D 612 16.83 -41.81 28.41
N VAL D 613 15.62 -42.17 28.00
CA VAL D 613 14.65 -41.22 27.47
C VAL D 613 13.52 -41.07 28.46
N LEU D 614 13.16 -39.82 28.76
CA LEU D 614 12.08 -39.51 29.69
C LEU D 614 10.98 -38.78 28.94
N TYR D 615 9.78 -39.34 28.98
CA TYR D 615 8.60 -38.70 28.40
C TYR D 615 7.83 -38.00 29.50
N GLN D 616 7.73 -36.67 29.40
CA GLN D 616 7.24 -35.85 30.51
C GLN D 616 5.73 -35.80 30.51
N GLY D 617 5.15 -35.97 31.70
CA GLY D 617 3.74 -35.68 31.90
C GLY D 617 2.82 -36.75 31.36
N VAL D 618 3.36 -37.75 30.69
CA VAL D 618 2.52 -38.77 30.07
C VAL D 618 2.50 -40.02 30.92
N ASN D 619 1.30 -40.43 31.32
CA ASN D 619 1.12 -41.77 31.86
C ASN D 619 1.64 -42.78 30.86
N CYS D 620 2.42 -43.72 31.36
CA CYS D 620 3.33 -44.45 30.49
C CYS D 620 2.68 -45.61 29.77
N THR D 621 1.37 -45.80 29.92
CA THR D 621 0.69 -46.91 29.25
C THR D 621 0.80 -46.79 27.73
N GLU D 622 0.65 -45.57 27.21
CA GLU D 622 0.61 -45.32 25.79
C GLU D 622 1.91 -44.74 25.23
N VAL D 623 3.02 -44.88 25.96
CA VAL D 623 4.28 -44.28 25.51
C VAL D 623 4.73 -44.83 24.17
N PRO D 624 4.68 -46.14 23.90
CA PRO D 624 5.30 -46.57 22.64
C PRO D 624 4.55 -46.07 21.40
N GLY D 642 10.42 -51.21 24.72
CA GLY D 642 10.82 -52.57 25.01
C GLY D 642 11.88 -52.68 26.09
N SER D 643 12.68 -51.62 26.24
CA SER D 643 13.71 -51.59 27.26
C SER D 643 13.06 -51.45 28.64
N ASN D 644 13.91 -51.38 29.67
CA ASN D 644 13.40 -51.19 31.02
C ASN D 644 12.62 -49.89 31.11
N VAL D 645 11.44 -49.97 31.71
CA VAL D 645 10.54 -48.83 31.80
C VAL D 645 10.20 -48.60 33.27
N PHE D 646 10.15 -47.32 33.66
CA PHE D 646 9.95 -46.95 35.05
C PHE D 646 9.12 -45.68 35.08
N GLN D 647 8.09 -45.66 35.92
CA GLN D 647 7.14 -44.55 35.97
C GLN D 647 7.46 -43.67 37.17
N THR D 648 7.64 -42.37 36.92
CA THR D 648 7.94 -41.41 37.97
C THR D 648 6.78 -40.45 38.13
N ARG D 649 6.90 -39.56 39.12
CA ARG D 649 5.89 -38.52 39.31
C ARG D 649 5.97 -37.45 38.24
N ALA D 650 7.07 -37.41 37.49
CA ALA D 650 7.24 -36.46 36.39
C ALA D 650 6.89 -37.11 35.06
N GLY D 651 7.58 -38.18 34.72
CA GLY D 651 7.28 -38.95 33.53
C GLY D 651 7.75 -40.37 33.75
N CYS D 652 7.75 -41.17 32.69
CA CYS D 652 8.29 -42.52 32.78
C CYS D 652 9.60 -42.59 32.03
N LEU D 653 10.58 -43.21 32.66
CA LEU D 653 11.91 -43.39 32.10
C LEU D 653 11.95 -44.66 31.27
N ILE D 654 12.59 -44.59 30.11
CA ILE D 654 12.88 -45.76 29.30
C ILE D 654 14.39 -45.82 29.10
N GLY D 655 14.97 -46.99 29.33
CA GLY D 655 16.39 -47.18 29.19
C GLY D 655 17.18 -47.09 30.48
N ALA D 656 16.56 -46.63 31.57
CA ALA D 656 17.22 -46.52 32.85
C ALA D 656 16.55 -47.49 33.82
N GLU D 657 17.36 -48.34 34.45
CA GLU D 657 16.84 -49.35 35.37
C GLU D 657 16.75 -48.76 36.77
N HIS D 658 15.56 -48.82 37.36
CA HIS D 658 15.37 -48.29 38.69
C HIS D 658 16.07 -49.17 39.72
N VAL D 659 16.61 -48.55 40.75
CA VAL D 659 17.27 -49.26 41.83
C VAL D 659 16.79 -48.69 43.16
N ASN D 660 16.85 -49.52 44.20
CA ASN D 660 16.43 -49.08 45.53
C ASN D 660 17.55 -48.42 46.32
N ASN D 661 18.77 -48.41 45.81
CA ASN D 661 19.83 -47.70 46.50
C ASN D 661 19.59 -46.20 46.43
N SER D 662 20.39 -45.45 47.16
CA SER D 662 20.30 -44.00 47.20
C SER D 662 21.69 -43.41 47.14
N TYR D 663 21.87 -42.42 46.28
CA TYR D 663 23.17 -41.79 46.09
C TYR D 663 22.98 -40.30 45.88
N GLU D 664 24.09 -39.59 45.75
CA GLU D 664 24.04 -38.17 45.47
C GLU D 664 23.47 -37.93 44.09
N CYS D 665 23.01 -36.71 43.83
CA CYS D 665 22.43 -36.38 42.54
C CYS D 665 23.48 -35.85 41.59
N ASP D 666 23.45 -36.35 40.35
CA ASP D 666 24.34 -35.86 39.30
C ASP D 666 23.56 -35.48 38.05
N ILE D 667 22.52 -36.23 37.72
CA ILE D 667 21.59 -35.88 36.66
C ILE D 667 20.20 -35.82 37.27
N PRO D 668 19.67 -34.64 37.56
CA PRO D 668 18.42 -34.56 38.30
C PRO D 668 17.19 -34.65 37.42
N ILE D 669 16.19 -35.40 37.85
CA ILE D 669 14.87 -35.36 37.24
C ILE D 669 13.85 -35.20 38.36
N GLY D 670 12.75 -34.52 38.04
CA GLY D 670 11.83 -34.02 39.04
C GLY D 670 11.41 -35.05 40.07
N ALA D 671 10.87 -34.56 41.19
CA ALA D 671 10.29 -35.38 42.24
C ALA D 671 11.37 -36.19 42.97
N GLY D 672 12.55 -35.60 43.12
CA GLY D 672 13.59 -36.24 43.90
C GLY D 672 14.07 -37.55 43.34
N ILE D 673 14.32 -37.63 42.04
CA ILE D 673 14.89 -38.81 41.41
C ILE D 673 16.05 -38.37 40.54
N CYS D 674 17.14 -39.12 40.59
CA CYS D 674 18.35 -38.80 39.87
C CYS D 674 18.86 -40.02 39.12
N ALA D 675 19.59 -39.78 38.03
CA ALA D 675 20.10 -40.85 37.20
C ALA D 675 21.60 -40.70 37.03
N SER D 676 22.29 -41.83 36.90
CA SER D 676 23.73 -41.82 36.71
C SER D 676 24.17 -43.12 36.08
N TYR D 677 25.37 -43.12 35.51
CA TYR D 677 25.89 -44.30 34.84
C TYR D 677 26.51 -45.26 35.85
N GLN D 678 26.45 -46.54 35.53
CA GLN D 678 27.01 -47.59 36.38
C GLN D 678 26.45 -47.52 37.78
N SER D 694 25.37 -48.52 33.15
CA SER D 694 24.05 -49.11 32.90
C SER D 694 22.95 -48.07 33.07
N ILE D 695 23.32 -46.85 33.46
CA ILE D 695 22.36 -45.78 33.65
C ILE D 695 21.27 -46.24 34.60
N ILE D 696 21.45 -45.95 35.88
CA ILE D 696 20.48 -46.31 36.90
C ILE D 696 19.67 -45.08 37.27
N ALA D 697 18.45 -45.30 37.73
CA ALA D 697 17.60 -44.25 38.27
C ALA D 697 17.28 -44.57 39.72
N TYR D 698 17.49 -43.60 40.60
CA TYR D 698 17.39 -43.82 42.03
C TYR D 698 16.83 -42.57 42.69
N THR D 699 16.32 -42.73 43.91
CA THR D 699 15.81 -41.62 44.69
C THR D 699 16.97 -40.91 45.36
N MET D 700 16.93 -39.58 45.34
CA MET D 700 18.08 -38.79 45.79
C MET D 700 18.35 -39.00 47.27
N SER D 701 19.63 -38.95 47.64
CA SER D 701 20.05 -38.96 49.03
C SER D 701 20.49 -37.57 49.44
N LEU D 702 19.91 -37.06 50.53
CA LEU D 702 20.21 -35.71 50.96
C LEU D 702 21.60 -35.56 51.56
N GLY D 703 22.27 -36.66 51.85
CA GLY D 703 23.59 -36.63 52.45
C GLY D 703 23.70 -37.60 53.61
N ALA D 704 24.94 -37.75 54.08
CA ALA D 704 25.21 -38.65 55.18
C ALA D 704 24.35 -38.28 56.38
N GLU D 705 23.76 -39.29 57.01
CA GLU D 705 22.87 -39.11 58.14
C GLU D 705 23.58 -39.55 59.41
N ASN D 706 23.53 -38.72 60.44
CA ASN D 706 24.19 -39.05 61.70
C ASN D 706 23.54 -38.29 62.84
N SER D 707 23.30 -39.00 63.94
CA SER D 707 22.85 -38.35 65.16
C SER D 707 24.02 -37.63 65.82
N VAL D 708 23.69 -36.84 66.85
CA VAL D 708 24.69 -36.15 67.64
C VAL D 708 24.48 -36.54 69.10
N ALA D 709 25.56 -36.89 69.78
CA ALA D 709 25.49 -37.46 71.12
C ALA D 709 25.11 -36.40 72.14
N TYR D 710 23.90 -35.87 72.01
CA TYR D 710 23.43 -34.84 72.92
C TYR D 710 23.28 -35.40 74.32
N SER D 711 23.64 -34.59 75.31
CA SER D 711 23.42 -34.93 76.71
C SER D 711 23.46 -33.65 77.51
N ASN D 712 22.64 -33.57 78.55
CA ASN D 712 22.50 -32.33 79.28
C ASN D 712 23.75 -31.94 80.06
N ASN D 713 24.81 -32.75 80.00
CA ASN D 713 26.02 -32.45 80.76
C ASN D 713 27.30 -32.72 79.99
N SER D 714 27.24 -32.81 78.66
CA SER D 714 28.43 -33.09 77.86
C SER D 714 28.50 -32.11 76.69
N ILE D 715 29.72 -31.68 76.39
CA ILE D 715 29.98 -30.80 75.24
C ILE D 715 31.00 -31.48 74.35
N ALA D 716 31.45 -30.78 73.32
CA ALA D 716 32.60 -31.22 72.54
C ALA D 716 33.43 -30.00 72.18
N ILE D 717 34.73 -30.08 72.49
CA ILE D 717 35.63 -28.97 72.25
C ILE D 717 36.72 -29.43 71.29
N PRO D 718 37.12 -28.62 70.31
CA PRO D 718 38.20 -29.05 69.41
C PRO D 718 39.56 -28.86 70.07
N ILE D 719 40.44 -29.85 69.89
CA ILE D 719 41.80 -29.68 70.37
C ILE D 719 42.73 -29.20 69.26
N ASN D 720 42.28 -29.22 68.01
CA ASN D 720 43.10 -28.86 66.87
C ASN D 720 42.24 -28.16 65.84
N PHE D 721 42.88 -27.42 64.95
CA PHE D 721 42.20 -26.64 63.93
C PHE D 721 42.88 -26.83 62.59
N THR D 722 42.11 -26.64 61.53
CA THR D 722 42.63 -26.62 60.17
C THR D 722 42.26 -25.30 59.52
N ILE D 723 43.23 -24.68 58.87
CA ILE D 723 43.04 -23.41 58.18
C ILE D 723 42.82 -23.71 56.71
N SER D 724 41.60 -23.49 56.24
CA SER D 724 41.21 -23.80 54.89
C SER D 724 41.01 -22.51 54.11
N VAL D 725 41.35 -22.58 52.83
CA VAL D 725 41.17 -21.45 51.91
C VAL D 725 40.28 -21.92 50.78
N THR D 726 39.21 -21.18 50.51
CA THR D 726 38.25 -21.53 49.49
C THR D 726 38.13 -20.38 48.49
N THR D 727 37.69 -20.71 47.29
CA THR D 727 37.58 -19.76 46.20
C THR D 727 36.12 -19.47 45.89
N GLU D 728 35.82 -18.22 45.57
CA GLU D 728 34.46 -17.79 45.25
C GLU D 728 34.52 -16.86 44.05
N ILE D 729 33.74 -17.15 43.02
CA ILE D 729 33.81 -16.45 41.74
C ILE D 729 32.53 -15.67 41.54
N LEU D 730 32.66 -14.39 41.18
CA LEU D 730 31.53 -13.51 40.98
C LEU D 730 31.74 -12.69 39.72
N PRO D 731 30.78 -12.63 38.81
CA PRO D 731 30.91 -11.75 37.66
C PRO D 731 30.49 -10.32 38.00
N VAL D 732 31.25 -9.33 37.53
CA VAL D 732 30.98 -7.95 37.87
C VAL D 732 30.58 -7.11 36.66
N SER D 733 30.86 -7.56 35.44
CA SER D 733 30.51 -6.79 34.26
C SER D 733 30.46 -7.71 33.07
N MET D 734 29.82 -7.23 32.00
CA MET D 734 29.69 -7.98 30.76
C MET D 734 30.04 -7.09 29.59
N THR D 735 30.40 -7.72 28.47
CA THR D 735 30.88 -6.97 27.32
C THR D 735 29.92 -5.86 26.95
N LYS D 736 30.45 -4.66 26.76
CA LYS D 736 29.68 -3.47 26.45
C LYS D 736 29.42 -3.48 24.95
N THR D 737 28.23 -3.94 24.55
CA THR D 737 27.84 -3.91 23.15
C THR D 737 26.92 -2.74 22.90
N SER D 738 26.85 -2.33 21.63
CA SER D 738 25.91 -1.31 21.19
C SER D 738 25.57 -1.59 19.74
N VAL D 739 24.35 -1.27 19.34
CA VAL D 739 23.86 -1.54 18.00
C VAL D 739 23.24 -0.28 17.45
N ASP D 740 23.60 0.06 16.21
CA ASP D 740 23.02 1.21 15.54
C ASP D 740 21.69 0.77 14.93
N CYS D 741 20.60 1.12 15.60
CA CYS D 741 19.28 0.60 15.22
C CYS D 741 19.02 0.82 13.73
N THR D 742 19.26 2.03 13.24
CA THR D 742 19.01 2.32 11.84
C THR D 742 19.84 1.42 10.94
N MET D 743 21.14 1.33 11.22
CA MET D 743 21.99 0.48 10.39
C MET D 743 21.58 -0.97 10.47
N TYR D 744 21.11 -1.43 11.63
CA TYR D 744 20.76 -2.83 11.79
C TYR D 744 19.50 -3.17 11.01
N ILE D 745 18.39 -2.48 11.30
CA ILE D 745 17.11 -2.92 10.75
C ILE D 745 17.05 -2.66 9.25
N CYS D 746 17.49 -1.49 8.79
CA CYS D 746 17.43 -1.17 7.36
C CYS D 746 18.75 -1.48 6.67
N GLY D 747 19.79 -0.74 7.01
CA GLY D 747 21.12 -1.00 6.48
C GLY D 747 21.34 -0.38 5.12
N ASP D 748 22.28 0.56 5.04
CA ASP D 748 22.76 1.10 3.76
C ASP D 748 21.63 1.24 2.74
N SER D 749 20.54 1.89 3.13
CA SER D 749 19.42 2.12 2.23
C SER D 749 18.66 3.35 2.71
N THR D 750 18.38 4.28 1.80
CA THR D 750 17.80 5.55 2.20
C THR D 750 16.28 5.48 2.28
N GLU D 751 15.64 4.83 1.31
CA GLU D 751 14.19 4.73 1.35
C GLU D 751 13.72 3.95 2.58
N CYS D 752 14.44 2.88 2.92
CA CYS D 752 14.12 2.12 4.12
C CYS D 752 14.25 3.01 5.35
N SER D 753 15.31 3.81 5.41
CA SER D 753 15.50 4.69 6.56
C SER D 753 14.37 5.70 6.65
N ASN D 754 13.97 6.27 5.51
CA ASN D 754 12.86 7.22 5.52
C ASN D 754 11.59 6.57 6.01
N LEU D 755 11.32 5.34 5.57
CA LEU D 755 10.13 4.63 6.06
C LEU D 755 10.23 4.38 7.56
N LEU D 756 11.42 4.02 8.04
CA LEU D 756 11.63 3.86 9.48
C LEU D 756 11.45 5.17 10.21
N LEU D 757 11.95 6.27 9.64
CA LEU D 757 11.96 7.54 10.34
C LEU D 757 10.55 7.96 10.74
N GLN D 758 9.59 7.78 9.83
CA GLN D 758 8.21 8.07 10.19
C GLN D 758 7.60 6.97 11.05
N TYR D 759 8.30 5.83 11.16
CA TYR D 759 7.75 4.72 11.94
C TYR D 759 7.63 5.09 13.41
N GLY D 760 8.62 5.77 13.97
CA GLY D 760 8.58 6.15 15.35
C GLY D 760 9.95 6.55 15.85
N SER D 761 10.05 6.73 17.16
CA SER D 761 11.30 7.06 17.81
C SER D 761 11.88 5.90 18.60
N PHE D 762 11.64 4.65 18.18
CA PHE D 762 12.11 3.51 18.95
C PHE D 762 13.64 3.45 18.98
N CYS D 763 14.28 3.71 17.83
CA CYS D 763 15.73 3.54 17.75
C CYS D 763 16.46 4.37 18.80
N THR D 764 16.01 5.61 19.03
CA THR D 764 16.64 6.42 20.06
C THR D 764 16.51 5.77 21.43
N GLN D 765 15.33 5.23 21.74
CA GLN D 765 15.14 4.57 23.02
C GLN D 765 16.07 3.38 23.17
N LEU D 766 16.20 2.57 22.12
CA LEU D 766 17.04 1.38 22.20
C LEU D 766 18.50 1.78 22.38
N ASN D 767 18.96 2.76 21.62
CA ASN D 767 20.34 3.21 21.78
C ASN D 767 20.57 3.76 23.17
N ARG D 768 19.61 4.50 23.70
CA ARG D 768 19.75 5.03 25.04
C ARG D 768 19.87 3.90 26.06
N ALA D 769 19.02 2.87 25.93
CA ALA D 769 19.08 1.76 26.87
C ALA D 769 20.43 1.07 26.81
N LEU D 770 20.93 0.81 25.61
CA LEU D 770 22.20 0.10 25.49
C LEU D 770 23.36 0.94 26.02
N THR D 771 23.36 2.24 25.75
CA THR D 771 24.42 3.09 26.30
C THR D 771 24.34 3.16 27.80
N GLY D 772 23.13 3.20 28.37
CA GLY D 772 22.99 3.13 29.81
C GLY D 772 23.58 1.85 30.36
N ILE D 773 23.34 0.73 29.68
CA ILE D 773 23.89 -0.54 30.13
C ILE D 773 25.41 -0.50 30.13
N ALA D 774 26.00 0.05 29.06
CA ALA D 774 27.46 0.11 28.98
C ALA D 774 28.04 0.99 30.10
N VAL D 775 27.43 2.16 30.30
CA VAL D 775 27.90 3.02 31.39
C VAL D 775 27.78 2.30 32.71
N GLU D 776 26.73 1.51 32.88
CA GLU D 776 26.56 0.76 34.11
C GLU D 776 27.64 -0.30 34.27
N GLN D 777 28.06 -0.93 33.18
CA GLN D 777 29.17 -1.89 33.29
C GLN D 777 30.43 -1.20 33.77
N ASP D 778 30.74 -0.04 33.21
CA ASP D 778 31.92 0.69 33.68
C ASP D 778 31.78 1.06 35.15
N LYS D 779 30.58 1.50 35.55
CA LYS D 779 30.34 1.83 36.94
C LYS D 779 30.54 0.62 37.85
N ASN D 780 30.06 -0.54 37.42
CA ASN D 780 30.23 -1.75 38.22
C ASN D 780 31.70 -2.06 38.44
N THR D 781 32.47 -2.10 37.34
CA THR D 781 33.88 -2.43 37.48
C THR D 781 34.60 -1.42 38.34
N GLN D 782 34.28 -0.13 38.19
CA GLN D 782 34.91 0.88 39.02
C GLN D 782 34.51 0.72 40.48
N GLU D 783 33.26 0.34 40.73
CA GLU D 783 32.76 0.24 42.10
C GLU D 783 33.37 -0.92 42.85
N VAL D 784 33.58 -2.05 42.18
CA VAL D 784 34.10 -3.22 42.88
C VAL D 784 35.55 -3.01 43.27
N PHE D 785 36.36 -2.49 42.36
CA PHE D 785 37.82 -2.52 42.52
C PHE D 785 38.41 -1.21 43.01
N ALA D 786 37.76 -0.08 42.74
CA ALA D 786 38.40 1.22 42.95
C ALA D 786 38.16 1.72 44.36
N GLN D 787 37.97 0.81 45.31
CA GLN D 787 37.60 1.19 46.66
C GLN D 787 38.73 1.86 47.44
N VAL D 788 39.95 1.86 46.90
CA VAL D 788 41.09 2.52 47.54
C VAL D 788 41.58 3.62 46.61
N LYS D 789 41.76 4.82 47.17
CA LYS D 789 42.22 5.95 46.38
C LYS D 789 43.73 5.99 46.24
N GLN D 790 44.47 5.48 47.21
CA GLN D 790 45.92 5.36 47.12
C GLN D 790 46.30 3.96 46.65
N ILE D 791 47.41 3.89 45.93
CA ILE D 791 47.93 2.62 45.43
C ILE D 791 49.06 2.20 46.35
N TYR D 792 48.87 1.07 47.04
CA TYR D 792 49.84 0.58 47.99
C TYR D 792 50.79 -0.41 47.33
N LYS D 793 52.04 -0.40 47.76
CA LYS D 793 53.09 -1.20 47.16
C LYS D 793 53.67 -2.13 48.21
N THR D 794 53.92 -3.38 47.83
CA THR D 794 54.48 -4.34 48.76
C THR D 794 55.95 -4.02 49.02
N PRO D 795 56.47 -4.41 50.18
CA PRO D 795 57.88 -4.16 50.47
C PRO D 795 58.78 -5.00 49.59
N PRO D 796 60.01 -4.53 49.33
CA PRO D 796 60.90 -5.32 48.47
C PRO D 796 61.21 -6.70 49.03
N ILE D 797 61.36 -6.83 50.35
CA ILE D 797 61.64 -8.10 50.99
C ILE D 797 60.37 -8.56 51.70
N LYS D 798 60.07 -9.85 51.58
CA LYS D 798 58.75 -10.34 51.92
C LYS D 798 58.80 -11.40 53.02
N ASP D 799 59.54 -11.11 54.09
CA ASP D 799 59.59 -11.98 55.26
C ASP D 799 58.34 -11.84 56.13
N PHE D 800 57.20 -12.29 55.61
CA PHE D 800 55.95 -12.16 56.35
C PHE D 800 55.79 -13.25 57.39
N GLY D 801 56.76 -13.35 58.31
CA GLY D 801 56.64 -14.28 59.41
C GLY D 801 56.46 -15.71 59.01
N GLY D 802 56.92 -16.10 57.82
CA GLY D 802 56.78 -17.44 57.34
C GLY D 802 55.61 -17.66 56.40
N PHE D 803 54.63 -16.77 56.41
CA PHE D 803 53.55 -16.84 55.43
C PHE D 803 54.12 -16.52 54.06
N ASN D 804 53.60 -17.20 53.04
CA ASN D 804 54.13 -17.13 51.69
C ASN D 804 53.01 -16.76 50.73
N PHE D 805 53.06 -15.53 50.21
CA PHE D 805 52.03 -15.01 49.32
C PHE D 805 52.45 -15.02 47.86
N SER D 806 53.53 -15.71 47.51
CA SER D 806 54.06 -15.62 46.15
C SER D 806 53.00 -15.95 45.11
N GLN D 807 52.05 -16.81 45.47
CA GLN D 807 51.07 -17.26 44.48
C GLN D 807 49.94 -16.27 44.27
N ILE D 808 49.89 -15.17 45.02
CA ILE D 808 48.83 -14.18 44.84
C ILE D 808 49.41 -12.82 44.50
N LEU D 809 50.63 -12.56 44.93
CA LEU D 809 51.26 -11.28 44.62
C LEU D 809 51.81 -11.31 43.19
N PRO D 810 51.78 -10.19 42.49
CA PRO D 810 52.35 -10.15 41.15
C PRO D 810 53.88 -10.13 41.20
N ASP D 811 54.49 -10.57 40.11
CA ASP D 811 55.94 -10.62 40.03
C ASP D 811 56.42 -10.00 38.72
N PRO D 812 57.61 -9.41 38.71
CA PRO D 812 58.07 -8.74 37.47
C PRO D 812 58.41 -9.70 36.34
N SER D 813 58.34 -11.01 36.56
CA SER D 813 58.77 -11.97 35.56
C SER D 813 57.65 -12.26 34.55
N LYS D 814 56.69 -11.35 34.43
CA LYS D 814 55.59 -11.49 33.49
C LYS D 814 55.39 -10.17 32.78
N PRO D 815 54.84 -10.17 31.58
CA PRO D 815 54.63 -8.91 30.86
C PRO D 815 53.47 -8.11 31.41
N SER D 816 52.40 -8.80 31.78
CA SER D 816 51.18 -8.16 32.26
C SER D 816 51.17 -7.96 33.77
N LYS D 817 52.21 -8.40 34.48
CA LYS D 817 52.34 -8.19 35.91
C LYS D 817 51.14 -8.75 36.66
N ARG D 818 50.67 -9.91 36.23
CA ARG D 818 49.66 -10.63 36.98
C ARG D 818 50.31 -11.58 37.98
N SER D 819 49.52 -12.02 38.95
CA SER D 819 49.96 -13.10 39.81
C SER D 819 49.70 -14.44 39.15
N PHE D 820 50.28 -15.49 39.72
CA PHE D 820 50.16 -16.81 39.12
C PHE D 820 48.70 -17.25 39.04
N ILE D 821 47.95 -17.05 40.13
CA ILE D 821 46.55 -17.43 40.14
C ILE D 821 45.79 -16.64 39.08
N GLU D 822 46.10 -15.35 38.96
CA GLU D 822 45.44 -14.53 37.96
C GLU D 822 45.74 -15.03 36.56
N ASP D 823 46.98 -15.47 36.32
CA ASP D 823 47.32 -16.02 35.01
C ASP D 823 46.53 -17.29 34.72
N LEU D 824 46.44 -18.19 35.70
CA LEU D 824 45.61 -19.37 35.53
C LEU D 824 44.18 -18.98 35.15
N LEU D 825 43.60 -18.04 35.90
CA LEU D 825 42.23 -17.64 35.63
C LEU D 825 42.10 -17.05 34.23
N PHE D 826 43.04 -16.20 33.83
CA PHE D 826 42.95 -15.58 32.52
C PHE D 826 43.04 -16.60 31.40
N ASN D 827 43.93 -17.58 31.53
CA ASN D 827 44.02 -18.61 30.49
C ASN D 827 42.79 -19.50 30.47
N LYS D 828 42.22 -19.81 31.64
CA LYS D 828 41.19 -20.85 31.68
C LYS D 828 39.96 -20.47 30.87
N VAL D 829 39.46 -19.26 31.03
CA VAL D 829 38.21 -18.88 30.38
C VAL D 829 38.47 -18.57 28.92
N THR D 830 37.47 -18.82 28.08
CA THR D 830 37.58 -18.59 26.64
C THR D 830 37.60 -17.09 26.34
N ALA D 848 40.94 -12.13 19.79
CA ALA D 848 39.99 -11.44 20.65
C ALA D 848 40.64 -10.23 21.31
N ALA D 849 41.93 -10.36 21.61
CA ALA D 849 42.66 -9.29 22.29
C ALA D 849 43.05 -8.16 21.35
N ARG D 850 43.30 -8.46 20.08
CA ARG D 850 43.78 -7.45 19.15
C ARG D 850 43.12 -7.52 17.78
N ASP D 851 41.90 -8.06 17.68
CA ASP D 851 41.16 -8.01 16.44
C ASP D 851 40.32 -6.75 16.39
N LEU D 852 40.48 -5.96 15.33
CA LEU D 852 39.85 -4.65 15.24
C LEU D 852 39.09 -4.56 13.92
N ILE D 853 37.91 -3.92 13.97
CA ILE D 853 37.02 -3.78 12.82
C ILE D 853 36.50 -5.15 12.40
N CYS D 854 37.41 -6.09 12.12
CA CYS D 854 36.99 -7.45 11.81
C CYS D 854 36.23 -8.09 12.98
N ALA D 855 36.55 -7.69 14.21
CA ALA D 855 35.86 -8.26 15.36
C ALA D 855 34.38 -7.88 15.38
N GLN D 856 34.08 -6.59 15.19
CA GLN D 856 32.69 -6.15 15.16
C GLN D 856 32.00 -6.72 13.93
N LYS D 857 30.75 -7.11 14.12
CA LYS D 857 30.02 -7.82 13.09
C LYS D 857 29.81 -6.92 11.87
N PHE D 858 29.23 -7.50 10.82
CA PHE D 858 29.19 -6.86 9.53
C PHE D 858 28.19 -5.71 9.46
N ASN D 859 27.37 -5.50 10.48
CA ASN D 859 26.39 -4.43 10.41
C ASN D 859 25.87 -4.10 11.81
N GLY D 860 25.91 -2.81 12.13
CA GLY D 860 25.24 -2.30 13.32
C GLY D 860 25.93 -2.61 14.63
N LEU D 861 26.29 -3.86 14.83
CA LEU D 861 26.76 -4.34 16.13
C LEU D 861 28.21 -3.91 16.34
N THR D 862 28.47 -3.24 17.45
CA THR D 862 29.79 -2.81 17.82
C THR D 862 30.05 -3.16 19.28
N VAL D 863 31.32 -3.34 19.62
CA VAL D 863 31.75 -3.69 20.96
C VAL D 863 32.66 -2.59 21.47
N LEU D 864 32.34 -2.07 22.65
CA LEU D 864 33.14 -0.99 23.21
C LEU D 864 34.14 -1.57 24.22
N PRO D 865 35.33 -1.00 24.32
CA PRO D 865 36.29 -1.50 25.30
C PRO D 865 35.97 -0.95 26.69
N PRO D 866 36.28 -1.70 27.74
CA PRO D 866 36.01 -1.20 29.09
C PRO D 866 36.88 0.00 29.41
N LEU D 867 36.37 0.83 30.32
CA LEU D 867 37.12 2.02 30.71
C LEU D 867 38.44 1.65 31.37
N LEU D 868 38.45 0.61 32.19
CA LEU D 868 39.65 0.12 32.85
C LEU D 868 40.18 -1.09 32.09
N THR D 869 41.43 -1.01 31.65
CA THR D 869 42.06 -2.15 31.00
C THR D 869 42.59 -3.13 32.04
N ASP D 870 42.79 -4.37 31.60
CA ASP D 870 43.12 -5.43 32.55
C ASP D 870 44.36 -5.11 33.37
N GLU D 871 45.31 -4.37 32.81
CA GLU D 871 46.51 -4.03 33.56
C GLU D 871 46.18 -3.18 34.78
N MET D 872 45.31 -2.18 34.62
CA MET D 872 45.00 -1.32 35.75
C MET D 872 44.04 -1.99 36.73
N ILE D 873 43.21 -2.93 36.28
CA ILE D 873 42.45 -3.74 37.22
C ILE D 873 43.39 -4.58 38.06
N ALA D 874 44.40 -5.17 37.42
CA ALA D 874 45.41 -5.90 38.17
C ALA D 874 46.13 -4.97 39.14
N GLN D 875 46.33 -3.71 38.75
CA GLN D 875 46.96 -2.76 39.66
C GLN D 875 46.09 -2.50 40.87
N TYR D 876 44.77 -2.30 40.68
CA TYR D 876 43.89 -2.19 41.84
C TYR D 876 43.99 -3.40 42.74
N THR D 877 43.95 -4.60 42.15
CA THR D 877 43.99 -5.80 42.98
C THR D 877 45.32 -5.90 43.73
N SER D 878 46.42 -5.52 43.07
CA SER D 878 47.70 -5.50 43.76
C SER D 878 47.70 -4.50 44.91
N ALA D 879 47.08 -3.35 44.70
CA ALA D 879 47.00 -2.37 45.78
C ALA D 879 46.22 -2.93 46.96
N LEU D 880 45.09 -3.59 46.68
CA LEU D 880 44.32 -4.18 47.76
C LEU D 880 45.12 -5.24 48.50
N LEU D 881 45.83 -6.09 47.75
CA LEU D 881 46.64 -7.13 48.38
C LEU D 881 47.73 -6.53 49.26
N ALA D 882 48.42 -5.52 48.75
CA ALA D 882 49.48 -4.89 49.53
C ALA D 882 48.91 -4.25 50.79
N GLY D 883 47.79 -3.55 50.66
CA GLY D 883 47.20 -2.92 51.82
C GLY D 883 46.79 -3.92 52.88
N THR D 884 46.14 -5.01 52.46
CA THR D 884 45.67 -5.99 53.43
C THR D 884 46.81 -6.78 54.03
N ILE D 885 47.89 -7.00 53.27
CA ILE D 885 49.04 -7.72 53.83
C ILE D 885 49.79 -6.85 54.82
N THR D 886 49.90 -5.55 54.53
CA THR D 886 50.74 -4.69 55.36
C THR D 886 49.98 -4.00 56.46
N SER D 887 48.68 -3.76 56.29
CA SER D 887 47.96 -2.88 57.19
C SER D 887 46.71 -3.49 57.80
N GLY D 888 46.42 -4.76 57.53
CA GLY D 888 45.17 -5.31 58.04
C GLY D 888 43.98 -4.55 57.50
N TRP D 889 43.07 -4.19 58.41
CA TRP D 889 41.87 -3.48 58.00
C TRP D 889 42.01 -1.96 58.08
N THR D 890 43.11 -1.46 58.62
CA THR D 890 43.21 -0.03 58.88
C THR D 890 43.11 0.78 57.60
N PHE D 891 43.74 0.31 56.52
CA PHE D 891 43.77 1.12 55.30
C PHE D 891 42.40 1.35 54.73
N GLY D 892 41.43 0.49 55.05
CA GLY D 892 40.09 0.68 54.54
C GLY D 892 39.24 1.61 55.39
N ALA D 893 39.68 1.88 56.61
CA ALA D 893 38.93 2.71 57.54
C ALA D 893 39.65 4.01 57.89
N GLY D 894 40.68 4.38 57.15
CA GLY D 894 41.41 5.60 57.44
C GLY D 894 42.84 5.51 56.94
N ALA D 895 43.72 6.27 57.59
CA ALA D 895 45.12 6.25 57.21
C ALA D 895 45.71 4.86 57.45
N ALA D 896 46.38 4.32 56.43
CA ALA D 896 46.95 2.98 56.52
C ALA D 896 48.04 2.95 57.59
N LEU D 897 48.04 1.89 58.39
CA LEU D 897 48.97 1.74 59.50
C LEU D 897 49.72 0.42 59.36
N GLN D 898 51.02 0.44 59.67
CA GLN D 898 51.81 -0.77 59.58
C GLN D 898 51.46 -1.71 60.72
N ILE D 899 51.72 -3.00 60.50
CA ILE D 899 51.61 -3.98 61.58
C ILE D 899 52.21 -5.28 61.08
N PRO D 900 53.09 -5.94 61.84
CA PRO D 900 53.66 -7.20 61.37
C PRO D 900 52.56 -8.21 61.09
N PHE D 901 52.73 -8.96 60.00
CA PHE D 901 51.64 -9.82 59.56
C PHE D 901 51.32 -10.88 60.60
N ALA D 902 52.33 -11.39 61.30
CA ALA D 902 52.05 -12.33 62.37
C ALA D 902 51.15 -11.68 63.41
N MET D 903 51.40 -10.42 63.76
CA MET D 903 50.56 -9.74 64.73
C MET D 903 49.17 -9.47 64.18
N GLN D 904 49.07 -9.16 62.89
CA GLN D 904 47.76 -8.98 62.29
C GLN D 904 46.95 -10.26 62.40
N MET D 905 47.56 -11.40 62.09
CA MET D 905 46.85 -12.65 62.23
C MET D 905 46.49 -12.92 63.68
N ALA D 906 47.36 -12.55 64.61
CA ALA D 906 46.99 -12.69 66.02
C ALA D 906 45.73 -11.91 66.32
N TYR D 907 45.64 -10.67 65.84
CA TYR D 907 44.41 -9.91 66.01
C TYR D 907 43.22 -10.63 65.40
N ARG D 908 43.39 -11.17 64.20
CA ARG D 908 42.26 -11.77 63.50
C ARG D 908 41.76 -13.02 64.21
N PHE D 909 42.66 -13.81 64.81
CA PHE D 909 42.17 -14.89 65.67
C PHE D 909 41.36 -14.34 66.83
N ASN D 910 41.85 -13.27 67.46
CA ASN D 910 41.11 -12.70 68.58
C ASN D 910 39.72 -12.27 68.14
N GLY D 911 39.52 -12.04 66.84
CA GLY D 911 38.20 -11.71 66.35
C GLY D 911 37.23 -12.87 66.36
N ILE D 912 37.67 -14.04 65.92
CA ILE D 912 36.77 -15.18 65.84
C ILE D 912 36.47 -15.75 67.21
N GLY D 913 37.23 -15.33 68.23
CA GLY D 913 36.95 -15.75 69.59
C GLY D 913 38.01 -16.68 70.15
N VAL D 914 39.21 -16.65 69.57
CA VAL D 914 40.32 -17.49 69.98
C VAL D 914 41.45 -16.59 70.44
N THR D 915 41.94 -16.83 71.66
CA THR D 915 42.96 -15.95 72.21
C THR D 915 44.16 -15.87 71.28
N GLN D 916 44.96 -14.82 71.45
CA GLN D 916 46.12 -14.63 70.60
C GLN D 916 47.12 -15.75 70.76
N ASN D 917 47.34 -16.18 72.00
CA ASN D 917 48.51 -16.98 72.29
C ASN D 917 48.52 -18.30 71.54
N VAL D 918 47.38 -18.72 70.99
CA VAL D 918 47.37 -19.97 70.25
C VAL D 918 47.94 -19.78 68.86
N LEU D 919 48.10 -18.54 68.41
CA LEU D 919 48.73 -18.30 67.11
C LEU D 919 50.24 -18.40 67.23
N TYR D 920 50.82 -17.62 68.14
CA TYR D 920 52.27 -17.58 68.23
C TYR D 920 52.84 -18.95 68.54
N GLU D 921 52.19 -19.71 69.41
CA GLU D 921 52.62 -21.06 69.68
C GLU D 921 52.52 -21.93 68.44
N ASN D 922 51.46 -21.73 67.65
CA ASN D 922 51.26 -22.55 66.45
C ASN D 922 51.63 -21.80 65.18
N GLN D 923 52.41 -20.73 65.27
CA GLN D 923 52.63 -19.88 64.12
C GLN D 923 53.23 -20.66 62.96
N LYS D 924 54.24 -21.48 63.23
CA LYS D 924 54.87 -22.25 62.16
C LYS D 924 53.86 -23.16 61.49
N LEU D 925 53.09 -23.89 62.29
CA LEU D 925 52.09 -24.80 61.74
C LEU D 925 51.07 -24.04 60.91
N ILE D 926 50.63 -22.88 61.39
CA ILE D 926 49.62 -22.11 60.69
C ILE D 926 50.17 -21.62 59.35
N ALA D 927 51.42 -21.17 59.34
CA ALA D 927 52.03 -20.73 58.09
C ALA D 927 52.09 -21.88 57.10
N ASN D 928 52.51 -23.06 57.57
CA ASN D 928 52.57 -24.21 56.67
C ASN D 928 51.20 -24.56 56.12
N GLN D 929 50.18 -24.55 56.98
CA GLN D 929 48.83 -24.87 56.53
C GLN D 929 48.36 -23.88 55.48
N PHE D 930 48.59 -22.59 55.72
CA PHE D 930 48.15 -21.59 54.76
C PHE D 930 48.87 -21.75 53.42
N ASN D 931 50.19 -21.99 53.46
CA ASN D 931 50.93 -22.17 52.23
C ASN D 931 50.43 -23.38 51.45
N SER D 932 50.23 -24.50 52.12
CA SER D 932 49.73 -25.68 51.42
C SER D 932 48.34 -25.43 50.85
N ALA D 933 47.48 -24.74 51.61
CA ALA D 933 46.14 -24.47 51.13
C ALA D 933 46.16 -23.64 49.86
N ILE D 934 46.97 -22.59 49.84
CA ILE D 934 46.99 -21.74 48.65
C ILE D 934 47.58 -22.49 47.46
N GLY D 935 48.62 -23.29 47.71
CA GLY D 935 49.19 -24.08 46.62
C GLY D 935 48.17 -25.03 46.03
N LYS D 936 47.41 -25.72 46.88
CA LYS D 936 46.43 -26.66 46.35
C LYS D 936 45.25 -25.94 45.72
N ILE D 937 44.98 -24.69 46.12
CA ILE D 937 44.01 -23.89 45.37
C ILE D 937 44.49 -23.66 43.94
N GLN D 938 45.76 -23.28 43.81
CA GLN D 938 46.31 -23.11 42.47
C GLN D 938 46.15 -24.40 41.67
N ASP D 939 46.49 -25.53 42.29
CA ASP D 939 46.38 -26.80 41.59
C ASP D 939 44.94 -27.11 41.20
N SER D 940 44.00 -26.86 42.11
CA SER D 940 42.59 -27.14 41.84
C SER D 940 42.09 -26.31 40.68
N LEU D 941 42.42 -25.03 40.66
CA LEU D 941 42.03 -24.19 39.54
C LEU D 941 42.65 -24.70 38.24
N SER D 942 43.92 -25.09 38.28
CA SER D 942 44.57 -25.55 37.06
C SER D 942 43.93 -26.82 36.52
N SER D 943 43.56 -27.74 37.41
CA SER D 943 43.17 -29.08 36.96
C SER D 943 41.67 -29.17 36.71
N THR D 944 40.86 -28.87 37.72
CA THR D 944 39.44 -29.20 37.66
C THR D 944 38.74 -28.45 36.54
N ALA D 945 37.68 -29.08 36.02
CA ALA D 945 36.86 -28.47 35.00
C ALA D 945 35.71 -27.69 35.64
N SER D 946 35.15 -26.76 34.89
CA SER D 946 34.07 -25.90 35.37
C SER D 946 34.51 -25.04 36.56
N ALA D 947 35.80 -24.75 36.64
CA ALA D 947 36.30 -23.91 37.71
C ALA D 947 35.72 -22.50 37.61
N LEU D 948 35.71 -21.93 36.40
CA LEU D 948 35.18 -20.60 36.15
C LEU D 948 33.79 -20.65 35.55
N GLY D 949 32.95 -21.59 35.98
CA GLY D 949 31.71 -21.84 35.28
C GLY D 949 30.85 -20.61 35.15
N LYS D 950 30.82 -19.76 36.17
CA LYS D 950 29.91 -18.63 36.17
C LYS D 950 30.30 -17.58 35.13
N LEU D 951 31.59 -17.22 35.08
CA LEU D 951 32.04 -16.24 34.10
C LEU D 951 31.87 -16.76 32.69
N GLN D 952 32.22 -18.03 32.46
CA GLN D 952 32.05 -18.63 31.15
C GLN D 952 30.57 -18.64 30.78
N ASP D 953 29.70 -18.90 31.74
CA ASP D 953 28.27 -18.88 31.47
C ASP D 953 27.82 -17.49 31.03
N VAL D 954 28.30 -16.45 31.72
CA VAL D 954 27.92 -15.10 31.34
C VAL D 954 28.37 -14.81 29.91
N VAL D 955 29.62 -15.15 29.60
CA VAL D 955 30.14 -14.87 28.26
C VAL D 955 29.35 -15.63 27.21
N ASN D 956 29.04 -16.91 27.48
CA ASN D 956 28.29 -17.70 26.52
C ASN D 956 26.90 -17.12 26.30
N GLN D 957 26.24 -16.68 27.38
CA GLN D 957 24.91 -16.10 27.23
C GLN D 957 24.97 -14.87 26.35
N ASN D 958 25.92 -13.97 26.61
CA ASN D 958 26.02 -12.77 25.78
C ASN D 958 26.31 -13.13 24.32
N ALA D 959 27.23 -14.07 24.11
CA ALA D 959 27.61 -14.42 22.75
C ALA D 959 26.44 -15.01 21.99
N GLN D 960 25.68 -15.91 22.62
CA GLN D 960 24.55 -16.51 21.93
C GLN D 960 23.44 -15.50 21.73
N ALA D 961 23.28 -14.54 22.63
CA ALA D 961 22.31 -13.49 22.39
C ALA D 961 22.66 -12.70 21.14
N LEU D 962 23.92 -12.29 21.01
CA LEU D 962 24.34 -11.58 19.80
C LEU D 962 24.16 -12.46 18.56
N ASN D 963 24.56 -13.73 18.67
CA ASN D 963 24.46 -14.62 17.52
C ASN D 963 23.02 -14.78 17.06
N THR D 964 22.10 -14.96 18.00
CA THR D 964 20.69 -15.02 17.64
C THR D 964 20.22 -13.70 17.03
N LEU D 965 20.70 -12.58 17.56
CA LEU D 965 20.32 -11.30 16.97
C LEU D 965 20.73 -11.21 15.51
N VAL D 966 21.94 -11.66 15.19
CA VAL D 966 22.40 -11.59 13.81
C VAL D 966 21.60 -12.54 12.92
N LYS D 967 21.41 -13.78 13.38
CA LYS D 967 20.71 -14.74 12.54
C LYS D 967 19.28 -14.31 12.26
N GLN D 968 18.70 -13.48 13.13
CA GLN D 968 17.34 -13.02 12.87
C GLN D 968 17.27 -12.14 11.64
N LEU D 969 18.41 -11.63 11.17
CA LEU D 969 18.42 -10.86 9.94
C LEU D 969 18.06 -11.73 8.75
N SER D 970 18.55 -12.98 8.74
CA SER D 970 18.28 -13.87 7.62
C SER D 970 16.84 -14.33 7.61
N SER D 971 16.09 -14.07 8.67
CA SER D 971 14.69 -14.47 8.70
C SER D 971 13.87 -13.65 7.73
N ASN D 972 12.68 -14.17 7.42
CA ASN D 972 11.84 -13.63 6.37
C ASN D 972 10.65 -12.82 6.86
N PHE D 973 10.07 -13.20 8.01
CA PHE D 973 8.95 -12.49 8.59
C PHE D 973 7.80 -12.33 7.61
N GLY D 974 7.62 -13.29 6.70
CA GLY D 974 6.52 -13.25 5.78
C GLY D 974 6.77 -12.46 4.51
N ALA D 975 7.89 -11.76 4.40
CA ALA D 975 8.21 -11.04 3.18
C ALA D 975 8.56 -12.02 2.08
N ILE D 976 8.56 -11.53 0.84
CA ILE D 976 8.92 -12.39 -0.29
C ILE D 976 10.41 -12.66 -0.37
N SER D 977 11.21 -11.98 0.45
CA SER D 977 12.64 -12.26 0.51
C SER D 977 13.20 -11.65 1.78
N SER D 978 14.38 -12.13 2.18
CA SER D 978 15.03 -11.66 3.39
C SER D 978 16.05 -10.56 3.14
N VAL D 979 16.78 -10.64 2.02
CA VAL D 979 17.76 -9.62 1.69
C VAL D 979 17.04 -8.38 1.16
N LEU D 980 17.42 -7.22 1.67
CA LEU D 980 16.68 -6.01 1.35
C LEU D 980 16.89 -5.57 -0.09
N ASN D 981 18.13 -5.65 -0.58
CA ASN D 981 18.41 -5.13 -1.92
C ASN D 981 17.66 -5.89 -2.99
N ASP D 982 17.60 -7.22 -2.88
CA ASP D 982 16.88 -8.02 -3.88
C ASP D 982 15.39 -7.66 -3.88
N ILE D 983 14.78 -7.61 -2.70
CA ILE D 983 13.36 -7.32 -2.64
C ILE D 983 13.08 -5.90 -3.12
N LEU D 984 14.03 -4.98 -2.94
CA LEU D 984 13.87 -3.66 -3.53
C LEU D 984 13.91 -3.73 -5.05
N ALA D 985 14.92 -4.40 -5.59
CA ALA D 985 15.12 -4.39 -7.04
C ALA D 985 13.98 -5.07 -7.77
N ARG D 986 13.50 -6.20 -7.25
CA ARG D 986 12.61 -7.04 -8.05
C ARG D 986 11.20 -6.48 -8.15
N LEU D 987 10.83 -5.53 -7.30
CA LEU D 987 9.43 -5.19 -7.09
C LEU D 987 9.19 -3.69 -7.21
N ASP D 988 7.91 -3.35 -7.44
CA ASP D 988 7.51 -1.97 -7.60
C ASP D 988 7.57 -1.22 -6.27
N PRO D 989 7.70 0.11 -6.32
CA PRO D 989 7.90 0.89 -5.08
C PRO D 989 6.78 0.70 -4.08
N PRO D 990 5.51 0.67 -4.50
CA PRO D 990 4.43 0.52 -3.50
C PRO D 990 4.39 -0.85 -2.83
N GLU D 991 4.36 -1.92 -3.62
CA GLU D 991 4.33 -3.24 -3.01
C GLU D 991 5.65 -3.54 -2.31
N ALA D 992 6.75 -3.03 -2.85
CA ALA D 992 8.01 -3.10 -2.13
C ALA D 992 7.93 -2.38 -0.80
N GLU D 993 7.21 -1.25 -0.76
CA GLU D 993 7.02 -0.56 0.51
C GLU D 993 6.27 -1.43 1.50
N VAL D 994 5.23 -2.12 1.04
CA VAL D 994 4.49 -2.99 1.95
C VAL D 994 5.38 -4.13 2.45
N GLN D 995 6.11 -4.77 1.55
CA GLN D 995 6.98 -5.87 1.94
C GLN D 995 8.04 -5.40 2.92
N ILE D 996 8.65 -4.25 2.65
CA ILE D 996 9.70 -3.76 3.53
C ILE D 996 9.12 -3.32 4.86
N ASP D 997 7.87 -2.86 4.88
CA ASP D 997 7.24 -2.61 6.17
C ASP D 997 7.12 -3.89 6.98
N ARG D 998 6.69 -4.97 6.33
CA ARG D 998 6.66 -6.27 7.01
C ARG D 998 8.03 -6.61 7.58
N LEU D 999 9.05 -6.56 6.74
CA LEU D 999 10.39 -6.94 7.16
C LEU D 999 10.91 -6.05 8.29
N ILE D 1000 10.63 -4.75 8.20
CA ILE D 1000 11.14 -3.80 9.17
C ILE D 1000 10.45 -3.99 10.51
N THR D 1001 9.13 -4.22 10.50
CA THR D 1001 8.47 -4.48 11.77
C THR D 1001 9.00 -5.76 12.40
N GLY D 1002 9.26 -6.79 11.60
CA GLY D 1002 9.84 -8.00 12.15
C GLY D 1002 11.21 -7.75 12.79
N ARG D 1003 12.09 -7.06 12.06
CA ARG D 1003 13.43 -6.81 12.59
C ARG D 1003 13.38 -5.93 13.82
N LEU D 1004 12.50 -4.93 13.81
CA LEU D 1004 12.37 -4.07 14.98
C LEU D 1004 11.90 -4.85 16.18
N GLN D 1005 10.95 -5.76 15.98
CA GLN D 1005 10.52 -6.60 17.09
C GLN D 1005 11.67 -7.44 17.61
N SER D 1006 12.47 -8.01 16.72
CA SER D 1006 13.61 -8.81 17.16
C SER D 1006 14.58 -7.97 17.98
N LEU D 1007 14.88 -6.77 17.50
CA LEU D 1007 15.82 -5.91 18.20
C LEU D 1007 15.29 -5.50 19.56
N GLN D 1008 14.01 -5.18 19.64
CA GLN D 1008 13.41 -4.81 20.92
C GLN D 1008 13.48 -5.97 21.90
N THR D 1009 13.19 -7.19 21.43
CA THR D 1009 13.31 -8.35 22.30
C THR D 1009 14.73 -8.49 22.81
N TYR D 1010 15.72 -8.34 21.92
CA TYR D 1010 17.11 -8.46 22.34
C TYR D 1010 17.45 -7.43 23.40
N VAL D 1011 17.00 -6.20 23.21
CA VAL D 1011 17.35 -5.14 24.15
C VAL D 1011 16.70 -5.40 25.52
N THR D 1012 15.47 -5.90 25.52
CA THR D 1012 14.84 -6.23 26.80
C THR D 1012 15.58 -7.34 27.52
N GLN D 1013 15.95 -8.39 26.79
CA GLN D 1013 16.74 -9.45 27.41
C GLN D 1013 18.04 -8.89 27.96
N GLN D 1014 18.66 -7.98 27.21
CA GLN D 1014 19.91 -7.39 27.67
C GLN D 1014 19.71 -6.60 28.94
N LEU D 1015 18.62 -5.85 29.05
CA LEU D 1015 18.36 -5.11 30.27
C LEU D 1015 18.18 -6.04 31.46
N ILE D 1016 17.42 -7.12 31.26
CA ILE D 1016 17.23 -8.08 32.35
C ILE D 1016 18.57 -8.63 32.82
N ARG D 1017 19.38 -9.07 31.86
CA ARG D 1017 20.68 -9.66 32.21
C ARG D 1017 21.58 -8.63 32.87
N ALA D 1018 21.51 -7.38 32.41
CA ALA D 1018 22.32 -6.33 33.02
C ALA D 1018 21.91 -6.08 34.46
N ALA D 1019 20.61 -6.14 34.75
CA ALA D 1019 20.16 -6.02 36.13
C ALA D 1019 20.70 -7.17 36.97
N GLU D 1020 20.68 -8.39 36.44
CA GLU D 1020 21.24 -9.51 37.18
C GLU D 1020 22.72 -9.29 37.48
N ILE D 1021 23.49 -8.88 36.48
CA ILE D 1021 24.91 -8.67 36.68
C ILE D 1021 25.15 -7.52 37.64
N ARG D 1022 24.31 -6.49 37.61
CA ARG D 1022 24.43 -5.38 38.55
C ARG D 1022 24.22 -5.86 39.97
N ALA D 1023 23.23 -6.73 40.19
CA ALA D 1023 23.03 -7.29 41.51
C ALA D 1023 24.26 -8.07 41.96
N SER D 1024 24.81 -8.89 41.06
CA SER D 1024 26.01 -9.65 41.40
C SER D 1024 27.18 -8.74 41.70
N ALA D 1025 27.33 -7.66 40.96
CA ALA D 1025 28.45 -6.74 41.18
C ALA D 1025 28.28 -5.97 42.48
N ASN D 1026 27.05 -5.60 42.83
CA ASN D 1026 26.80 -5.01 44.14
C ASN D 1026 27.17 -5.97 45.25
N LEU D 1027 26.81 -7.25 45.09
CA LEU D 1027 27.21 -8.24 46.07
C LEU D 1027 28.73 -8.35 46.15
N ALA D 1028 29.40 -8.32 45.00
CA ALA D 1028 30.85 -8.42 44.99
C ALA D 1028 31.49 -7.23 45.69
N ALA D 1029 30.97 -6.03 45.46
CA ALA D 1029 31.49 -4.85 46.14
C ALA D 1029 31.28 -4.94 47.63
N THR D 1030 30.08 -5.37 48.06
CA THR D 1030 29.83 -5.55 49.48
C THR D 1030 30.81 -6.55 50.08
N LYS D 1031 31.02 -7.65 49.37
CA LYS D 1031 31.89 -8.70 49.87
C LYS D 1031 33.33 -8.22 49.95
N MET D 1032 33.80 -7.48 48.95
CA MET D 1032 35.15 -6.93 49.02
C MET D 1032 35.27 -5.99 50.21
N SER D 1033 34.34 -5.06 50.35
CA SER D 1033 34.43 -4.09 51.45
C SER D 1033 34.44 -4.80 52.79
N GLU D 1034 33.60 -5.81 52.97
CA GLU D 1034 33.40 -6.35 54.31
C GLU D 1034 34.42 -7.42 54.65
N CYS D 1035 34.86 -8.20 53.65
CA CYS D 1035 35.74 -9.33 53.94
C CYS D 1035 37.20 -9.01 53.62
N VAL D 1036 37.46 -8.26 52.54
CA VAL D 1036 38.83 -7.91 52.21
C VAL D 1036 39.32 -6.77 53.10
N LEU D 1037 38.60 -5.66 53.11
CA LEU D 1037 38.98 -4.50 53.91
C LEU D 1037 38.67 -4.66 55.39
N GLY D 1038 38.17 -5.80 55.81
CA GLY D 1038 37.84 -6.02 57.21
C GLY D 1038 37.72 -7.48 57.51
N GLN D 1039 36.98 -7.78 58.57
CA GLN D 1039 36.70 -9.15 58.97
C GLN D 1039 35.23 -9.26 59.31
N SER D 1040 34.54 -10.20 58.69
CA SER D 1040 33.09 -10.30 58.79
C SER D 1040 32.72 -11.23 59.93
N LYS D 1041 31.91 -10.73 60.86
CA LYS D 1041 31.36 -11.57 61.90
C LYS D 1041 30.22 -12.43 61.39
N ARG D 1042 29.46 -11.93 60.42
CA ARG D 1042 28.29 -12.63 59.90
C ARG D 1042 28.73 -13.95 59.28
N VAL D 1043 28.10 -15.04 59.70
CA VAL D 1043 28.60 -16.37 59.36
C VAL D 1043 28.31 -16.69 57.90
N ASP D 1044 29.17 -17.50 57.31
CA ASP D 1044 28.99 -18.11 56.00
C ASP D 1044 28.83 -17.05 54.91
N PHE D 1045 29.13 -15.78 55.21
CA PHE D 1045 29.15 -14.77 54.16
C PHE D 1045 30.38 -14.91 53.28
N CYS D 1046 31.53 -15.20 53.88
CA CYS D 1046 32.79 -15.40 53.14
C CYS D 1046 33.39 -16.74 53.59
N GLY D 1047 32.97 -17.79 52.93
CA GLY D 1047 33.58 -19.10 53.09
C GLY D 1047 33.02 -19.87 54.27
N LYS D 1048 33.19 -21.19 54.19
CA LYS D 1048 32.81 -22.06 55.29
C LYS D 1048 33.74 -21.88 56.47
N GLY D 1049 33.19 -21.97 57.67
CA GLY D 1049 33.96 -21.80 58.88
C GLY D 1049 34.10 -20.34 59.27
N TYR D 1050 34.74 -20.13 60.41
CA TYR D 1050 34.99 -18.80 60.92
C TYR D 1050 35.93 -18.08 59.98
N HIS D 1051 35.73 -16.78 59.81
CA HIS D 1051 36.36 -16.03 58.74
C HIS D 1051 37.61 -15.33 59.25
N LEU D 1052 38.75 -15.65 58.64
CA LEU D 1052 39.95 -14.84 58.70
C LEU D 1052 39.99 -13.97 57.45
N MET D 1053 41.13 -13.33 57.22
CA MET D 1053 41.30 -12.42 56.10
C MET D 1053 40.92 -13.08 54.77
N SER D 1054 40.69 -12.25 53.77
CA SER D 1054 40.37 -12.69 52.42
C SER D 1054 41.18 -11.91 51.40
N PHE D 1055 41.43 -12.52 50.25
CA PHE D 1055 42.25 -11.91 49.22
C PHE D 1055 41.51 -11.87 47.89
N PRO D 1056 41.53 -10.73 47.19
CA PRO D 1056 40.85 -10.68 45.90
C PRO D 1056 41.77 -11.07 44.75
N GLN D 1057 41.21 -11.56 43.67
CA GLN D 1057 41.96 -11.82 42.45
C GLN D 1057 41.11 -11.44 41.26
N SER D 1058 41.77 -10.98 40.21
CA SER D 1058 41.09 -10.45 39.04
C SER D 1058 40.85 -11.55 38.03
N ALA D 1059 39.66 -11.54 37.44
CA ALA D 1059 39.28 -12.43 36.35
C ALA D 1059 38.79 -11.57 35.20
N PRO D 1060 38.75 -12.12 33.99
CA PRO D 1060 38.49 -11.26 32.82
C PRO D 1060 37.22 -10.45 32.89
N HIS D 1061 36.14 -10.97 33.47
CA HIS D 1061 34.94 -10.16 33.65
C HIS D 1061 34.31 -10.41 35.01
N GLY D 1062 35.13 -10.68 36.01
CA GLY D 1062 34.64 -10.94 37.34
C GLY D 1062 35.77 -10.89 38.33
N VAL D 1063 35.45 -11.08 39.59
CA VAL D 1063 36.43 -11.07 40.66
C VAL D 1063 36.38 -12.41 41.37
N VAL D 1064 37.54 -12.87 41.82
CA VAL D 1064 37.68 -14.13 42.53
C VAL D 1064 38.27 -13.85 43.90
N PHE D 1065 37.61 -14.33 44.94
CA PHE D 1065 38.05 -14.15 46.31
C PHE D 1065 38.64 -15.45 46.83
N LEU D 1066 39.67 -15.33 47.65
CA LEU D 1066 40.25 -16.46 48.36
C LEU D 1066 40.05 -16.24 49.85
N HIS D 1067 38.99 -16.81 50.39
CA HIS D 1067 38.65 -16.64 51.79
C HIS D 1067 39.45 -17.60 52.64
N VAL D 1068 40.11 -17.09 53.67
CA VAL D 1068 40.85 -17.88 54.63
C VAL D 1068 39.98 -18.02 55.87
N THR D 1069 39.72 -19.27 56.28
CA THR D 1069 38.79 -19.53 57.35
C THR D 1069 39.40 -20.51 58.35
N TYR D 1070 39.06 -20.32 59.61
CA TYR D 1070 39.52 -21.17 60.69
C TYR D 1070 38.47 -22.23 60.98
N VAL D 1071 38.84 -23.49 60.79
CA VAL D 1071 37.91 -24.61 60.94
C VAL D 1071 38.43 -25.55 62.03
N PRO D 1072 37.66 -25.82 63.09
CA PRO D 1072 38.14 -26.73 64.12
C PRO D 1072 38.15 -28.20 63.69
N ALA D 1073 38.88 -29.03 64.42
CA ALA D 1073 38.95 -30.46 64.12
C ALA D 1073 39.44 -31.20 65.36
N GLN D 1074 39.33 -32.52 65.33
CA GLN D 1074 39.79 -33.37 66.43
C GLN D 1074 39.07 -33.03 67.74
N GLU D 1075 37.79 -33.35 67.77
CA GLU D 1075 36.97 -33.05 68.94
C GLU D 1075 37.33 -33.95 70.11
N LYS D 1076 36.90 -33.54 71.29
CA LYS D 1076 36.93 -34.36 72.48
C LYS D 1076 35.63 -34.14 73.25
N ASN D 1077 35.26 -35.11 74.07
CA ASN D 1077 33.93 -35.05 74.68
C ASN D 1077 33.87 -34.15 75.92
N PHE D 1078 34.54 -34.52 77.00
CA PHE D 1078 34.49 -33.73 78.22
C PHE D 1078 33.08 -33.63 78.80
N THR D 1079 32.99 -33.65 80.13
CA THR D 1079 31.75 -33.34 80.83
C THR D 1079 31.77 -31.88 81.26
N THR D 1080 30.58 -31.26 81.29
CA THR D 1080 30.48 -29.84 81.54
C THR D 1080 29.51 -29.57 82.68
N ALA D 1081 29.49 -28.32 83.12
CA ALA D 1081 28.60 -27.88 84.18
C ALA D 1081 28.40 -26.37 84.06
N PRO D 1082 27.17 -25.88 84.23
CA PRO D 1082 26.94 -24.45 84.02
C PRO D 1082 27.63 -23.55 85.02
N ALA D 1083 27.91 -24.03 86.23
CA ALA D 1083 28.51 -23.17 87.24
C ALA D 1083 29.17 -24.04 88.30
N ILE D 1084 29.89 -23.39 89.20
CA ILE D 1084 30.66 -24.06 90.25
C ILE D 1084 30.27 -23.48 91.59
N CYS D 1085 30.16 -24.33 92.60
CA CYS D 1085 29.89 -23.91 93.97
C CYS D 1085 31.19 -23.83 94.75
N HIS D 1086 31.44 -22.69 95.37
CA HIS D 1086 32.53 -22.53 96.33
C HIS D 1086 31.97 -21.91 97.58
N ASP D 1087 32.20 -22.55 98.73
CA ASP D 1087 31.65 -22.10 100.00
C ASP D 1087 30.20 -21.67 99.83
N GLY D 1088 29.37 -22.52 99.23
CA GLY D 1088 27.98 -22.18 99.05
C GLY D 1088 27.74 -20.90 98.27
N LYS D 1089 28.46 -20.70 97.17
CA LYS D 1089 28.38 -19.47 96.41
C LYS D 1089 28.76 -19.75 94.96
N ALA D 1090 27.87 -19.40 94.04
CA ALA D 1090 27.98 -19.81 92.65
C ALA D 1090 29.10 -19.05 91.96
N HIS D 1091 29.82 -19.73 91.08
CA HIS D 1091 30.85 -19.12 90.24
C HIS D 1091 30.54 -19.41 88.78
N PHE D 1092 30.79 -18.44 87.93
CA PHE D 1092 30.58 -18.59 86.50
C PHE D 1092 31.85 -18.22 85.74
N PRO D 1093 32.04 -18.75 84.54
CA PRO D 1093 33.29 -18.47 83.82
C PRO D 1093 33.30 -17.08 83.22
N ARG D 1094 34.33 -16.29 83.53
CA ARG D 1094 34.45 -14.96 82.95
C ARG D 1094 34.22 -15.02 81.45
N GLU D 1095 35.02 -15.81 80.76
CA GLU D 1095 34.85 -16.06 79.34
C GLU D 1095 35.44 -17.42 79.03
N GLY D 1096 34.59 -18.35 78.61
CA GLY D 1096 34.96 -19.71 78.37
C GLY D 1096 33.86 -20.65 78.81
N VAL D 1097 34.25 -21.82 79.29
CA VAL D 1097 33.31 -22.84 79.72
C VAL D 1097 34.01 -23.77 80.69
N PHE D 1098 33.24 -24.38 81.58
CA PHE D 1098 33.75 -25.33 82.54
C PHE D 1098 33.71 -26.72 81.92
N VAL D 1099 34.84 -27.43 81.98
CA VAL D 1099 34.93 -28.80 81.48
C VAL D 1099 35.70 -29.63 82.49
N SER D 1100 35.56 -30.94 82.39
CA SER D 1100 36.27 -31.86 83.25
C SER D 1100 36.66 -33.10 82.46
N ASN D 1101 37.79 -33.69 82.84
CA ASN D 1101 38.21 -34.98 82.30
C ASN D 1101 37.94 -36.10 83.29
N GLY D 1102 36.86 -35.99 84.06
CA GLY D 1102 36.50 -36.99 85.02
C GLY D 1102 37.05 -36.72 86.41
N THR D 1103 38.35 -36.44 86.50
CA THR D 1103 38.99 -36.26 87.80
C THR D 1103 39.17 -34.79 88.18
N HIS D 1104 39.27 -33.89 87.21
CA HIS D 1104 39.54 -32.50 87.48
C HIS D 1104 38.57 -31.63 86.70
N TRP D 1105 38.40 -30.40 87.17
CA TRP D 1105 37.56 -29.40 86.50
C TRP D 1105 38.43 -28.28 86.00
N PHE D 1106 38.18 -27.84 84.77
CA PHE D 1106 38.99 -26.82 84.12
C PHE D 1106 38.10 -25.78 83.48
N VAL D 1107 38.66 -24.59 83.30
CA VAL D 1107 38.08 -23.54 82.48
C VAL D 1107 38.81 -23.54 81.15
N THR D 1108 38.08 -23.40 80.06
CA THR D 1108 38.71 -23.38 78.74
C THR D 1108 37.95 -22.42 77.85
N GLN D 1109 38.68 -21.79 76.94
CA GLN D 1109 38.04 -20.97 75.92
C GLN D 1109 37.18 -21.85 75.03
N ARG D 1110 36.12 -21.25 74.49
CA ARG D 1110 35.08 -22.05 73.85
C ARG D 1110 35.57 -22.78 72.60
N ASN D 1111 36.36 -22.12 71.76
CA ASN D 1111 36.64 -22.62 70.42
C ASN D 1111 37.93 -23.41 70.31
N PHE D 1112 38.67 -23.61 71.40
CA PHE D 1112 39.95 -24.30 71.31
C PHE D 1112 40.31 -24.80 72.70
N TYR D 1113 40.76 -26.04 72.79
CA TYR D 1113 40.95 -26.67 74.09
C TYR D 1113 42.24 -26.18 74.73
N GLU D 1114 42.11 -25.28 75.70
CA GLU D 1114 43.22 -24.84 76.54
C GLU D 1114 42.79 -24.94 78.00
N PRO D 1115 42.92 -26.11 78.63
CA PRO D 1115 42.46 -26.24 80.01
C PRO D 1115 43.28 -25.37 80.95
N GLN D 1116 42.58 -24.72 81.89
CA GLN D 1116 43.21 -23.91 82.91
C GLN D 1116 42.48 -24.11 84.23
N ILE D 1117 43.24 -24.09 85.32
CA ILE D 1117 42.62 -24.30 86.62
C ILE D 1117 41.70 -23.15 86.94
N ILE D 1118 40.58 -23.47 87.57
CA ILE D 1118 39.60 -22.46 87.96
C ILE D 1118 40.20 -21.58 89.04
N THR D 1119 40.12 -20.27 88.85
CA THR D 1119 40.59 -19.32 89.84
C THR D 1119 39.54 -18.24 90.03
N THR D 1120 39.68 -17.49 91.11
CA THR D 1120 38.80 -16.35 91.34
C THR D 1120 39.02 -15.24 90.32
N HIS D 1121 40.02 -15.38 89.46
CA HIS D 1121 40.35 -14.36 88.46
C HIS D 1121 39.57 -14.57 87.16
N ASN D 1122 39.55 -15.79 86.65
CA ASN D 1122 38.87 -16.09 85.39
C ASN D 1122 37.42 -16.51 85.59
N THR D 1123 36.86 -16.31 86.78
CA THR D 1123 35.45 -16.55 87.03
C THR D 1123 34.89 -15.39 87.84
N PHE D 1124 33.58 -15.20 87.74
CA PHE D 1124 32.89 -14.17 88.50
C PHE D 1124 31.73 -14.79 89.26
N VAL D 1125 31.38 -14.18 90.38
CA VAL D 1125 30.44 -14.74 91.34
C VAL D 1125 29.09 -14.09 91.18
N SER D 1126 28.02 -14.86 91.42
CA SER D 1126 26.67 -14.32 91.35
C SER D 1126 25.76 -15.17 92.23
N GLY D 1127 25.45 -14.66 93.43
CA GLY D 1127 24.45 -15.26 94.28
C GLY D 1127 24.81 -16.65 94.75
N ASN D 1128 24.10 -17.08 95.79
CA ASN D 1128 24.30 -18.43 96.32
C ASN D 1128 23.91 -19.44 95.27
N CYS D 1129 24.42 -20.67 95.41
CA CYS D 1129 24.28 -21.64 94.34
C CYS D 1129 23.21 -22.67 94.66
N ASP D 1130 22.12 -22.24 95.30
CA ASP D 1130 20.96 -23.10 95.47
C ASP D 1130 19.95 -22.94 94.34
N VAL D 1131 20.18 -22.02 93.42
CA VAL D 1131 19.17 -21.66 92.44
C VAL D 1131 19.46 -22.24 91.05
N VAL D 1132 20.73 -22.34 90.67
CA VAL D 1132 21.10 -22.83 89.35
C VAL D 1132 20.93 -24.34 89.32
N ILE D 1133 20.35 -24.85 88.25
CA ILE D 1133 20.14 -26.29 88.11
C ILE D 1133 21.22 -26.88 87.21
N GLY D 1134 22.18 -27.56 87.81
CA GLY D 1134 23.28 -28.16 87.08
C GLY D 1134 24.63 -27.94 87.75
N ILE D 1135 24.65 -27.14 88.81
CA ILE D 1135 25.88 -26.77 89.49
C ILE D 1135 26.64 -28.01 89.93
N VAL D 1136 27.95 -27.89 90.12
CA VAL D 1136 28.79 -28.95 90.63
C VAL D 1136 29.76 -28.37 91.64
N ASN D 1137 30.00 -29.12 92.72
CA ASN D 1137 30.92 -28.67 93.74
C ASN D 1137 32.35 -28.74 93.25
N ASN D 1138 33.17 -27.81 93.72
CA ASN D 1138 34.59 -27.80 93.41
C ASN D 1138 35.25 -26.66 94.16
N THR D 1139 36.57 -26.77 94.31
CA THR D 1139 37.35 -25.66 94.84
C THR D 1139 37.66 -24.67 93.74
N VAL D 1140 37.90 -23.42 94.14
CA VAL D 1140 38.30 -22.37 93.22
C VAL D 1140 39.57 -21.74 93.77
N TYR D 1141 40.67 -21.93 93.06
CA TYR D 1141 41.96 -21.41 93.51
C TYR D 1141 41.86 -19.91 93.78
N ASP D 1142 42.84 -19.40 94.52
CA ASP D 1142 42.89 -17.98 94.82
C ASP D 1142 44.35 -17.55 94.93
N PRO D 1143 44.85 -16.68 94.04
CA PRO D 1143 46.28 -16.35 94.08
C PRO D 1143 46.70 -15.51 95.27
N LEU D 1144 45.76 -14.88 95.99
CA LEU D 1144 46.15 -14.05 97.11
C LEU D 1144 46.60 -14.86 98.32
N GLN D 1145 46.12 -16.11 98.45
CA GLN D 1145 46.51 -16.92 99.59
C GLN D 1145 47.96 -17.36 99.52
N PRO D 1146 48.43 -18.02 98.45
CA PRO D 1146 49.79 -18.55 98.48
C PRO D 1146 50.85 -17.50 98.74
N GLU D 1147 50.65 -16.26 98.28
CA GLU D 1147 51.63 -15.21 98.55
C GLU D 1147 51.31 -14.47 99.84
N LEU D 1148 50.46 -15.04 100.68
CA LEU D 1148 50.08 -14.38 101.93
C LEU D 1148 51.32 -14.08 102.78
N ASP D 1149 52.26 -15.02 102.85
CA ASP D 1149 53.50 -14.80 103.57
C ASP D 1149 54.53 -14.09 102.70
N ALA E 33 -50.04 0.16 38.45
CA ALA E 33 -49.28 -0.32 39.64
C ALA E 33 -47.88 -0.78 39.22
N TYR E 34 -46.97 -0.83 40.19
CA TYR E 34 -45.58 -1.17 39.92
C TYR E 34 -45.03 -2.01 41.06
N THR E 35 -43.98 -2.79 40.77
CA THR E 35 -43.35 -3.66 41.74
C THR E 35 -41.89 -3.84 41.36
N ASN E 36 -41.07 -4.21 42.34
CA ASN E 36 -39.65 -4.42 42.11
C ASN E 36 -39.38 -5.85 41.70
N SER E 37 -38.95 -6.05 40.46
CA SER E 37 -38.56 -7.36 39.96
C SER E 37 -37.17 -7.64 40.51
N PHE E 38 -37.11 -8.33 41.65
CA PHE E 38 -35.87 -8.45 42.39
C PHE E 38 -34.75 -9.03 41.54
N THR E 39 -34.90 -10.26 41.06
CA THR E 39 -33.82 -10.88 40.32
C THR E 39 -34.36 -11.82 39.25
N ARG E 40 -35.61 -11.62 38.84
CA ARG E 40 -36.22 -12.44 37.81
C ARG E 40 -35.76 -11.97 36.44
N GLY E 41 -35.85 -12.88 35.47
CA GLY E 41 -35.55 -12.55 34.09
C GLY E 41 -34.20 -13.02 33.58
N VAL E 42 -33.50 -13.85 34.33
CA VAL E 42 -32.22 -14.38 33.89
C VAL E 42 -32.45 -15.65 33.09
N TYR E 43 -31.84 -15.71 31.90
CA TYR E 43 -32.04 -16.83 31.00
C TYR E 43 -30.72 -17.24 30.38
N TYR E 44 -30.64 -18.50 29.98
CA TYR E 44 -29.42 -19.03 29.37
C TYR E 44 -29.17 -18.33 28.04
N PRO E 45 -28.20 -17.42 27.95
CA PRO E 45 -28.05 -16.63 26.72
C PRO E 45 -27.71 -17.45 25.49
N ASP E 46 -27.06 -18.61 25.64
CA ASP E 46 -26.55 -19.35 24.50
C ASP E 46 -26.79 -20.84 24.70
N LYS E 47 -26.66 -21.58 23.61
CA LYS E 47 -26.95 -23.01 23.59
C LYS E 47 -25.75 -23.85 24.00
N VAL E 48 -24.81 -23.27 24.74
CA VAL E 48 -23.58 -23.93 25.14
C VAL E 48 -23.75 -24.43 26.58
N PHE E 49 -22.98 -25.46 26.91
CA PHE E 49 -22.96 -26.01 28.26
C PHE E 49 -21.69 -25.59 28.96
N ARG E 50 -21.83 -25.08 30.18
CA ARG E 50 -20.68 -24.72 31.01
C ARG E 50 -20.97 -25.19 32.43
N SER E 51 -19.92 -25.56 33.15
CA SER E 51 -20.08 -26.16 34.46
C SER E 51 -19.06 -25.60 35.43
N SER E 52 -19.51 -25.32 36.65
CA SER E 52 -18.64 -24.89 37.74
C SER E 52 -17.73 -23.75 37.31
N VAL E 53 -18.32 -22.80 36.57
CA VAL E 53 -17.61 -21.60 36.15
C VAL E 53 -18.55 -20.41 36.29
N LEU E 54 -17.96 -19.24 36.42
CA LEU E 54 -18.71 -17.98 36.36
C LEU E 54 -18.27 -17.25 35.10
N HIS E 55 -19.25 -16.90 34.27
CA HIS E 55 -19.00 -16.40 32.92
C HIS E 55 -19.74 -15.08 32.72
N SER E 56 -19.05 -14.13 32.11
CA SER E 56 -19.60 -12.79 31.89
C SER E 56 -20.18 -12.71 30.50
N THR E 57 -21.29 -11.98 30.37
CA THR E 57 -22.05 -11.93 29.13
C THR E 57 -22.54 -10.52 28.88
N GLN E 58 -22.67 -10.18 27.60
CA GLN E 58 -23.31 -8.94 27.16
C GLN E 58 -24.51 -9.30 26.31
N ASP E 59 -25.71 -9.09 26.84
CA ASP E 59 -26.92 -9.43 26.12
C ASP E 59 -28.08 -8.68 26.73
N LEU E 60 -29.18 -8.63 26.00
CA LEU E 60 -30.40 -7.99 26.46
C LEU E 60 -30.89 -8.70 27.71
N PHE E 61 -31.22 -7.93 28.74
CA PHE E 61 -31.60 -8.49 30.03
C PHE E 61 -32.56 -7.54 30.73
N LEU E 62 -33.27 -8.07 31.71
CA LEU E 62 -34.10 -7.25 32.59
C LEU E 62 -33.26 -6.77 33.77
N PRO E 63 -32.99 -5.47 33.91
CA PRO E 63 -32.11 -5.03 34.99
C PRO E 63 -32.65 -5.43 36.34
N PHE E 64 -31.73 -5.76 37.25
CA PHE E 64 -32.11 -6.18 38.59
C PHE E 64 -32.88 -5.07 39.29
N PHE E 65 -33.85 -5.47 40.10
CA PHE E 65 -34.63 -4.56 40.95
C PHE E 65 -35.33 -3.47 40.14
N SER E 66 -35.63 -3.73 38.88
CA SER E 66 -36.32 -2.74 38.06
C SER E 66 -37.82 -2.76 38.35
N ASN E 67 -38.51 -1.78 37.80
CA ASN E 67 -39.96 -1.68 37.93
C ASN E 67 -40.65 -2.57 36.91
N VAL E 68 -41.77 -3.18 37.31
CA VAL E 68 -42.61 -3.98 36.43
C VAL E 68 -44.05 -3.54 36.61
N THR E 69 -44.75 -3.33 35.50
CA THR E 69 -46.12 -2.82 35.54
C THR E 69 -47.10 -3.97 35.75
N TRP E 70 -47.71 -4.02 36.93
CA TRP E 70 -48.75 -5.00 37.21
C TRP E 70 -49.99 -4.69 36.37
N PHE E 71 -50.77 -5.73 36.06
CA PHE E 71 -51.99 -5.58 35.32
C PHE E 71 -53.03 -6.59 35.79
N HIS E 72 -54.29 -6.29 35.54
CA HIS E 72 -55.38 -7.23 35.81
C HIS E 72 -55.58 -8.16 34.62
N ASN E 85 -58.49 -1.35 28.30
CA ASN E 85 -57.54 -2.42 28.55
C ASN E 85 -56.29 -2.23 27.68
N PRO E 86 -55.18 -2.86 28.07
CA PRO E 86 -53.87 -2.40 27.61
C PRO E 86 -53.40 -2.99 26.29
N VAL E 87 -52.69 -2.16 25.53
CA VAL E 87 -51.84 -2.57 24.43
C VAL E 87 -50.52 -1.81 24.57
N LEU E 88 -49.41 -2.54 24.61
CA LEU E 88 -48.17 -2.00 25.12
C LEU E 88 -47.08 -2.00 24.06
N PRO E 89 -46.08 -1.11 24.16
CA PRO E 89 -44.96 -1.15 23.23
C PRO E 89 -44.04 -2.33 23.50
N PHE E 90 -43.17 -2.60 22.54
CA PHE E 90 -42.25 -3.74 22.55
C PHE E 90 -40.82 -3.29 22.33
N ASN E 91 -40.39 -2.28 23.08
CA ASN E 91 -39.03 -1.76 22.91
C ASN E 91 -38.02 -2.75 23.46
N ASP E 92 -37.19 -3.30 22.56
CA ASP E 92 -36.00 -4.07 22.92
C ASP E 92 -36.32 -5.45 23.49
N GLY E 93 -37.59 -5.76 23.71
CA GLY E 93 -37.95 -7.03 24.29
C GLY E 93 -38.82 -6.84 25.50
N VAL E 94 -39.33 -7.95 26.01
CA VAL E 94 -40.31 -7.95 27.09
C VAL E 94 -40.02 -9.13 28.03
N TYR E 95 -40.28 -8.93 29.31
CA TYR E 95 -40.30 -9.99 30.29
C TYR E 95 -41.71 -10.09 30.85
N PHE E 96 -42.32 -11.26 30.74
CA PHE E 96 -43.72 -11.45 31.08
C PHE E 96 -43.83 -12.57 32.11
N ALA E 97 -44.68 -12.35 33.12
CA ALA E 97 -44.88 -13.34 34.17
C ALA E 97 -46.34 -13.35 34.59
N SER E 98 -46.77 -14.48 35.14
CA SER E 98 -48.13 -14.63 35.62
C SER E 98 -48.17 -15.71 36.69
N THR E 99 -49.01 -15.51 37.70
CA THR E 99 -49.16 -16.48 38.79
C THR E 99 -50.63 -16.71 39.03
N GLU E 100 -51.07 -17.95 38.89
CA GLU E 100 -52.48 -18.29 39.01
C GLU E 100 -52.59 -19.80 39.18
N LYS E 101 -53.82 -20.26 39.42
CA LYS E 101 -54.11 -21.68 39.54
C LYS E 101 -54.89 -22.23 38.35
N SER E 102 -55.29 -21.38 37.41
CA SER E 102 -56.13 -21.80 36.31
C SER E 102 -55.57 -21.25 35.01
N ASN E 103 -56.01 -21.85 33.90
CA ASN E 103 -55.51 -21.48 32.58
C ASN E 103 -56.24 -20.24 32.05
N ILE E 104 -56.01 -19.09 32.69
CA ILE E 104 -56.71 -17.88 32.30
C ILE E 104 -55.98 -17.17 31.18
N ILE E 105 -54.73 -16.75 31.42
CA ILE E 105 -53.93 -16.11 30.40
C ILE E 105 -53.62 -17.14 29.32
N ARG E 106 -53.84 -16.77 28.06
CA ARG E 106 -53.90 -17.77 27.01
C ARG E 106 -52.97 -17.51 25.82
N GLY E 107 -52.76 -16.24 25.45
CA GLY E 107 -51.98 -15.98 24.26
C GLY E 107 -51.50 -14.54 24.19
N TRP E 108 -50.69 -14.26 23.16
CA TRP E 108 -50.13 -12.95 22.92
C TRP E 108 -50.29 -12.58 21.45
N ILE E 109 -50.35 -11.28 21.17
CA ILE E 109 -50.31 -10.76 19.82
C ILE E 109 -49.17 -9.78 19.73
N PHE E 110 -48.34 -9.94 18.71
CA PHE E 110 -47.24 -9.02 18.42
C PHE E 110 -47.33 -8.56 16.99
N GLY E 111 -47.09 -7.27 16.76
CA GLY E 111 -47.16 -6.73 15.42
C GLY E 111 -46.60 -5.34 15.35
N THR E 112 -46.14 -4.96 14.15
CA THR E 112 -45.62 -3.62 13.94
C THR E 112 -46.71 -2.58 13.75
N THR E 113 -47.92 -3.01 13.41
CA THR E 113 -49.03 -2.09 13.19
C THR E 113 -50.29 -2.58 13.91
N LEU E 114 -50.37 -3.88 14.16
CA LEU E 114 -51.54 -4.49 14.77
C LEU E 114 -52.79 -4.17 13.94
N ASP E 115 -52.62 -4.21 12.62
CA ASP E 115 -53.68 -3.80 11.71
C ASP E 115 -53.60 -4.64 10.45
N SER E 116 -54.67 -4.58 9.66
CA SER E 116 -54.75 -5.36 8.43
C SER E 116 -53.57 -5.07 7.51
N LYS E 117 -53.05 -3.84 7.55
CA LYS E 117 -52.10 -3.39 6.55
C LYS E 117 -50.71 -4.00 6.69
N THR E 118 -50.44 -4.70 7.81
CA THR E 118 -49.14 -5.33 7.98
C THR E 118 -49.30 -6.58 8.83
N GLN E 119 -48.45 -7.58 8.58
CA GLN E 119 -48.56 -8.85 9.26
C GLN E 119 -48.17 -8.72 10.73
N SER E 120 -48.63 -9.68 11.52
CA SER E 120 -48.42 -9.67 12.96
C SER E 120 -48.40 -11.10 13.46
N LEU E 121 -47.77 -11.30 14.61
CA LEU E 121 -47.62 -12.63 15.20
C LEU E 121 -48.79 -12.92 16.12
N LEU E 122 -49.06 -14.20 16.32
CA LEU E 122 -50.04 -14.67 17.29
C LEU E 122 -49.52 -15.92 17.96
N ILE E 123 -49.66 -15.98 19.28
CA ILE E 123 -49.26 -17.15 20.05
C ILE E 123 -50.40 -17.51 20.99
N VAL E 124 -50.96 -18.70 20.84
CA VAL E 124 -52.14 -19.10 21.57
C VAL E 124 -51.96 -20.52 22.09
N ASN E 125 -52.34 -20.73 23.34
CA ASN E 125 -52.41 -22.07 23.92
C ASN E 125 -53.76 -22.66 23.57
N ASN E 126 -53.74 -23.84 22.96
CA ASN E 126 -54.95 -24.45 22.38
C ASN E 126 -55.12 -25.84 23.00
N ALA E 127 -56.02 -25.93 23.97
CA ALA E 127 -56.29 -27.19 24.65
C ALA E 127 -54.99 -27.76 25.21
N THR E 128 -54.36 -28.67 24.46
CA THR E 128 -53.07 -29.25 24.84
C THR E 128 -52.06 -29.04 23.72
N ASN E 129 -52.13 -27.89 23.06
CA ASN E 129 -51.20 -27.53 22.00
C ASN E 129 -51.14 -26.01 21.89
N VAL E 130 -49.97 -25.49 21.53
CA VAL E 130 -49.78 -24.07 21.29
C VAL E 130 -49.69 -23.84 19.79
N VAL E 131 -50.43 -22.83 19.31
CA VAL E 131 -50.57 -22.53 17.90
C VAL E 131 -49.93 -21.18 17.63
N ILE E 132 -49.01 -21.13 16.68
CA ILE E 132 -48.28 -19.91 16.35
C ILE E 132 -48.49 -19.60 14.88
N LYS E 133 -48.82 -18.34 14.60
CA LYS E 133 -49.06 -17.91 13.23
C LYS E 133 -48.49 -16.51 13.04
N VAL E 134 -48.17 -16.18 11.80
CA VAL E 134 -47.72 -14.84 11.42
C VAL E 134 -48.49 -14.46 10.16
N CYS E 135 -49.63 -13.79 10.33
CA CYS E 135 -50.50 -13.46 9.22
C CYS E 135 -50.86 -11.99 9.32
N GLU E 136 -51.80 -11.56 8.47
CA GLU E 136 -52.40 -10.23 8.61
C GLU E 136 -53.78 -10.34 9.27
N PHE E 137 -53.80 -10.55 10.58
CA PHE E 137 -55.06 -10.76 11.27
C PHE E 137 -55.83 -9.45 11.42
N GLN E 138 -57.12 -9.59 11.70
CA GLN E 138 -57.99 -8.46 12.05
C GLN E 138 -58.58 -8.73 13.42
N PHE E 139 -58.46 -7.76 14.32
CA PHE E 139 -58.76 -8.04 15.72
C PHE E 139 -58.78 -6.74 16.51
N CYS E 140 -59.74 -6.65 17.44
CA CYS E 140 -59.63 -5.68 18.53
C CYS E 140 -60.15 -6.25 19.84
N ASN E 141 -60.13 -7.55 20.05
CA ASN E 141 -60.98 -8.19 21.05
C ASN E 141 -60.24 -9.39 21.64
N ASP E 142 -60.99 -10.26 22.31
CA ASP E 142 -60.43 -11.40 23.02
C ASP E 142 -61.45 -12.52 22.98
N PRO E 143 -61.04 -13.75 23.32
CA PRO E 143 -62.03 -14.79 23.60
C PRO E 143 -62.66 -14.58 24.97
N PHE E 144 -63.83 -15.21 25.16
CA PHE E 144 -64.55 -15.05 26.42
C PHE E 144 -63.69 -15.42 27.61
N LEU E 145 -63.02 -16.57 27.54
CA LEU E 145 -62.22 -17.06 28.66
C LEU E 145 -60.73 -16.98 28.34
N SER E 158 -68.08 -21.65 22.05
CA SER E 158 -67.99 -20.48 21.17
C SER E 158 -67.12 -19.40 21.78
N GLU E 159 -66.37 -19.76 22.82
CA GLU E 159 -65.44 -18.83 23.45
C GLU E 159 -64.12 -18.73 22.70
N PHE E 160 -64.06 -19.17 21.45
CA PHE E 160 -62.83 -19.22 20.68
C PHE E 160 -62.76 -18.06 19.70
N ARG E 161 -63.34 -16.92 20.06
CA ARG E 161 -63.39 -15.78 19.15
C ARG E 161 -61.98 -15.29 18.82
N VAL E 162 -61.28 -14.77 19.83
CA VAL E 162 -59.89 -14.33 19.69
C VAL E 162 -59.79 -13.21 18.65
N TYR E 163 -59.96 -13.55 17.38
CA TYR E 163 -59.76 -12.59 16.29
C TYR E 163 -60.82 -12.84 15.23
N SER E 164 -60.91 -11.90 14.30
CA SER E 164 -62.02 -11.89 13.34
C SER E 164 -61.64 -12.49 11.99
N SER E 165 -60.62 -11.97 11.32
CA SER E 165 -60.36 -12.35 9.94
C SER E 165 -58.86 -12.32 9.64
N ALA E 166 -58.49 -13.05 8.59
CA ALA E 166 -57.15 -13.03 8.04
C ALA E 166 -57.17 -13.76 6.71
N ASN E 167 -56.51 -13.17 5.70
CA ASN E 167 -56.50 -13.77 4.38
C ASN E 167 -55.09 -14.19 3.97
N ASN E 168 -54.13 -13.26 4.06
CA ASN E 168 -52.76 -13.61 3.74
C ASN E 168 -52.09 -14.29 4.92
N CYS E 169 -50.89 -14.80 4.68
CA CYS E 169 -50.05 -15.27 5.77
C CYS E 169 -48.69 -15.64 5.19
N THR E 170 -47.72 -15.82 6.09
CA THR E 170 -46.36 -16.16 5.70
C THR E 170 -45.73 -17.26 6.53
N PHE E 171 -46.34 -17.66 7.65
CA PHE E 171 -45.75 -18.68 8.49
C PHE E 171 -46.83 -19.33 9.35
N GLU E 172 -46.55 -20.55 9.80
CA GLU E 172 -47.41 -21.24 10.76
C GLU E 172 -46.57 -22.28 11.49
N TYR E 173 -47.07 -22.71 12.64
CA TYR E 173 -46.32 -23.63 13.50
C TYR E 173 -47.22 -24.12 14.61
N VAL E 174 -46.99 -25.34 15.06
CA VAL E 174 -47.73 -25.94 16.17
C VAL E 174 -46.82 -26.90 16.91
N SER E 175 -47.02 -27.01 18.22
CA SER E 175 -46.21 -27.90 19.04
C SER E 175 -46.92 -28.16 20.35
N GLN E 176 -46.29 -28.96 21.20
CA GLN E 176 -46.82 -29.29 22.51
C GLN E 176 -46.83 -28.04 23.39
N PRO E 177 -47.72 -27.98 24.37
CA PRO E 177 -47.94 -26.72 25.08
C PRO E 177 -46.89 -26.41 26.13
N PHE E 178 -46.88 -25.15 26.55
CA PHE E 178 -45.96 -24.68 27.57
C PHE E 178 -46.64 -23.82 28.64
N LEU E 179 -47.97 -23.74 28.64
CA LEU E 179 -48.68 -23.01 29.68
C LEU E 179 -49.01 -23.94 30.85
N LYS E 190 -49.42 -20.67 44.96
CA LYS E 190 -49.94 -21.07 43.66
C LYS E 190 -48.83 -21.07 42.63
N ASN E 191 -49.14 -21.53 41.41
CA ASN E 191 -48.13 -21.67 40.38
C ASN E 191 -47.71 -20.32 39.84
N LEU E 192 -46.43 -20.22 39.48
CA LEU E 192 -45.85 -19.00 38.91
C LEU E 192 -45.21 -19.36 37.58
N ARG E 193 -45.25 -18.43 36.64
CA ARG E 193 -44.68 -18.65 35.32
C ARG E 193 -44.07 -17.36 34.79
N GLU E 194 -42.96 -17.50 34.06
CA GLU E 194 -42.28 -16.37 33.44
C GLU E 194 -42.06 -16.66 31.96
N PHE E 195 -41.88 -15.61 31.18
CA PHE E 195 -41.55 -15.73 29.78
C PHE E 195 -40.73 -14.53 29.36
N VAL E 196 -39.89 -14.71 28.34
CA VAL E 196 -39.10 -13.64 27.76
C VAL E 196 -39.24 -13.70 26.26
N PHE E 197 -39.64 -12.58 25.65
CA PHE E 197 -39.84 -12.50 24.22
C PHE E 197 -38.82 -11.54 23.64
N LYS E 198 -37.94 -12.06 22.77
CA LYS E 198 -36.89 -11.27 22.16
C LYS E 198 -36.79 -11.63 20.70
N ASN E 199 -36.54 -10.63 19.86
CA ASN E 199 -36.26 -10.85 18.46
C ASN E 199 -34.89 -10.28 18.13
N ILE E 200 -34.09 -11.04 17.40
CA ILE E 200 -32.78 -10.58 16.95
C ILE E 200 -32.55 -11.10 15.54
N ASP E 201 -31.92 -10.26 14.72
CA ASP E 201 -31.40 -10.64 13.40
C ASP E 201 -32.29 -11.65 12.70
N GLY E 202 -33.59 -11.38 12.65
CA GLY E 202 -34.53 -12.19 11.91
C GLY E 202 -35.23 -13.27 12.70
N TYR E 203 -34.78 -13.56 13.91
CA TYR E 203 -35.39 -14.60 14.72
C TYR E 203 -36.31 -13.99 15.77
N PHE E 204 -37.30 -14.79 16.17
CA PHE E 204 -38.13 -14.49 17.33
C PHE E 204 -37.92 -15.59 18.36
N LYS E 205 -37.56 -15.19 19.58
CA LYS E 205 -37.08 -16.12 20.59
C LYS E 205 -37.99 -16.10 21.79
N ILE E 206 -38.12 -17.25 22.45
CA ILE E 206 -38.96 -17.40 23.63
C ILE E 206 -38.15 -18.11 24.71
N TYR E 207 -38.54 -17.91 25.96
CA TYR E 207 -37.93 -18.59 27.10
C TYR E 207 -38.99 -18.75 28.17
N SER E 208 -38.75 -19.64 29.13
CA SER E 208 -39.74 -19.86 30.17
C SER E 208 -39.18 -20.79 31.24
N LYS E 209 -39.86 -20.82 32.37
CA LYS E 209 -39.64 -21.81 33.42
C LYS E 209 -40.90 -22.61 33.73
N HIS E 210 -42.06 -22.05 33.46
CA HIS E 210 -43.31 -22.78 33.24
C HIS E 210 -43.97 -23.39 34.47
N THR E 211 -43.27 -23.49 35.60
CA THR E 211 -44.00 -23.73 36.84
C THR E 211 -43.17 -23.56 38.11
N PRO E 212 -42.63 -22.39 38.38
CA PRO E 212 -42.19 -22.11 39.75
C PRO E 212 -43.38 -22.04 40.70
N ILE E 213 -43.14 -22.20 42.00
CA ILE E 213 -44.19 -22.24 43.00
C ILE E 213 -43.97 -21.11 44.00
N ASN E 214 -45.05 -20.47 44.40
CA ASN E 214 -45.00 -19.39 45.38
C ASN E 214 -44.52 -19.92 46.73
N PRO E 220 -43.05 -13.47 42.49
CA PRO E 220 -41.67 -13.01 42.35
C PRO E 220 -40.80 -13.32 43.56
N GLN E 221 -39.62 -12.70 43.60
CA GLN E 221 -38.65 -12.92 44.66
C GLN E 221 -38.06 -14.32 44.54
N GLY E 222 -36.79 -14.48 44.88
CA GLY E 222 -36.09 -15.72 44.63
C GLY E 222 -35.43 -15.69 43.26
N PHE E 223 -34.79 -16.81 42.91
CA PHE E 223 -34.05 -16.90 41.66
C PHE E 223 -34.41 -18.17 40.92
N SER E 224 -34.48 -18.08 39.58
CA SER E 224 -34.64 -19.23 38.71
C SER E 224 -34.37 -18.83 37.27
N ALA E 225 -33.52 -19.58 36.59
CA ALA E 225 -33.08 -19.20 35.25
C ALA E 225 -34.04 -19.75 34.19
N LEU E 226 -34.29 -18.95 33.17
CA LEU E 226 -35.26 -19.30 32.15
C LEU E 226 -34.59 -20.08 31.02
N GLU E 227 -35.05 -21.30 30.79
CA GLU E 227 -34.56 -22.08 29.66
C GLU E 227 -35.27 -21.64 28.39
N PRO E 228 -34.62 -21.80 27.22
CA PRO E 228 -35.27 -21.43 25.97
C PRO E 228 -36.39 -22.40 25.61
N LEU E 229 -37.33 -21.91 24.80
CA LEU E 229 -38.44 -22.71 24.30
C LEU E 229 -38.34 -22.94 22.79
N VAL E 230 -38.28 -21.87 22.01
CA VAL E 230 -38.28 -21.98 20.55
C VAL E 230 -37.67 -20.73 19.96
N ASP E 231 -37.13 -20.86 18.75
CA ASP E 231 -36.68 -19.74 17.94
C ASP E 231 -37.45 -19.76 16.63
N LEU E 232 -38.10 -18.65 16.31
CA LEU E 232 -38.94 -18.59 15.13
C LEU E 232 -38.23 -17.80 14.03
N PRO E 233 -37.78 -18.45 12.96
CA PRO E 233 -37.11 -17.73 11.88
C PRO E 233 -38.10 -17.10 10.91
N ILE E 234 -38.61 -15.91 11.24
CA ILE E 234 -39.67 -15.30 10.44
C ILE E 234 -39.28 -13.90 9.98
N GLY E 235 -38.35 -13.27 10.70
CA GLY E 235 -37.89 -11.95 10.31
C GLY E 235 -38.95 -10.87 10.29
N ILE E 236 -39.77 -10.76 11.34
CA ILE E 236 -40.88 -9.82 11.32
C ILE E 236 -40.53 -8.58 12.15
N ASN E 237 -40.89 -7.41 11.64
CA ASN E 237 -40.77 -6.17 12.37
C ASN E 237 -41.84 -6.11 13.47
N ILE E 238 -41.55 -5.33 14.52
CA ILE E 238 -42.40 -5.33 15.71
C ILE E 238 -42.28 -3.98 16.40
N THR E 239 -43.42 -3.49 16.91
CA THR E 239 -43.40 -2.28 17.74
C THR E 239 -44.29 -2.40 18.98
N ARG E 240 -45.28 -3.29 18.96
CA ARG E 240 -46.26 -3.38 20.03
C ARG E 240 -46.65 -4.83 20.25
N PHE E 241 -47.27 -5.09 21.39
CA PHE E 241 -47.81 -6.42 21.66
C PHE E 241 -48.99 -6.29 22.61
N GLN E 242 -49.81 -7.34 22.65
CA GLN E 242 -50.99 -7.39 23.49
C GLN E 242 -51.27 -8.84 23.85
N THR E 243 -51.87 -9.04 25.02
CA THR E 243 -52.08 -10.38 25.57
C THR E 243 -53.57 -10.73 25.56
N LEU E 244 -53.86 -12.01 25.33
CA LEU E 244 -55.23 -12.52 25.29
C LEU E 244 -55.55 -13.19 26.61
N LEU E 245 -56.52 -12.66 27.33
CA LEU E 245 -56.91 -13.21 28.62
C LEU E 245 -57.77 -14.45 28.42
N ALA E 266 -55.46 -14.20 37.12
CA ALA E 266 -56.00 -13.28 36.14
C ALA E 266 -55.22 -11.96 36.15
N ALA E 267 -54.01 -12.01 36.69
CA ALA E 267 -53.14 -10.84 36.76
C ALA E 267 -51.76 -11.21 36.23
N TYR E 268 -51.10 -10.25 35.61
CA TYR E 268 -49.80 -10.51 35.00
C TYR E 268 -48.92 -9.28 35.12
N TYR E 269 -47.61 -9.51 35.15
CA TYR E 269 -46.62 -8.45 35.26
C TYR E 269 -45.91 -8.29 33.93
N VAL E 270 -45.43 -7.08 33.65
CA VAL E 270 -44.70 -6.80 32.43
C VAL E 270 -43.45 -6.00 32.79
N GLY E 271 -42.34 -6.37 32.16
CA GLY E 271 -41.11 -5.63 32.32
C GLY E 271 -40.36 -5.60 31.01
N TYR E 272 -39.58 -4.54 30.83
CA TYR E 272 -38.90 -4.29 29.57
C TYR E 272 -37.42 -4.61 29.68
N LEU E 273 -36.87 -5.20 28.63
CA LEU E 273 -35.45 -5.51 28.60
C LEU E 273 -34.64 -4.26 28.24
N GLN E 274 -33.33 -4.38 28.38
CA GLN E 274 -32.41 -3.35 27.89
C GLN E 274 -31.00 -3.89 27.97
N PRO E 275 -30.12 -3.51 27.05
CA PRO E 275 -28.81 -4.15 26.98
C PRO E 275 -28.00 -3.97 28.26
N ARG E 276 -27.35 -5.04 28.70
CA ARG E 276 -26.62 -5.04 29.95
C ARG E 276 -25.47 -6.03 29.87
N THR E 277 -24.50 -5.86 30.76
CA THR E 277 -23.40 -6.79 30.91
C THR E 277 -23.55 -7.48 32.26
N PHE E 278 -23.59 -8.81 32.23
CA PHE E 278 -23.85 -9.57 33.45
C PHE E 278 -22.75 -10.57 33.69
N LEU E 279 -22.68 -11.04 34.93
CA LEU E 279 -21.85 -12.16 35.32
C LEU E 279 -22.77 -13.28 35.78
N LEU E 280 -22.57 -14.47 35.24
CA LEU E 280 -23.45 -15.59 35.55
C LEU E 280 -22.64 -16.73 36.15
N LYS E 281 -23.21 -17.37 37.16
CA LYS E 281 -22.57 -18.47 37.85
C LYS E 281 -23.23 -19.77 37.44
N TYR E 282 -22.43 -20.77 37.09
CA TYR E 282 -22.93 -22.07 36.66
C TYR E 282 -22.65 -23.10 37.76
N ASN E 283 -23.60 -24.00 37.96
CA ASN E 283 -23.48 -25.01 38.99
C ASN E 283 -22.70 -26.21 38.48
N GLU E 284 -22.39 -27.14 39.40
CA GLU E 284 -21.73 -28.37 39.01
C GLU E 284 -22.48 -29.08 37.90
N ASN E 285 -23.80 -29.20 38.05
CA ASN E 285 -24.63 -29.82 37.03
C ASN E 285 -24.75 -28.99 35.76
N GLY E 286 -24.28 -27.74 35.78
CA GLY E 286 -24.37 -26.89 34.61
C GLY E 286 -25.51 -25.91 34.63
N THR E 287 -26.29 -25.86 35.71
CA THR E 287 -27.37 -24.90 35.82
C THR E 287 -26.86 -23.56 36.31
N ILE E 288 -27.64 -22.51 36.08
CA ILE E 288 -27.30 -21.15 36.46
C ILE E 288 -28.15 -20.78 37.68
N THR E 289 -27.50 -20.61 38.84
CA THR E 289 -28.18 -19.94 39.93
C THR E 289 -27.20 -18.96 40.57
N ASP E 290 -27.04 -17.80 39.92
CA ASP E 290 -26.59 -16.55 40.51
C ASP E 290 -26.36 -15.57 39.38
N ALA E 291 -26.30 -14.28 39.72
CA ALA E 291 -25.97 -13.27 38.73
C ALA E 291 -25.81 -11.93 39.42
N VAL E 292 -24.94 -11.09 38.85
CA VAL E 292 -24.75 -9.73 39.33
C VAL E 292 -24.83 -8.80 38.13
N ASP E 293 -25.56 -7.70 38.29
CA ASP E 293 -25.74 -6.71 37.22
C ASP E 293 -24.58 -5.73 37.29
N CYS E 294 -23.82 -5.64 36.20
CA CYS E 294 -22.61 -4.81 36.18
C CYS E 294 -22.91 -3.33 36.03
N ALA E 295 -24.15 -2.90 36.21
CA ALA E 295 -24.46 -1.48 36.26
C ALA E 295 -25.46 -1.14 37.35
N LEU E 296 -25.89 -2.10 38.15
CA LEU E 296 -26.85 -1.82 39.20
C LEU E 296 -26.28 -0.86 40.23
N ASP E 297 -25.08 -1.15 40.71
CA ASP E 297 -24.46 -0.35 41.77
C ASP E 297 -22.96 -0.59 41.74
N PRO E 298 -22.17 0.31 42.33
CA PRO E 298 -20.71 0.16 42.23
C PRO E 298 -20.19 -1.16 42.77
N LEU E 299 -20.79 -1.69 43.83
CA LEU E 299 -20.33 -2.98 44.35
C LEU E 299 -20.51 -4.07 43.30
N SER E 300 -21.63 -4.07 42.59
CA SER E 300 -21.83 -5.07 41.56
C SER E 300 -20.81 -4.93 40.44
N GLU E 301 -20.48 -3.69 40.08
CA GLU E 301 -19.47 -3.49 39.04
C GLU E 301 -18.11 -3.99 39.51
N THR E 302 -17.79 -3.78 40.78
CA THR E 302 -16.56 -4.34 41.33
C THR E 302 -16.57 -5.85 41.24
N LYS E 303 -17.70 -6.47 41.57
CA LYS E 303 -17.80 -7.93 41.44
C LYS E 303 -17.53 -8.35 40.00
N CYS E 304 -18.12 -7.63 39.04
CA CYS E 304 -17.94 -7.98 37.65
C CYS E 304 -16.48 -7.86 37.22
N THR E 305 -15.81 -6.79 37.61
CA THR E 305 -14.43 -6.61 37.18
C THR E 305 -13.51 -7.59 37.86
N LEU E 306 -13.81 -7.97 39.11
CA LEU E 306 -13.04 -9.00 39.78
C LEU E 306 -13.42 -10.39 39.28
N LYS E 307 -14.63 -10.56 38.77
CA LYS E 307 -15.15 -11.86 38.36
C LYS E 307 -15.24 -12.80 39.56
N SER E 308 -15.87 -12.30 40.61
CA SER E 308 -16.09 -13.08 41.82
C SER E 308 -17.33 -12.53 42.52
N PHE E 309 -18.11 -13.44 43.09
CA PHE E 309 -19.29 -13.04 43.85
C PHE E 309 -18.95 -12.65 45.28
N THR E 310 -17.70 -12.80 45.70
CA THR E 310 -17.24 -12.32 46.99
C THR E 310 -16.02 -11.45 46.79
N VAL E 311 -16.02 -10.30 47.45
CA VAL E 311 -14.93 -9.33 47.35
C VAL E 311 -14.37 -9.11 48.74
N GLU E 312 -13.05 -9.21 48.85
CA GLU E 312 -12.40 -9.02 50.14
C GLU E 312 -12.09 -7.55 50.37
N LYS E 313 -11.90 -7.19 51.63
CA LYS E 313 -11.68 -5.82 52.03
C LYS E 313 -10.53 -5.20 51.23
N GLY E 314 -10.76 -4.03 50.65
CA GLY E 314 -9.74 -3.36 49.89
C GLY E 314 -10.32 -2.26 49.03
N ILE E 315 -9.47 -1.66 48.21
CA ILE E 315 -9.88 -0.65 47.23
C ILE E 315 -9.59 -1.21 45.85
N TYR E 316 -10.58 -1.14 44.97
CA TYR E 316 -10.48 -1.69 43.63
C TYR E 316 -10.78 -0.61 42.60
N GLN E 317 -10.19 -0.76 41.43
CA GLN E 317 -10.37 0.21 40.36
C GLN E 317 -11.50 -0.21 39.45
N THR E 318 -12.04 0.76 38.72
CA THR E 318 -13.16 0.56 37.82
C THR E 318 -12.98 1.48 36.63
N SER E 319 -13.62 1.13 35.53
CA SER E 319 -13.52 1.89 34.29
C SER E 319 -13.67 3.38 34.58
N ASN E 320 -12.95 4.18 33.82
CA ASN E 320 -12.88 5.62 34.01
C ASN E 320 -14.10 6.29 33.38
N PHE E 321 -14.18 7.61 33.53
CA PHE E 321 -15.28 8.40 33.02
C PHE E 321 -14.74 9.64 32.32
N ARG E 322 -15.59 10.25 31.50
CA ARG E 322 -15.25 11.49 30.82
C ARG E 322 -16.45 12.42 30.84
N VAL E 323 -16.19 13.71 31.07
CA VAL E 323 -17.23 14.72 30.96
C VAL E 323 -17.57 14.84 29.48
N GLN E 324 -18.73 14.34 29.10
CA GLN E 324 -19.04 14.24 27.68
C GLN E 324 -19.20 15.62 27.06
N PRO E 325 -18.83 15.80 25.79
CA PRO E 325 -19.05 17.09 25.13
C PRO E 325 -20.53 17.31 24.86
N THR E 326 -21.02 18.51 25.18
CA THR E 326 -22.44 18.79 25.06
C THR E 326 -22.84 19.34 23.69
N GLU E 327 -21.88 19.80 22.89
CA GLU E 327 -22.20 20.31 21.56
C GLU E 327 -20.92 20.43 20.75
N SER E 328 -21.09 20.69 19.46
CA SER E 328 -19.98 20.91 18.54
C SER E 328 -19.89 22.39 18.20
N ILE E 329 -18.68 22.85 17.85
CA ILE E 329 -18.42 24.26 17.58
C ILE E 329 -17.45 24.32 16.40
N VAL E 330 -17.95 24.68 15.23
CA VAL E 330 -17.14 24.84 14.03
C VAL E 330 -16.96 26.33 13.77
N ARG E 331 -15.71 26.74 13.56
CA ARG E 331 -15.35 28.16 13.62
C ARG E 331 -14.45 28.55 12.45
N PHE E 332 -14.88 28.26 11.23
CA PHE E 332 -14.13 28.72 10.07
C PHE E 332 -14.18 30.24 9.98
N PRO E 333 -13.22 30.85 9.30
CA PRO E 333 -13.15 32.32 9.25
C PRO E 333 -14.30 32.91 8.44
N ASN E 334 -14.27 34.23 8.31
CA ASN E 334 -15.34 34.96 7.65
C ASN E 334 -15.42 34.60 6.17
N ILE E 335 -16.64 34.68 5.63
CA ILE E 335 -16.85 34.49 4.20
C ILE E 335 -16.46 35.78 3.49
N THR E 336 -15.65 35.66 2.43
CA THR E 336 -15.18 36.82 1.70
C THR E 336 -14.90 36.42 0.26
N ASN E 337 -14.73 37.44 -0.59
CA ASN E 337 -14.41 37.27 -2.01
C ASN E 337 -15.30 36.20 -2.65
N LEU E 338 -16.60 36.46 -2.67
CA LEU E 338 -17.52 35.58 -3.37
C LEU E 338 -17.19 35.57 -4.86
N CYS E 339 -17.38 34.42 -5.48
CA CYS E 339 -17.10 34.29 -6.91
C CYS E 339 -18.01 35.22 -7.70
N PRO E 340 -17.54 35.80 -8.80
CA PRO E 340 -18.39 36.71 -9.60
C PRO E 340 -19.34 35.97 -10.51
N PHE E 341 -20.33 35.30 -9.90
CA PHE E 341 -21.33 34.59 -10.68
C PHE E 341 -22.36 35.53 -11.30
N GLY E 342 -22.35 36.81 -10.91
CA GLY E 342 -23.41 37.71 -11.33
C GLY E 342 -23.49 37.87 -12.85
N GLU E 343 -22.36 38.22 -13.47
CA GLU E 343 -22.39 38.56 -14.89
C GLU E 343 -22.85 37.38 -15.73
N VAL E 344 -22.34 36.17 -15.44
CA VAL E 344 -22.71 35.02 -16.24
C VAL E 344 -24.22 34.77 -16.16
N PHE E 345 -24.81 35.04 -15.00
CA PHE E 345 -26.23 34.75 -14.83
C PHE E 345 -27.10 35.97 -15.07
N ASN E 346 -26.51 37.17 -15.16
CA ASN E 346 -27.28 38.40 -15.21
C ASN E 346 -26.80 39.41 -16.24
N ALA E 347 -25.71 39.16 -16.96
CA ALA E 347 -25.23 40.13 -17.93
C ALA E 347 -26.26 40.33 -19.04
N THR E 348 -26.33 41.57 -19.54
CA THR E 348 -27.29 41.92 -20.58
C THR E 348 -26.67 41.81 -21.97
N ARG E 349 -25.59 41.04 -22.09
CA ARG E 349 -24.86 40.91 -23.34
C ARG E 349 -24.56 39.44 -23.62
N PHE E 350 -25.60 38.61 -23.52
CA PHE E 350 -25.41 37.18 -23.69
C PHE E 350 -24.89 36.86 -25.09
N ALA E 351 -23.99 35.89 -25.16
CA ALA E 351 -23.28 35.61 -26.40
C ALA E 351 -24.14 34.79 -27.34
N SER E 352 -24.05 35.11 -28.63
CA SER E 352 -24.65 34.27 -29.66
C SER E 352 -23.95 32.92 -29.66
N VAL E 353 -24.73 31.86 -29.86
CA VAL E 353 -24.22 30.51 -29.65
C VAL E 353 -23.05 30.19 -30.57
N TYR E 354 -23.05 30.71 -31.79
CA TYR E 354 -21.97 30.40 -32.72
C TYR E 354 -20.62 30.89 -32.20
N ALA E 355 -20.61 31.91 -31.36
CA ALA E 355 -19.38 32.48 -30.79
C ALA E 355 -19.50 32.51 -29.27
N TRP E 356 -19.92 31.38 -28.69
CA TRP E 356 -20.10 31.31 -27.25
C TRP E 356 -18.86 31.80 -26.53
N ASN E 357 -19.07 32.56 -25.47
CA ASN E 357 -18.00 33.11 -24.65
C ASN E 357 -17.70 32.18 -23.49
N ARG E 358 -16.51 32.33 -22.91
CA ARG E 358 -16.04 31.49 -21.82
C ARG E 358 -15.53 32.37 -20.69
N LYS E 359 -15.87 32.01 -19.46
CA LYS E 359 -15.47 32.75 -18.27
C LYS E 359 -14.66 31.85 -17.35
N ARG E 360 -13.55 32.39 -16.84
CA ARG E 360 -12.67 31.67 -15.93
C ARG E 360 -12.88 32.19 -14.51
N ILE E 361 -13.11 31.28 -13.57
CA ILE E 361 -13.37 31.62 -12.18
C ILE E 361 -12.37 30.86 -11.33
N SER E 362 -11.66 31.59 -10.45
CA SER E 362 -10.69 30.99 -9.57
C SER E 362 -10.45 31.92 -8.38
N ASN E 363 -9.95 31.34 -7.29
CA ASN E 363 -9.61 32.10 -6.09
C ASN E 363 -10.81 32.90 -5.59
N CYS E 364 -11.85 32.19 -5.18
CA CYS E 364 -13.05 32.83 -4.66
C CYS E 364 -13.90 31.78 -3.94
N VAL E 365 -14.85 32.26 -3.15
CA VAL E 365 -15.79 31.38 -2.46
C VAL E 365 -16.96 31.15 -3.42
N ALA E 366 -17.10 29.91 -3.89
CA ALA E 366 -18.13 29.57 -4.87
C ALA E 366 -19.39 29.14 -4.12
N ASP E 367 -20.29 30.09 -3.94
CA ASP E 367 -21.55 29.86 -3.22
C ASP E 367 -22.59 29.33 -4.19
N TYR E 368 -22.76 28.01 -4.23
CA TYR E 368 -23.75 27.39 -5.09
C TYR E 368 -25.11 27.24 -4.43
N SER E 369 -25.23 27.62 -3.15
CA SER E 369 -26.48 27.40 -2.44
C SER E 369 -27.64 28.13 -3.12
N VAL E 370 -27.43 29.38 -3.51
CA VAL E 370 -28.49 30.14 -4.14
C VAL E 370 -28.85 29.52 -5.49
N LEU E 371 -27.86 28.99 -6.20
CA LEU E 371 -28.07 28.54 -7.57
C LEU E 371 -29.07 27.40 -7.65
N TYR E 372 -28.93 26.38 -6.80
CA TYR E 372 -29.87 25.28 -6.84
C TYR E 372 -31.10 25.56 -5.98
N ASN E 373 -31.02 26.56 -5.10
CA ASN E 373 -32.20 26.99 -4.36
C ASN E 373 -33.11 27.87 -5.22
N SER E 374 -32.52 28.64 -6.13
CA SER E 374 -33.32 29.53 -6.97
C SER E 374 -34.18 28.71 -7.93
N ALA E 375 -35.47 29.01 -7.97
CA ALA E 375 -36.37 28.32 -8.88
C ALA E 375 -36.40 28.95 -10.27
N SER E 376 -35.73 30.09 -10.46
CA SER E 376 -35.76 30.76 -11.75
C SER E 376 -35.12 29.91 -12.84
N PHE E 377 -34.20 29.01 -12.47
CA PHE E 377 -33.49 28.19 -13.44
C PHE E 377 -34.38 27.02 -13.84
N SER E 378 -34.91 27.10 -15.06
CA SER E 378 -35.83 26.07 -15.53
C SER E 378 -35.20 24.69 -15.53
N THR E 379 -33.91 24.61 -15.86
CA THR E 379 -33.22 23.33 -15.96
C THR E 379 -31.89 23.41 -15.24
N PHE E 380 -31.59 22.37 -14.46
CA PHE E 380 -30.32 22.21 -13.78
C PHE E 380 -29.89 20.76 -13.91
N LYS E 381 -28.64 20.53 -14.28
CA LYS E 381 -28.14 19.19 -14.49
C LYS E 381 -26.66 19.12 -14.12
N CYS E 382 -26.31 18.05 -13.41
CA CYS E 382 -24.93 17.77 -13.03
C CYS E 382 -24.59 16.35 -13.46
N TYR E 383 -23.44 16.20 -14.13
CA TYR E 383 -23.00 14.93 -14.67
C TYR E 383 -21.84 14.42 -13.83
N GLY E 384 -22.09 13.39 -13.03
CA GLY E 384 -21.10 12.89 -12.10
C GLY E 384 -20.94 13.73 -10.85
N VAL E 385 -21.81 14.72 -10.63
CA VAL E 385 -21.73 15.62 -9.50
C VAL E 385 -23.13 15.84 -8.95
N SER E 386 -23.20 16.27 -7.70
CA SER E 386 -24.46 16.56 -7.03
C SER E 386 -24.51 18.03 -6.65
N PRO E 387 -25.71 18.63 -6.62
CA PRO E 387 -25.78 20.08 -6.35
C PRO E 387 -25.25 20.47 -4.99
N THR E 388 -25.78 19.89 -3.92
CA THR E 388 -25.32 20.25 -2.58
C THR E 388 -23.84 19.95 -2.41
N LYS E 389 -23.35 18.90 -3.08
CA LYS E 389 -21.94 18.54 -2.95
C LYS E 389 -21.03 19.62 -3.52
N LEU E 390 -21.55 20.47 -4.41
CA LEU E 390 -20.71 21.51 -4.99
C LEU E 390 -20.18 22.45 -3.92
N ASN E 391 -21.05 22.85 -2.98
CA ASN E 391 -20.57 23.63 -1.84
C ASN E 391 -19.56 22.83 -1.03
N ASP E 392 -19.76 21.51 -0.95
CA ASP E 392 -18.84 20.66 -0.19
C ASP E 392 -17.50 20.52 -0.90
N LEU E 393 -17.49 20.62 -2.22
CA LEU E 393 -16.29 20.32 -2.99
C LEU E 393 -15.46 21.58 -3.24
N CYS E 394 -14.20 21.35 -3.63
CA CYS E 394 -13.28 22.41 -3.98
C CYS E 394 -12.60 22.04 -5.30
N PHE E 395 -12.26 23.06 -6.08
CA PHE E 395 -11.67 22.85 -7.39
C PHE E 395 -10.50 23.80 -7.60
N THR E 396 -9.55 23.34 -8.42
CA THR E 396 -8.41 24.18 -8.77
C THR E 396 -8.85 25.39 -9.58
N ASN E 397 -9.62 25.14 -10.64
CA ASN E 397 -10.12 26.21 -11.49
C ASN E 397 -11.38 25.71 -12.20
N VAL E 398 -12.29 26.63 -12.46
CA VAL E 398 -13.56 26.31 -13.09
C VAL E 398 -13.85 27.33 -14.19
N TYR E 399 -14.53 26.88 -15.23
CA TYR E 399 -14.90 27.72 -16.35
C TYR E 399 -16.42 27.82 -16.43
N ALA E 400 -16.89 28.83 -17.15
CA ALA E 400 -18.32 29.05 -17.35
C ALA E 400 -18.54 29.54 -18.77
N ASP E 401 -19.34 28.80 -19.53
CA ASP E 401 -19.72 29.19 -20.89
C ASP E 401 -21.17 29.63 -20.91
N SER E 402 -21.50 30.50 -21.86
CA SER E 402 -22.85 31.00 -22.00
C SER E 402 -23.19 31.17 -23.48
N PHE E 403 -24.45 30.85 -23.82
CA PHE E 403 -24.94 31.02 -25.17
C PHE E 403 -26.45 31.02 -25.14
N VAL E 404 -27.05 31.47 -26.25
CA VAL E 404 -28.50 31.59 -26.37
C VAL E 404 -29.00 30.56 -27.37
N ILE E 405 -30.02 29.80 -26.97
CA ILE E 405 -30.66 28.81 -27.83
C ILE E 405 -32.12 28.68 -27.42
N ARG E 406 -32.94 28.22 -28.35
CA ARG E 406 -34.36 28.05 -28.06
C ARG E 406 -34.60 26.75 -27.30
N GLY E 407 -35.82 26.59 -26.80
CA GLY E 407 -36.11 25.51 -25.88
C GLY E 407 -35.76 24.15 -26.44
N ASP E 408 -36.17 23.88 -27.68
CA ASP E 408 -35.90 22.57 -28.27
C ASP E 408 -34.41 22.30 -28.38
N GLU E 409 -33.60 23.34 -28.57
CA GLU E 409 -32.16 23.15 -28.72
C GLU E 409 -31.48 22.95 -27.37
N VAL E 410 -32.15 23.33 -26.28
CA VAL E 410 -31.55 23.16 -24.94
C VAL E 410 -31.33 21.69 -24.65
N ARG E 411 -32.17 20.82 -25.22
CA ARG E 411 -32.03 19.38 -24.99
C ARG E 411 -30.70 18.85 -25.51
N GLN E 412 -30.07 19.57 -26.44
CA GLN E 412 -28.83 19.09 -27.07
C GLN E 412 -27.60 19.33 -26.20
N ILE E 413 -27.69 20.17 -25.17
CA ILE E 413 -26.53 20.49 -24.35
C ILE E 413 -26.35 19.40 -23.30
N ALA E 414 -25.59 18.37 -23.63
CA ALA E 414 -25.34 17.26 -22.73
C ALA E 414 -24.34 16.32 -23.38
N PRO E 415 -23.64 15.51 -22.58
CA PRO E 415 -22.74 14.51 -23.18
C PRO E 415 -23.53 13.47 -23.96
N GLY E 416 -22.90 12.94 -25.01
CA GLY E 416 -23.55 11.94 -25.83
C GLY E 416 -24.74 12.45 -26.62
N GLN E 417 -24.80 13.75 -26.85
CA GLN E 417 -25.89 14.38 -27.59
C GLN E 417 -25.33 15.04 -28.85
N THR E 418 -26.20 15.15 -29.85
CA THR E 418 -25.81 15.71 -31.14
C THR E 418 -26.90 16.67 -31.60
N GLY E 419 -26.64 17.33 -32.72
CA GLY E 419 -27.56 18.27 -33.31
C GLY E 419 -26.83 19.45 -33.91
N LYS E 420 -27.62 20.38 -34.45
CA LYS E 420 -27.03 21.59 -35.02
C LYS E 420 -26.21 22.34 -33.98
N ILE E 421 -26.83 22.64 -32.84
CA ILE E 421 -26.13 23.37 -31.78
C ILE E 421 -24.95 22.54 -31.28
N ALA E 422 -25.23 21.29 -30.88
CA ALA E 422 -24.20 20.47 -30.23
C ALA E 422 -23.01 20.26 -31.14
N ASP E 423 -23.26 19.99 -32.43
CA ASP E 423 -22.16 19.64 -33.33
C ASP E 423 -21.48 20.88 -33.90
N TYR E 424 -22.26 21.84 -34.40
CA TYR E 424 -21.67 22.94 -35.15
C TYR E 424 -21.29 24.11 -34.25
N ASN E 425 -22.04 24.33 -33.17
CA ASN E 425 -21.82 25.53 -32.37
C ASN E 425 -21.01 25.23 -31.10
N TYR E 426 -21.48 24.30 -30.28
CA TYR E 426 -20.86 24.05 -28.98
C TYR E 426 -20.97 22.57 -28.68
N LYS E 427 -19.82 21.89 -28.58
CA LYS E 427 -19.77 20.45 -28.36
C LYS E 427 -19.13 20.16 -27.01
N LEU E 428 -19.72 19.20 -26.26
CA LEU E 428 -19.19 18.72 -25.00
C LEU E 428 -18.68 17.30 -25.13
N PRO E 429 -17.73 16.89 -24.29
CA PRO E 429 -17.27 15.50 -24.32
C PRO E 429 -18.23 14.59 -23.56
N ASP E 430 -18.09 13.28 -23.82
CA ASP E 430 -18.91 12.30 -23.13
C ASP E 430 -18.48 12.07 -21.68
N ASP E 431 -17.21 12.34 -21.36
CA ASP E 431 -16.72 12.28 -19.99
C ASP E 431 -16.82 13.62 -19.28
N PHE E 432 -17.73 14.49 -19.74
CA PHE E 432 -17.88 15.83 -19.18
C PHE E 432 -18.26 15.77 -17.71
N THR E 433 -17.34 16.14 -16.83
CA THR E 433 -17.60 16.18 -15.39
C THR E 433 -17.92 17.62 -15.00
N GLY E 434 -19.14 18.04 -15.32
CA GLY E 434 -19.59 19.38 -15.01
C GLY E 434 -21.10 19.43 -14.96
N CYS E 435 -21.64 20.63 -14.77
CA CYS E 435 -23.07 20.82 -14.65
C CYS E 435 -23.55 21.80 -15.72
N VAL E 436 -24.86 21.76 -15.97
CA VAL E 436 -25.49 22.60 -16.98
C VAL E 436 -26.67 23.32 -16.34
N ILE E 437 -26.76 24.62 -16.56
CA ILE E 437 -27.84 25.44 -16.03
C ILE E 437 -28.44 26.25 -17.18
N ALA E 438 -29.77 26.20 -17.31
CA ALA E 438 -30.47 26.93 -18.35
C ALA E 438 -31.74 27.51 -17.78
N TRP E 439 -32.15 28.65 -18.33
CA TRP E 439 -33.40 29.29 -17.93
C TRP E 439 -33.98 30.01 -19.14
N ASN E 440 -35.29 30.27 -19.09
CA ASN E 440 -36.01 30.87 -20.19
C ASN E 440 -35.76 32.37 -20.23
N SER E 441 -35.55 32.89 -21.44
CA SER E 441 -35.38 34.33 -21.65
C SER E 441 -36.25 34.82 -22.80
N ASN E 442 -37.50 34.36 -22.88
CA ASN E 442 -38.33 34.67 -24.04
C ASN E 442 -38.56 36.17 -24.18
N ASN E 443 -38.99 36.84 -23.11
CA ASN E 443 -39.36 38.24 -23.23
C ASN E 443 -38.17 39.10 -23.62
N LEU E 444 -37.00 38.87 -23.02
CA LEU E 444 -35.83 39.69 -23.33
C LEU E 444 -35.28 39.37 -24.72
N ASP E 445 -35.11 38.09 -25.03
CA ASP E 445 -34.46 37.72 -26.28
C ASP E 445 -35.37 37.84 -27.49
N SER E 446 -36.67 37.63 -27.32
CA SER E 446 -37.58 37.66 -28.46
C SER E 446 -37.83 39.08 -28.90
N LYS E 447 -37.85 39.28 -30.22
CA LYS E 447 -38.15 40.57 -30.83
C LYS E 447 -39.35 40.40 -31.75
N VAL E 448 -40.08 41.50 -31.93
CA VAL E 448 -41.36 41.43 -32.63
C VAL E 448 -41.20 40.80 -34.01
N GLY E 449 -40.19 41.23 -34.76
CA GLY E 449 -39.88 40.67 -36.06
C GLY E 449 -38.85 39.58 -36.04
N GLY E 450 -38.53 39.02 -34.88
CA GLY E 450 -37.48 38.03 -34.76
C GLY E 450 -36.15 38.65 -34.39
N ASN E 451 -35.46 38.07 -33.42
CA ASN E 451 -34.20 38.64 -32.94
C ASN E 451 -33.05 38.12 -33.80
N TYR E 452 -32.77 38.87 -34.87
CA TYR E 452 -31.68 38.54 -35.77
C TYR E 452 -30.34 39.08 -35.27
N ASN E 453 -30.33 39.85 -34.18
CA ASN E 453 -29.07 40.24 -33.56
C ASN E 453 -28.28 39.03 -33.08
N TYR E 454 -28.97 37.92 -32.82
CA TYR E 454 -28.33 36.67 -32.43
C TYR E 454 -28.21 35.76 -33.64
N LEU E 455 -27.07 35.08 -33.76
CA LEU E 455 -26.79 34.20 -34.88
C LEU E 455 -26.40 32.81 -34.38
N TYR E 456 -26.59 31.82 -35.23
CA TYR E 456 -26.16 30.45 -34.93
C TYR E 456 -25.72 29.79 -36.23
N ARG E 457 -24.77 28.87 -36.10
CA ARG E 457 -24.13 28.25 -37.26
C ARG E 457 -25.04 27.21 -37.88
N LEU E 458 -25.10 27.20 -39.21
CA LEU E 458 -25.89 26.23 -39.96
C LEU E 458 -25.02 25.19 -40.66
N PHE E 459 -23.79 25.56 -41.03
CA PHE E 459 -22.92 24.71 -41.83
C PHE E 459 -21.53 24.65 -41.22
N ARG E 460 -20.89 23.48 -41.34
CA ARG E 460 -19.48 23.33 -41.06
C ARG E 460 -18.97 22.13 -41.84
N LYS E 461 -17.68 22.17 -42.19
CA LYS E 461 -17.10 21.10 -42.99
C LYS E 461 -16.89 19.83 -42.17
N SER E 462 -16.91 19.96 -40.84
CA SER E 462 -16.86 18.79 -39.96
C SER E 462 -17.38 19.19 -38.59
N ASN E 463 -17.86 18.21 -37.84
CA ASN E 463 -18.41 18.48 -36.52
C ASN E 463 -17.32 18.88 -35.54
N LEU E 464 -17.69 19.75 -34.60
CA LEU E 464 -16.73 20.25 -33.63
C LEU E 464 -16.26 19.14 -32.70
N LYS E 465 -14.96 19.17 -32.38
CA LYS E 465 -14.45 18.36 -31.30
C LYS E 465 -14.82 18.99 -29.96
N PRO E 466 -14.76 18.23 -28.88
CA PRO E 466 -15.17 18.76 -27.58
C PRO E 466 -14.49 20.10 -27.28
N PHE E 467 -15.30 21.10 -26.97
CA PHE E 467 -14.86 22.45 -26.63
C PHE E 467 -14.18 23.16 -27.80
N GLU E 468 -14.32 22.66 -29.02
CA GLU E 468 -13.75 23.33 -30.17
C GLU E 468 -14.63 24.51 -30.57
N ARG E 469 -13.98 25.61 -30.93
CA ARG E 469 -14.66 26.87 -31.20
C ARG E 469 -14.33 27.35 -32.61
N ASP E 470 -15.35 27.81 -33.32
CA ASP E 470 -15.18 28.21 -34.72
C ASP E 470 -16.18 29.32 -35.03
N ILE E 471 -15.67 30.46 -35.48
CA ILE E 471 -16.51 31.58 -35.90
C ILE E 471 -16.34 31.87 -37.39
N SER E 472 -15.79 30.94 -38.15
CA SER E 472 -15.52 31.18 -39.56
C SER E 472 -16.82 31.43 -40.32
N THR E 473 -16.74 32.26 -41.37
CA THR E 473 -17.90 32.69 -42.12
C THR E 473 -17.76 32.38 -43.62
N GLU E 474 -16.88 31.47 -43.99
CA GLU E 474 -16.70 31.14 -45.40
C GLU E 474 -18.01 30.64 -45.99
N ILE E 475 -18.35 31.16 -47.17
CA ILE E 475 -19.55 30.70 -47.85
C ILE E 475 -19.41 29.21 -48.11
N TYR E 476 -20.43 28.45 -47.72
CA TYR E 476 -20.37 27.00 -47.81
C TYR E 476 -20.77 26.52 -49.21
N GLN E 477 -20.18 25.41 -49.62
CA GLN E 477 -20.52 24.77 -50.89
C GLN E 477 -21.66 23.79 -50.63
N ALA E 478 -22.87 24.17 -51.04
CA ALA E 478 -24.06 23.35 -50.83
C ALA E 478 -24.38 22.48 -52.04
N GLY E 479 -23.51 22.44 -53.04
CA GLY E 479 -23.76 21.65 -54.22
C GLY E 479 -22.50 21.32 -55.01
N SER E 480 -22.63 21.21 -56.33
CA SER E 480 -21.50 20.84 -57.16
C SER E 480 -20.55 22.00 -57.40
N THR E 481 -20.98 23.23 -57.18
CA THR E 481 -20.15 24.38 -57.48
C THR E 481 -19.08 24.56 -56.41
N PRO E 482 -17.79 24.63 -56.78
CA PRO E 482 -16.77 25.04 -55.79
C PRO E 482 -16.88 26.52 -55.49
N CYS E 483 -17.83 26.86 -54.60
CA CYS E 483 -18.14 28.27 -54.35
C CYS E 483 -16.90 29.07 -54.00
N ASN E 484 -16.12 28.59 -53.03
CA ASN E 484 -14.88 29.24 -52.62
C ASN E 484 -15.14 30.69 -52.19
N GLY E 485 -16.20 30.90 -51.43
CA GLY E 485 -16.46 32.18 -50.81
C GLY E 485 -17.27 33.16 -51.63
N VAL E 486 -18.00 32.70 -52.64
CA VAL E 486 -18.82 33.57 -53.48
C VAL E 486 -20.28 33.16 -53.33
N GLU E 487 -21.13 34.12 -52.99
CA GLU E 487 -22.55 33.84 -52.83
C GLU E 487 -23.19 33.52 -54.17
N GLY E 488 -24.32 32.82 -54.11
CA GLY E 488 -25.05 32.50 -55.31
C GLY E 488 -25.84 31.22 -55.13
N PHE E 489 -26.22 30.63 -56.27
CA PHE E 489 -26.94 29.36 -56.25
C PHE E 489 -26.06 28.27 -55.62
N ASN E 490 -26.63 27.57 -54.64
CA ASN E 490 -25.88 26.53 -53.92
C ASN E 490 -24.57 27.06 -53.36
N CYS E 491 -24.60 28.31 -52.89
CA CYS E 491 -23.47 28.94 -52.21
C CYS E 491 -24.06 29.83 -51.12
N TYR E 492 -24.07 29.32 -49.89
CA TYR E 492 -24.91 29.87 -48.84
C TYR E 492 -24.07 30.30 -47.63
N PHE E 493 -24.53 31.36 -46.98
CA PHE E 493 -23.86 31.89 -45.80
C PHE E 493 -23.96 30.87 -44.67
N PRO E 494 -22.82 30.44 -44.08
CA PRO E 494 -22.87 29.34 -43.10
C PRO E 494 -23.64 29.66 -41.83
N LEU E 495 -23.80 30.92 -41.46
CA LEU E 495 -24.47 31.29 -40.22
C LEU E 495 -25.95 31.53 -40.47
N GLN E 496 -26.74 31.43 -39.39
CA GLN E 496 -28.17 31.64 -39.43
C GLN E 496 -28.58 32.58 -38.31
N SER E 497 -29.47 33.52 -38.63
CA SER E 497 -29.96 34.51 -37.68
C SER E 497 -31.20 33.98 -36.98
N TYR E 498 -31.31 34.25 -35.68
CA TYR E 498 -32.38 33.68 -34.87
C TYR E 498 -33.70 34.38 -35.16
N GLY E 499 -34.73 33.60 -35.43
CA GLY E 499 -36.08 34.11 -35.59
C GLY E 499 -36.89 34.05 -34.32
N PHE E 500 -36.39 34.70 -33.26
CA PHE E 500 -37.06 34.68 -31.96
C PHE E 500 -38.28 35.60 -31.97
N GLN E 501 -39.33 35.21 -32.70
CA GLN E 501 -40.56 35.99 -32.68
C GLN E 501 -41.37 35.68 -31.43
N PRO E 502 -42.03 36.68 -30.84
CA PRO E 502 -42.86 36.40 -29.66
C PRO E 502 -44.01 35.45 -29.95
N THR E 503 -44.54 35.46 -31.17
CA THR E 503 -45.71 34.65 -31.50
C THR E 503 -45.32 33.22 -31.83
N TYR E 504 -44.68 32.54 -30.89
CA TYR E 504 -44.36 31.12 -31.03
C TYR E 504 -44.49 30.44 -29.68
N GLY E 505 -44.53 29.11 -29.71
CA GLY E 505 -44.68 28.33 -28.50
C GLY E 505 -43.39 28.23 -27.72
N VAL E 506 -43.48 27.51 -26.59
CA VAL E 506 -42.35 27.40 -25.68
C VAL E 506 -41.14 26.80 -26.38
N GLY E 507 -41.34 25.80 -27.23
CA GLY E 507 -40.23 25.19 -27.92
C GLY E 507 -39.43 26.17 -28.75
N TYR E 508 -40.11 27.11 -29.41
CA TYR E 508 -39.42 28.09 -30.23
C TYR E 508 -38.75 29.17 -29.40
N GLN E 509 -39.30 29.48 -28.23
CA GLN E 509 -38.88 30.67 -27.51
C GLN E 509 -37.42 30.54 -27.06
N PRO E 510 -36.68 31.64 -27.02
CA PRO E 510 -35.26 31.56 -26.68
C PRO E 510 -35.03 31.16 -25.23
N TYR E 511 -33.87 30.57 -24.98
CA TYR E 511 -33.39 30.26 -23.64
C TYR E 511 -31.96 30.74 -23.49
N ARG E 512 -31.55 30.96 -22.24
CA ARG E 512 -30.17 31.27 -21.91
C ARG E 512 -29.57 30.09 -21.13
N VAL E 513 -28.36 29.71 -21.49
CA VAL E 513 -27.72 28.51 -20.96
C VAL E 513 -26.37 28.89 -20.37
N VAL E 514 -26.03 28.29 -19.24
CA VAL E 514 -24.71 28.42 -18.62
C VAL E 514 -24.18 27.01 -18.35
N VAL E 515 -22.96 26.76 -18.82
CA VAL E 515 -22.29 25.48 -18.65
C VAL E 515 -21.00 25.73 -17.89
N LEU E 516 -20.78 24.98 -16.82
CA LEU E 516 -19.61 25.14 -15.98
C LEU E 516 -18.94 23.80 -15.75
N SER E 517 -17.62 23.84 -15.58
CA SER E 517 -16.82 22.65 -15.32
C SER E 517 -15.63 23.06 -14.46
N PHE E 518 -14.95 22.07 -13.90
CA PHE E 518 -13.84 22.30 -12.99
C PHE E 518 -12.65 21.43 -13.39
N GLU E 519 -11.46 21.93 -13.10
CA GLU E 519 -10.22 21.28 -13.51
C GLU E 519 -9.82 20.17 -12.55
N LEU E 520 -8.75 19.47 -12.90
CA LEU E 520 -8.22 18.41 -12.06
C LEU E 520 -7.43 18.99 -10.88
N LEU E 521 -7.02 18.10 -9.98
CA LEU E 521 -6.26 18.50 -8.80
C LEU E 521 -4.76 18.46 -9.08
N HIS E 522 -4.33 19.19 -10.12
CA HIS E 522 -2.90 19.31 -10.40
C HIS E 522 -2.21 20.29 -9.47
N ALA E 523 -2.97 21.06 -8.69
CA ALA E 523 -2.41 22.09 -7.82
C ALA E 523 -3.40 22.33 -6.69
N PRO E 524 -3.03 23.13 -5.69
CA PRO E 524 -3.97 23.41 -4.61
C PRO E 524 -5.25 24.04 -5.13
N ALA E 525 -6.36 23.70 -4.50
CA ALA E 525 -7.66 24.24 -4.90
C ALA E 525 -7.72 25.73 -4.59
N THR E 526 -8.60 26.43 -5.31
CA THR E 526 -8.76 27.86 -5.13
C THR E 526 -10.20 28.31 -4.99
N VAL E 527 -11.18 27.47 -5.29
CA VAL E 527 -12.59 27.81 -5.18
C VAL E 527 -13.28 26.78 -4.30
N CYS E 528 -14.06 27.25 -3.34
CA CYS E 528 -14.73 26.37 -2.38
C CYS E 528 -16.06 26.99 -2.00
N GLY E 529 -16.95 26.14 -1.47
CA GLY E 529 -18.20 26.59 -0.94
C GLY E 529 -17.99 27.29 0.39
N PRO E 530 -18.95 28.11 0.81
CA PRO E 530 -18.80 28.83 2.08
C PRO E 530 -18.73 27.86 3.25
N LYS E 531 -17.95 28.24 4.26
CA LYS E 531 -17.81 27.42 5.46
C LYS E 531 -18.71 27.95 6.57
N LYS E 532 -19.03 27.08 7.51
CA LYS E 532 -19.86 27.45 8.65
C LYS E 532 -19.04 28.25 9.66
N SER E 533 -19.72 29.15 10.37
CA SER E 533 -19.12 29.95 11.44
C SER E 533 -20.12 29.99 12.59
N THR E 534 -20.01 29.05 13.52
CA THR E 534 -20.95 28.94 14.61
C THR E 534 -20.50 29.79 15.80
N ASN E 535 -21.41 29.98 16.74
CA ASN E 535 -21.11 30.76 17.93
C ASN E 535 -20.14 30.01 18.84
N LEU E 536 -19.28 30.76 19.52
CA LEU E 536 -18.29 30.15 20.39
C LEU E 536 -18.92 29.82 21.74
N VAL E 537 -18.22 28.96 22.49
CA VAL E 537 -18.66 28.54 23.82
C VAL E 537 -17.45 28.55 24.74
N LYS E 538 -17.68 28.83 26.02
CA LYS E 538 -16.62 28.86 27.01
C LYS E 538 -17.05 28.11 28.26
N ASN E 539 -16.07 27.54 28.95
CA ASN E 539 -16.28 26.89 30.23
C ASN E 539 -17.25 25.71 30.11
N LYS E 540 -17.29 25.09 28.93
CA LYS E 540 -18.03 23.85 28.73
C LYS E 540 -17.21 22.91 27.87
N CYS E 541 -17.43 21.62 28.06
CA CYS E 541 -16.78 20.60 27.25
C CYS E 541 -17.50 20.49 25.92
N VAL E 542 -16.76 20.72 24.83
CA VAL E 542 -17.36 20.82 23.50
C VAL E 542 -16.44 20.17 22.49
N ASN E 543 -17.02 19.74 21.39
CA ASN E 543 -16.27 19.36 20.20
C ASN E 543 -16.06 20.60 19.34
N PHE E 544 -14.88 20.74 18.77
CA PHE E 544 -14.57 21.94 18.01
C PHE E 544 -13.74 21.59 16.78
N ASN E 545 -13.88 22.43 15.76
CA ASN E 545 -13.13 22.34 14.51
C ASN E 545 -12.91 23.78 14.06
N PHE E 546 -11.74 24.33 14.38
CA PHE E 546 -11.53 25.76 14.19
C PHE E 546 -11.26 26.11 12.73
N ASN E 547 -10.15 25.61 12.18
CA ASN E 547 -9.97 25.65 10.74
C ASN E 547 -9.93 24.24 10.19
N GLY E 548 -8.93 23.47 10.61
CA GLY E 548 -8.92 22.04 10.45
C GLY E 548 -8.62 21.38 11.77
N LEU E 549 -8.04 22.15 12.68
CA LEU E 549 -7.74 21.69 14.03
C LEU E 549 -9.01 21.16 14.68
N THR E 550 -9.06 19.87 14.93
CA THR E 550 -10.23 19.22 15.52
C THR E 550 -9.83 18.60 16.85
N GLY E 551 -10.68 18.77 17.86
CA GLY E 551 -10.40 18.23 19.17
C GLY E 551 -11.55 18.47 20.11
N THR E 552 -11.41 17.97 21.33
CA THR E 552 -12.41 18.13 22.37
C THR E 552 -11.73 18.68 23.63
N GLY E 553 -12.34 19.70 24.21
CA GLY E 553 -11.80 20.29 25.43
C GLY E 553 -12.65 21.47 25.85
N VAL E 554 -12.35 22.00 27.03
CA VAL E 554 -13.04 23.17 27.55
C VAL E 554 -12.21 24.39 27.18
N LEU E 555 -12.89 25.47 26.82
CA LEU E 555 -12.25 26.63 26.22
C LEU E 555 -12.25 27.80 27.19
N THR E 556 -11.33 28.72 26.97
CA THR E 556 -11.21 29.91 27.81
C THR E 556 -10.22 30.86 27.17
N GLU E 557 -10.52 32.15 27.25
CA GLU E 557 -9.60 33.19 26.81
C GLU E 557 -8.50 33.33 27.84
N SER E 558 -7.26 33.48 27.36
CA SER E 558 -6.10 33.50 28.23
C SER E 558 -5.21 34.68 27.90
N ASN E 559 -4.10 34.76 28.63
CA ASN E 559 -3.19 35.89 28.54
C ASN E 559 -2.10 35.70 27.47
N LYS E 560 -2.03 34.54 26.83
CA LYS E 560 -0.95 34.28 25.90
C LYS E 560 -1.04 35.24 24.72
N LYS E 561 0.12 35.68 24.25
CA LYS E 561 0.24 36.72 23.23
C LYS E 561 0.80 36.09 21.95
N PHE E 562 -0.11 35.66 21.07
CA PHE E 562 0.32 35.15 19.78
C PHE E 562 0.83 36.28 18.91
N LEU E 563 1.70 35.94 17.97
CA LEU E 563 2.11 36.89 16.95
C LEU E 563 1.02 36.98 15.88
N PRO E 564 1.03 38.04 15.08
CA PRO E 564 -0.07 38.26 14.13
C PRO E 564 -0.30 37.10 13.19
N PHE E 565 0.75 36.36 12.84
CA PHE E 565 0.63 35.29 11.86
C PHE E 565 0.35 33.93 12.48
N GLN E 566 0.55 33.77 13.78
CA GLN E 566 0.38 32.46 14.40
C GLN E 566 -1.08 32.15 14.64
N GLN E 567 -1.51 30.96 14.25
CA GLN E 567 -2.91 30.56 14.34
C GLN E 567 -3.24 29.79 15.60
N PHE E 568 -2.39 28.86 16.01
CA PHE E 568 -2.67 28.06 17.20
C PHE E 568 -1.36 27.73 17.90
N GLY E 569 -1.45 27.52 19.21
CA GLY E 569 -0.29 27.25 20.04
C GLY E 569 -0.03 25.76 20.12
N ARG E 570 1.03 25.41 20.85
CA ARG E 570 1.42 24.02 21.00
C ARG E 570 2.15 23.86 22.34
N ASP E 571 2.08 22.67 22.90
CA ASP E 571 2.69 22.40 24.18
C ASP E 571 4.08 21.77 24.00
N ILE E 572 4.81 21.67 25.10
CA ILE E 572 6.16 21.09 25.06
C ILE E 572 6.11 19.66 24.59
N ASP E 573 5.05 18.92 24.90
CA ASP E 573 4.89 17.54 24.49
C ASP E 573 4.23 17.41 23.13
N ASP E 574 4.02 18.53 22.44
CA ASP E 574 3.38 18.59 21.12
C ASP E 574 1.89 18.33 21.18
N THR E 575 1.22 18.75 22.25
CA THR E 575 -0.24 18.72 22.28
C THR E 575 -0.79 20.13 22.16
N THR E 576 -1.88 20.26 21.41
CA THR E 576 -2.47 21.57 21.21
C THR E 576 -2.81 22.20 22.55
N ASP E 577 -2.50 23.50 22.68
CA ASP E 577 -2.55 24.17 23.97
C ASP E 577 -3.30 25.49 23.90
N ALA E 578 -3.50 26.02 22.69
CA ALA E 578 -4.23 27.26 22.54
C ALA E 578 -4.69 27.38 21.09
N VAL E 579 -5.64 28.27 20.84
CA VAL E 579 -6.15 28.50 19.51
C VAL E 579 -6.56 29.95 19.37
N ARG E 580 -6.45 30.48 18.15
CA ARG E 580 -6.89 31.82 17.82
C ARG E 580 -8.23 31.74 17.11
N ASP E 581 -9.21 32.47 17.63
CA ASP E 581 -10.53 32.50 17.02
C ASP E 581 -10.46 33.25 15.70
N PRO E 582 -10.77 32.62 14.57
CA PRO E 582 -10.60 33.29 13.28
C PRO E 582 -11.64 34.35 12.96
N GLN E 583 -12.72 34.47 13.72
CA GLN E 583 -13.66 35.56 13.50
C GLN E 583 -13.20 36.85 14.19
N THR E 584 -13.04 36.80 15.51
CA THR E 584 -12.63 37.98 16.26
C THR E 584 -11.15 37.99 16.59
N LEU E 585 -10.39 36.99 16.16
CA LEU E 585 -8.95 36.92 16.34
C LEU E 585 -8.54 36.95 17.81
N GLU E 586 -9.47 36.71 18.72
CA GLU E 586 -9.11 36.64 20.14
C GLU E 586 -8.45 35.30 20.44
N ILE E 587 -7.55 35.31 21.41
CA ILE E 587 -6.73 34.16 21.74
C ILE E 587 -7.46 33.33 22.79
N LEU E 588 -7.67 32.05 22.49
CA LEU E 588 -8.34 31.13 23.38
C LEU E 588 -7.34 30.15 23.97
N ASP E 589 -7.75 29.50 25.06
CA ASP E 589 -6.94 28.50 25.74
C ASP E 589 -7.79 27.25 25.89
N ILE E 590 -7.18 26.09 25.74
CA ILE E 590 -7.89 24.82 25.70
C ILE E 590 -7.38 23.92 26.80
N THR E 591 -8.31 23.32 27.53
CA THR E 591 -8.04 22.39 28.61
C THR E 591 -8.83 21.11 28.40
N PRO E 592 -8.23 19.94 28.60
CA PRO E 592 -8.96 18.70 28.31
C PRO E 592 -10.16 18.53 29.23
N CYS E 593 -11.22 17.93 28.69
CA CYS E 593 -12.41 17.70 29.48
C CYS E 593 -12.10 16.75 30.64
N SER E 594 -12.64 17.08 31.81
CA SER E 594 -12.29 16.35 33.02
C SER E 594 -12.51 14.87 32.85
N PHE E 595 -11.44 14.10 33.02
CA PHE E 595 -11.48 12.65 32.97
C PHE E 595 -10.70 12.10 34.15
N GLY E 596 -11.05 10.89 34.58
CA GLY E 596 -10.36 10.25 35.67
C GLY E 596 -10.87 8.85 35.88
N GLY E 597 -10.13 8.07 36.66
CA GLY E 597 -10.52 6.72 36.98
C GLY E 597 -11.41 6.69 38.21
N VAL E 598 -12.28 5.68 38.26
CA VAL E 598 -13.20 5.48 39.37
C VAL E 598 -12.72 4.28 40.17
N SER E 599 -12.74 4.42 41.49
CA SER E 599 -12.34 3.35 42.39
C SER E 599 -13.46 3.09 43.37
N VAL E 600 -13.55 1.85 43.84
CA VAL E 600 -14.58 1.43 44.78
C VAL E 600 -13.90 1.03 46.08
N ILE E 601 -14.32 1.66 47.17
CA ILE E 601 -13.78 1.38 48.50
C ILE E 601 -14.80 0.51 49.21
N THR E 602 -14.42 -0.74 49.49
CA THR E 602 -15.33 -1.71 50.06
C THR E 602 -14.72 -2.36 51.29
N PRO E 603 -15.52 -2.62 52.32
CA PRO E 603 -15.01 -3.34 53.49
C PRO E 603 -15.05 -4.85 53.35
N GLY E 604 -15.45 -5.36 52.19
CA GLY E 604 -15.54 -6.79 51.97
C GLY E 604 -16.96 -7.29 52.06
N THR E 605 -17.38 -8.13 51.10
CA THR E 605 -18.73 -8.64 51.13
C THR E 605 -19.02 -9.40 52.42
N ASN E 606 -18.02 -10.07 52.98
CA ASN E 606 -18.21 -10.79 54.22
C ASN E 606 -18.49 -9.86 55.39
N THR E 607 -18.26 -8.56 55.22
CA THR E 607 -18.50 -7.58 56.29
C THR E 607 -19.79 -6.80 56.07
N SER E 608 -19.96 -6.20 54.89
CA SER E 608 -21.15 -5.41 54.63
C SER E 608 -21.24 -5.08 53.16
N ASN E 609 -22.45 -5.06 52.62
CA ASN E 609 -22.66 -4.78 51.21
C ASN E 609 -22.93 -3.30 50.98
N GLN E 610 -22.07 -2.44 51.51
CA GLN E 610 -22.12 -1.01 51.21
C GLN E 610 -20.69 -0.51 51.07
N VAL E 611 -20.51 0.47 50.18
CA VAL E 611 -19.18 0.88 49.75
C VAL E 611 -19.13 2.39 49.61
N ALA E 612 -17.93 2.91 49.43
CA ALA E 612 -17.70 4.31 49.11
C ALA E 612 -16.90 4.40 47.83
N VAL E 613 -17.17 5.43 47.04
CA VAL E 613 -16.62 5.57 45.70
C VAL E 613 -15.71 6.78 45.66
N LEU E 614 -14.58 6.64 44.98
CA LEU E 614 -13.60 7.70 44.83
C LEU E 614 -13.43 8.03 43.36
N TYR E 615 -13.60 9.29 43.02
CA TYR E 615 -13.38 9.78 41.66
C TYR E 615 -12.01 10.46 41.64
N GLN E 616 -11.05 9.81 40.99
CA GLN E 616 -9.67 10.26 41.07
C GLN E 616 -9.51 11.63 40.41
N GLY E 617 -8.84 12.53 41.12
CA GLY E 617 -8.43 13.79 40.54
C GLY E 617 -9.50 14.85 40.45
N VAL E 618 -10.71 14.46 40.03
CA VAL E 618 -11.73 15.42 39.67
C VAL E 618 -12.22 16.18 40.90
N ASN E 619 -12.97 17.26 40.66
CA ASN E 619 -13.50 18.12 41.69
C ASN E 619 -14.95 17.75 41.95
N CYS E 620 -15.34 17.68 43.23
CA CYS E 620 -16.69 17.24 43.55
C CYS E 620 -17.76 18.12 42.91
N THR E 621 -17.43 19.38 42.62
CA THR E 621 -18.42 20.27 42.04
C THR E 621 -18.90 19.80 40.67
N GLU E 622 -18.07 19.05 39.95
CA GLU E 622 -18.38 18.64 38.57
C GLU E 622 -18.61 17.15 38.44
N VAL E 623 -18.78 16.42 39.54
CA VAL E 623 -19.10 14.99 39.43
C VAL E 623 -20.59 14.86 39.11
N PRO E 624 -20.97 14.18 38.02
CA PRO E 624 -22.39 14.15 37.63
C PRO E 624 -23.26 13.43 38.66
N ASN E 644 -23.04 11.78 51.46
CA ASN E 644 -21.83 12.40 51.99
C ASN E 644 -20.80 12.58 50.89
N VAL E 645 -20.28 13.79 50.76
CA VAL E 645 -19.27 14.11 49.75
C VAL E 645 -18.09 14.75 50.45
N PHE E 646 -16.89 14.44 49.98
CA PHE E 646 -15.68 14.88 50.66
C PHE E 646 -14.57 15.02 49.63
N GLN E 647 -14.09 16.25 49.44
CA GLN E 647 -13.02 16.50 48.49
C GLN E 647 -11.67 16.23 49.14
N THR E 648 -10.79 15.59 48.38
CA THR E 648 -9.46 15.23 48.87
C THR E 648 -8.44 15.49 47.78
N ARG E 649 -7.18 15.61 48.20
CA ARG E 649 -6.10 15.81 47.23
C ARG E 649 -6.00 14.64 46.26
N ALA E 650 -6.56 13.49 46.60
CA ALA E 650 -6.54 12.33 45.71
C ALA E 650 -7.73 12.30 44.77
N GLY E 651 -8.85 12.89 45.13
CA GLY E 651 -10.04 12.90 44.32
C GLY E 651 -11.24 13.24 45.16
N CYS E 652 -12.41 12.92 44.64
CA CYS E 652 -13.68 13.18 45.33
C CYS E 652 -14.21 11.89 45.93
N LEU E 653 -14.51 11.92 47.22
CA LEU E 653 -15.08 10.79 47.93
C LEU E 653 -16.57 11.00 48.12
N ILE E 654 -17.35 9.98 47.81
CA ILE E 654 -18.79 9.99 48.05
C ILE E 654 -19.15 8.69 48.74
N GLY E 655 -20.04 8.79 49.73
CA GLY E 655 -20.43 7.65 50.52
C GLY E 655 -19.58 7.39 51.74
N ALA E 656 -18.52 8.16 51.95
CA ALA E 656 -17.67 8.04 53.13
C ALA E 656 -17.77 9.32 53.95
N GLU E 657 -17.91 9.18 55.26
CA GLU E 657 -18.07 10.31 56.16
C GLU E 657 -16.71 10.69 56.73
N HIS E 658 -16.32 11.94 56.53
CA HIS E 658 -15.04 12.42 57.02
C HIS E 658 -15.12 12.68 58.53
N VAL E 659 -14.15 12.14 59.27
CA VAL E 659 -14.09 12.32 60.71
C VAL E 659 -12.74 12.92 61.07
N ASN E 660 -12.73 13.75 62.11
CA ASN E 660 -11.52 14.42 62.53
C ASN E 660 -10.58 13.52 63.32
N ASN E 661 -11.05 12.37 63.78
CA ASN E 661 -10.17 11.45 64.48
C ASN E 661 -9.10 10.93 63.52
N SER E 662 -8.17 10.17 64.09
CA SER E 662 -7.11 9.53 63.31
C SER E 662 -6.97 8.09 63.81
N TYR E 663 -6.60 7.19 62.90
CA TYR E 663 -6.52 5.78 63.23
C TYR E 663 -5.45 5.13 62.36
N GLU E 664 -5.17 3.87 62.68
CA GLU E 664 -4.31 3.06 61.84
C GLU E 664 -4.92 2.95 60.44
N CYS E 665 -4.09 3.14 59.42
CA CYS E 665 -4.60 3.12 58.05
C CYS E 665 -5.13 1.73 57.72
N ASP E 666 -6.45 1.63 57.52
CA ASP E 666 -7.03 0.35 57.15
C ASP E 666 -6.81 0.05 55.67
N ILE E 667 -7.33 0.91 54.79
CA ILE E 667 -7.01 0.81 53.37
C ILE E 667 -6.69 2.22 52.86
N PRO E 668 -5.73 2.36 51.94
CA PRO E 668 -5.23 3.69 51.60
C PRO E 668 -6.11 4.36 50.54
N ILE E 669 -6.40 5.64 50.76
CA ILE E 669 -7.04 6.45 49.74
C ILE E 669 -6.01 7.20 48.91
N GLY E 670 -5.08 7.87 49.58
CA GLY E 670 -4.06 8.64 48.91
C GLY E 670 -3.86 9.98 49.59
N ALA E 671 -2.65 10.51 49.53
CA ALA E 671 -2.33 11.80 50.13
C ALA E 671 -2.72 11.83 51.60
N GLY E 672 -2.44 10.72 52.29
CA GLY E 672 -2.59 10.66 53.73
C GLY E 672 -3.97 10.31 54.23
N ILE E 673 -4.93 10.09 53.36
CA ILE E 673 -6.29 9.72 53.77
C ILE E 673 -6.42 8.21 53.70
N CYS E 674 -7.15 7.64 54.65
CA CYS E 674 -7.46 6.21 54.65
C CYS E 674 -8.91 6.04 55.03
N ALA E 675 -9.49 4.92 54.62
CA ALA E 675 -10.89 4.61 54.90
C ALA E 675 -11.00 3.26 55.58
N SER E 676 -12.00 3.12 56.44
CA SER E 676 -12.22 1.86 57.15
C SER E 676 -13.68 1.78 57.56
N TYR E 677 -14.11 0.55 57.87
CA TYR E 677 -15.48 0.33 58.30
C TYR E 677 -15.62 0.60 59.79
N GLN E 678 -16.87 0.79 60.22
CA GLN E 678 -17.17 1.04 61.62
C GLN E 678 -18.51 0.41 62.00
N SER E 694 -19.62 2.12 59.02
CA SER E 694 -20.32 2.79 57.93
C SER E 694 -19.35 3.59 57.07
N ILE E 695 -18.14 3.05 56.91
CA ILE E 695 -17.14 3.63 56.02
C ILE E 695 -16.82 5.06 56.46
N ILE E 696 -15.75 5.20 57.24
CA ILE E 696 -15.28 6.50 57.70
C ILE E 696 -13.96 6.81 57.00
N ALA E 697 -13.78 8.07 56.64
CA ALA E 697 -12.54 8.54 56.02
C ALA E 697 -11.84 9.49 56.99
N TYR E 698 -10.56 9.24 57.22
CA TYR E 698 -9.82 9.95 58.25
C TYR E 698 -8.39 10.15 57.80
N THR E 699 -7.71 11.08 58.43
CA THR E 699 -6.29 11.31 58.21
C THR E 699 -5.51 10.29 59.03
N MET E 700 -4.74 9.45 58.36
CA MET E 700 -4.11 8.31 59.02
C MET E 700 -3.14 8.78 60.09
N SER E 701 -3.05 8.02 61.17
CA SER E 701 -2.17 8.35 62.27
C SER E 701 -0.84 7.62 62.09
N LEU E 702 0.25 8.36 62.21
CA LEU E 702 1.58 7.76 62.11
C LEU E 702 1.86 6.83 63.28
N GLY E 703 1.22 7.04 64.41
CA GLY E 703 1.45 6.23 65.59
C GLY E 703 1.21 7.06 66.84
N ALA E 704 1.19 6.37 67.98
CA ALA E 704 0.96 7.05 69.24
C ALA E 704 2.17 7.91 69.61
N GLU E 705 1.91 9.16 69.94
CA GLU E 705 2.98 10.08 70.31
C GLU E 705 3.39 9.85 71.77
N ASN E 706 4.67 9.99 72.02
CA ASN E 706 5.19 10.03 73.38
C ASN E 706 6.54 10.72 73.37
N SER E 707 6.86 11.38 74.48
CA SER E 707 8.13 12.07 74.64
C SER E 707 8.90 11.38 75.75
N VAL E 708 10.07 10.83 75.43
CA VAL E 708 10.88 10.16 76.44
C VAL E 708 11.58 11.22 77.28
N ALA E 709 11.55 11.04 78.60
CA ALA E 709 11.99 12.07 79.53
C ALA E 709 13.51 12.17 79.51
N TYR E 710 14.02 12.79 78.45
CA TYR E 710 15.46 12.95 78.32
C TYR E 710 15.97 13.95 79.34
N SER E 711 17.19 13.71 79.83
CA SER E 711 17.87 14.63 80.72
C SER E 711 19.35 14.31 80.70
N ASN E 712 20.17 15.32 80.92
CA ASN E 712 21.62 15.11 80.90
C ASN E 712 22.11 14.35 82.12
N ASN E 713 21.22 13.80 82.93
CA ASN E 713 21.60 13.22 84.21
C ASN E 713 20.98 11.87 84.48
N SER E 714 19.93 11.47 83.77
CA SER E 714 19.16 10.29 84.12
C SER E 714 19.21 9.27 83.00
N ILE E 715 19.20 7.99 83.38
CA ILE E 715 19.23 6.87 82.45
C ILE E 715 18.13 5.90 82.84
N ALA E 716 17.61 5.17 81.87
CA ALA E 716 16.57 4.17 82.11
C ALA E 716 17.12 2.79 81.80
N ILE E 717 16.98 1.87 82.76
CA ILE E 717 17.47 0.50 82.61
C ILE E 717 16.30 -0.44 82.82
N PRO E 718 16.19 -1.53 82.05
CA PRO E 718 15.07 -2.46 82.25
C PRO E 718 15.37 -3.48 83.33
N ILE E 719 14.43 -3.68 84.25
CA ILE E 719 14.65 -4.63 85.34
C ILE E 719 14.14 -6.02 85.01
N ASN E 720 13.54 -6.21 83.83
CA ASN E 720 12.96 -7.48 83.45
C ASN E 720 12.94 -7.58 81.94
N PHE E 721 12.83 -8.79 81.43
CA PHE E 721 12.88 -9.04 80.01
C PHE E 721 11.77 -10.00 79.59
N THR E 722 11.40 -9.93 78.32
CA THR E 722 10.44 -10.85 77.74
C THR E 722 11.05 -11.51 76.52
N ILE E 723 10.77 -12.80 76.36
CA ILE E 723 11.20 -13.55 75.18
C ILE E 723 10.03 -13.58 74.20
N SER E 724 10.30 -13.14 72.98
CA SER E 724 9.26 -13.05 71.96
C SER E 724 9.71 -13.81 70.74
N VAL E 725 8.75 -14.42 70.04
CA VAL E 725 9.01 -15.16 68.83
C VAL E 725 8.27 -14.49 67.69
N THR E 726 9.03 -14.01 66.70
CA THR E 726 8.47 -13.35 65.53
C THR E 726 8.63 -14.25 64.33
N THR E 727 7.65 -14.20 63.43
CA THR E 727 7.64 -15.06 62.26
C THR E 727 7.56 -14.20 61.01
N GLU E 728 8.43 -14.51 60.04
CA GLU E 728 8.42 -13.81 58.76
C GLU E 728 8.49 -14.83 57.65
N ILE E 729 7.71 -14.60 56.60
CA ILE E 729 7.53 -15.55 55.51
C ILE E 729 8.21 -14.98 54.27
N LEU E 730 8.98 -15.81 53.59
CA LEU E 730 9.68 -15.41 52.38
C LEU E 730 9.43 -16.43 51.28
N PRO E 731 9.14 -15.99 50.06
CA PRO E 731 9.05 -16.94 48.95
C PRO E 731 10.43 -17.27 48.39
N VAL E 732 10.69 -18.53 48.09
CA VAL E 732 11.98 -18.93 47.54
C VAL E 732 11.90 -19.42 46.10
N SER E 733 10.72 -19.80 45.63
CA SER E 733 10.57 -20.33 44.28
C SER E 733 9.15 -20.11 43.81
N MET E 734 8.87 -20.57 42.60
CA MET E 734 7.54 -20.49 42.03
C MET E 734 7.36 -21.63 41.03
N THR E 735 6.11 -21.85 40.63
CA THR E 735 5.79 -22.98 39.77
C THR E 735 6.61 -22.93 38.49
N LYS E 736 7.18 -24.09 38.12
CA LYS E 736 8.01 -24.22 36.93
C LYS E 736 7.09 -24.57 35.78
N THR E 737 6.75 -23.56 34.98
CA THR E 737 5.87 -23.74 33.83
C THR E 737 6.70 -23.62 32.56
N SER E 738 6.50 -24.56 31.65
CA SER E 738 7.08 -24.50 30.31
C SER E 738 5.95 -24.48 29.30
N VAL E 739 6.00 -23.53 28.37
CA VAL E 739 4.99 -23.37 27.34
C VAL E 739 5.62 -23.71 26.00
N ASP E 740 5.10 -24.74 25.34
CA ASP E 740 5.56 -25.11 24.00
C ASP E 740 5.15 -24.01 23.03
N CYS E 741 6.13 -23.20 22.61
CA CYS E 741 5.81 -22.06 21.76
C CYS E 741 5.08 -22.50 20.50
N THR E 742 5.57 -23.54 19.84
CA THR E 742 4.95 -23.96 18.59
C THR E 742 3.52 -24.42 18.80
N MET E 743 3.30 -25.26 19.81
CA MET E 743 1.96 -25.81 20.02
C MET E 743 0.98 -24.74 20.47
N TYR E 744 1.40 -23.85 21.36
CA TYR E 744 0.51 -22.79 21.81
C TYR E 744 0.07 -21.92 20.64
N ILE E 745 1.03 -21.49 19.82
CA ILE E 745 0.71 -20.58 18.73
C ILE E 745 -0.12 -21.28 17.66
N CYS E 746 0.31 -22.47 17.24
CA CYS E 746 -0.31 -23.12 16.10
C CYS E 746 -1.28 -24.23 16.51
N GLY E 747 -1.00 -24.91 17.61
CA GLY E 747 -1.86 -26.00 18.02
C GLY E 747 -1.87 -27.15 17.03
N ASP E 748 -0.70 -27.57 16.56
CA ASP E 748 -0.60 -28.71 15.66
C ASP E 748 -1.33 -28.48 14.34
N SER E 749 -0.91 -27.45 13.60
CA SER E 749 -1.36 -27.26 12.23
C SER E 749 -0.12 -27.16 11.35
N THR E 750 0.07 -28.13 10.46
CA THR E 750 1.33 -28.20 9.73
C THR E 750 1.59 -26.93 8.93
N GLU E 751 0.57 -26.39 8.25
CA GLU E 751 0.77 -25.14 7.53
C GLU E 751 1.03 -23.99 8.49
N CYS E 752 0.39 -23.99 9.66
CA CYS E 752 0.69 -22.95 10.63
C CYS E 752 2.13 -23.06 11.12
N SER E 753 2.60 -24.29 11.34
CA SER E 753 3.99 -24.47 11.74
C SER E 753 4.93 -23.99 10.65
N ASN E 754 4.61 -24.29 9.39
CA ASN E 754 5.42 -23.82 8.29
C ASN E 754 5.51 -22.30 8.28
N LEU E 755 4.36 -21.62 8.44
CA LEU E 755 4.37 -20.16 8.46
C LEU E 755 5.16 -19.63 9.66
N LEU E 756 5.00 -20.25 10.82
CA LEU E 756 5.75 -19.83 11.99
C LEU E 756 7.24 -20.02 11.79
N LEU E 757 7.63 -21.13 11.15
CA LEU E 757 9.05 -21.45 11.01
C LEU E 757 9.79 -20.33 10.29
N GLN E 758 9.26 -19.88 9.16
CA GLN E 758 9.90 -18.78 8.45
C GLN E 758 9.73 -17.47 9.17
N TYR E 759 8.89 -17.43 10.22
CA TYR E 759 8.66 -16.17 10.92
C TYR E 759 9.90 -15.73 11.68
N GLY E 760 10.64 -16.67 12.22
CA GLY E 760 11.86 -16.34 12.95
C GLY E 760 12.17 -17.44 13.95
N SER E 761 13.26 -17.22 14.69
CA SER E 761 13.67 -18.14 15.73
C SER E 761 13.19 -17.71 17.12
N PHE E 762 12.03 -17.07 17.21
CA PHE E 762 11.55 -16.62 18.51
C PHE E 762 11.29 -17.79 19.44
N CYS E 763 10.56 -18.80 18.95
CA CYS E 763 10.13 -19.89 19.82
C CYS E 763 11.31 -20.53 20.55
N THR E 764 12.44 -20.70 19.87
CA THR E 764 13.59 -21.32 20.52
C THR E 764 14.04 -20.52 21.73
N GLN E 765 14.16 -19.20 21.57
CA GLN E 765 14.66 -18.41 22.69
C GLN E 765 13.60 -18.23 23.77
N LEU E 766 12.32 -18.24 23.41
CA LEU E 766 11.29 -18.26 24.44
C LEU E 766 11.38 -19.53 25.28
N ASN E 767 11.54 -20.67 24.62
CA ASN E 767 11.69 -21.92 25.34
C ASN E 767 12.94 -21.89 26.22
N ARG E 768 14.03 -21.34 25.70
CA ARG E 768 15.24 -21.24 26.51
C ARG E 768 15.03 -20.38 27.74
N ALA E 769 14.33 -19.25 27.58
CA ALA E 769 14.06 -18.39 28.72
C ALA E 769 13.26 -19.13 29.78
N LEU E 770 12.20 -19.84 29.37
CA LEU E 770 11.39 -20.55 30.35
C LEU E 770 12.19 -21.66 31.04
N THR E 771 13.03 -22.37 30.28
CA THR E 771 13.86 -23.40 30.91
C THR E 771 14.83 -22.78 31.91
N GLY E 772 15.38 -21.61 31.57
CA GLY E 772 16.20 -20.90 32.53
C GLY E 772 15.45 -20.58 33.79
N ILE E 773 14.20 -20.12 33.67
CA ILE E 773 13.39 -19.85 34.85
C ILE E 773 13.27 -21.11 35.70
N ALA E 774 12.98 -22.24 35.05
CA ALA E 774 12.75 -23.47 35.82
C ALA E 774 14.00 -23.91 36.57
N VAL E 775 15.13 -24.00 35.86
CA VAL E 775 16.36 -24.43 36.54
C VAL E 775 16.73 -23.42 37.61
N GLU E 776 16.42 -22.14 37.40
CA GLU E 776 16.70 -21.14 38.44
C GLU E 776 15.84 -21.38 39.67
N GLN E 777 14.59 -21.78 39.50
CA GLN E 777 13.77 -22.11 40.67
C GLN E 777 14.39 -23.27 41.45
N ASP E 778 14.81 -24.31 40.73
CA ASP E 778 15.46 -25.42 41.42
C ASP E 778 16.70 -24.95 42.16
N LYS E 779 17.50 -24.09 41.53
CA LYS E 779 18.69 -23.57 42.18
C LYS E 779 18.34 -22.75 43.41
N ASN E 780 17.28 -21.94 43.34
CA ASN E 780 16.86 -21.16 44.49
C ASN E 780 16.56 -22.07 45.68
N THR E 781 15.74 -23.09 45.46
CA THR E 781 15.37 -23.97 46.57
C THR E 781 16.62 -24.66 47.13
N GLN E 782 17.43 -25.23 46.24
CA GLN E 782 18.59 -25.99 46.71
C GLN E 782 19.58 -25.08 47.42
N GLU E 783 19.65 -23.82 47.02
CA GLU E 783 20.58 -22.89 47.64
C GLU E 783 20.10 -22.45 49.00
N VAL E 784 18.80 -22.23 49.16
CA VAL E 784 18.28 -21.82 50.46
C VAL E 784 18.38 -22.96 51.47
N PHE E 785 17.98 -24.16 51.06
CA PHE E 785 17.76 -25.21 52.06
C PHE E 785 18.99 -26.10 52.24
N ALA E 786 19.61 -26.52 51.15
CA ALA E 786 20.71 -27.47 51.24
C ALA E 786 22.00 -26.84 51.73
N GLN E 787 21.99 -26.30 52.95
CA GLN E 787 23.21 -25.74 53.53
C GLN E 787 23.86 -26.67 54.54
N VAL E 788 23.18 -27.73 54.93
CA VAL E 788 23.75 -28.70 55.84
C VAL E 788 24.42 -29.80 55.04
N LYS E 789 25.67 -30.11 55.38
CA LYS E 789 26.37 -31.19 54.70
C LYS E 789 25.87 -32.55 55.12
N GLN E 790 25.32 -32.68 56.33
CA GLN E 790 24.86 -33.95 56.85
C GLN E 790 23.45 -33.80 57.39
N ILE E 791 22.72 -34.91 57.44
CA ILE E 791 21.35 -34.92 57.93
C ILE E 791 21.39 -35.27 59.42
N TYR E 792 21.37 -34.24 60.26
CA TYR E 792 21.38 -34.46 61.70
C TYR E 792 20.02 -34.93 62.19
N LYS E 793 20.03 -35.75 63.23
CA LYS E 793 18.80 -36.23 63.86
C LYS E 793 18.76 -35.79 65.30
N THR E 794 17.57 -35.44 65.77
CA THR E 794 17.41 -35.07 67.17
C THR E 794 17.43 -36.32 68.05
N PRO E 795 17.96 -36.22 69.26
CA PRO E 795 17.93 -37.37 70.15
C PRO E 795 16.53 -37.77 70.48
N PRO E 796 16.28 -39.05 70.76
CA PRO E 796 14.90 -39.50 71.01
C PRO E 796 14.29 -38.84 72.24
N ILE E 797 15.03 -38.80 73.35
CA ILE E 797 14.56 -38.11 74.54
C ILE E 797 14.89 -36.63 74.40
N LYS E 798 14.01 -35.79 74.94
CA LYS E 798 14.01 -34.35 74.66
C LYS E 798 14.00 -33.55 75.95
N ASP E 799 14.91 -33.87 76.87
CA ASP E 799 15.08 -33.09 78.08
C ASP E 799 15.93 -31.86 77.82
N PHE E 800 15.43 -30.92 77.02
CA PHE E 800 16.21 -29.73 76.68
C PHE E 800 16.08 -28.66 77.75
N GLY E 801 16.36 -29.03 79.00
CA GLY E 801 16.36 -28.06 80.07
C GLY E 801 15.05 -27.32 80.25
N GLY E 802 13.94 -27.91 79.83
CA GLY E 802 12.64 -27.31 79.98
C GLY E 802 12.09 -26.67 78.73
N PHE E 803 12.94 -26.40 77.73
CA PHE E 803 12.45 -25.90 76.46
C PHE E 803 11.72 -27.01 75.72
N ASN E 804 10.60 -26.67 75.10
CA ASN E 804 9.70 -27.64 74.48
C ASN E 804 9.54 -27.28 73.00
N PHE E 805 10.29 -27.95 72.15
CA PHE E 805 10.25 -27.72 70.71
C PHE E 805 9.30 -28.64 69.98
N SER E 806 8.42 -29.35 70.70
CA SER E 806 7.61 -30.36 70.04
C SER E 806 6.78 -29.78 68.90
N GLN E 807 6.45 -28.49 68.94
CA GLN E 807 5.73 -27.87 67.85
C GLN E 807 6.62 -27.49 66.68
N ILE E 808 7.93 -27.48 66.87
CA ILE E 808 8.86 -27.19 65.78
C ILE E 808 9.39 -28.48 65.17
N LEU E 809 9.74 -29.45 66.00
CA LEU E 809 10.31 -30.69 65.52
C LEU E 809 9.25 -31.54 64.82
N PRO E 810 9.66 -32.43 63.94
CA PRO E 810 8.69 -33.33 63.31
C PRO E 810 8.14 -34.31 64.34
N ASP E 811 7.10 -35.04 63.92
CA ASP E 811 6.49 -36.03 64.78
C ASP E 811 6.33 -37.33 64.02
N PRO E 812 6.41 -38.47 64.71
CA PRO E 812 6.15 -39.75 64.05
C PRO E 812 4.68 -40.09 63.91
N SER E 813 3.79 -39.32 64.53
CA SER E 813 2.37 -39.63 64.53
C SER E 813 1.67 -39.19 63.26
N LYS E 814 2.40 -38.70 62.26
CA LYS E 814 1.80 -38.32 61.00
C LYS E 814 2.56 -38.99 59.85
N PRO E 815 1.86 -39.40 58.79
CA PRO E 815 2.59 -39.97 57.63
C PRO E 815 3.35 -38.92 56.85
N SER E 816 2.95 -37.66 56.90
CA SER E 816 3.68 -36.61 56.20
C SER E 816 5.03 -36.33 56.85
N LYS E 817 5.18 -36.63 58.14
CA LYS E 817 6.42 -36.38 58.87
C LYS E 817 6.79 -34.90 58.82
N ARG E 818 5.78 -34.04 58.80
CA ARG E 818 6.01 -32.61 58.94
C ARG E 818 5.73 -32.20 60.39
N SER E 819 6.42 -31.16 60.82
CA SER E 819 6.20 -30.66 62.16
C SER E 819 4.79 -30.08 62.27
N PHE E 820 4.37 -29.83 63.51
CA PHE E 820 3.03 -29.30 63.73
C PHE E 820 2.82 -27.98 63.01
N ILE E 821 3.74 -27.03 63.18
CA ILE E 821 3.57 -25.73 62.55
C ILE E 821 3.68 -25.84 61.05
N GLU E 822 4.61 -26.66 60.56
CA GLU E 822 4.70 -26.87 59.11
C GLU E 822 3.41 -27.45 58.57
N ASP E 823 2.85 -28.43 59.29
CA ASP E 823 1.60 -29.04 58.85
C ASP E 823 0.48 -28.02 58.80
N LEU E 824 0.41 -27.13 59.79
CA LEU E 824 -0.58 -26.07 59.73
C LEU E 824 -0.35 -25.15 58.54
N LEU E 825 0.91 -24.80 58.28
CA LEU E 825 1.22 -23.93 57.15
C LEU E 825 0.75 -24.54 55.84
N PHE E 826 1.05 -25.81 55.63
CA PHE E 826 0.69 -26.43 54.35
C PHE E 826 -0.81 -26.52 54.18
N ASN E 827 -1.57 -26.65 55.27
CA ASN E 827 -3.02 -26.64 55.16
C ASN E 827 -3.52 -25.26 54.76
N LYS E 828 -2.90 -24.21 55.28
CA LYS E 828 -3.43 -22.85 55.10
C LYS E 828 -3.30 -22.35 53.68
N VAL E 829 -2.28 -22.79 52.94
CA VAL E 829 -2.14 -22.37 51.56
C VAL E 829 -3.05 -23.23 50.71
N THR E 830 -4.31 -22.82 50.56
CA THR E 830 -5.30 -23.65 49.90
C THR E 830 -4.95 -23.89 48.43
N LEU E 831 -4.52 -22.84 47.73
CA LEU E 831 -4.19 -22.97 46.32
C LEU E 831 -2.95 -23.84 46.11
N ALA E 848 -1.72 -31.06 43.48
CA ALA E 848 -3.16 -31.04 43.24
C ALA E 848 -3.78 -32.40 43.55
N ALA E 849 -3.14 -33.15 44.44
CA ALA E 849 -3.62 -34.48 44.84
C ALA E 849 -3.70 -35.40 43.62
N ARG E 850 -4.90 -35.88 43.29
CA ARG E 850 -5.06 -36.82 42.20
C ARG E 850 -5.04 -36.15 40.83
N ASP E 851 -5.17 -34.83 40.76
CA ASP E 851 -5.16 -34.12 39.49
C ASP E 851 -3.74 -33.90 39.02
N LEU E 852 -2.97 -34.97 38.88
CA LEU E 852 -1.58 -34.89 38.48
C LEU E 852 -1.29 -35.95 37.43
N ILE E 853 -0.16 -35.79 36.74
CA ILE E 853 0.23 -36.64 35.62
C ILE E 853 -0.82 -36.49 34.53
N CYS E 854 -1.55 -35.37 34.55
CA CYS E 854 -2.46 -35.00 33.47
C CYS E 854 -2.39 -33.49 33.26
N ALA E 855 -1.21 -32.90 33.51
CA ALA E 855 -1.08 -31.46 33.60
C ALA E 855 -1.40 -30.75 32.29
N GLN E 856 -0.97 -31.30 31.16
CA GLN E 856 -1.08 -30.58 29.89
C GLN E 856 -2.54 -30.30 29.55
N LYS E 857 -2.81 -29.07 29.13
CA LYS E 857 -4.12 -28.69 28.64
C LYS E 857 -4.18 -28.88 27.14
N PHE E 858 -5.28 -28.47 26.51
CA PHE E 858 -5.36 -28.51 25.05
C PHE E 858 -4.15 -27.81 24.43
N ASN E 859 -3.77 -26.66 24.96
CA ASN E 859 -2.59 -25.96 24.51
C ASN E 859 -1.34 -26.66 25.01
N GLY E 860 -0.18 -26.10 24.67
CA GLY E 860 1.09 -26.72 24.98
C GLY E 860 1.60 -26.36 26.36
N LEU E 861 0.76 -25.75 27.19
CA LEU E 861 1.18 -25.37 28.53
C LEU E 861 1.35 -26.60 29.40
N THR E 862 2.41 -26.61 30.20
CA THR E 862 2.65 -27.69 31.15
C THR E 862 3.42 -27.13 32.34
N VAL E 863 3.40 -27.87 33.44
CA VAL E 863 4.08 -27.50 34.66
C VAL E 863 4.97 -28.65 35.09
N LEU E 864 6.21 -28.33 35.44
CA LEU E 864 7.15 -29.37 35.81
C LEU E 864 7.28 -29.48 37.31
N PRO E 865 7.61 -30.65 37.86
CA PRO E 865 7.70 -30.79 39.31
C PRO E 865 9.05 -30.34 39.83
N PRO E 866 9.11 -29.86 41.07
CA PRO E 866 10.40 -29.44 41.62
C PRO E 866 11.32 -30.62 41.85
N LEU E 867 12.63 -30.35 41.81
CA LEU E 867 13.60 -31.42 42.01
C LEU E 867 13.50 -31.99 43.41
N LEU E 868 13.31 -31.14 44.41
CA LEU E 868 13.21 -31.58 45.80
C LEU E 868 11.75 -31.74 46.18
N THR E 869 11.39 -32.93 46.63
CA THR E 869 10.03 -33.18 47.07
C THR E 869 9.77 -32.47 48.39
N ASP E 870 8.50 -32.23 48.68
CA ASP E 870 8.14 -31.57 49.93
C ASP E 870 8.71 -32.31 51.13
N GLU E 871 8.70 -33.64 51.09
CA GLU E 871 9.26 -34.40 52.21
C GLU E 871 10.76 -34.19 52.32
N MET E 872 11.47 -34.06 51.19
CA MET E 872 12.90 -33.82 51.25
C MET E 872 13.20 -32.46 51.85
N ILE E 873 12.42 -31.44 51.50
CA ILE E 873 12.60 -30.13 52.12
C ILE E 873 12.29 -30.21 53.60
N ALA E 874 11.28 -30.99 53.98
CA ALA E 874 11.00 -31.18 55.39
C ALA E 874 12.17 -31.83 56.10
N GLN E 875 12.80 -32.81 55.46
CA GLN E 875 13.98 -33.44 56.06
C GLN E 875 15.12 -32.44 56.21
N TYR E 876 15.33 -31.59 55.22
CA TYR E 876 16.36 -30.56 55.34
C TYR E 876 16.07 -29.63 56.50
N THR E 877 14.82 -29.18 56.63
CA THR E 877 14.47 -28.29 57.71
C THR E 877 14.63 -28.97 59.06
N SER E 878 14.24 -30.24 59.16
CA SER E 878 14.41 -30.96 60.41
C SER E 878 15.89 -31.15 60.73
N ALA E 879 16.72 -31.36 59.71
CA ALA E 879 18.16 -31.45 59.94
C ALA E 879 18.70 -30.14 60.48
N LEU E 880 18.28 -29.02 59.91
CA LEU E 880 18.72 -27.73 60.43
C LEU E 880 18.25 -27.53 61.87
N LEU E 881 17.01 -27.90 62.16
CA LEU E 881 16.50 -27.77 63.53
C LEU E 881 17.31 -28.62 64.49
N ALA E 882 17.57 -29.88 64.14
CA ALA E 882 18.32 -30.76 65.03
C ALA E 882 19.73 -30.23 65.23
N GLY E 883 20.36 -29.75 64.15
CA GLY E 883 21.71 -29.23 64.27
C GLY E 883 21.77 -28.02 65.18
N THR E 884 20.83 -27.09 65.00
CA THR E 884 20.87 -25.86 65.80
C THR E 884 20.46 -26.14 67.24
N ILE E 885 19.62 -27.15 67.48
CA ILE E 885 19.22 -27.48 68.83
C ILE E 885 20.35 -28.18 69.58
N THR E 886 21.04 -29.10 68.91
CA THR E 886 22.01 -29.94 69.61
C THR E 886 23.38 -29.28 69.65
N SER E 887 23.80 -28.67 68.54
CA SER E 887 25.17 -28.20 68.42
C SER E 887 25.29 -26.68 68.44
N GLY E 888 24.20 -25.96 68.23
CA GLY E 888 24.26 -24.51 68.20
C GLY E 888 24.67 -23.99 66.84
N TRP E 889 25.57 -23.00 66.80
CA TRP E 889 26.08 -22.50 65.54
C TRP E 889 27.30 -23.26 65.04
N THR E 890 27.82 -24.20 65.82
CA THR E 890 29.07 -24.85 65.45
C THR E 890 28.93 -25.62 64.15
N PHE E 891 27.80 -26.32 63.96
CA PHE E 891 27.67 -27.15 62.77
C PHE E 891 27.67 -26.32 61.50
N GLY E 892 27.44 -25.01 61.61
CA GLY E 892 27.48 -24.15 60.44
C GLY E 892 28.88 -23.74 60.05
N ALA E 893 29.83 -23.87 60.97
CA ALA E 893 31.22 -23.47 60.73
C ALA E 893 32.10 -24.67 60.40
N GLY E 894 32.06 -25.70 61.22
CA GLY E 894 32.88 -26.90 61.01
C GLY E 894 32.17 -28.12 61.52
N ALA E 895 32.94 -29.03 62.11
CA ALA E 895 32.34 -30.24 62.68
C ALA E 895 31.36 -29.85 63.78
N ALA E 896 30.25 -30.59 63.86
CA ALA E 896 29.20 -30.27 64.81
C ALA E 896 29.60 -30.73 66.19
N LEU E 897 29.53 -29.81 67.15
CA LEU E 897 29.91 -30.07 68.53
C LEU E 897 28.67 -30.00 69.40
N GLN E 898 28.37 -31.08 70.12
CA GLN E 898 27.21 -31.08 71.00
C GLN E 898 27.44 -30.12 72.15
N ILE E 899 26.35 -29.60 72.69
CA ILE E 899 26.41 -28.70 73.84
C ILE E 899 25.00 -28.56 74.40
N PRO E 900 24.81 -28.70 75.71
CA PRO E 900 23.44 -28.66 76.25
C PRO E 900 22.76 -27.35 75.91
N PHE E 901 21.45 -27.43 75.64
CA PHE E 901 20.74 -26.26 75.13
C PHE E 901 20.78 -25.10 76.10
N ALA E 902 20.62 -25.38 77.39
CA ALA E 902 20.72 -24.31 78.38
C ALA E 902 22.02 -23.53 78.19
N MET E 903 23.12 -24.22 77.91
CA MET E 903 24.39 -23.53 77.71
C MET E 903 24.41 -22.76 76.40
N GLN E 904 23.76 -23.27 75.35
CA GLN E 904 23.64 -22.47 74.14
C GLN E 904 22.98 -21.14 74.43
N MET E 905 21.86 -21.17 75.16
CA MET E 905 21.17 -19.93 75.46
C MET E 905 22.02 -19.05 76.36
N ALA E 906 22.80 -19.65 77.24
CA ALA E 906 23.73 -18.86 78.04
C ALA E 906 24.73 -18.13 77.15
N TYR E 907 25.26 -18.82 76.13
CA TYR E 907 26.17 -18.18 75.21
C TYR E 907 25.48 -17.06 74.44
N ARG E 908 24.26 -17.30 73.97
CA ARG E 908 23.58 -16.33 73.14
C ARG E 908 23.17 -15.10 73.94
N PHE E 909 22.78 -15.28 75.20
CA PHE E 909 22.58 -14.14 76.08
C PHE E 909 23.87 -13.35 76.19
N ASN E 910 24.98 -14.04 76.43
CA ASN E 910 26.27 -13.36 76.50
C ASN E 910 26.59 -12.67 75.19
N GLY E 911 25.96 -13.09 74.09
CA GLY E 911 26.19 -12.45 72.82
C GLY E 911 25.52 -11.10 72.68
N ILE E 912 24.33 -10.95 73.26
CA ILE E 912 23.60 -9.70 73.09
C ILE E 912 24.00 -8.67 74.13
N GLY E 913 24.76 -9.08 75.15
CA GLY E 913 25.24 -8.15 76.15
C GLY E 913 24.63 -8.39 77.51
N VAL E 914 24.14 -9.60 77.75
CA VAL E 914 23.57 -10.00 79.03
C VAL E 914 24.43 -11.11 79.59
N THR E 915 24.84 -10.96 80.84
CA THR E 915 25.74 -11.92 81.45
C THR E 915 25.07 -13.29 81.54
N GLN E 916 25.90 -14.34 81.64
CA GLN E 916 25.37 -15.69 81.73
C GLN E 916 24.45 -15.85 82.93
N ASN E 917 24.89 -15.36 84.10
CA ASN E 917 24.17 -15.64 85.32
C ASN E 917 22.71 -15.19 85.22
N VAL E 918 22.44 -14.22 84.35
CA VAL E 918 21.06 -13.77 84.18
C VAL E 918 20.18 -14.90 83.71
N LEU E 919 20.72 -15.77 82.85
CA LEU E 919 19.89 -16.84 82.30
C LEU E 919 19.57 -17.92 83.33
N TYR E 920 20.58 -18.35 84.09
CA TYR E 920 20.46 -19.62 84.79
C TYR E 920 19.37 -19.58 85.86
N GLU E 921 19.39 -18.55 86.72
CA GLU E 921 18.33 -18.47 87.72
C GLU E 921 16.98 -18.17 87.09
N ASN E 922 16.99 -17.49 85.94
CA ASN E 922 15.74 -17.23 85.24
C ASN E 922 15.42 -18.34 84.24
N GLN E 923 16.19 -19.42 84.22
CA GLN E 923 15.97 -20.47 83.24
C GLN E 923 14.54 -21.00 83.32
N LYS E 924 14.04 -21.20 84.53
CA LYS E 924 12.67 -21.69 84.69
C LYS E 924 11.68 -20.75 84.02
N LEU E 925 11.85 -19.45 84.25
CA LEU E 925 10.94 -18.47 83.67
C LEU E 925 11.13 -18.37 82.16
N ILE E 926 12.39 -18.38 81.71
CA ILE E 926 12.66 -18.21 80.29
C ILE E 926 12.08 -19.37 79.50
N ALA E 927 12.18 -20.59 80.03
CA ALA E 927 11.61 -21.74 79.32
C ALA E 927 10.11 -21.59 79.16
N ASN E 928 9.42 -21.16 80.22
CA ASN E 928 7.98 -20.94 80.11
C ASN E 928 7.66 -19.84 79.12
N GLN E 929 8.42 -18.75 79.12
CA GLN E 929 8.17 -17.69 78.16
C GLN E 929 8.35 -18.19 76.74
N PHE E 930 9.39 -18.97 76.51
CA PHE E 930 9.64 -19.52 75.18
C PHE E 930 8.50 -20.42 74.74
N ASN E 931 8.06 -21.31 75.62
CA ASN E 931 6.98 -22.23 75.27
C ASN E 931 5.68 -21.47 75.02
N SER E 932 5.38 -20.47 75.86
CA SER E 932 4.18 -19.68 75.64
C SER E 932 4.25 -18.95 74.31
N ALA E 933 5.42 -18.41 73.96
CA ALA E 933 5.56 -17.74 72.68
C ALA E 933 5.33 -18.70 71.52
N ILE E 934 5.84 -19.93 71.64
CA ILE E 934 5.63 -20.90 70.58
C ILE E 934 4.14 -21.23 70.43
N GLY E 935 3.46 -21.47 71.56
CA GLY E 935 2.04 -21.73 71.47
C GLY E 935 1.27 -20.56 70.89
N LYS E 936 1.66 -19.35 71.27
CA LYS E 936 0.98 -18.15 70.79
C LYS E 936 1.17 -17.97 69.29
N ILE E 937 2.38 -18.21 68.77
CA ILE E 937 2.57 -18.13 67.33
C ILE E 937 1.72 -19.18 66.64
N GLN E 938 1.71 -20.40 67.18
CA GLN E 938 0.87 -21.44 66.59
C GLN E 938 -0.57 -20.96 66.47
N ASP E 939 -1.14 -20.47 67.57
CA ASP E 939 -2.55 -20.06 67.56
C ASP E 939 -2.77 -18.87 66.62
N SER E 940 -1.92 -17.85 66.70
CA SER E 940 -2.10 -16.66 65.89
C SER E 940 -2.02 -17.00 64.41
N LEU E 941 -1.04 -17.83 64.03
CA LEU E 941 -0.93 -18.26 62.65
C LEU E 941 -2.18 -19.03 62.23
N SER E 942 -2.70 -19.88 63.10
CA SER E 942 -3.90 -20.64 62.77
C SER E 942 -5.08 -19.70 62.49
N SER E 943 -5.30 -18.74 63.38
CA SER E 943 -6.52 -17.94 63.32
C SER E 943 -6.44 -16.84 62.28
N THR E 944 -5.37 -16.05 62.31
CA THR E 944 -5.28 -14.85 61.49
C THR E 944 -5.42 -15.20 60.02
N ALA E 945 -6.24 -14.43 59.31
CA ALA E 945 -6.37 -14.60 57.87
C ALA E 945 -5.29 -13.79 57.15
N SER E 946 -4.89 -14.30 55.99
CA SER E 946 -3.85 -13.70 55.16
C SER E 946 -2.50 -13.65 55.87
N ALA E 947 -2.27 -14.55 56.84
CA ALA E 947 -0.98 -14.59 57.51
C ALA E 947 0.14 -14.90 56.53
N LEU E 948 -0.15 -15.74 55.54
CA LEU E 948 0.81 -16.12 54.51
C LEU E 948 0.65 -15.32 53.23
N GLY E 949 0.34 -14.02 53.35
CA GLY E 949 -0.05 -13.26 52.19
C GLY E 949 0.97 -13.26 51.07
N LYS E 950 2.25 -13.40 51.41
CA LYS E 950 3.28 -13.27 50.38
C LYS E 950 3.33 -14.48 49.46
N LEU E 951 3.27 -15.68 50.03
CA LEU E 951 3.22 -16.88 49.19
C LEU E 951 1.94 -16.90 48.37
N GLN E 952 0.83 -16.51 48.98
CA GLN E 952 -0.42 -16.40 48.23
C GLN E 952 -0.27 -15.42 47.08
N ASP E 953 0.41 -14.30 47.32
CA ASP E 953 0.60 -13.33 46.25
C ASP E 953 1.40 -13.92 45.10
N VAL E 954 2.46 -14.66 45.42
CA VAL E 954 3.26 -15.27 44.38
C VAL E 954 2.40 -16.22 43.54
N VAL E 955 1.67 -17.10 44.22
CA VAL E 955 0.86 -18.09 43.50
C VAL E 955 -0.21 -17.39 42.67
N ASN E 956 -0.86 -16.38 43.25
CA ASN E 956 -1.92 -15.68 42.55
C ASN E 956 -1.37 -14.98 41.31
N GLN E 957 -0.22 -14.33 41.42
CA GLN E 957 0.35 -13.66 40.26
C GLN E 957 0.64 -14.66 39.15
N ASN E 958 1.25 -15.80 39.50
CA ASN E 958 1.57 -16.77 38.47
C ASN E 958 0.31 -17.32 37.81
N ALA E 959 -0.68 -17.70 38.62
CA ALA E 959 -1.90 -18.26 38.07
C ALA E 959 -2.64 -17.23 37.22
N GLN E 960 -2.64 -15.98 37.65
CA GLN E 960 -3.30 -14.93 36.88
C GLN E 960 -2.61 -14.72 35.54
N ALA E 961 -1.28 -14.74 35.53
CA ALA E 961 -0.57 -14.61 34.26
C ALA E 961 -0.91 -15.75 33.32
N LEU E 962 -0.93 -16.99 33.83
CA LEU E 962 -1.30 -18.11 32.96
C LEU E 962 -2.73 -17.97 32.47
N ASN E 963 -3.65 -17.58 33.35
CA ASN E 963 -5.03 -17.44 32.94
C ASN E 963 -5.17 -16.41 31.83
N THR E 964 -4.46 -15.29 31.95
CA THR E 964 -4.45 -14.32 30.87
C THR E 964 -3.89 -14.93 29.60
N LEU E 965 -2.81 -15.70 29.71
CA LEU E 965 -2.20 -16.26 28.52
C LEU E 965 -3.18 -17.17 27.78
N VAL E 966 -3.89 -18.03 28.50
CA VAL E 966 -4.85 -18.91 27.85
C VAL E 966 -6.02 -18.10 27.31
N LYS E 967 -6.46 -17.08 28.05
CA LYS E 967 -7.58 -16.27 27.58
C LYS E 967 -7.24 -15.59 26.27
N GLN E 968 -6.01 -15.07 26.14
CA GLN E 968 -5.63 -14.42 24.90
C GLN E 968 -5.76 -15.37 23.72
N LEU E 969 -5.70 -16.67 23.96
CA LEU E 969 -5.84 -17.64 22.89
C LEU E 969 -7.21 -17.55 22.24
N SER E 970 -8.19 -16.97 22.94
CA SER E 970 -9.53 -16.89 22.39
C SER E 970 -9.69 -15.69 21.46
N SER E 971 -8.88 -14.66 21.63
CA SER E 971 -9.00 -13.46 20.82
C SER E 971 -8.49 -13.71 19.41
N ASN E 972 -9.16 -13.10 18.43
CA ASN E 972 -8.85 -13.33 17.03
C ASN E 972 -7.91 -12.28 16.43
N PHE E 973 -7.56 -11.23 17.18
CA PHE E 973 -6.59 -10.24 16.72
C PHE E 973 -6.92 -9.74 15.32
N GLY E 974 -8.20 -9.68 14.98
CA GLY E 974 -8.62 -9.20 13.68
C GLY E 974 -8.79 -10.26 12.62
N ALA E 975 -8.35 -11.48 12.88
CA ALA E 975 -8.51 -12.54 11.89
C ALA E 975 -9.99 -12.87 11.71
N ILE E 976 -10.27 -13.74 10.75
CA ILE E 976 -11.65 -14.13 10.48
C ILE E 976 -12.24 -14.83 11.69
N SER E 977 -11.49 -15.75 12.29
CA SER E 977 -11.95 -16.48 13.46
C SER E 977 -10.75 -16.83 14.32
N SER E 978 -11.01 -17.13 15.58
CA SER E 978 -9.97 -17.41 16.54
C SER E 978 -9.62 -18.88 16.65
N VAL E 979 -10.17 -19.73 15.78
CA VAL E 979 -9.90 -21.15 15.78
C VAL E 979 -9.21 -21.49 14.45
N LEU E 980 -8.00 -22.04 14.53
CA LEU E 980 -7.27 -22.36 13.31
C LEU E 980 -7.99 -23.44 12.52
N ASN E 981 -8.57 -24.42 13.19
CA ASN E 981 -9.34 -25.43 12.48
C ASN E 981 -10.48 -24.80 11.69
N ASP E 982 -11.16 -23.82 12.28
CA ASP E 982 -12.22 -23.13 11.57
C ASP E 982 -11.69 -22.45 10.31
N ILE E 983 -10.57 -21.74 10.43
CA ILE E 983 -10.03 -21.03 9.27
C ILE E 983 -9.63 -22.02 8.18
N LEU E 984 -8.98 -23.12 8.58
CA LEU E 984 -8.51 -24.09 7.61
C LEU E 984 -9.66 -24.83 6.93
N ALA E 985 -10.74 -25.09 7.66
CA ALA E 985 -11.91 -25.71 7.04
C ALA E 985 -12.66 -24.72 6.18
N ARG E 986 -12.54 -23.43 6.48
CA ARG E 986 -13.36 -22.43 5.81
C ARG E 986 -12.68 -21.87 4.56
N LEU E 987 -11.36 -21.66 4.62
CA LEU E 987 -10.67 -20.89 3.61
C LEU E 987 -9.65 -21.72 2.87
N ASP E 988 -9.36 -21.31 1.65
CA ASP E 988 -8.35 -21.95 0.83
C ASP E 988 -6.95 -21.60 1.35
N PRO E 989 -5.92 -22.35 0.96
CA PRO E 989 -4.59 -22.14 1.53
C PRO E 989 -4.11 -20.71 1.36
N PRO E 990 -4.07 -20.18 0.12
CA PRO E 990 -3.45 -18.85 -0.03
C PRO E 990 -4.14 -17.76 0.74
N GLU E 991 -5.48 -17.76 0.77
CA GLU E 991 -6.19 -16.76 1.57
C GLU E 991 -6.07 -17.05 3.05
N ALA E 992 -6.17 -18.32 3.45
CA ALA E 992 -6.02 -18.67 4.85
C ALA E 992 -4.67 -18.19 5.38
N GLU E 993 -3.67 -18.14 4.51
CA GLU E 993 -2.34 -17.74 4.96
C GLU E 993 -2.34 -16.33 5.55
N VAL E 994 -3.26 -15.48 5.11
CA VAL E 994 -3.36 -14.14 5.68
C VAL E 994 -3.92 -14.21 7.10
N GLN E 995 -5.04 -14.90 7.26
CA GLN E 995 -5.65 -15.00 8.59
C GLN E 995 -4.72 -15.73 9.55
N ILE E 996 -4.11 -16.81 9.08
CA ILE E 996 -3.16 -17.54 9.92
C ILE E 996 -2.01 -16.63 10.31
N ASP E 997 -1.53 -15.81 9.38
CA ASP E 997 -0.42 -14.93 9.69
C ASP E 997 -0.79 -13.92 10.76
N ARG E 998 -1.97 -13.31 10.63
CA ARG E 998 -2.39 -12.33 11.63
C ARG E 998 -2.56 -12.98 12.99
N LEU E 999 -3.18 -14.16 13.02
CA LEU E 999 -3.38 -14.86 14.28
C LEU E 999 -2.04 -15.23 14.90
N ILE E 1000 -1.09 -15.68 14.08
CA ILE E 1000 0.22 -16.06 14.58
C ILE E 1000 0.92 -14.86 15.20
N THR E 1001 0.90 -13.72 14.51
CA THR E 1001 1.59 -12.57 15.05
C THR E 1001 0.96 -12.11 16.36
N GLY E 1002 -0.36 -12.12 16.44
CA GLY E 1002 -1.00 -11.74 17.70
C GLY E 1002 -0.62 -12.67 18.84
N ARG E 1003 -0.70 -13.98 18.60
CA ARG E 1003 -0.40 -14.95 19.65
C ARG E 1003 1.06 -14.85 20.07
N LEU E 1004 1.96 -14.65 19.10
CA LEU E 1004 3.36 -14.50 19.42
C LEU E 1004 3.60 -13.27 20.27
N GLN E 1005 2.94 -12.17 19.94
CA GLN E 1005 3.07 -10.96 20.75
C GLN E 1005 2.64 -11.24 22.19
N SER E 1006 1.48 -11.87 22.36
CA SER E 1006 1.00 -12.15 23.71
C SER E 1006 1.97 -13.06 24.45
N LEU E 1007 2.47 -14.09 23.79
CA LEU E 1007 3.37 -15.03 24.44
C LEU E 1007 4.67 -14.35 24.87
N GLN E 1008 5.23 -13.50 24.02
CA GLN E 1008 6.49 -12.87 24.42
C GLN E 1008 6.28 -11.83 25.51
N THR E 1009 5.13 -11.15 25.52
CA THR E 1009 4.81 -10.32 26.66
C THR E 1009 4.77 -11.15 27.94
N TYR E 1010 4.12 -12.31 27.87
CA TYR E 1010 4.02 -13.16 29.05
C TYR E 1010 5.40 -13.58 29.53
N VAL E 1011 6.28 -13.98 28.61
CA VAL E 1011 7.59 -14.46 29.04
C VAL E 1011 8.42 -13.32 29.61
N THR E 1012 8.30 -12.11 29.06
CA THR E 1012 9.04 -10.99 29.61
C THR E 1012 8.60 -10.71 31.04
N GLN E 1013 7.29 -10.64 31.27
CA GLN E 1013 6.81 -10.43 32.63
C GLN E 1013 7.24 -11.57 33.54
N GLN E 1014 7.26 -12.78 33.02
CA GLN E 1014 7.69 -13.92 33.83
C GLN E 1014 9.16 -13.78 34.21
N LEU E 1015 10.00 -13.31 33.30
CA LEU E 1015 11.41 -13.08 33.64
C LEU E 1015 11.55 -12.02 34.71
N ILE E 1016 10.79 -10.94 34.60
CA ILE E 1016 10.82 -9.91 35.64
C ILE E 1016 10.48 -10.53 36.99
N ARG E 1017 9.39 -11.29 37.04
CA ARG E 1017 8.97 -11.90 38.29
C ARG E 1017 9.99 -12.90 38.80
N ALA E 1018 10.62 -13.63 37.89
CA ALA E 1018 11.64 -14.59 38.30
C ALA E 1018 12.84 -13.89 38.91
N ALA E 1019 13.23 -12.75 38.36
CA ALA E 1019 14.30 -11.98 38.99
C ALA E 1019 13.89 -11.51 40.38
N GLU E 1020 12.65 -11.07 40.54
CA GLU E 1020 12.20 -10.67 41.87
C GLU E 1020 12.27 -11.83 42.85
N ILE E 1021 11.81 -13.01 42.45
CA ILE E 1021 11.87 -14.16 43.35
C ILE E 1021 13.31 -14.60 43.57
N ARG E 1022 14.19 -14.37 42.59
CA ARG E 1022 15.60 -14.66 42.77
C ARG E 1022 16.19 -13.80 43.87
N ALA E 1023 15.83 -12.51 43.87
CA ALA E 1023 16.28 -11.64 44.95
C ALA E 1023 15.70 -12.10 46.28
N SER E 1024 14.43 -12.49 46.30
CA SER E 1024 13.83 -12.97 47.54
C SER E 1024 14.54 -14.22 48.05
N ALA E 1025 14.88 -15.14 47.14
CA ALA E 1025 15.57 -16.36 47.54
C ALA E 1025 16.97 -16.07 48.04
N ASN E 1026 17.66 -15.11 47.42
CA ASN E 1026 18.95 -14.70 47.95
C ASN E 1026 18.84 -14.16 49.37
N LEU E 1027 17.83 -13.32 49.60
CA LEU E 1027 17.61 -12.81 50.96
C LEU E 1027 17.30 -13.94 51.92
N ALA E 1028 16.48 -14.90 51.49
CA ALA E 1028 16.14 -16.02 52.36
C ALA E 1028 17.36 -16.86 52.68
N ALA E 1029 18.22 -17.09 51.69
CA ALA E 1029 19.44 -17.85 51.95
C ALA E 1029 20.35 -17.12 52.92
N THR E 1030 20.49 -15.80 52.75
CA THR E 1030 21.33 -15.04 53.67
C THR E 1030 20.76 -15.10 55.08
N LYS E 1031 19.45 -14.94 55.22
CA LYS E 1031 18.87 -15.04 56.56
C LYS E 1031 19.03 -16.43 57.14
N MET E 1032 18.86 -17.46 56.34
CA MET E 1032 19.10 -18.81 56.85
C MET E 1032 20.51 -18.92 57.40
N SER E 1033 21.50 -18.57 56.58
CA SER E 1033 22.89 -18.77 56.99
C SER E 1033 23.23 -17.93 58.21
N GLU E 1034 22.71 -16.70 58.28
CA GLU E 1034 23.18 -15.77 59.30
C GLU E 1034 22.40 -15.92 60.60
N CYS E 1035 21.11 -16.24 60.52
CA CYS E 1035 20.27 -16.22 61.71
C CYS E 1035 19.93 -17.63 62.19
N VAL E 1036 19.96 -18.62 61.31
CA VAL E 1036 19.73 -19.99 61.75
C VAL E 1036 21.05 -20.62 62.18
N LEU E 1037 22.09 -20.51 61.34
CA LEU E 1037 23.38 -21.10 61.65
C LEU E 1037 24.23 -20.22 62.55
N GLY E 1038 23.78 -19.02 62.90
CA GLY E 1038 24.57 -18.14 63.74
C GLY E 1038 23.73 -17.28 64.66
N GLN E 1039 24.20 -16.07 64.94
CA GLN E 1039 23.46 -15.13 65.76
C GLN E 1039 23.74 -13.74 65.20
N SER E 1040 22.74 -13.15 64.55
CA SER E 1040 22.94 -11.93 63.79
C SER E 1040 23.12 -10.75 64.73
N LYS E 1041 24.27 -10.10 64.66
CA LYS E 1041 24.47 -8.87 65.42
C LYS E 1041 23.80 -7.69 64.75
N ARG E 1042 23.80 -7.66 63.42
CA ARG E 1042 23.16 -6.60 62.66
C ARG E 1042 21.70 -6.48 63.05
N VAL E 1043 21.31 -5.28 63.51
CA VAL E 1043 20.05 -5.14 64.24
C VAL E 1043 18.85 -5.27 63.31
N ASP E 1044 17.81 -5.92 63.81
CA ASP E 1044 16.50 -5.94 63.16
C ASP E 1044 16.56 -6.64 61.80
N PHE E 1045 17.69 -7.29 61.52
CA PHE E 1045 17.74 -8.15 60.34
C PHE E 1045 16.87 -9.38 60.52
N CYS E 1046 16.78 -9.88 61.76
CA CYS E 1046 15.94 -11.02 62.09
C CYS E 1046 15.10 -10.67 63.33
N GLY E 1047 13.95 -10.07 63.10
CA GLY E 1047 12.98 -9.81 64.14
C GLY E 1047 13.36 -8.63 65.01
N LYS E 1048 12.33 -8.02 65.60
CA LYS E 1048 12.55 -6.93 66.53
C LYS E 1048 13.25 -7.42 67.79
N GLY E 1049 14.00 -6.53 68.41
CA GLY E 1049 14.73 -6.87 69.61
C GLY E 1049 16.05 -7.52 69.30
N TYR E 1050 16.84 -7.72 70.35
CA TYR E 1050 18.12 -8.38 70.24
C TYR E 1050 17.91 -9.84 69.92
N HIS E 1051 18.71 -10.36 68.99
CA HIS E 1051 18.43 -11.62 68.32
C HIS E 1051 19.08 -12.78 69.05
N LEU E 1052 18.26 -13.72 69.49
CA LEU E 1052 18.70 -15.05 69.87
C LEU E 1052 18.49 -15.97 68.68
N MET E 1053 18.65 -17.26 68.90
CA MET E 1053 18.56 -18.25 67.84
C MET E 1053 17.27 -18.11 67.04
N SER E 1054 17.24 -18.74 65.87
CA SER E 1054 16.08 -18.73 64.99
C SER E 1054 15.87 -20.13 64.43
N PHE E 1055 14.63 -20.42 64.02
CA PHE E 1055 14.27 -21.73 63.53
C PHE E 1055 13.59 -21.61 62.17
N PRO E 1056 13.96 -22.46 61.21
CA PRO E 1056 13.27 -22.41 59.92
C PRO E 1056 12.11 -23.39 59.86
N GLN E 1057 11.09 -23.07 59.06
CA GLN E 1057 10.00 -23.97 58.78
C GLN E 1057 9.64 -23.87 57.31
N SER E 1058 9.23 -24.99 56.74
CA SER E 1058 8.98 -25.07 55.31
C SER E 1058 7.57 -24.60 54.99
N ALA E 1059 7.43 -23.98 53.83
CA ALA E 1059 6.14 -23.58 53.28
C ALA E 1059 6.13 -23.97 51.82
N PRO E 1060 4.95 -24.06 51.20
CA PRO E 1060 4.86 -24.64 49.85
C PRO E 1060 5.92 -24.13 48.89
N HIS E 1061 5.98 -22.82 48.65
CA HIS E 1061 6.98 -22.22 47.78
C HIS E 1061 7.80 -21.17 48.51
N GLY E 1062 8.11 -21.42 49.77
CA GLY E 1062 8.85 -20.44 50.56
C GLY E 1062 9.25 -21.04 51.87
N VAL E 1063 9.96 -20.25 52.66
CA VAL E 1063 10.41 -20.64 53.98
C VAL E 1063 9.82 -19.69 55.00
N VAL E 1064 9.55 -20.21 56.19
CA VAL E 1064 9.03 -19.42 57.31
C VAL E 1064 10.02 -19.55 58.45
N PHE E 1065 10.47 -18.40 58.96
CA PHE E 1065 11.41 -18.35 60.07
C PHE E 1065 10.67 -18.05 61.36
N LEU E 1066 11.24 -18.53 62.46
CA LEU E 1066 10.77 -18.19 63.80
C LEU E 1066 11.94 -17.57 64.55
N HIS E 1067 11.96 -16.25 64.64
CA HIS E 1067 13.05 -15.52 65.27
C HIS E 1067 12.76 -15.35 66.74
N VAL E 1068 13.65 -15.88 67.58
CA VAL E 1068 13.56 -15.75 69.03
C VAL E 1068 14.42 -14.58 69.44
N THR E 1069 13.82 -13.55 70.04
CA THR E 1069 14.51 -12.31 70.33
C THR E 1069 14.28 -11.92 71.77
N TYR E 1070 15.27 -11.22 72.33
CA TYR E 1070 15.23 -10.76 73.72
C TYR E 1070 14.73 -9.33 73.74
N VAL E 1071 13.63 -9.10 74.46
CA VAL E 1071 12.99 -7.79 74.50
C VAL E 1071 12.88 -7.33 75.96
N PRO E 1072 13.46 -6.18 76.32
CA PRO E 1072 13.37 -5.72 77.71
C PRO E 1072 12.00 -5.15 78.06
N ALA E 1073 11.72 -5.02 79.36
CA ALA E 1073 10.45 -4.48 79.82
C ALA E 1073 10.61 -3.98 81.25
N GLN E 1074 9.58 -3.30 81.75
CA GLN E 1074 9.59 -2.82 83.12
C GLN E 1074 10.79 -1.92 83.38
N GLU E 1075 10.82 -0.76 82.73
CA GLU E 1075 11.98 0.12 82.74
C GLU E 1075 11.92 1.05 83.94
N LYS E 1076 12.85 0.90 84.86
CA LYS E 1076 13.05 1.86 85.93
C LYS E 1076 14.21 2.77 85.57
N ASN E 1077 14.04 4.07 85.81
CA ASN E 1077 15.07 5.02 85.44
C ASN E 1077 15.71 5.64 86.67
N PHE E 1078 17.02 5.88 86.55
CA PHE E 1078 17.85 6.30 87.66
C PHE E 1078 18.60 7.56 87.23
N THR E 1079 19.45 8.03 88.12
CA THR E 1079 20.43 9.06 87.79
C THR E 1079 21.76 8.39 87.51
N THR E 1080 22.53 8.98 86.60
CA THR E 1080 23.78 8.39 86.15
C THR E 1080 24.88 9.44 86.18
N ALA E 1081 26.12 8.96 86.14
CA ALA E 1081 27.27 9.83 86.05
C ALA E 1081 28.30 9.15 85.16
N PRO E 1082 28.94 9.90 84.26
CA PRO E 1082 29.90 9.26 83.35
C PRO E 1082 31.03 8.57 84.08
N ALA E 1083 31.46 9.12 85.21
CA ALA E 1083 32.57 8.55 85.96
C ALA E 1083 32.45 9.03 87.40
N ILE E 1084 33.19 8.36 88.28
CA ILE E 1084 33.31 8.79 89.66
C ILE E 1084 34.79 8.80 89.99
N CYS E 1085 35.22 9.81 90.74
CA CYS E 1085 36.62 9.88 91.14
C CYS E 1085 36.74 9.74 92.64
N HIS E 1086 37.88 9.20 93.05
CA HIS E 1086 38.10 8.74 94.42
C HIS E 1086 39.59 8.72 94.66
N ASP E 1087 40.04 9.43 95.70
CA ASP E 1087 41.46 9.68 95.91
C ASP E 1087 42.04 10.48 94.75
N GLY E 1088 41.22 11.31 94.12
CA GLY E 1088 41.70 12.22 93.10
C GLY E 1088 41.86 11.63 91.72
N LYS E 1089 41.52 10.37 91.52
CA LYS E 1089 41.61 9.72 90.21
C LYS E 1089 40.22 9.29 89.75
N ALA E 1090 39.95 9.50 88.46
CA ALA E 1090 38.64 9.24 87.88
C ALA E 1090 38.51 7.77 87.52
N HIS E 1091 37.36 7.19 87.86
CA HIS E 1091 37.08 5.79 87.59
C HIS E 1091 35.98 5.67 86.53
N PHE E 1092 36.18 4.76 85.59
CA PHE E 1092 35.18 4.44 84.60
C PHE E 1092 34.87 2.95 84.68
N PRO E 1093 33.68 2.53 84.28
CA PRO E 1093 33.32 1.12 84.41
C PRO E 1093 33.89 0.28 83.29
N ARG E 1094 34.49 -0.87 83.61
CA ARG E 1094 35.02 -1.73 82.55
C ARG E 1094 33.91 -2.16 81.60
N GLU E 1095 32.78 -2.58 82.14
CA GLU E 1095 31.62 -2.92 81.33
C GLU E 1095 30.37 -2.71 82.17
N GLY E 1096 29.46 -1.90 81.64
CA GLY E 1096 28.29 -1.49 82.38
C GLY E 1096 28.25 0.01 82.57
N VAL E 1097 27.30 0.44 83.40
CA VAL E 1097 27.04 1.85 83.60
C VAL E 1097 26.89 2.13 85.08
N PHE E 1098 27.17 3.36 85.48
CA PHE E 1098 26.97 3.80 86.85
C PHE E 1098 25.54 4.27 87.00
N VAL E 1099 24.89 3.86 88.09
CA VAL E 1099 23.54 4.29 88.38
C VAL E 1099 23.40 4.42 89.89
N SER E 1100 22.55 5.34 90.31
CA SER E 1100 22.25 5.54 91.72
C SER E 1100 20.77 5.35 91.96
N ASN E 1101 20.43 4.61 93.00
CA ASN E 1101 19.04 4.43 93.38
C ASN E 1101 18.52 5.59 94.21
N GLY E 1102 19.19 6.74 94.15
CA GLY E 1102 18.81 7.91 94.90
C GLY E 1102 19.76 8.25 96.03
N THR E 1103 20.38 7.24 96.65
CA THR E 1103 21.24 7.49 97.80
C THR E 1103 22.59 6.79 97.64
N HIS E 1104 22.60 5.63 96.97
CA HIS E 1104 23.80 4.82 96.83
C HIS E 1104 24.08 4.59 95.37
N TRP E 1105 25.37 4.41 95.05
CA TRP E 1105 25.82 4.31 93.67
C TRP E 1105 26.23 2.88 93.35
N PHE E 1106 25.90 2.42 92.15
CA PHE E 1106 26.12 1.04 91.75
C PHE E 1106 26.59 0.98 90.31
N VAL E 1107 27.22 -0.13 89.96
CA VAL E 1107 27.58 -0.47 88.59
C VAL E 1107 26.67 -1.58 88.12
N THR E 1108 26.08 -1.41 86.94
CA THR E 1108 25.20 -2.42 86.39
C THR E 1108 25.44 -2.56 84.90
N GLN E 1109 25.22 -3.77 84.39
CA GLN E 1109 25.27 -3.97 82.96
C GLN E 1109 24.10 -3.22 82.31
N ARG E 1110 24.29 -2.85 81.04
CA ARG E 1110 23.37 -1.92 80.40
C ARG E 1110 22.02 -2.55 80.11
N ASN E 1111 21.97 -3.84 79.77
CA ASN E 1111 20.76 -4.47 79.27
C ASN E 1111 19.94 -5.15 80.35
N PHE E 1112 20.34 -5.08 81.61
CA PHE E 1112 19.58 -5.75 82.66
C PHE E 1112 20.02 -5.24 84.01
N TYR E 1113 19.08 -4.78 84.82
CA TYR E 1113 19.41 -4.12 86.07
C TYR E 1113 19.94 -5.13 87.09
N GLU E 1114 21.26 -5.21 87.21
CA GLU E 1114 21.90 -5.96 88.30
C GLU E 1114 22.88 -5.02 88.99
N PRO E 1115 22.44 -4.30 90.03
CA PRO E 1115 23.37 -3.41 90.72
C PRO E 1115 24.47 -4.18 91.42
N GLN E 1116 25.66 -3.60 91.45
CA GLN E 1116 26.78 -4.17 92.17
C GLN E 1116 27.57 -3.07 92.85
N ILE E 1117 28.25 -3.44 93.94
CA ILE E 1117 29.08 -2.47 94.64
C ILE E 1117 30.23 -2.05 93.74
N ILE E 1118 30.45 -0.74 93.67
CA ILE E 1118 31.54 -0.24 92.84
C ILE E 1118 32.85 -0.56 93.52
N THR E 1119 33.67 -1.38 92.87
CA THR E 1119 34.98 -1.72 93.39
C THR E 1119 36.03 -1.41 92.34
N THR E 1120 37.29 -1.45 92.76
CA THR E 1120 38.37 -1.35 91.79
C THR E 1120 38.51 -2.60 90.94
N HIS E 1121 37.61 -3.55 91.10
CA HIS E 1121 37.65 -4.81 90.35
C HIS E 1121 36.84 -4.74 89.06
N ASN E 1122 35.82 -3.90 89.01
CA ASN E 1122 34.97 -3.74 87.83
C ASN E 1122 35.03 -2.34 87.25
N THR E 1123 36.06 -1.55 87.61
CA THR E 1123 36.26 -0.23 87.06
C THR E 1123 37.73 -0.07 86.70
N PHE E 1124 38.03 0.95 85.90
CA PHE E 1124 39.40 1.29 85.57
C PHE E 1124 39.59 2.80 85.64
N VAL E 1125 40.83 3.22 85.91
CA VAL E 1125 41.13 4.61 86.22
C VAL E 1125 41.80 5.27 85.02
N SER E 1126 41.56 6.56 84.86
CA SER E 1126 42.24 7.35 83.83
C SER E 1126 42.29 8.81 84.30
N GLY E 1127 43.42 9.20 84.85
CA GLY E 1127 43.66 10.59 85.18
C GLY E 1127 42.87 11.07 86.38
N ASN E 1128 42.96 12.38 86.59
CA ASN E 1128 42.26 13.04 87.67
C ASN E 1128 40.97 13.68 87.16
N CYS E 1129 40.08 14.01 88.10
CA CYS E 1129 38.72 14.40 87.75
C CYS E 1129 38.59 15.92 87.67
N ASP E 1130 39.11 16.49 86.59
CA ASP E 1130 38.84 17.87 86.25
C ASP E 1130 38.35 17.98 84.82
N VAL E 1131 38.89 17.14 83.93
CA VAL E 1131 38.52 17.22 82.52
C VAL E 1131 37.16 16.56 82.28
N VAL E 1132 36.79 15.60 83.11
CA VAL E 1132 35.55 14.86 82.90
C VAL E 1132 34.39 15.74 83.35
N ILE E 1133 33.44 15.99 82.44
CA ILE E 1133 32.27 16.80 82.78
C ILE E 1133 31.21 15.90 83.37
N GLY E 1134 30.69 16.28 84.53
CA GLY E 1134 29.64 15.52 85.17
C GLY E 1134 30.11 14.45 86.12
N ILE E 1135 31.40 14.44 86.48
CA ILE E 1135 31.89 13.43 87.40
C ILE E 1135 31.30 13.67 88.79
N VAL E 1136 31.26 12.61 89.60
CA VAL E 1136 30.69 12.66 90.93
C VAL E 1136 31.65 12.04 91.92
N ASN E 1137 31.53 12.43 93.19
CA ASN E 1137 32.37 11.88 94.24
C ASN E 1137 31.77 10.61 94.79
N ASN E 1138 32.62 9.71 95.26
CA ASN E 1138 32.16 8.44 95.82
C ASN E 1138 33.35 7.68 96.38
N THR E 1139 33.06 6.55 97.00
CA THR E 1139 34.09 5.63 97.42
C THR E 1139 34.08 4.39 96.53
N VAL E 1140 35.27 3.88 96.24
CA VAL E 1140 35.42 2.68 95.43
C VAL E 1140 36.07 1.61 96.30
N TYR E 1141 35.29 0.60 96.65
CA TYR E 1141 35.77 -0.44 97.55
C TYR E 1141 36.93 -1.19 96.91
N ASP E 1142 37.97 -1.43 97.69
CA ASP E 1142 39.14 -2.19 97.24
C ASP E 1142 39.21 -3.49 98.02
N PRO E 1143 39.02 -4.65 97.38
CA PRO E 1143 38.98 -5.90 98.15
C PRO E 1143 40.29 -6.28 98.83
N LEU E 1144 41.42 -5.73 98.37
CA LEU E 1144 42.71 -6.18 98.87
C LEU E 1144 43.03 -5.68 100.28
N GLN E 1145 42.50 -4.54 100.68
CA GLN E 1145 42.96 -3.88 101.90
C GLN E 1145 42.44 -4.55 103.17
N PRO E 1146 41.13 -4.68 103.36
CA PRO E 1146 40.62 -4.93 104.72
C PRO E 1146 41.16 -6.20 105.36
N GLU E 1147 41.38 -7.27 104.59
CA GLU E 1147 41.62 -8.57 105.22
C GLU E 1147 43.06 -8.72 105.72
N LEU E 1148 43.94 -7.78 105.37
CA LEU E 1148 45.38 -8.03 105.53
C LEU E 1148 45.76 -8.33 106.98
N ASP E 1149 45.08 -7.72 107.95
CA ASP E 1149 45.35 -8.02 109.36
C ASP E 1149 44.73 -9.35 109.74
N GLN F 1 -61.51 50.27 -33.32
CA GLN F 1 -60.70 49.07 -33.66
C GLN F 1 -61.39 47.80 -33.19
N SER F 2 -60.86 46.65 -33.59
CA SER F 2 -61.39 45.37 -33.14
C SER F 2 -60.96 45.12 -31.70
N ALA F 3 -61.49 45.92 -30.77
CA ALA F 3 -60.97 45.93 -29.42
C ALA F 3 -61.41 44.70 -28.64
N LEU F 4 -60.60 44.33 -27.64
CA LEU F 4 -60.97 43.23 -26.76
C LEU F 4 -62.14 43.65 -25.88
N THR F 5 -62.92 42.66 -25.45
CA THR F 5 -64.09 42.92 -24.63
C THR F 5 -63.74 42.91 -23.15
N GLN F 6 -64.34 43.85 -22.42
CA GLN F 6 -64.15 43.96 -20.98
C GLN F 6 -65.48 44.31 -20.35
N PRO F 7 -65.65 44.02 -19.05
CA PRO F 7 -66.89 44.44 -18.38
C PRO F 7 -66.99 45.95 -18.30
N ALA F 8 -68.23 46.43 -18.25
CA ALA F 8 -68.47 47.87 -18.33
C ALA F 8 -67.89 48.60 -17.13
N SER F 9 -68.38 48.29 -15.93
CA SER F 9 -67.98 49.03 -14.75
C SER F 9 -68.04 48.13 -13.52
N VAL F 10 -67.29 48.53 -12.48
CA VAL F 10 -67.28 47.86 -11.20
C VAL F 10 -67.10 48.92 -10.12
N SER F 11 -67.52 48.60 -8.91
CA SER F 11 -67.40 49.51 -7.78
C SER F 11 -67.16 48.72 -6.51
N GLY F 12 -66.50 49.35 -5.54
CA GLY F 12 -66.24 48.73 -4.25
C GLY F 12 -65.75 49.75 -3.26
N SER F 13 -65.87 49.40 -1.98
CA SER F 13 -65.41 50.29 -0.93
C SER F 13 -63.89 50.19 -0.77
N PRO F 14 -63.25 51.19 -0.19
CA PRO F 14 -61.80 51.13 0.01
C PRO F 14 -61.40 49.90 0.81
N GLY F 15 -60.29 49.28 0.42
CA GLY F 15 -59.82 48.06 1.05
C GLY F 15 -60.37 46.79 0.46
N GLN F 16 -61.40 46.87 -0.38
CA GLN F 16 -61.97 45.69 -1.00
C GLN F 16 -61.10 45.26 -2.18
N SER F 17 -61.44 44.11 -2.77
CA SER F 17 -60.71 43.56 -3.90
C SER F 17 -61.67 43.29 -5.04
N ILE F 18 -61.32 43.76 -6.23
CA ILE F 18 -62.15 43.62 -7.42
C ILE F 18 -61.30 43.12 -8.56
N THR F 19 -61.92 42.38 -9.48
CA THR F 19 -61.26 41.79 -10.63
C THR F 19 -61.92 42.28 -11.90
N ILE F 20 -61.12 42.51 -12.94
CA ILE F 20 -61.59 42.95 -14.25
C ILE F 20 -61.12 41.94 -15.28
N SER F 21 -62.03 41.50 -16.14
CA SER F 21 -61.75 40.48 -17.13
C SER F 21 -61.47 41.11 -18.49
N CYS F 22 -60.63 40.43 -19.28
CA CYS F 22 -60.34 40.84 -20.65
C CYS F 22 -60.43 39.60 -21.53
N THR F 23 -61.23 39.69 -22.59
CA THR F 23 -61.54 38.54 -23.41
C THR F 23 -61.41 38.90 -24.89
N GLY F 24 -61.11 37.89 -25.68
CA GLY F 24 -61.04 38.05 -27.12
C GLY F 24 -61.07 36.70 -27.80
N THR F 25 -60.86 36.71 -29.10
CA THR F 25 -60.79 35.46 -29.84
C THR F 25 -59.56 34.66 -29.41
N SER F 26 -59.58 33.37 -29.72
CA SER F 26 -58.45 32.52 -29.36
C SER F 26 -57.14 33.09 -29.87
N SER F 27 -57.12 33.54 -31.13
CA SER F 27 -55.89 34.09 -31.70
C SER F 27 -55.41 35.30 -30.92
N ASP F 28 -56.34 36.11 -30.40
CA ASP F 28 -55.96 37.34 -29.70
C ASP F 28 -55.46 37.04 -28.29
N VAL F 29 -56.23 36.29 -27.51
CA VAL F 29 -55.91 36.08 -26.10
C VAL F 29 -55.32 34.69 -25.87
N GLY F 30 -56.07 33.65 -26.26
CA GLY F 30 -55.67 32.30 -25.89
C GLY F 30 -54.34 31.88 -26.49
N GLY F 31 -53.99 32.49 -27.63
CA GLY F 31 -52.79 32.06 -28.33
C GLY F 31 -51.53 32.17 -27.49
N TYR F 32 -51.41 33.22 -26.69
CA TYR F 32 -50.19 33.47 -25.93
C TYR F 32 -50.52 34.20 -24.63
N ASN F 33 -49.57 34.15 -23.70
CA ASN F 33 -49.74 34.69 -22.36
C ASN F 33 -49.11 36.07 -22.20
N TYR F 34 -49.17 36.91 -23.23
CA TYR F 34 -48.54 38.22 -23.21
C TYR F 34 -49.49 39.34 -22.79
N VAL F 35 -50.68 39.01 -22.29
CA VAL F 35 -51.66 40.03 -21.98
C VAL F 35 -51.06 41.06 -21.02
N SER F 36 -51.41 42.32 -21.24
CA SER F 36 -50.97 43.42 -20.37
C SER F 36 -52.13 44.37 -20.17
N TRP F 37 -52.02 45.19 -19.13
CA TRP F 37 -53.09 46.08 -18.70
C TRP F 37 -52.56 47.49 -18.50
N TYR F 38 -53.43 48.48 -18.72
CA TYR F 38 -53.04 49.88 -18.69
C TYR F 38 -53.98 50.66 -17.78
N GLN F 39 -53.45 51.72 -17.18
CA GLN F 39 -54.23 52.61 -16.33
C GLN F 39 -53.96 54.05 -16.74
N GLN F 40 -55.03 54.84 -16.81
CA GLN F 40 -54.95 56.23 -17.21
C GLN F 40 -55.60 57.12 -16.15
N HIS F 41 -55.09 58.33 -16.00
CA HIS F 41 -55.57 59.28 -15.03
C HIS F 41 -55.90 60.61 -15.69
N PRO F 42 -56.74 61.44 -15.07
CA PRO F 42 -57.17 62.67 -15.74
C PRO F 42 -56.02 63.54 -16.21
N GLY F 43 -56.09 64.00 -17.46
CA GLY F 43 -55.07 64.88 -17.99
C GLY F 43 -53.70 64.26 -18.13
N LYS F 44 -53.61 62.93 -18.19
CA LYS F 44 -52.33 62.24 -18.29
C LYS F 44 -52.43 61.11 -19.31
N ALA F 45 -51.28 60.73 -19.86
CA ALA F 45 -51.23 59.62 -20.80
C ALA F 45 -51.38 58.29 -20.06
N PRO F 46 -51.75 57.23 -20.77
CA PRO F 46 -51.93 55.92 -20.11
C PRO F 46 -50.60 55.38 -19.57
N LYS F 47 -50.71 54.58 -18.52
CA LYS F 47 -49.56 53.90 -17.91
C LYS F 47 -49.83 52.40 -17.88
N LEU F 48 -48.78 51.62 -18.10
CA LEU F 48 -48.87 50.16 -18.18
C LEU F 48 -48.22 49.57 -16.95
N MET F 49 -49.00 48.87 -16.12
CA MET F 49 -48.39 48.09 -15.03
C MET F 49 -49.00 46.68 -15.05
N ILE F 50 -48.55 45.89 -16.01
CA ILE F 50 -48.73 44.43 -16.06
C ILE F 50 -47.84 43.94 -17.19
N TYR F 51 -47.39 42.70 -17.10
CA TYR F 51 -46.83 42.03 -18.26
C TYR F 51 -46.79 40.53 -18.02
N ASP F 52 -46.98 39.78 -19.10
CA ASP F 52 -47.18 38.34 -19.03
C ASP F 52 -48.31 38.00 -18.07
N VAL F 53 -49.39 38.78 -18.16
CA VAL F 53 -50.63 38.56 -17.42
C VAL F 53 -50.48 38.89 -15.95
N SER F 54 -49.38 38.46 -15.32
CA SER F 54 -49.26 38.49 -13.87
C SER F 54 -48.07 39.29 -13.35
N LYS F 55 -47.03 39.50 -14.13
CA LYS F 55 -45.81 40.11 -13.61
C LYS F 55 -46.00 41.60 -13.39
N ARG F 56 -45.28 42.13 -12.41
CA ARG F 56 -45.39 43.53 -12.00
C ARG F 56 -44.10 44.26 -12.35
N PRO F 57 -44.13 45.29 -13.22
CA PRO F 57 -42.92 46.09 -13.45
C PRO F 57 -42.50 46.86 -12.21
N SER F 58 -41.38 47.57 -12.29
CA SER F 58 -40.93 48.42 -11.20
C SER F 58 -41.77 49.70 -11.14
N GLY F 59 -41.74 50.36 -10.00
CA GLY F 59 -42.60 51.51 -9.79
C GLY F 59 -44.07 51.17 -9.83
N VAL F 60 -44.43 49.97 -9.39
CA VAL F 60 -45.80 49.47 -9.46
C VAL F 60 -46.20 48.97 -8.08
N SER F 61 -47.48 49.14 -7.76
CA SER F 61 -47.99 48.69 -6.47
C SER F 61 -47.99 47.17 -6.39
N ASN F 62 -47.93 46.66 -5.16
CA ASN F 62 -48.03 45.23 -4.92
C ASN F 62 -49.46 44.72 -4.97
N ARG F 63 -50.43 45.59 -5.24
CA ARG F 63 -51.83 45.24 -5.18
C ARG F 63 -52.39 44.72 -6.51
N PHE F 64 -51.54 44.54 -7.52
CA PHE F 64 -51.98 44.07 -8.83
C PHE F 64 -51.64 42.59 -8.98
N SER F 65 -52.63 41.81 -9.41
CA SER F 65 -52.43 40.40 -9.72
C SER F 65 -53.36 40.03 -10.88
N GLY F 66 -52.94 39.03 -11.65
CA GLY F 66 -53.69 38.63 -12.82
C GLY F 66 -53.59 37.14 -13.07
N SER F 67 -54.54 36.62 -13.83
CA SER F 67 -54.58 35.22 -14.19
C SER F 67 -55.26 35.06 -15.54
N LYS F 68 -54.98 33.93 -16.19
CA LYS F 68 -55.51 33.63 -17.52
C LYS F 68 -56.32 32.34 -17.46
N SER F 69 -57.40 32.31 -18.25
CA SER F 69 -58.27 31.13 -18.29
C SER F 69 -58.95 31.09 -19.65
N GLY F 70 -58.63 30.07 -20.45
CA GLY F 70 -59.23 29.94 -21.76
C GLY F 70 -58.92 31.16 -22.62
N ASN F 71 -59.97 31.69 -23.24
CA ASN F 71 -59.85 32.88 -24.09
C ASN F 71 -59.94 34.17 -23.31
N THR F 72 -59.78 34.14 -21.98
CA THR F 72 -59.97 35.29 -21.14
C THR F 72 -58.81 35.43 -20.16
N ALA F 73 -58.44 36.68 -19.88
CA ALA F 73 -57.47 37.01 -18.84
C ALA F 73 -58.02 38.15 -18.00
N SER F 74 -57.73 38.12 -16.71
CA SER F 74 -58.32 39.04 -15.76
C SER F 74 -57.24 39.65 -14.86
N LEU F 75 -57.49 40.89 -14.44
CA LEU F 75 -56.62 41.62 -13.53
C LEU F 75 -57.36 41.88 -12.24
N THR F 76 -56.72 41.58 -11.11
CA THR F 76 -57.32 41.75 -9.79
C THR F 76 -56.59 42.87 -9.06
N ILE F 77 -57.35 43.84 -8.54
CA ILE F 77 -56.82 44.97 -7.80
C ILE F 77 -57.29 44.83 -6.36
N SER F 78 -56.38 44.42 -5.48
CA SER F 78 -56.67 44.32 -4.06
C SER F 78 -56.38 45.65 -3.38
N GLY F 79 -56.87 45.78 -2.14
CA GLY F 79 -56.62 47.01 -1.40
C GLY F 79 -57.03 48.26 -2.15
N LEU F 80 -58.28 48.30 -2.61
CA LEU F 80 -58.75 49.39 -3.44
C LEU F 80 -58.57 50.73 -2.73
N GLN F 81 -58.03 51.71 -3.46
CA GLN F 81 -57.82 53.05 -2.95
C GLN F 81 -58.39 54.06 -3.93
N SER F 82 -58.51 55.31 -3.48
CA SER F 82 -59.06 56.35 -4.33
C SER F 82 -58.23 56.53 -5.60
N GLU F 83 -56.92 56.32 -5.51
CA GLU F 83 -56.06 56.47 -6.69
C GLU F 83 -56.47 55.49 -7.79
N ASP F 84 -57.07 54.35 -7.42
CA ASP F 84 -57.38 53.32 -8.41
C ASP F 84 -58.55 53.75 -9.30
N GLU F 85 -59.33 54.74 -8.88
CA GLU F 85 -60.46 55.19 -9.68
C GLU F 85 -59.98 55.67 -11.05
N ALA F 86 -60.33 54.92 -12.10
CA ALA F 86 -59.88 55.24 -13.45
C ALA F 86 -60.54 54.27 -14.42
N ASP F 87 -60.24 54.47 -15.71
CA ASP F 87 -60.66 53.56 -16.76
C ASP F 87 -59.48 52.68 -17.14
N TYR F 88 -59.71 51.37 -17.20
CA TYR F 88 -58.66 50.39 -17.39
C TYR F 88 -58.82 49.71 -18.74
N TYR F 89 -57.69 49.48 -19.41
CA TYR F 89 -57.66 48.85 -20.73
C TYR F 89 -56.69 47.68 -20.73
N CYS F 90 -57.00 46.68 -21.53
CA CYS F 90 -56.15 45.50 -21.69
C CYS F 90 -55.63 45.42 -23.12
N ASN F 91 -54.41 44.89 -23.26
CA ASN F 91 -53.80 44.69 -24.56
C ASN F 91 -53.28 43.28 -24.67
N SER F 92 -53.36 42.72 -25.88
CA SER F 92 -52.88 41.38 -26.17
C SER F 92 -52.32 41.36 -27.59
N LEU F 93 -51.47 40.38 -27.86
CA LEU F 93 -50.82 40.25 -29.16
C LEU F 93 -51.49 39.11 -29.93
N THR F 94 -51.91 39.40 -31.15
CA THR F 94 -52.58 38.41 -31.97
C THR F 94 -51.57 37.61 -32.79
N SER F 95 -52.04 36.46 -33.30
CA SER F 95 -51.20 35.67 -34.19
C SER F 95 -50.90 36.39 -35.50
N ILE F 96 -51.67 37.43 -35.83
CA ILE F 96 -51.37 38.26 -37.00
C ILE F 96 -50.17 39.15 -36.79
N SER F 97 -49.62 39.19 -35.57
CA SER F 97 -48.48 40.05 -35.24
C SER F 97 -48.92 41.51 -35.17
N THR F 98 -50.12 41.73 -34.66
CA THR F 98 -50.65 43.07 -34.42
C THR F 98 -51.24 43.12 -33.01
N TRP F 99 -51.10 44.28 -32.38
CA TRP F 99 -51.54 44.46 -31.01
C TRP F 99 -52.91 45.11 -30.96
N VAL F 100 -53.74 44.62 -30.04
CA VAL F 100 -55.13 45.02 -29.93
C VAL F 100 -55.39 45.51 -28.51
N PHE F 101 -56.06 46.65 -28.40
CA PHE F 101 -56.47 47.21 -27.11
C PHE F 101 -57.88 46.77 -26.78
N GLY F 102 -58.23 46.88 -25.49
CA GLY F 102 -59.57 46.56 -25.06
C GLY F 102 -60.51 47.76 -25.17
N GLY F 103 -61.80 47.47 -24.95
CA GLY F 103 -62.79 48.53 -24.99
C GLY F 103 -62.78 49.43 -23.77
N GLY F 104 -62.25 48.97 -22.66
CA GLY F 104 -62.16 49.77 -21.45
C GLY F 104 -63.11 49.29 -20.37
N THR F 105 -62.72 49.54 -19.13
CA THR F 105 -63.54 49.23 -17.96
C THR F 105 -63.31 50.30 -16.91
N LYS F 106 -64.38 50.78 -16.30
CA LYS F 106 -64.31 51.88 -15.34
C LYS F 106 -64.50 51.34 -13.93
N LEU F 107 -63.55 51.66 -13.05
CA LEU F 107 -63.56 51.19 -11.68
C LEU F 107 -63.77 52.38 -10.74
N THR F 108 -64.60 52.17 -9.73
CA THR F 108 -64.88 53.18 -8.72
C THR F 108 -64.52 52.64 -7.34
N VAL F 109 -63.76 53.43 -6.59
CA VAL F 109 -63.45 53.13 -5.19
C VAL F 109 -64.16 54.16 -4.34
N LEU F 110 -65.06 53.70 -3.47
CA LEU F 110 -65.98 54.58 -2.76
C LEU F 110 -65.30 55.26 -1.58
N GLY F 111 -64.51 56.29 -1.90
CA GLY F 111 -63.89 57.11 -0.88
C GLY F 111 -64.83 58.10 -0.21
N ARG F 112 -66.02 58.31 -0.78
CA ARG F 112 -67.00 59.21 -0.20
C ARG F 112 -68.39 58.67 -0.46
N THR F 113 -69.35 59.15 0.32
CA THR F 113 -70.73 58.71 0.18
C THR F 113 -71.33 59.24 -1.11
N VAL F 114 -72.39 58.56 -1.58
CA VAL F 114 -73.03 58.94 -2.84
C VAL F 114 -73.57 60.35 -2.74
N ALA F 115 -73.48 61.09 -3.85
CA ALA F 115 -74.01 62.44 -3.96
C ALA F 115 -74.89 62.54 -5.18
N ALA F 116 -76.10 63.06 -5.01
CA ALA F 116 -77.04 63.17 -6.11
C ALA F 116 -76.81 64.45 -6.90
N PRO F 117 -77.16 64.47 -8.18
CA PRO F 117 -76.91 65.67 -8.99
C PRO F 117 -77.97 66.74 -8.79
N SER F 118 -77.55 67.99 -8.94
CA SER F 118 -78.49 69.10 -9.12
C SER F 118 -78.68 69.32 -10.61
N VAL F 119 -79.94 69.41 -11.04
CA VAL F 119 -80.29 69.42 -12.46
C VAL F 119 -80.83 70.78 -12.82
N PHE F 120 -80.34 71.34 -13.93
CA PHE F 120 -80.79 72.63 -14.43
C PHE F 120 -80.89 72.57 -15.94
N ILE F 121 -81.74 73.44 -16.50
CA ILE F 121 -81.99 73.49 -17.93
C ILE F 121 -81.84 74.93 -18.41
N PHE F 122 -81.42 75.09 -19.67
CA PHE F 122 -81.14 76.41 -20.23
C PHE F 122 -81.85 76.55 -21.57
N PRO F 123 -82.59 77.62 -21.81
CA PRO F 123 -83.15 77.86 -23.14
C PRO F 123 -82.09 78.43 -24.07
N PRO F 124 -82.36 78.48 -25.37
CA PRO F 124 -81.44 79.15 -26.29
C PRO F 124 -81.39 80.65 -26.03
N SER F 125 -80.24 81.25 -26.34
CA SER F 125 -80.07 82.68 -26.16
C SER F 125 -80.89 83.46 -27.19
N ASP F 126 -81.27 84.67 -26.83
CA ASP F 126 -82.02 85.52 -27.76
C ASP F 126 -81.17 85.84 -28.98
N GLU F 127 -79.89 86.14 -28.78
CA GLU F 127 -79.03 86.49 -29.90
C GLU F 127 -78.88 85.33 -30.88
N GLN F 128 -78.72 84.10 -30.38
CA GLN F 128 -78.67 82.95 -31.27
C GLN F 128 -79.98 82.80 -32.04
N LEU F 129 -81.11 82.94 -31.35
CA LEU F 129 -82.39 82.87 -32.04
C LEU F 129 -82.50 83.96 -33.10
N LYS F 130 -81.97 85.15 -32.82
CA LYS F 130 -81.91 86.18 -33.84
C LYS F 130 -80.98 85.80 -34.99
N SER F 131 -79.89 85.09 -34.69
CA SER F 131 -78.99 84.64 -35.75
C SER F 131 -79.70 83.67 -36.69
N GLY F 132 -80.50 82.75 -36.15
CA GLY F 132 -81.22 81.79 -36.93
C GLY F 132 -81.08 80.33 -36.48
N THR F 133 -80.51 80.08 -35.31
CA THR F 133 -80.35 78.72 -34.79
C THR F 133 -80.72 78.70 -33.32
N ALA F 134 -81.14 77.52 -32.86
CA ALA F 134 -81.56 77.32 -31.47
C ALA F 134 -80.76 76.18 -30.87
N SER F 135 -80.23 76.41 -29.67
CA SER F 135 -79.51 75.40 -28.91
C SER F 135 -80.01 75.40 -27.49
N VAL F 136 -80.24 74.20 -26.94
CA VAL F 136 -80.74 74.01 -25.58
C VAL F 136 -79.72 73.20 -24.81
N VAL F 137 -79.48 73.58 -23.56
CA VAL F 137 -78.43 72.99 -22.73
C VAL F 137 -79.04 72.51 -21.42
N CYS F 138 -78.57 71.36 -20.94
CA CYS F 138 -78.98 70.81 -19.66
C CYS F 138 -77.72 70.55 -18.83
N LEU F 139 -77.82 70.81 -17.52
CA LEU F 139 -76.66 70.79 -16.63
C LEU F 139 -76.90 69.84 -15.48
N LEU F 140 -75.91 69.00 -15.19
CA LEU F 140 -75.85 68.18 -13.98
C LEU F 140 -74.68 68.66 -13.15
N ASN F 141 -74.91 68.90 -11.87
CA ASN F 141 -73.95 69.58 -11.00
C ASN F 141 -73.59 68.72 -9.80
N ASN F 142 -72.29 68.45 -9.64
CA ASN F 142 -71.71 67.95 -8.39
C ASN F 142 -72.41 66.67 -7.92
N PHE F 143 -72.22 65.62 -8.71
CA PHE F 143 -72.71 64.29 -8.36
C PHE F 143 -71.57 63.29 -8.36
N TYR F 144 -71.74 62.23 -7.57
CA TYR F 144 -70.77 61.16 -7.43
C TYR F 144 -71.55 59.90 -7.09
N PRO F 145 -71.21 58.74 -7.68
CA PRO F 145 -70.15 58.47 -8.66
C PRO F 145 -70.32 59.18 -10.00
N ARG F 146 -69.42 58.90 -10.95
CA ARG F 146 -69.38 59.66 -12.20
C ARG F 146 -70.50 59.25 -13.15
N GLU F 147 -70.87 57.97 -13.18
CA GLU F 147 -71.82 57.49 -14.18
C GLU F 147 -73.15 58.22 -14.06
N ALA F 148 -73.72 58.58 -15.21
CA ALA F 148 -75.02 59.25 -15.25
C ALA F 148 -75.63 59.05 -16.63
N LYS F 149 -76.94 59.25 -16.71
CA LYS F 149 -77.70 59.11 -17.95
C LYS F 149 -78.63 60.30 -18.11
N VAL F 150 -78.85 60.72 -19.36
CA VAL F 150 -79.63 61.91 -19.66
C VAL F 150 -80.53 61.64 -20.86
N GLN F 151 -81.69 62.28 -20.87
CA GLN F 151 -82.62 62.23 -21.99
C GLN F 151 -83.06 63.65 -22.35
N TRP F 152 -83.30 63.87 -23.63
CA TRP F 152 -83.80 65.15 -24.12
C TRP F 152 -85.22 64.98 -24.64
N LYS F 153 -86.12 65.84 -24.18
CA LYS F 153 -87.52 65.79 -24.57
C LYS F 153 -87.99 67.17 -25.01
N VAL F 154 -88.72 67.21 -26.12
CA VAL F 154 -89.33 68.42 -26.63
C VAL F 154 -90.84 68.19 -26.68
N ASP F 155 -91.60 69.10 -26.07
CA ASP F 155 -93.03 68.91 -25.90
C ASP F 155 -93.28 67.57 -25.21
N ASN F 156 -92.38 67.20 -24.30
CA ASN F 156 -92.42 65.93 -23.57
C ASN F 156 -92.28 64.73 -24.50
N ALA F 157 -91.68 64.91 -25.67
CA ALA F 157 -91.39 63.82 -26.60
C ALA F 157 -89.88 63.66 -26.73
N LEU F 158 -89.40 62.43 -26.57
CA LEU F 158 -87.97 62.19 -26.52
C LEU F 158 -87.31 62.56 -27.85
N GLN F 159 -86.07 63.03 -27.76
CA GLN F 159 -85.27 63.39 -28.92
C GLN F 159 -83.94 62.65 -28.87
N SER F 160 -83.40 62.35 -30.05
CA SER F 160 -82.15 61.62 -30.17
C SER F 160 -81.41 62.08 -31.42
N GLY F 161 -80.08 61.91 -31.39
CA GLY F 161 -79.26 62.23 -32.54
C GLY F 161 -78.88 63.71 -32.61
N ASN F 162 -79.72 64.58 -32.07
CA ASN F 162 -79.50 66.02 -32.15
C ASN F 162 -78.84 66.60 -30.91
N SER F 163 -78.39 65.77 -29.97
CA SER F 163 -77.79 66.24 -28.74
C SER F 163 -76.55 65.41 -28.41
N GLN F 164 -75.67 65.98 -27.59
CA GLN F 164 -74.45 65.32 -27.17
C GLN F 164 -74.19 65.63 -25.70
N GLU F 165 -73.48 64.73 -25.03
CA GLU F 165 -73.20 64.86 -23.61
C GLU F 165 -71.70 64.96 -23.36
N SER F 166 -71.32 65.79 -22.39
CA SER F 166 -69.93 65.96 -21.98
C SER F 166 -69.87 65.99 -20.46
N VAL F 167 -68.72 65.59 -19.92
CA VAL F 167 -68.54 65.43 -18.49
C VAL F 167 -67.24 66.09 -18.07
N THR F 168 -67.25 66.75 -16.92
CA THR F 168 -66.06 67.40 -16.39
C THR F 168 -65.16 66.37 -15.70
N GLU F 169 -63.98 66.84 -15.28
CA GLU F 169 -63.13 66.03 -14.43
C GLU F 169 -63.60 66.17 -12.98
N GLN F 170 -62.81 65.61 -12.06
CA GLN F 170 -63.21 65.57 -10.66
C GLN F 170 -63.12 66.96 -10.03
N ASP F 171 -64.07 67.24 -9.13
CA ASP F 171 -64.01 68.46 -8.35
C ASP F 171 -62.84 68.40 -7.38
N SER F 172 -62.16 69.54 -7.20
CA SER F 172 -60.96 69.58 -6.38
C SER F 172 -61.26 69.52 -4.88
N LYS F 173 -62.47 69.81 -4.46
CA LYS F 173 -62.82 69.78 -3.04
C LYS F 173 -63.96 68.83 -2.72
N ASP F 174 -65.00 68.77 -3.55
CA ASP F 174 -66.13 67.89 -3.30
C ASP F 174 -65.91 66.48 -3.84
N SER F 175 -64.89 66.26 -4.65
CA SER F 175 -64.60 64.98 -5.29
C SER F 175 -65.72 64.54 -6.22
N THR F 176 -66.65 65.43 -6.57
CA THR F 176 -67.79 65.09 -7.39
C THR F 176 -67.52 65.46 -8.85
N TYR F 177 -68.50 65.17 -9.71
CA TYR F 177 -68.39 65.41 -11.14
C TYR F 177 -69.64 66.12 -11.64
N SER F 178 -69.52 66.72 -12.83
CA SER F 178 -70.61 67.44 -13.46
C SER F 178 -70.71 67.00 -14.91
N LEU F 179 -71.94 67.06 -15.45
CA LEU F 179 -72.22 66.64 -16.81
C LEU F 179 -73.07 67.70 -17.49
N SER F 180 -72.86 67.88 -18.80
CA SER F 180 -73.63 68.80 -19.61
C SER F 180 -74.17 68.10 -20.84
N SER F 181 -75.37 68.49 -21.25
CA SER F 181 -75.98 67.99 -22.47
C SER F 181 -76.52 69.17 -23.27
N THR F 182 -76.22 69.19 -24.56
CA THR F 182 -76.61 70.29 -25.44
C THR F 182 -77.39 69.74 -26.62
N LEU F 183 -78.55 70.35 -26.89
CA LEU F 183 -79.41 69.98 -28.01
C LEU F 183 -79.49 71.17 -28.97
N THR F 184 -79.32 70.89 -30.26
CA THR F 184 -79.33 71.91 -31.30
C THR F 184 -80.56 71.73 -32.18
N LEU F 185 -81.19 72.84 -32.54
CA LEU F 185 -82.37 72.84 -33.38
C LEU F 185 -82.34 74.05 -34.31
N SER F 186 -83.07 73.96 -35.41
CA SER F 186 -83.20 75.06 -36.35
C SER F 186 -84.35 75.97 -35.92
N LYS F 187 -84.37 77.18 -36.48
CA LYS F 187 -85.36 78.16 -36.05
C LYS F 187 -86.78 77.68 -36.32
N ALA F 188 -87.01 77.10 -37.50
CA ALA F 188 -88.35 76.60 -37.81
C ALA F 188 -88.76 75.47 -36.86
N ASP F 189 -87.85 74.53 -36.62
CA ASP F 189 -88.15 73.44 -35.70
C ASP F 189 -88.36 73.94 -34.28
N TYR F 190 -87.57 74.93 -33.86
CA TYR F 190 -87.80 75.54 -32.55
C TYR F 190 -89.18 76.19 -32.48
N GLU F 191 -89.59 76.89 -33.55
CA GLU F 191 -90.91 77.51 -33.57
C GLU F 191 -92.01 76.47 -33.56
N LYS F 192 -91.77 75.29 -34.15
CA LYS F 192 -92.81 74.27 -34.19
C LYS F 192 -93.26 73.85 -32.80
N HIS F 193 -92.32 73.66 -31.89
CA HIS F 193 -92.62 73.16 -30.54
C HIS F 193 -92.57 74.31 -29.54
N LYS F 194 -93.14 74.05 -28.35
CA LYS F 194 -93.30 75.08 -27.34
C LYS F 194 -92.66 74.74 -26.00
N VAL F 195 -92.54 73.47 -25.64
CA VAL F 195 -91.98 73.05 -24.36
C VAL F 195 -90.74 72.21 -24.61
N TYR F 196 -89.70 72.48 -23.83
CA TYR F 196 -88.42 71.80 -23.95
C TYR F 196 -87.99 71.32 -22.57
N ALA F 197 -87.47 70.10 -22.49
CA ALA F 197 -87.15 69.49 -21.21
C ALA F 197 -85.94 68.58 -21.34
N CYS F 198 -85.26 68.38 -20.22
CA CYS F 198 -84.19 67.40 -20.10
C CYS F 198 -84.42 66.57 -18.85
N GLU F 199 -84.07 65.29 -18.94
CA GLU F 199 -84.32 64.34 -17.86
C GLU F 199 -83.00 63.70 -17.45
N VAL F 200 -82.86 63.41 -16.16
CA VAL F 200 -81.62 62.93 -15.58
C VAL F 200 -81.91 61.69 -14.73
N THR F 201 -80.98 60.74 -14.77
CA THR F 201 -81.03 59.54 -13.94
C THR F 201 -79.67 59.33 -13.29
N HIS F 202 -79.66 58.89 -12.04
CA HIS F 202 -78.43 58.70 -11.30
C HIS F 202 -78.59 57.52 -10.35
N GLN F 203 -77.46 56.98 -9.88
CA GLN F 203 -77.49 55.82 -9.01
C GLN F 203 -78.25 56.11 -7.71
N GLY F 204 -78.01 57.28 -7.12
CA GLY F 204 -78.57 57.60 -5.82
C GLY F 204 -80.00 58.08 -5.82
N LEU F 205 -80.66 58.13 -6.98
CA LEU F 205 -82.02 58.63 -7.10
C LEU F 205 -82.96 57.46 -7.36
N SER F 206 -84.10 57.45 -6.65
CA SER F 206 -85.08 56.38 -6.82
C SER F 206 -85.81 56.46 -8.15
N SER F 207 -85.84 57.62 -8.78
CA SER F 207 -86.51 57.78 -10.06
C SER F 207 -85.88 58.96 -10.79
N PRO F 208 -85.99 59.00 -12.12
CA PRO F 208 -85.38 60.12 -12.87
C PRO F 208 -86.02 61.45 -12.52
N VAL F 209 -85.22 62.52 -12.61
CA VAL F 209 -85.66 63.87 -12.34
C VAL F 209 -85.80 64.61 -13.66
N THR F 210 -86.91 65.31 -13.84
CA THR F 210 -87.22 66.01 -15.08
C THR F 210 -87.26 67.51 -14.83
N LYS F 211 -86.61 68.27 -15.72
CA LYS F 211 -86.66 69.73 -15.70
C LYS F 211 -87.10 70.21 -17.07
N SER F 212 -87.90 71.28 -17.09
CA SER F 212 -88.47 71.77 -18.33
C SER F 212 -88.68 73.27 -18.25
N PHE F 213 -88.77 73.90 -19.41
CA PHE F 213 -89.13 75.31 -19.53
C PHE F 213 -90.09 75.47 -20.69
N ASN F 214 -90.90 76.52 -20.63
CA ASN F 214 -91.91 76.81 -21.65
C ASN F 214 -91.47 78.01 -22.45
N ARG F 215 -91.57 77.91 -23.78
CA ARG F 215 -91.21 79.03 -24.64
C ARG F 215 -92.08 80.24 -24.39
N GLY F 216 -93.31 80.05 -23.90
CA GLY F 216 -94.15 81.17 -23.53
C GLY F 216 -93.67 81.93 -22.32
N GLU F 217 -92.70 81.38 -21.59
CA GLU F 217 -92.10 82.03 -20.43
C GLU F 217 -90.62 82.32 -20.62
N CYS F 218 -89.87 81.37 -21.15
CA CYS F 218 -88.44 81.56 -21.41
C CYS F 218 -88.21 82.06 -22.82
N GLN G 1 -35.33 58.24 -15.53
CA GLN G 1 -36.49 57.53 -16.16
C GLN G 1 -36.45 57.66 -17.67
N VAL G 2 -36.95 56.63 -18.36
CA VAL G 2 -37.03 56.66 -19.80
C VAL G 2 -38.14 57.60 -20.23
N GLN G 3 -37.84 58.47 -21.18
CA GLN G 3 -38.76 59.52 -21.61
C GLN G 3 -38.99 59.45 -23.11
N LEU G 4 -40.24 59.72 -23.51
CA LEU G 4 -40.61 59.85 -24.91
C LEU G 4 -41.42 61.12 -25.09
N VAL G 5 -41.08 61.89 -26.12
CA VAL G 5 -41.75 63.15 -26.42
C VAL G 5 -42.25 63.08 -27.86
N GLU G 6 -43.55 63.31 -28.04
CA GLU G 6 -44.16 63.29 -29.36
C GLU G 6 -44.26 64.71 -29.91
N SER G 7 -44.00 64.85 -31.21
CA SER G 7 -44.02 66.15 -31.87
C SER G 7 -44.54 65.97 -33.29
N GLY G 8 -45.02 67.07 -33.86
CA GLY G 8 -45.53 67.06 -35.21
C GLY G 8 -47.03 67.21 -35.34
N GLY G 9 -47.76 67.39 -34.24
CA GLY G 9 -49.18 67.65 -34.31
C GLY G 9 -49.48 68.88 -35.13
N GLY G 10 -50.38 68.79 -36.09
CA GLY G 10 -50.62 69.88 -37.01
C GLY G 10 -52.07 69.95 -37.43
N VAL G 11 -52.40 71.04 -38.14
CA VAL G 11 -53.73 71.26 -38.68
C VAL G 11 -53.64 71.12 -40.20
N VAL G 12 -54.46 70.25 -40.77
CA VAL G 12 -54.35 69.91 -42.19
C VAL G 12 -55.74 69.55 -42.72
N GLN G 13 -55.92 69.76 -44.02
CA GLN G 13 -57.15 69.35 -44.68
C GLN G 13 -57.21 67.83 -44.77
N PRO G 14 -58.40 67.26 -44.94
CA PRO G 14 -58.50 65.81 -45.12
C PRO G 14 -57.77 65.35 -46.37
N GLY G 15 -57.17 64.17 -46.29
CA GLY G 15 -56.48 63.60 -47.43
C GLY G 15 -55.06 64.10 -47.60
N ARG G 16 -54.84 65.36 -47.28
CA ARG G 16 -53.51 65.95 -47.41
C ARG G 16 -52.53 65.29 -46.45
N SER G 17 -51.27 65.25 -46.85
CA SER G 17 -50.25 64.54 -46.08
C SER G 17 -49.96 65.25 -44.76
N LEU G 18 -49.49 64.47 -43.79
CA LEU G 18 -49.15 64.98 -42.47
C LEU G 18 -48.08 64.07 -41.87
N ARG G 19 -47.35 64.60 -40.90
CA ARG G 19 -46.23 63.89 -40.28
C ARG G 19 -46.38 63.90 -38.76
N LEU G 20 -46.08 62.76 -38.14
CA LEU G 20 -45.97 62.64 -36.69
C LEU G 20 -44.62 62.04 -36.33
N SER G 21 -44.02 62.58 -35.27
CA SER G 21 -42.71 62.15 -34.83
C SER G 21 -42.67 62.13 -33.30
N CYS G 22 -41.72 61.37 -32.76
CA CYS G 22 -41.46 61.38 -31.33
C CYS G 22 -40.04 60.90 -31.07
N ALA G 23 -39.34 61.60 -30.20
CA ALA G 23 -37.94 61.34 -29.91
C ALA G 23 -37.79 60.73 -28.51
N ALA G 24 -36.86 59.79 -28.39
CA ALA G 24 -36.63 59.08 -27.14
C ALA G 24 -35.31 59.53 -26.52
N SER G 25 -35.20 59.32 -25.21
CA SER G 25 -33.99 59.68 -24.48
C SER G 25 -33.88 58.81 -23.23
N GLY G 26 -32.64 58.50 -22.85
CA GLY G 26 -32.35 57.79 -21.62
C GLY G 26 -32.17 56.30 -21.77
N PHE G 27 -32.23 55.75 -22.98
CA PHE G 27 -32.06 54.32 -23.17
C PHE G 27 -31.64 54.04 -24.60
N THR G 28 -31.34 52.77 -24.87
CA THR G 28 -30.94 52.32 -26.20
C THR G 28 -32.19 52.19 -27.07
N PHE G 29 -32.55 53.29 -27.73
CA PHE G 29 -33.72 53.29 -28.60
C PHE G 29 -33.59 52.26 -29.71
N SER G 30 -32.37 52.08 -30.23
CA SER G 30 -32.17 51.16 -31.35
C SER G 30 -32.40 49.71 -30.95
N ASN G 31 -32.35 49.41 -29.66
CA ASN G 31 -32.45 48.02 -29.22
C ASN G 31 -33.88 47.49 -29.27
N TYR G 32 -34.87 48.38 -29.14
CA TYR G 32 -36.25 47.97 -28.91
C TYR G 32 -37.15 48.41 -30.04
N ALA G 33 -38.26 47.69 -30.21
CA ALA G 33 -39.27 48.07 -31.18
C ALA G 33 -40.02 49.30 -30.70
N MET G 34 -40.80 49.90 -31.61
CA MET G 34 -41.53 51.13 -31.33
C MET G 34 -42.98 50.97 -31.75
N TYR G 35 -43.86 51.72 -31.10
CA TYR G 35 -45.29 51.66 -31.36
C TYR G 35 -45.86 53.08 -31.46
N TRP G 36 -47.09 53.15 -31.98
CA TRP G 36 -47.88 54.38 -31.93
C TRP G 36 -49.27 54.05 -31.42
N VAL G 37 -49.83 54.99 -30.65
CA VAL G 37 -51.15 54.84 -30.06
C VAL G 37 -51.89 56.16 -30.17
N ARG G 38 -53.19 56.10 -30.43
CA ARG G 38 -54.01 57.29 -30.57
C ARG G 38 -55.26 57.14 -29.72
N GLN G 39 -55.72 58.28 -29.19
CA GLN G 39 -56.87 58.32 -28.30
C GLN G 39 -57.75 59.50 -28.65
N ALA G 40 -59.06 59.27 -28.67
CA ALA G 40 -60.02 60.34 -28.91
C ALA G 40 -60.54 60.89 -27.59
N PRO G 41 -61.04 62.12 -27.58
CA PRO G 41 -61.57 62.68 -26.33
C PRO G 41 -62.67 61.80 -25.75
N GLY G 42 -62.57 61.56 -24.44
CA GLY G 42 -63.58 60.77 -23.76
C GLY G 42 -63.74 59.36 -24.26
N LYS G 43 -62.70 58.78 -24.86
CA LYS G 43 -62.75 57.44 -25.41
C LYS G 43 -61.49 56.66 -25.01
N GLY G 44 -61.44 55.40 -25.42
CA GLY G 44 -60.36 54.51 -25.05
C GLY G 44 -59.15 54.68 -25.95
N LEU G 45 -58.30 53.66 -25.92
CA LEU G 45 -57.02 53.67 -26.62
C LEU G 45 -57.10 52.78 -27.86
N GLU G 46 -56.54 53.26 -28.96
CA GLU G 46 -56.47 52.52 -30.21
C GLU G 46 -55.02 52.35 -30.63
N TRP G 47 -54.71 51.20 -31.21
CA TRP G 47 -53.35 50.83 -31.54
C TRP G 47 -53.00 51.27 -32.97
N VAL G 48 -51.73 51.54 -33.19
CA VAL G 48 -51.21 51.90 -34.50
C VAL G 48 -50.01 51.02 -34.81
N ALA G 49 -49.65 50.94 -36.08
CA ALA G 49 -48.70 49.95 -36.57
C ALA G 49 -47.40 49.97 -35.79
N VAL G 50 -46.58 48.95 -36.03
CA VAL G 50 -45.33 48.72 -35.30
C VAL G 50 -44.18 48.66 -36.30
N ILE G 51 -42.98 49.00 -35.80
CA ILE G 51 -41.74 48.87 -36.56
C ILE G 51 -40.73 48.15 -35.69
N SER G 52 -39.87 47.36 -36.32
CA SER G 52 -38.93 46.52 -35.58
C SER G 52 -37.80 47.37 -35.00
N TYR G 53 -36.90 46.69 -34.27
CA TYR G 53 -35.77 47.36 -33.66
C TYR G 53 -34.86 47.97 -34.72
N ASP G 54 -34.59 47.23 -35.80
CA ASP G 54 -33.74 47.72 -36.88
C ASP G 54 -34.53 48.32 -38.03
N GLY G 55 -35.85 48.30 -37.97
CA GLY G 55 -36.67 48.83 -39.04
C GLY G 55 -36.82 47.94 -40.25
N SER G 56 -36.32 46.70 -40.19
CA SER G 56 -36.37 45.82 -41.34
C SER G 56 -37.74 45.18 -41.54
N ASN G 57 -38.60 45.21 -40.53
CA ASN G 57 -39.91 44.58 -40.61
C ASN G 57 -40.96 45.49 -39.99
N LYS G 58 -42.18 45.38 -40.50
CA LYS G 58 -43.29 46.20 -40.02
C LYS G 58 -44.58 45.41 -40.11
N TYR G 59 -45.53 45.77 -39.26
CA TYR G 59 -46.86 45.16 -39.25
C TYR G 59 -47.89 46.24 -39.00
N TYR G 60 -48.98 46.21 -39.77
CA TYR G 60 -49.97 47.28 -39.77
C TYR G 60 -51.36 46.72 -39.54
N ALA G 61 -52.22 47.53 -38.93
CA ALA G 61 -53.64 47.23 -38.83
C ALA G 61 -54.39 47.88 -39.99
N ASP G 62 -55.46 47.23 -40.43
CA ASP G 62 -56.15 47.66 -41.64
C ASP G 62 -56.66 49.10 -41.55
N SER G 63 -57.12 49.54 -40.37
CA SER G 63 -57.61 50.90 -40.23
C SER G 63 -56.53 51.93 -40.56
N VAL G 64 -55.26 51.60 -40.32
CA VAL G 64 -54.16 52.49 -40.68
C VAL G 64 -53.30 51.93 -41.80
N LYS G 65 -53.45 50.65 -42.15
CA LYS G 65 -52.63 50.04 -43.19
C LYS G 65 -52.80 50.79 -44.50
N GLY G 66 -51.68 51.06 -45.17
CA GLY G 66 -51.70 51.80 -46.42
C GLY G 66 -51.75 53.30 -46.21
N ARG G 67 -52.70 53.76 -45.39
CA ARG G 67 -52.83 55.18 -45.13
C ARG G 67 -51.59 55.76 -44.46
N PHE G 68 -51.07 55.06 -43.45
CA PHE G 68 -49.97 55.55 -42.64
C PHE G 68 -48.74 54.66 -42.83
N THR G 69 -47.56 55.26 -42.73
CA THR G 69 -46.29 54.56 -42.82
C THR G 69 -45.43 54.93 -41.63
N ILE G 70 -44.65 53.97 -41.13
CA ILE G 70 -43.84 54.15 -39.94
C ILE G 70 -42.37 53.98 -40.30
N SER G 71 -41.53 54.86 -39.77
CA SER G 71 -40.09 54.79 -39.99
C SER G 71 -39.39 55.23 -38.71
N ARG G 72 -38.10 54.92 -38.61
CA ARG G 72 -37.33 55.22 -37.42
C ARG G 72 -35.93 55.67 -37.80
N ASP G 73 -35.30 56.41 -36.88
CA ASP G 73 -33.90 56.81 -36.97
C ASP G 73 -33.22 56.35 -35.69
N ASN G 74 -32.30 55.40 -35.81
CA ASN G 74 -31.62 54.83 -34.65
C ASN G 74 -30.44 55.68 -34.17
N SER G 75 -29.97 56.62 -34.99
CA SER G 75 -28.91 57.53 -34.55
C SER G 75 -29.46 58.70 -33.74
N LYS G 76 -30.64 59.20 -34.11
CA LYS G 76 -31.29 60.28 -33.40
C LYS G 76 -32.25 59.79 -32.32
N ASN G 77 -32.40 58.48 -32.15
CA ASN G 77 -33.30 57.93 -31.14
C ASN G 77 -34.71 58.47 -31.34
N THR G 78 -35.15 58.54 -32.59
CA THR G 78 -36.39 59.19 -32.96
C THR G 78 -37.25 58.25 -33.81
N LEU G 79 -38.56 58.46 -33.75
CA LEU G 79 -39.53 57.69 -34.49
C LEU G 79 -40.38 58.63 -35.34
N TYR G 80 -40.87 58.11 -36.47
CA TYR G 80 -41.65 58.90 -37.41
C TYR G 80 -42.87 58.12 -37.86
N LEU G 81 -43.91 58.86 -38.25
CA LEU G 81 -45.12 58.29 -38.84
C LEU G 81 -45.57 59.20 -39.96
N GLN G 82 -45.58 58.69 -41.19
CA GLN G 82 -46.02 59.44 -42.36
C GLN G 82 -47.47 59.08 -42.64
N MET G 83 -48.31 60.10 -42.82
CA MET G 83 -49.75 59.92 -42.85
C MET G 83 -50.33 60.49 -44.13
N ASN G 84 -51.37 59.82 -44.64
CA ASN G 84 -52.11 60.26 -45.81
C ASN G 84 -53.53 59.74 -45.70
N SER G 85 -54.40 60.26 -46.57
CA SER G 85 -55.81 59.85 -46.59
C SER G 85 -56.46 60.06 -45.22
N LEU G 86 -56.23 61.22 -44.64
CA LEU G 86 -56.78 61.53 -43.32
C LEU G 86 -58.27 61.85 -43.43
N ARG G 87 -58.95 61.78 -42.29
CA ARG G 87 -60.37 62.07 -42.19
C ARG G 87 -60.64 62.94 -40.96
N THR G 88 -61.87 63.41 -40.86
CA THR G 88 -62.26 64.17 -39.67
C THR G 88 -62.18 63.32 -38.41
N GLU G 89 -62.59 62.05 -38.51
CA GLU G 89 -62.51 61.15 -37.36
C GLU G 89 -61.07 60.96 -36.91
N ASP G 90 -60.10 61.15 -37.81
CA ASP G 90 -58.70 60.96 -37.45
C ASP G 90 -58.22 61.99 -36.43
N THR G 91 -59.01 63.05 -36.20
CA THR G 91 -58.69 64.03 -35.17
C THR G 91 -58.59 63.33 -33.82
N ALA G 92 -57.38 63.29 -33.25
CA ALA G 92 -57.16 62.60 -31.99
C ALA G 92 -55.79 62.98 -31.44
N VAL G 93 -55.49 62.45 -30.26
CA VAL G 93 -54.19 62.65 -29.60
C VAL G 93 -53.40 61.35 -29.73
N TYR G 94 -52.15 61.46 -30.18
CA TYR G 94 -51.34 60.31 -30.54
C TYR G 94 -50.16 60.18 -29.57
N TYR G 95 -49.96 58.96 -29.06
CA TYR G 95 -48.80 58.62 -28.26
C TYR G 95 -47.97 57.57 -28.99
N CYS G 96 -46.68 57.53 -28.68
CA CYS G 96 -45.79 56.48 -29.15
C CYS G 96 -45.17 55.76 -27.96
N ALA G 97 -44.95 54.45 -28.13
CA ALA G 97 -44.45 53.63 -27.04
C ALA G 97 -43.36 52.71 -27.57
N SER G 98 -42.65 52.06 -26.64
CA SER G 98 -41.54 51.19 -26.97
C SER G 98 -41.50 50.01 -26.00
N GLY G 99 -40.86 48.93 -26.43
CA GLY G 99 -40.55 47.84 -25.54
C GLY G 99 -39.33 48.15 -24.71
N SER G 100 -38.98 47.27 -23.76
CA SER G 100 -37.84 47.51 -22.89
C SER G 100 -37.36 46.17 -22.35
N ASP G 101 -36.53 46.21 -21.32
CA ASP G 101 -36.04 44.99 -20.68
C ASP G 101 -37.19 44.11 -20.20
N TYR G 102 -38.36 44.69 -19.91
CA TYR G 102 -39.51 43.88 -19.58
C TYR G 102 -39.93 42.98 -20.73
N GLY G 103 -39.92 43.51 -21.96
CA GLY G 103 -40.27 42.74 -23.13
C GLY G 103 -40.36 43.58 -24.39
N ASP G 104 -39.93 43.02 -25.52
CA ASP G 104 -39.95 43.77 -26.77
C ASP G 104 -41.36 43.93 -27.30
N TYR G 105 -42.31 43.14 -26.80
CA TYR G 105 -43.70 43.21 -27.23
C TYR G 105 -44.56 44.02 -26.26
N LEU G 106 -43.94 44.74 -25.33
CA LEU G 106 -44.66 45.57 -24.38
C LEU G 106 -44.66 47.03 -24.82
N LEU G 107 -45.76 47.73 -24.51
CA LEU G 107 -45.84 49.17 -24.67
C LEU G 107 -45.50 49.80 -23.31
N VAL G 108 -44.21 49.78 -22.99
CA VAL G 108 -43.78 50.10 -21.64
C VAL G 108 -43.83 51.60 -21.39
N TYR G 109 -43.05 52.37 -22.15
CA TYR G 109 -42.87 53.79 -21.90
C TYR G 109 -43.75 54.60 -22.85
N TRP G 110 -44.38 55.64 -22.31
CA TRP G 110 -45.31 56.47 -23.06
C TRP G 110 -44.93 57.94 -22.91
N GLY G 111 -45.13 58.71 -23.98
CA GLY G 111 -44.99 60.15 -23.91
C GLY G 111 -46.31 60.85 -23.67
N GLN G 112 -46.22 62.16 -23.42
CA GLN G 112 -47.42 62.94 -23.14
C GLN G 112 -48.36 63.00 -24.33
N GLY G 113 -47.86 62.79 -25.54
CA GLY G 113 -48.69 62.77 -26.74
C GLY G 113 -48.81 64.13 -27.39
N THR G 114 -49.38 64.13 -28.59
CA THR G 114 -49.61 65.33 -29.37
C THR G 114 -50.95 65.21 -30.09
N LEU G 115 -51.49 66.34 -30.51
CA LEU G 115 -52.84 66.42 -31.05
C LEU G 115 -52.79 66.62 -32.57
N VAL G 116 -53.73 66.00 -33.27
CA VAL G 116 -53.88 66.13 -34.71
C VAL G 116 -55.29 66.64 -35.02
N THR G 117 -55.38 67.65 -35.86
CA THR G 117 -56.65 68.26 -36.23
C THR G 117 -56.86 68.14 -37.74
N VAL G 118 -58.02 67.63 -38.13
CA VAL G 118 -58.38 67.46 -39.53
C VAL G 118 -59.80 67.97 -39.72
N SER G 119 -60.00 68.85 -40.70
CA SER G 119 -61.32 69.34 -41.04
C SER G 119 -61.23 70.09 -42.36
N SER G 120 -62.38 70.27 -43.01
CA SER G 120 -62.43 70.91 -44.31
C SER G 120 -62.54 72.42 -44.23
N ALA G 121 -62.73 73.00 -43.05
CA ALA G 121 -62.90 74.44 -42.91
C ALA G 121 -61.54 75.13 -42.90
N SER G 122 -61.57 76.46 -42.86
CA SER G 122 -60.37 77.28 -42.77
C SER G 122 -60.53 78.25 -41.62
N THR G 123 -59.46 78.99 -41.34
CA THR G 123 -59.39 79.84 -40.16
C THR G 123 -60.67 80.66 -39.98
N LYS G 124 -61.30 80.50 -38.83
CA LYS G 124 -62.53 81.20 -38.50
C LYS G 124 -62.57 81.42 -36.99
N GLY G 125 -63.27 82.48 -36.58
CA GLY G 125 -63.39 82.81 -35.17
C GLY G 125 -64.63 82.19 -34.55
N PRO G 126 -64.62 82.02 -33.23
CA PRO G 126 -65.76 81.40 -32.55
C PRO G 126 -66.86 82.41 -32.23
N SER G 127 -68.02 81.88 -31.88
CA SER G 127 -69.16 82.67 -31.44
C SER G 127 -69.69 82.11 -30.14
N VAL G 128 -70.15 83.01 -29.26
CA VAL G 128 -70.55 82.67 -27.91
C VAL G 128 -71.98 83.15 -27.69
N PHE G 129 -72.78 82.34 -26.98
CA PHE G 129 -74.17 82.65 -26.72
C PHE G 129 -74.48 82.44 -25.25
N PRO G 130 -75.14 83.40 -24.58
CA PRO G 130 -75.36 83.29 -23.13
C PRO G 130 -76.54 82.40 -22.77
N LEU G 131 -76.50 81.83 -21.57
CA LEU G 131 -77.61 81.06 -21.00
C LEU G 131 -78.03 81.77 -19.71
N ALA G 132 -79.14 82.49 -19.78
CA ALA G 132 -79.52 83.36 -18.67
C ALA G 132 -80.11 82.55 -17.52
N PRO G 133 -80.00 83.04 -16.30
CA PRO G 133 -80.70 82.39 -15.18
C PRO G 133 -82.19 82.62 -15.25
N SER G 134 -82.94 81.72 -14.63
CA SER G 134 -84.39 81.81 -14.63
C SER G 134 -84.94 81.03 -13.44
N SER G 135 -86.26 81.12 -13.25
CA SER G 135 -86.89 80.35 -12.20
C SER G 135 -86.68 78.86 -12.40
N LYS G 136 -86.58 78.42 -13.65
CA LYS G 136 -86.34 77.00 -13.94
C LYS G 136 -84.99 76.56 -13.37
N SER G 137 -83.96 77.38 -13.55
CA SER G 137 -82.63 77.02 -13.05
C SER G 137 -82.48 77.34 -11.58
N THR G 138 -83.23 78.31 -11.06
CA THR G 138 -83.11 78.69 -9.66
C THR G 138 -83.82 77.66 -8.79
N SER G 139 -83.12 77.17 -7.77
CA SER G 139 -83.70 76.20 -6.83
C SER G 139 -82.95 76.29 -5.52
N GLY G 140 -83.72 76.43 -4.43
CA GLY G 140 -83.12 76.55 -3.11
C GLY G 140 -82.24 77.76 -2.93
N GLY G 141 -82.54 78.85 -3.64
CA GLY G 141 -81.77 80.07 -3.54
C GLY G 141 -80.53 80.11 -4.40
N THR G 142 -80.21 79.03 -5.11
CA THR G 142 -79.04 78.96 -5.97
C THR G 142 -79.49 78.83 -7.42
N ALA G 143 -78.96 79.69 -8.28
CA ALA G 143 -79.29 79.70 -9.69
C ALA G 143 -78.05 79.37 -10.53
N ALA G 144 -78.29 78.76 -11.68
CA ALA G 144 -77.23 78.40 -12.61
C ALA G 144 -77.38 79.17 -13.91
N LEU G 145 -76.26 79.68 -14.41
CA LEU G 145 -76.21 80.37 -15.68
C LEU G 145 -74.94 79.97 -16.40
N GLY G 146 -74.99 79.95 -17.73
CA GLY G 146 -73.87 79.45 -18.50
C GLY G 146 -73.78 80.12 -19.86
N CYS G 147 -72.72 79.76 -20.59
CA CYS G 147 -72.48 80.24 -21.95
C CYS G 147 -72.21 79.05 -22.85
N LEU G 148 -72.60 79.16 -24.11
CA LEU G 148 -72.36 78.14 -25.10
C LEU G 148 -71.51 78.70 -26.23
N VAL G 149 -70.67 77.84 -26.81
CA VAL G 149 -69.71 78.24 -27.83
C VAL G 149 -70.03 77.52 -29.13
N LYS G 150 -70.13 78.29 -30.21
CA LYS G 150 -70.34 77.76 -31.55
C LYS G 150 -69.00 77.45 -32.19
N ASP G 151 -69.04 76.73 -33.32
CA ASP G 151 -67.85 76.13 -33.90
C ASP G 151 -66.89 77.20 -34.41
N TYR G 152 -65.76 76.74 -34.94
CA TYR G 152 -64.63 77.59 -35.28
C TYR G 152 -63.61 76.73 -36.01
N PHE G 153 -62.55 77.35 -36.49
CA PHE G 153 -61.45 76.57 -37.04
C PHE G 153 -60.14 77.31 -36.86
N PRO G 154 -59.06 76.63 -36.45
CA PRO G 154 -58.99 75.23 -35.98
C PRO G 154 -59.20 75.12 -34.47
N GLU G 155 -59.05 73.92 -33.92
CA GLU G 155 -59.10 73.74 -32.48
C GLU G 155 -57.83 74.30 -31.84
N PRO G 156 -57.83 74.53 -30.52
CA PRO G 156 -58.92 74.41 -29.55
C PRO G 156 -59.46 75.76 -29.07
N VAL G 157 -60.41 75.74 -28.13
CA VAL G 157 -60.87 76.94 -27.45
C VAL G 157 -61.05 76.60 -25.98
N THR G 158 -61.10 77.65 -25.15
CA THR G 158 -61.34 77.51 -23.73
C THR G 158 -62.26 78.63 -23.27
N VAL G 159 -62.89 78.43 -22.11
CA VAL G 159 -63.86 79.38 -21.58
C VAL G 159 -63.45 79.78 -20.17
N SER G 160 -63.77 81.02 -19.82
CA SER G 160 -63.51 81.55 -18.50
C SER G 160 -64.65 82.48 -18.12
N TRP G 161 -64.78 82.76 -16.83
CA TRP G 161 -65.89 83.53 -16.31
C TRP G 161 -65.39 84.64 -15.41
N ASN G 162 -66.20 85.70 -15.28
CA ASN G 162 -65.94 86.71 -14.27
C ASN G 162 -66.07 86.12 -12.87
N SER G 163 -66.71 84.95 -12.77
CA SER G 163 -66.76 84.23 -11.50
C SER G 163 -65.39 83.67 -11.10
N GLY G 164 -64.40 83.76 -11.98
CA GLY G 164 -63.04 83.46 -11.57
C GLY G 164 -62.58 84.33 -10.43
N ALA G 165 -62.99 85.60 -10.44
CA ALA G 165 -62.76 86.50 -9.32
C ALA G 165 -63.91 86.42 -8.31
N LEU G 166 -65.15 86.42 -8.80
CA LEU G 166 -66.32 86.18 -7.96
C LEU G 166 -66.42 84.66 -7.78
N THR G 167 -65.81 84.20 -6.69
CA THR G 167 -65.27 82.84 -6.59
C THR G 167 -66.31 81.72 -6.62
N SER G 168 -67.57 82.03 -6.88
CA SER G 168 -68.58 80.98 -6.93
C SER G 168 -68.15 79.87 -7.89
N GLY G 169 -68.71 78.67 -7.67
CA GLY G 169 -68.25 77.51 -8.41
C GLY G 169 -68.49 77.64 -9.90
N VAL G 170 -67.60 77.03 -10.67
CA VAL G 170 -67.62 77.09 -12.14
C VAL G 170 -67.36 75.70 -12.69
N HIS G 171 -68.04 75.37 -13.78
CA HIS G 171 -67.87 74.08 -14.46
C HIS G 171 -67.74 74.30 -15.95
N THR G 172 -66.79 73.58 -16.56
CA THR G 172 -66.62 73.57 -18.01
C THR G 172 -66.38 72.14 -18.44
N PHE G 173 -66.77 71.81 -19.68
CA PHE G 173 -66.81 70.44 -20.14
C PHE G 173 -66.01 70.28 -21.44
N PRO G 174 -65.44 69.10 -21.68
CA PRO G 174 -64.70 68.89 -22.93
C PRO G 174 -65.61 69.06 -24.15
N ALA G 175 -65.03 69.54 -25.23
CA ALA G 175 -65.80 69.80 -26.45
C ALA G 175 -66.19 68.49 -27.12
N VAL G 176 -67.28 68.56 -27.90
CA VAL G 176 -67.84 67.40 -28.59
C VAL G 176 -67.97 67.72 -30.07
N LEU G 177 -67.71 66.73 -30.91
CA LEU G 177 -67.68 66.93 -32.36
C LEU G 177 -69.11 67.09 -32.89
N GLN G 178 -69.35 68.18 -33.61
CA GLN G 178 -70.64 68.41 -34.24
C GLN G 178 -70.63 67.85 -35.66
N SER G 179 -71.81 67.83 -36.28
CA SER G 179 -71.93 67.36 -37.65
C SER G 179 -71.15 68.25 -38.62
N SER G 180 -70.85 69.49 -38.22
CA SER G 180 -70.11 70.41 -39.07
C SER G 180 -68.63 70.04 -39.18
N GLY G 181 -68.16 69.05 -38.42
CA GLY G 181 -66.75 68.73 -38.39
C GLY G 181 -65.95 69.55 -37.41
N LEU G 182 -66.61 70.27 -36.51
CA LEU G 182 -65.94 71.13 -35.55
C LEU G 182 -66.57 70.91 -34.17
N TYR G 183 -65.78 71.18 -33.14
CA TYR G 183 -66.13 70.84 -31.78
C TYR G 183 -66.77 72.02 -31.05
N SER G 184 -67.62 71.70 -30.08
CA SER G 184 -68.31 72.70 -29.26
C SER G 184 -68.38 72.21 -27.83
N LEU G 185 -68.42 73.16 -26.89
CA LEU G 185 -68.46 72.86 -25.47
C LEU G 185 -69.34 73.87 -24.76
N SER G 186 -69.65 73.57 -23.49
CA SER G 186 -70.48 74.44 -22.66
C SER G 186 -69.70 74.86 -21.42
N SER G 187 -70.10 76.01 -20.86
CA SER G 187 -69.53 76.52 -19.62
C SER G 187 -70.64 77.09 -18.76
N VAL G 188 -70.62 76.78 -17.47
CA VAL G 188 -71.69 77.16 -16.55
C VAL G 188 -71.08 77.65 -15.25
N VAL G 189 -71.85 78.48 -14.54
CA VAL G 189 -71.48 78.97 -13.21
C VAL G 189 -72.73 79.02 -12.36
N THR G 190 -72.59 78.61 -11.10
CA THR G 190 -73.69 78.62 -10.14
C THR G 190 -73.60 79.88 -9.28
N VAL G 191 -74.73 80.57 -9.15
CA VAL G 191 -74.75 81.88 -8.49
C VAL G 191 -75.90 81.93 -7.50
N PRO G 192 -75.84 82.80 -6.48
CA PRO G 192 -76.97 82.93 -5.54
C PRO G 192 -78.11 83.77 -6.10
N SER G 193 -79.28 83.65 -5.49
CA SER G 193 -80.44 84.41 -5.95
C SER G 193 -80.24 85.92 -5.77
N SER G 194 -79.65 86.33 -4.65
CA SER G 194 -79.51 87.75 -4.36
C SER G 194 -78.72 88.48 -5.44
N SER G 195 -77.68 87.84 -5.99
CA SER G 195 -76.86 88.49 -6.99
C SER G 195 -77.63 88.79 -8.27
N LEU G 196 -78.65 87.97 -8.57
CA LEU G 196 -79.43 88.18 -9.78
C LEU G 196 -80.08 89.56 -9.76
N GLY G 197 -79.88 90.33 -10.82
CA GLY G 197 -80.39 91.68 -10.89
C GLY G 197 -79.57 92.71 -10.15
N THR G 198 -78.44 92.32 -9.55
CA THR G 198 -77.59 93.23 -8.82
C THR G 198 -76.11 93.13 -9.17
N GLN G 199 -75.66 92.03 -9.76
CA GLN G 199 -74.27 91.85 -10.12
C GLN G 199 -74.17 91.30 -11.54
N THR G 200 -73.19 91.79 -12.29
CA THR G 200 -73.00 91.36 -13.67
C THR G 200 -72.18 90.09 -13.73
N TYR G 201 -72.55 89.19 -14.63
CA TYR G 201 -71.82 87.94 -14.87
C TYR G 201 -71.36 87.92 -16.32
N ILE G 202 -70.09 87.57 -16.54
CA ILE G 202 -69.48 87.64 -17.86
C ILE G 202 -68.68 86.37 -18.11
N CYS G 203 -68.75 85.86 -19.34
CA CYS G 203 -67.99 84.70 -19.77
C CYS G 203 -67.09 85.06 -20.94
N ASN G 204 -65.86 84.54 -20.91
CA ASN G 204 -64.85 84.84 -21.90
C ASN G 204 -64.42 83.55 -22.59
N VAL G 205 -64.23 83.61 -23.90
CA VAL G 205 -63.84 82.46 -24.71
C VAL G 205 -62.60 82.84 -25.52
N ASN G 206 -61.63 81.94 -25.57
CA ASN G 206 -60.33 82.19 -26.18
C ASN G 206 -60.16 81.27 -27.39
N HIS G 207 -59.56 81.81 -28.46
CA HIS G 207 -59.21 81.04 -29.65
C HIS G 207 -57.82 81.49 -30.09
N LYS G 208 -56.79 80.83 -29.57
CA LYS G 208 -55.42 81.25 -29.84
C LYS G 208 -55.03 81.18 -31.32
N PRO G 209 -55.36 80.12 -32.07
CA PRO G 209 -54.86 80.02 -33.44
C PRO G 209 -55.12 81.25 -34.30
N SER G 210 -56.18 82.01 -34.02
CA SER G 210 -56.46 83.25 -34.73
C SER G 210 -56.27 84.47 -33.84
N ASN G 211 -55.74 84.30 -32.63
CA ASN G 211 -55.53 85.42 -31.70
C ASN G 211 -56.84 86.17 -31.46
N THR G 212 -57.91 85.43 -31.20
CA THR G 212 -59.25 85.99 -31.08
C THR G 212 -59.82 85.67 -29.70
N LYS G 213 -60.46 86.65 -29.09
CA LYS G 213 -61.16 86.48 -27.83
C LYS G 213 -62.57 87.08 -27.96
N VAL G 214 -63.53 86.44 -27.29
CA VAL G 214 -64.93 86.86 -27.35
C VAL G 214 -65.47 86.91 -25.93
N ASP G 215 -66.17 87.99 -25.61
CA ASP G 215 -66.79 88.18 -24.30
C ASP G 215 -68.31 88.18 -24.45
N LYS G 216 -69.00 87.67 -23.45
CA LYS G 216 -70.45 87.65 -23.44
C LYS G 216 -70.96 87.81 -22.02
N LYS G 217 -72.00 88.63 -21.86
CA LYS G 217 -72.61 88.90 -20.57
C LYS G 217 -73.89 88.10 -20.44
N VAL G 218 -74.25 87.78 -19.19
CA VAL G 218 -75.46 87.04 -18.88
C VAL G 218 -76.31 87.90 -17.95
N GLU G 219 -77.58 88.08 -18.30
CA GLU G 219 -78.51 88.88 -17.51
C GLU G 219 -79.77 88.05 -17.26
N PRO G 220 -80.36 88.15 -16.08
CA PRO G 220 -81.54 87.31 -15.78
C PRO G 220 -82.69 87.57 -16.74
N LYS G 221 -83.42 86.51 -17.06
CA LYS G 221 -84.66 86.60 -17.80
C LYS G 221 -85.85 86.59 -16.85
N SER G 222 -86.99 87.07 -17.34
CA SER G 222 -88.21 87.06 -16.54
C SER G 222 -88.79 85.66 -16.37
N CYS G 223 -88.28 84.68 -17.11
CA CYS G 223 -88.80 83.31 -17.05
C CYS G 223 -88.75 82.77 -15.63
N GLN H 1 28.56 -3.09 -81.27
CA GLN H 1 27.78 -2.79 -80.04
C GLN H 1 28.06 -1.37 -79.57
N SER H 2 27.12 -0.81 -78.80
CA SER H 2 27.28 0.53 -78.26
C SER H 2 28.12 0.50 -76.99
N ALA H 3 29.44 0.39 -77.15
CA ALA H 3 30.33 0.30 -76.00
C ALA H 3 30.31 1.59 -75.19
N LEU H 4 30.40 1.45 -73.87
CA LEU H 4 30.35 2.61 -72.99
C LEU H 4 31.58 3.49 -73.21
N THR H 5 31.33 4.80 -73.32
CA THR H 5 32.42 5.73 -73.61
C THR H 5 33.41 5.78 -72.45
N GLN H 6 34.69 5.85 -72.80
CA GLN H 6 35.77 5.93 -71.82
C GLN H 6 36.88 6.79 -72.40
N PRO H 7 37.70 7.41 -71.54
CA PRO H 7 38.90 8.09 -72.04
C PRO H 7 39.91 7.08 -72.57
N ALA H 8 40.60 7.46 -73.65
CA ALA H 8 41.45 6.51 -74.35
C ALA H 8 42.59 6.00 -73.46
N SER H 9 43.24 6.89 -72.71
CA SER H 9 44.38 6.48 -71.91
C SER H 9 44.55 7.46 -70.75
N VAL H 10 45.18 6.98 -69.68
CA VAL H 10 45.56 7.80 -68.53
C VAL H 10 46.94 7.37 -68.08
N SER H 11 47.66 8.30 -67.44
CA SER H 11 49.02 8.02 -67.01
C SER H 11 49.33 8.83 -65.75
N GLY H 12 50.26 8.31 -64.96
CA GLY H 12 50.69 9.00 -63.76
C GLY H 12 51.92 8.33 -63.19
N SER H 13 52.71 9.11 -62.45
CA SER H 13 53.93 8.56 -61.87
C SER H 13 53.59 7.62 -60.73
N PRO H 14 54.51 6.71 -60.38
CA PRO H 14 54.23 5.78 -59.28
C PRO H 14 53.93 6.54 -57.99
N GLY H 15 52.92 6.06 -57.27
CA GLY H 15 52.47 6.70 -56.05
C GLY H 15 51.47 7.81 -56.24
N GLN H 16 51.18 8.20 -57.47
CA GLN H 16 50.20 9.25 -57.72
C GLN H 16 48.80 8.67 -57.79
N SER H 17 47.81 9.56 -57.87
CA SER H 17 46.41 9.17 -57.97
C SER H 17 45.82 9.72 -59.26
N ILE H 18 45.10 8.87 -59.97
CA ILE H 18 44.48 9.23 -61.24
C ILE H 18 43.04 8.74 -61.23
N THR H 19 42.23 9.30 -62.12
CA THR H 19 40.81 8.98 -62.21
C THR H 19 40.47 8.56 -63.63
N ILE H 20 39.51 7.65 -63.75
CA ILE H 20 39.00 7.17 -65.03
C ILE H 20 37.48 7.27 -65.00
N SER H 21 36.89 7.57 -66.15
CA SER H 21 35.45 7.80 -66.24
C SER H 21 34.82 6.89 -67.29
N CYS H 22 33.57 6.51 -67.04
CA CYS H 22 32.77 5.73 -67.97
C CYS H 22 31.38 6.36 -68.06
N THR H 23 30.83 6.37 -69.27
CA THR H 23 29.57 7.06 -69.54
C THR H 23 28.64 6.17 -70.34
N GLY H 24 27.34 6.36 -70.13
CA GLY H 24 26.31 5.72 -70.92
C GLY H 24 25.07 6.59 -70.97
N THR H 25 23.90 5.98 -71.02
CA THR H 25 22.66 6.75 -70.90
C THR H 25 22.40 7.06 -69.44
N SER H 26 21.53 8.05 -69.21
CA SER H 26 21.22 8.45 -67.84
C SER H 26 20.62 7.29 -67.06
N SER H 27 19.63 6.61 -67.62
CA SER H 27 18.98 5.50 -66.92
C SER H 27 19.92 4.32 -66.77
N ASP H 28 20.76 4.06 -67.78
CA ASP H 28 21.67 2.92 -67.70
C ASP H 28 22.60 3.05 -66.50
N VAL H 29 23.15 4.25 -66.29
CA VAL H 29 24.11 4.44 -65.20
C VAL H 29 23.38 4.60 -63.87
N GLY H 30 22.36 5.46 -63.82
CA GLY H 30 21.72 5.77 -62.56
C GLY H 30 20.82 4.65 -62.05
N GLY H 31 20.20 3.91 -62.96
CA GLY H 31 19.22 2.91 -62.58
C GLY H 31 19.77 1.76 -61.77
N TYR H 32 20.93 1.22 -62.14
CA TYR H 32 21.50 0.05 -61.51
C TYR H 32 22.82 0.40 -60.86
N ASN H 33 23.11 -0.28 -59.74
CA ASN H 33 24.37 -0.12 -59.02
C ASN H 33 25.37 -1.21 -59.37
N TYR H 34 25.22 -1.87 -60.52
CA TYR H 34 26.14 -2.93 -60.93
C TYR H 34 27.41 -2.38 -61.58
N VAL H 35 27.72 -1.11 -61.38
CA VAL H 35 28.92 -0.52 -61.96
C VAL H 35 30.13 -1.34 -61.56
N SER H 36 30.82 -1.91 -62.55
CA SER H 36 31.96 -2.77 -62.30
C SER H 36 33.02 -2.48 -63.36
N TRP H 37 34.27 -2.78 -63.02
CA TRP H 37 35.40 -2.48 -63.89
C TRP H 37 36.27 -3.72 -64.05
N TYR H 38 36.92 -3.82 -65.21
CA TYR H 38 37.72 -4.98 -65.57
C TYR H 38 39.15 -4.56 -65.83
N GLN H 39 40.07 -5.52 -65.76
CA GLN H 39 41.48 -5.29 -65.98
C GLN H 39 42.01 -6.33 -66.95
N GLN H 40 42.81 -5.90 -67.92
CA GLN H 40 43.37 -6.78 -68.94
C GLN H 40 44.78 -6.31 -69.29
N HIS H 41 45.78 -7.10 -68.93
CA HIS H 41 47.13 -6.84 -69.40
C HIS H 41 47.32 -7.38 -70.80
N PRO H 42 48.30 -6.88 -71.55
CA PRO H 42 48.54 -7.41 -72.89
C PRO H 42 48.83 -8.91 -72.86
N GLY H 43 48.26 -9.62 -73.83
CA GLY H 43 48.47 -11.04 -73.95
C GLY H 43 47.72 -11.89 -72.94
N LYS H 44 46.68 -11.35 -72.29
CA LYS H 44 45.91 -12.09 -71.31
C LYS H 44 44.43 -11.74 -71.43
N ALA H 45 43.60 -12.54 -70.78
CA ALA H 45 42.17 -12.32 -70.81
C ALA H 45 41.76 -11.28 -69.76
N PRO H 46 40.60 -10.64 -69.93
CA PRO H 46 40.17 -9.64 -68.94
C PRO H 46 39.88 -10.27 -67.60
N LYS H 47 40.06 -9.46 -66.55
CA LYS H 47 39.74 -9.85 -65.18
C LYS H 47 38.93 -8.73 -64.51
N LEU H 48 38.07 -9.12 -63.58
CA LEU H 48 37.22 -8.18 -62.86
C LEU H 48 37.65 -8.12 -61.41
N MET H 49 38.04 -6.92 -60.94
CA MET H 49 38.18 -6.75 -59.49
C MET H 49 37.47 -5.45 -59.10
N ILE H 50 36.14 -5.50 -59.14
CA ILE H 50 35.23 -4.54 -58.49
C ILE H 50 33.86 -5.17 -58.56
N TYR H 51 33.00 -4.82 -57.61
CA TYR H 51 31.59 -5.15 -57.71
C TYR H 51 30.77 -4.23 -56.81
N ASP H 52 29.49 -4.12 -57.13
CA ASP H 52 28.56 -3.27 -56.40
C ASP H 52 29.13 -1.85 -56.26
N VAL H 53 29.56 -1.31 -57.40
CA VAL H 53 30.07 0.05 -57.52
C VAL H 53 31.46 0.17 -56.91
N SER H 54 31.60 -0.17 -55.63
CA SER H 54 32.84 0.11 -54.91
C SER H 54 33.43 -1.08 -54.17
N LYS H 55 32.73 -2.21 -54.08
CA LYS H 55 33.28 -3.34 -53.37
C LYS H 55 34.38 -4.02 -54.19
N ARG H 56 35.18 -4.83 -53.52
CA ARG H 56 36.35 -5.45 -54.14
C ARG H 56 36.37 -6.94 -53.85
N PRO H 57 36.82 -7.76 -54.80
CA PRO H 57 37.01 -9.19 -54.50
C PRO H 57 38.19 -9.44 -53.59
N SER H 58 38.23 -10.65 -53.04
CA SER H 58 39.37 -11.08 -52.25
C SER H 58 40.58 -11.34 -53.14
N GLY H 59 41.76 -11.33 -52.54
CA GLY H 59 42.98 -11.55 -53.28
C GLY H 59 43.35 -10.41 -54.21
N VAL H 60 42.94 -9.20 -53.90
CA VAL H 60 43.17 -8.04 -54.76
C VAL H 60 43.77 -6.92 -53.92
N SER H 61 44.68 -6.15 -54.53
CA SER H 61 45.22 -4.98 -53.87
C SER H 61 44.12 -3.95 -53.64
N ASN H 62 44.20 -3.26 -52.51
CA ASN H 62 43.19 -2.27 -52.16
C ASN H 62 43.29 -0.99 -52.99
N ARG H 63 44.32 -0.87 -53.83
CA ARG H 63 44.59 0.37 -54.54
C ARG H 63 43.59 0.65 -55.65
N PHE H 64 42.68 -0.27 -55.94
CA PHE H 64 41.66 -0.10 -56.97
C PHE H 64 40.30 0.09 -56.31
N SER H 65 39.59 1.15 -56.71
CA SER H 65 38.28 1.46 -56.17
C SER H 65 37.43 2.11 -57.25
N GLY H 66 36.15 1.72 -57.30
CA GLY H 66 35.20 2.27 -58.24
C GLY H 66 34.16 3.13 -57.54
N SER H 67 33.54 4.02 -58.30
CA SER H 67 32.58 4.96 -57.74
C SER H 67 31.52 5.28 -58.78
N LYS H 68 30.37 5.74 -58.29
CA LYS H 68 29.25 6.16 -59.13
C LYS H 68 28.71 7.49 -58.59
N SER H 69 28.30 8.36 -59.51
CA SER H 69 27.76 9.66 -59.12
C SER H 69 26.66 10.02 -60.13
N GLY H 70 25.41 9.87 -59.70
CA GLY H 70 24.28 10.18 -60.56
C GLY H 70 24.30 9.43 -61.86
N ASN H 71 24.51 10.15 -62.96
CA ASN H 71 24.52 9.56 -64.30
C ASN H 71 25.92 9.18 -64.77
N THR H 72 26.92 9.26 -63.90
CA THR H 72 28.31 9.04 -64.27
C THR H 72 28.91 7.93 -63.42
N ALA H 73 29.82 7.17 -64.02
CA ALA H 73 30.59 6.13 -63.33
C ALA H 73 32.07 6.40 -63.54
N SER H 74 32.87 6.03 -62.55
CA SER H 74 34.29 6.35 -62.58
C SER H 74 35.11 5.25 -61.92
N LEU H 75 36.39 5.20 -62.28
CA LEU H 75 37.37 4.33 -61.67
C LEU H 75 38.56 5.15 -61.21
N THR H 76 39.05 4.85 -60.00
CA THR H 76 40.13 5.61 -59.39
C THR H 76 41.20 4.66 -58.88
N ILE H 77 42.46 4.96 -59.19
CA ILE H 77 43.61 4.21 -58.70
C ILE H 77 44.50 5.18 -57.94
N SER H 78 44.82 4.82 -56.69
CA SER H 78 45.70 5.62 -55.84
C SER H 78 46.89 4.77 -55.44
N GLY H 79 48.08 5.36 -55.53
CA GLY H 79 49.29 4.60 -55.32
C GLY H 79 49.67 3.80 -56.54
N LEU H 80 49.95 4.48 -57.65
CA LEU H 80 50.23 3.82 -58.90
C LEU H 80 51.50 2.99 -58.80
N GLN H 81 51.50 1.84 -59.48
CA GLN H 81 52.65 0.95 -59.54
C GLN H 81 52.79 0.43 -60.96
N SER H 82 54.01 0.02 -61.31
CA SER H 82 54.28 -0.46 -62.67
C SER H 82 53.37 -1.61 -63.04
N GLU H 83 52.96 -2.42 -62.07
CA GLU H 83 52.08 -3.54 -62.36
C GLU H 83 50.70 -3.06 -62.83
N ASP H 84 50.34 -1.82 -62.53
CA ASP H 84 49.01 -1.33 -62.87
C ASP H 84 48.83 -1.16 -64.37
N GLU H 85 49.92 -1.14 -65.14
CA GLU H 85 49.82 -0.91 -66.58
C GLU H 85 48.94 -1.96 -67.24
N ALA H 86 47.78 -1.54 -67.74
CA ALA H 86 46.83 -2.46 -68.37
C ALA H 86 45.67 -1.64 -68.90
N ASP H 87 44.77 -2.33 -69.61
CA ASP H 87 43.57 -1.73 -70.16
C ASP H 87 42.39 -2.02 -69.23
N TYR H 88 41.62 -0.99 -68.92
CA TYR H 88 40.51 -1.09 -67.98
C TYR H 88 39.20 -0.80 -68.70
N TYR H 89 38.18 -1.60 -68.40
CA TYR H 89 36.88 -1.52 -69.06
C TYR H 89 35.78 -1.41 -68.03
N CYS H 90 34.67 -0.78 -68.41
CA CYS H 90 33.51 -0.63 -67.55
C CYS H 90 32.35 -1.46 -68.09
N ASN H 91 31.49 -1.92 -67.18
CA ASN H 91 30.35 -2.74 -67.51
C ASN H 91 29.10 -2.17 -66.86
N SER H 92 27.95 -2.40 -67.49
CA SER H 92 26.67 -1.93 -66.98
C SER H 92 25.56 -2.84 -67.46
N LEU H 93 24.45 -2.85 -66.72
CA LEU H 93 23.24 -3.54 -67.11
C LEU H 93 22.25 -2.50 -67.62
N THR H 94 21.98 -2.52 -68.92
CA THR H 94 21.20 -1.48 -69.56
C THR H 94 19.72 -1.62 -69.22
N SER H 95 18.97 -0.55 -69.49
CA SER H 95 17.52 -0.60 -69.39
C SER H 95 16.91 -1.58 -70.37
N ILE H 96 17.68 -2.00 -71.39
CA ILE H 96 17.25 -3.06 -72.30
C ILE H 96 17.21 -4.41 -71.62
N SER H 97 17.70 -4.51 -70.38
CA SER H 97 17.75 -5.76 -69.60
C SER H 97 18.91 -6.65 -70.03
N THR H 98 19.90 -6.10 -70.73
CA THR H 98 21.07 -6.84 -71.15
C THR H 98 22.32 -6.06 -70.77
N TRP H 99 23.46 -6.74 -70.82
CA TRP H 99 24.73 -6.18 -70.39
C TRP H 99 25.44 -5.48 -71.56
N VAL H 100 26.29 -4.53 -71.21
CA VAL H 100 27.11 -3.81 -72.19
C VAL H 100 28.47 -3.54 -71.57
N PHE H 101 29.50 -3.44 -72.41
CA PHE H 101 30.87 -3.25 -71.98
C PHE H 101 31.42 -1.93 -72.49
N GLY H 102 32.50 -1.46 -71.85
CA GLY H 102 33.06 -0.18 -72.20
C GLY H 102 34.13 -0.28 -73.27
N GLY H 103 34.49 0.88 -73.82
CA GLY H 103 35.49 0.96 -74.86
C GLY H 103 36.92 0.74 -74.40
N GLY H 104 37.20 0.98 -73.12
CA GLY H 104 38.50 0.70 -72.55
C GLY H 104 39.29 1.96 -72.27
N THR H 105 40.26 1.82 -71.36
CA THR H 105 41.17 2.91 -71.01
C THR H 105 42.51 2.28 -70.66
N LYS H 106 43.56 2.65 -71.38
CA LYS H 106 44.87 2.04 -71.22
C LYS H 106 45.71 2.88 -70.28
N LEU H 107 46.34 2.24 -69.29
CA LEU H 107 47.11 2.91 -68.26
C LEU H 107 48.59 2.67 -68.49
N THR H 108 49.36 3.75 -68.51
CA THR H 108 50.82 3.71 -68.58
C THR H 108 51.38 4.51 -67.43
N VAL H 109 52.32 3.93 -66.69
CA VAL H 109 52.87 4.52 -65.49
C VAL H 109 54.17 5.23 -65.85
N LEU H 110 54.29 6.49 -65.44
CA LEU H 110 55.45 7.30 -65.76
C LEU H 110 56.54 7.12 -64.70
N GLY H 111 57.21 5.97 -64.70
CA GLY H 111 58.27 5.72 -63.75
C GLY H 111 59.59 6.37 -64.09
N ARG H 112 59.81 6.76 -65.33
CA ARG H 112 61.07 7.34 -65.77
C ARG H 112 60.81 8.58 -66.62
N THR H 113 61.87 9.35 -66.84
CA THR H 113 61.74 10.63 -67.53
C THR H 113 61.35 10.42 -68.99
N VAL H 114 60.61 11.39 -69.54
CA VAL H 114 60.22 11.34 -70.94
C VAL H 114 61.45 11.57 -71.81
N ALA H 115 61.50 10.89 -72.96
CA ALA H 115 62.66 10.91 -73.83
C ALA H 115 62.28 11.32 -75.23
N ALA H 116 63.21 11.98 -75.92
CA ALA H 116 63.00 12.33 -77.32
C ALA H 116 63.19 11.09 -78.19
N PRO H 117 62.42 10.91 -79.26
CA PRO H 117 62.49 9.68 -80.04
C PRO H 117 63.57 9.71 -81.11
N SER H 118 63.99 8.52 -81.52
CA SER H 118 64.88 8.32 -82.65
C SER H 118 64.05 7.82 -83.83
N VAL H 119 64.17 8.50 -84.97
CA VAL H 119 63.29 8.28 -86.11
C VAL H 119 64.13 7.91 -87.33
N PHE H 120 63.65 6.92 -88.08
CA PHE H 120 64.31 6.49 -89.31
C PHE H 120 63.26 6.29 -90.39
N ILE H 121 63.70 6.38 -91.65
CA ILE H 121 62.82 6.25 -92.80
C ILE H 121 63.47 5.33 -93.82
N PHE H 122 62.66 4.53 -94.51
CA PHE H 122 63.15 3.54 -95.46
C PHE H 122 62.39 3.66 -96.77
N PRO H 123 63.07 3.78 -97.91
CA PRO H 123 62.36 3.79 -99.20
C PRO H 123 61.94 2.39 -99.61
N PRO H 124 61.13 2.26 -100.66
CA PRO H 124 60.80 0.92 -101.16
C PRO H 124 62.01 0.24 -101.79
N SER H 125 61.96 -1.09 -101.85
CA SER H 125 63.03 -1.88 -102.43
C SER H 125 62.77 -2.13 -103.91
N ASP H 126 63.84 -2.45 -104.64
CA ASP H 126 63.72 -2.74 -106.06
C ASP H 126 62.86 -3.96 -106.30
N GLU H 127 63.04 -5.01 -105.50
CA GLU H 127 62.28 -6.25 -105.72
C GLU H 127 60.79 -6.03 -105.52
N GLN H 128 60.39 -5.27 -104.51
CA GLN H 128 58.97 -4.99 -104.32
C GLN H 128 58.42 -4.20 -105.51
N LEU H 129 59.19 -3.24 -106.03
CA LEU H 129 58.81 -2.57 -107.26
C LEU H 129 58.77 -3.56 -108.42
N LYS H 130 59.67 -4.54 -108.44
CA LYS H 130 59.57 -5.62 -109.42
C LYS H 130 58.28 -6.39 -109.24
N SER H 131 57.88 -6.63 -107.99
CA SER H 131 56.59 -7.27 -107.73
C SER H 131 55.43 -6.40 -108.23
N GLY H 132 55.50 -5.09 -108.00
CA GLY H 132 54.51 -4.18 -108.52
C GLY H 132 53.85 -3.29 -107.48
N THR H 133 54.45 -3.21 -106.28
CA THR H 133 53.92 -2.40 -105.21
C THR H 133 55.05 -1.64 -104.52
N ALA H 134 54.71 -0.51 -103.92
CA ALA H 134 55.66 0.35 -103.23
C ALA H 134 55.22 0.54 -101.79
N SER H 135 56.14 0.32 -100.84
CA SER H 135 55.87 0.45 -99.43
C SER H 135 56.97 1.30 -98.79
N VAL H 136 56.58 2.21 -97.91
CA VAL H 136 57.51 3.10 -97.21
C VAL H 136 57.31 2.90 -95.72
N VAL H 137 58.42 2.77 -94.99
CA VAL H 137 58.41 2.42 -93.58
C VAL H 137 59.13 3.50 -92.79
N CYS H 138 58.52 3.92 -91.69
CA CYS H 138 59.14 4.83 -90.73
C CYS H 138 59.22 4.12 -89.38
N LEU H 139 60.36 4.26 -88.71
CA LEU H 139 60.66 3.49 -87.51
C LEU H 139 60.98 4.42 -86.35
N LEU H 140 60.35 4.17 -85.20
CA LEU H 140 60.65 4.85 -83.95
C LEU H 140 61.26 3.85 -82.99
N ASN H 141 62.42 4.20 -82.42
CA ASN H 141 63.19 3.28 -81.60
C ASN H 141 63.44 3.86 -80.22
N ASN H 142 63.17 3.06 -79.19
CA ASN H 142 63.54 3.35 -77.81
C ASN H 142 63.07 4.74 -77.39
N PHE H 143 61.76 4.91 -77.35
CA PHE H 143 61.14 6.14 -76.88
C PHE H 143 60.13 5.82 -75.79
N TYR H 144 60.03 6.72 -74.81
CA TYR H 144 59.18 6.53 -73.65
C TYR H 144 58.54 7.87 -73.34
N PRO H 145 57.24 7.91 -72.99
CA PRO H 145 56.30 6.79 -72.84
C PRO H 145 55.86 6.18 -74.17
N ARG H 146 55.04 5.13 -74.09
CA ARG H 146 54.70 4.36 -75.28
C ARG H 146 53.89 5.18 -76.28
N GLU H 147 52.97 6.01 -75.81
CA GLU H 147 52.08 6.74 -76.70
C GLU H 147 52.85 7.74 -77.54
N ALA H 148 52.55 7.78 -78.84
CA ALA H 148 53.18 8.72 -79.75
C ALA H 148 52.33 8.83 -81.01
N LYS H 149 52.56 9.89 -81.77
CA LYS H 149 51.86 10.15 -83.02
C LYS H 149 52.86 10.35 -84.15
N VAL H 150 52.48 9.93 -85.36
CA VAL H 150 53.33 10.02 -86.54
C VAL H 150 52.52 10.62 -87.67
N GLN H 151 53.20 11.28 -88.60
CA GLN H 151 52.59 11.86 -89.78
C GLN H 151 53.37 11.45 -91.02
N TRP H 152 52.66 11.28 -92.13
CA TRP H 152 53.24 10.84 -93.39
C TRP H 152 53.05 11.93 -94.43
N LYS H 153 54.13 12.25 -95.15
CA LYS H 153 54.11 13.29 -96.18
C LYS H 153 54.86 12.80 -97.41
N VAL H 154 54.21 12.94 -98.57
CA VAL H 154 54.82 12.59 -99.86
C VAL H 154 54.84 13.85 -100.71
N ASP H 155 56.02 14.24 -101.17
CA ASP H 155 56.20 15.51 -101.86
C ASP H 155 55.70 16.66 -101.00
N ASN H 156 55.85 16.50 -99.68
CA ASN H 156 55.40 17.42 -98.64
C ASN H 156 53.88 17.51 -98.56
N ALA H 157 53.14 16.53 -99.08
CA ALA H 157 51.69 16.51 -98.99
C ALA H 157 51.25 15.48 -97.96
N LEU H 158 50.48 15.92 -96.98
CA LEU H 158 50.06 15.05 -95.88
C LEU H 158 49.23 13.89 -96.41
N GLN H 159 49.44 12.71 -95.84
CA GLN H 159 48.76 11.49 -96.26
C GLN H 159 47.79 11.02 -95.20
N SER H 160 46.96 10.05 -95.57
CA SER H 160 45.97 9.48 -94.66
C SER H 160 45.40 8.21 -95.30
N GLY H 161 44.69 7.45 -94.48
CA GLY H 161 43.94 6.28 -94.98
C GLY H 161 44.73 5.01 -95.20
N ASN H 162 45.77 5.06 -96.03
CA ASN H 162 46.53 3.88 -96.43
C ASN H 162 47.76 3.66 -95.55
N SER H 163 47.72 4.08 -94.29
CA SER H 163 48.84 3.93 -93.37
C SER H 163 48.39 3.17 -92.13
N GLN H 164 49.30 2.36 -91.58
CA GLN H 164 49.04 1.58 -90.39
C GLN H 164 50.21 1.70 -89.44
N GLU H 165 49.95 1.43 -88.16
CA GLU H 165 50.94 1.57 -87.10
C GLU H 165 50.98 0.32 -86.24
N SER H 166 52.16 0.04 -85.69
CA SER H 166 52.35 -1.08 -84.77
C SER H 166 53.45 -0.70 -83.78
N VAL H 167 53.42 -1.35 -82.62
CA VAL H 167 54.34 -1.04 -81.53
C VAL H 167 54.89 -2.36 -80.97
N THR H 168 56.09 -2.30 -80.41
CA THR H 168 56.72 -3.48 -79.86
C THR H 168 56.40 -3.64 -78.38
N GLU H 169 57.09 -4.58 -77.74
CA GLU H 169 57.04 -4.71 -76.30
C GLU H 169 58.09 -3.81 -75.65
N GLN H 170 58.17 -3.86 -74.32
CA GLN H 170 59.11 -3.01 -73.60
C GLN H 170 60.54 -3.51 -73.76
N ASP H 171 61.48 -2.59 -73.60
CA ASP H 171 62.90 -2.91 -73.54
C ASP H 171 63.37 -2.79 -72.10
N SER H 172 63.95 -3.87 -71.57
CA SER H 172 64.37 -3.90 -70.18
C SER H 172 65.63 -3.09 -69.92
N LYS H 173 66.40 -2.76 -70.96
CA LYS H 173 67.64 -2.02 -70.75
C LYS H 173 67.38 -0.58 -70.33
N ASP H 174 66.35 0.06 -70.92
CA ASP H 174 66.02 1.42 -70.54
C ASP H 174 64.52 1.67 -70.42
N SER H 175 63.69 0.64 -70.40
CA SER H 175 62.24 0.76 -70.18
C SER H 175 61.53 1.53 -71.28
N THR H 176 62.09 1.55 -72.49
CA THR H 176 61.48 2.27 -73.60
C THR H 176 60.73 1.31 -74.51
N TYR H 177 60.22 1.83 -75.63
CA TYR H 177 59.48 1.04 -76.60
C TYR H 177 59.89 1.47 -78.01
N SER H 178 59.35 0.78 -79.01
CA SER H 178 59.59 1.09 -80.41
C SER H 178 58.28 0.99 -81.19
N LEU H 179 58.14 1.84 -82.21
CA LEU H 179 56.95 1.91 -83.03
C LEU H 179 57.35 1.88 -84.49
N SER H 180 56.53 1.21 -85.31
CA SER H 180 56.73 1.13 -86.75
C SER H 180 55.45 1.53 -87.47
N SER H 181 55.60 2.22 -88.59
CA SER H 181 54.47 2.61 -89.43
C SER H 181 54.82 2.33 -90.88
N THR H 182 53.80 1.97 -91.66
CA THR H 182 53.97 1.63 -93.06
C THR H 182 52.95 2.38 -93.90
N LEU H 183 53.38 2.84 -95.08
CA LEU H 183 52.53 3.53 -96.02
C LEU H 183 52.42 2.70 -97.29
N THR H 184 51.20 2.49 -97.75
CA THR H 184 50.92 1.62 -98.89
C THR H 184 50.64 2.47 -100.12
N LEU H 185 51.28 2.11 -101.24
CA LEU H 185 51.12 2.82 -102.49
C LEU H 185 51.30 1.85 -103.65
N SER H 186 50.82 2.26 -104.82
CA SER H 186 51.01 1.51 -106.06
C SER H 186 52.21 2.08 -106.81
N LYS H 187 52.72 1.29 -107.76
CA LYS H 187 53.95 1.66 -108.45
C LYS H 187 53.78 2.96 -109.24
N ALA H 188 52.62 3.15 -109.87
CA ALA H 188 52.41 4.35 -110.67
C ALA H 188 52.52 5.61 -109.82
N ASP H 189 51.86 5.62 -108.65
CA ASP H 189 51.94 6.79 -107.78
C ASP H 189 53.36 6.99 -107.26
N TYR H 190 54.06 5.90 -106.96
CA TYR H 190 55.46 6.00 -106.54
C TYR H 190 56.31 6.67 -107.61
N GLU H 191 56.10 6.28 -108.88
CA GLU H 191 56.82 6.92 -109.96
C GLU H 191 56.41 8.38 -110.12
N LYS H 192 55.14 8.70 -109.86
CA LYS H 192 54.70 10.09 -109.97
C LYS H 192 55.45 10.99 -109.00
N HIS H 193 55.66 10.52 -107.77
CA HIS H 193 56.22 11.35 -106.72
C HIS H 193 57.74 11.24 -106.70
N LYS H 194 58.37 12.12 -105.93
CA LYS H 194 59.82 12.21 -105.87
C LYS H 194 60.35 12.13 -104.45
N VAL H 195 59.62 12.72 -103.50
CA VAL H 195 60.10 12.89 -102.13
C VAL H 195 59.14 12.18 -101.17
N TYR H 196 59.68 11.72 -100.05
CA TYR H 196 58.91 11.06 -99.01
C TYR H 196 59.46 11.48 -97.65
N ALA H 197 58.62 11.44 -96.62
CA ALA H 197 59.04 11.83 -95.28
C ALA H 197 58.05 11.30 -94.26
N CYS H 198 58.54 11.12 -93.03
CA CYS H 198 57.70 10.79 -91.89
C CYS H 198 58.05 11.72 -90.73
N GLU H 199 57.00 12.19 -90.04
CA GLU H 199 57.15 13.18 -88.98
C GLU H 199 56.53 12.63 -87.72
N VAL H 200 57.21 12.80 -86.59
CA VAL H 200 56.83 12.20 -85.32
C VAL H 200 56.56 13.30 -84.30
N THR H 201 55.50 13.11 -83.51
CA THR H 201 55.17 14.00 -82.41
C THR H 201 55.15 13.20 -81.11
N HIS H 202 55.75 13.76 -80.06
CA HIS H 202 55.87 13.05 -78.79
C HIS H 202 55.89 14.07 -77.65
N GLN H 203 55.55 13.60 -76.45
CA GLN H 203 55.57 14.48 -75.29
C GLN H 203 56.97 14.92 -74.91
N GLY H 204 58.00 14.24 -75.43
CA GLY H 204 59.37 14.63 -75.18
C GLY H 204 59.91 15.68 -76.11
N LEU H 205 59.06 16.25 -76.96
CA LEU H 205 59.47 17.24 -77.94
C LEU H 205 58.61 18.49 -77.83
N SER H 206 59.19 19.62 -78.19
CA SER H 206 58.40 20.84 -78.39
C SER H 206 57.93 20.98 -79.83
N SER H 207 58.70 20.45 -80.77
CA SER H 207 58.34 20.45 -82.19
C SER H 207 58.62 19.05 -82.75
N PRO H 208 57.93 18.67 -83.82
CA PRO H 208 58.09 17.30 -84.35
C PRO H 208 59.50 17.06 -84.88
N VAL H 209 59.85 15.77 -84.94
CA VAL H 209 61.10 15.32 -85.54
C VAL H 209 60.78 14.76 -86.92
N THR H 210 61.46 15.27 -87.95
CA THR H 210 61.17 14.96 -89.34
C THR H 210 62.36 14.28 -89.99
N LYS H 211 62.10 13.16 -90.67
CA LYS H 211 63.09 12.47 -91.48
C LYS H 211 62.52 12.29 -92.88
N SER H 212 63.36 12.47 -93.89
CA SER H 212 62.91 12.42 -95.28
C SER H 212 64.02 11.89 -96.16
N PHE H 213 63.62 11.39 -97.33
CA PHE H 213 64.55 10.96 -98.36
C PHE H 213 64.02 11.38 -99.73
N ASN H 214 64.94 11.51 -100.67
CA ASN H 214 64.61 11.86 -102.06
C ASN H 214 64.86 10.64 -102.92
N ARG H 215 63.94 10.38 -103.85
CA ARG H 215 64.04 9.18 -104.67
C ARG H 215 65.30 9.13 -105.51
N GLY H 216 65.90 10.29 -105.81
CA GLY H 216 67.10 10.31 -106.62
C GLY H 216 68.39 10.01 -105.89
N GLU H 217 68.37 10.02 -104.55
CA GLU H 217 69.58 9.79 -103.77
C GLU H 217 69.91 8.32 -103.59
N CYS H 218 69.01 7.42 -103.96
CA CYS H 218 69.27 5.99 -103.85
C CYS H 218 69.98 5.47 -105.09
N GLN I 1 41.36 -22.74 -56.33
CA GLN I 1 41.39 -21.74 -57.45
C GLN I 1 40.17 -21.89 -58.35
N VAL I 2 39.60 -20.77 -58.75
CA VAL I 2 38.48 -20.76 -59.69
C VAL I 2 39.05 -20.77 -61.10
N GLN I 3 38.61 -21.74 -61.91
CA GLN I 3 39.20 -21.98 -63.21
C GLN I 3 38.15 -21.93 -64.31
N LEU I 4 38.45 -21.19 -65.36
CA LEU I 4 37.73 -21.23 -66.62
C LEU I 4 38.75 -21.32 -67.75
N VAL I 5 38.58 -22.29 -68.65
CA VAL I 5 39.53 -22.54 -69.71
C VAL I 5 38.78 -22.59 -71.04
N GLU I 6 39.22 -21.77 -71.99
CA GLU I 6 38.64 -21.75 -73.32
C GLU I 6 39.58 -22.47 -74.30
N SER I 7 38.99 -23.26 -75.19
CA SER I 7 39.76 -24.06 -76.13
C SER I 7 38.97 -24.20 -77.42
N GLY I 8 39.66 -24.60 -78.49
CA GLY I 8 39.05 -24.85 -79.77
C GLY I 8 39.22 -23.74 -80.80
N GLY I 9 40.03 -22.73 -80.51
CA GLY I 9 40.23 -21.64 -81.45
C GLY I 9 40.83 -22.10 -82.76
N GLY I 10 40.45 -21.45 -83.86
CA GLY I 10 40.96 -21.82 -85.17
C GLY I 10 40.69 -20.74 -86.18
N VAL I 11 41.31 -20.88 -87.35
CA VAL I 11 41.14 -19.95 -88.47
C VAL I 11 40.17 -20.57 -89.46
N VAL I 12 39.20 -19.78 -89.93
CA VAL I 12 38.08 -20.31 -90.69
C VAL I 12 37.72 -19.33 -91.80
N GLN I 13 37.07 -19.84 -92.84
CA GLN I 13 36.58 -19.05 -93.96
C GLN I 13 35.25 -18.39 -93.61
N PRO I 14 34.96 -17.20 -94.15
CA PRO I 14 33.64 -16.59 -93.91
C PRO I 14 32.48 -17.44 -94.41
N GLY I 15 31.27 -17.12 -93.97
CA GLY I 15 30.07 -17.79 -94.44
C GLY I 15 29.75 -19.09 -93.74
N ARG I 16 30.76 -19.88 -93.36
CA ARG I 16 30.53 -21.17 -92.71
C ARG I 16 30.47 -20.99 -91.19
N SER I 17 30.55 -22.09 -90.45
CA SER I 17 30.40 -22.06 -89.01
C SER I 17 31.68 -22.52 -88.32
N LEU I 18 31.85 -22.07 -87.08
CA LEU I 18 32.97 -22.48 -86.24
C LEU I 18 32.46 -22.65 -84.81
N ARG I 19 33.16 -23.50 -84.05
CA ARG I 19 32.71 -23.87 -82.70
C ARG I 19 33.85 -23.66 -81.71
N LEU I 20 33.50 -23.19 -80.52
CA LEU I 20 34.44 -22.97 -79.43
C LEU I 20 33.91 -23.63 -78.17
N SER I 21 34.83 -23.95 -77.26
CA SER I 21 34.50 -24.69 -76.04
C SER I 21 35.04 -23.96 -74.81
N CYS I 22 34.42 -24.25 -73.67
CA CYS I 22 34.87 -23.74 -72.38
C CYS I 22 34.69 -24.81 -71.32
N ALA I 23 35.65 -24.90 -70.40
CA ALA I 23 35.60 -25.83 -69.28
C ALA I 23 35.65 -25.02 -67.98
N ALA I 24 34.92 -25.49 -66.97
CA ALA I 24 34.79 -24.79 -65.71
C ALA I 24 35.06 -25.72 -64.53
N SER I 25 35.77 -25.20 -63.53
CA SER I 25 36.05 -25.94 -62.31
C SER I 25 36.42 -24.97 -61.22
N GLY I 26 36.33 -25.43 -59.97
CA GLY I 26 36.68 -24.62 -58.82
C GLY I 26 35.58 -23.73 -58.28
N PHE I 27 34.43 -23.69 -58.95
CA PHE I 27 33.30 -22.89 -58.48
C PHE I 27 32.01 -23.60 -58.86
N THR I 28 30.92 -23.18 -58.23
CA THR I 28 29.63 -23.86 -58.37
C THR I 28 29.07 -23.54 -59.76
N PHE I 29 29.63 -24.21 -60.76
CA PHE I 29 29.26 -23.98 -62.15
C PHE I 29 27.76 -24.21 -62.36
N SER I 30 27.17 -25.15 -61.62
CA SER I 30 25.76 -25.46 -61.81
C SER I 30 24.87 -24.33 -61.29
N ASN I 31 25.29 -23.64 -60.24
CA ASN I 31 24.43 -22.63 -59.62
C ASN I 31 24.37 -21.35 -60.42
N TYR I 32 25.46 -20.98 -61.11
CA TYR I 32 25.58 -19.69 -61.76
C TYR I 32 25.45 -19.83 -63.28
N ALA I 33 25.02 -18.74 -63.91
CA ALA I 33 24.94 -18.68 -65.35
C ALA I 33 26.34 -18.51 -65.95
N MET I 34 26.41 -18.62 -67.27
CA MET I 34 27.66 -18.52 -68.02
C MET I 34 27.55 -17.45 -69.09
N TYR I 35 28.68 -16.81 -69.40
CA TYR I 35 28.74 -15.74 -70.37
C TYR I 35 29.94 -15.93 -71.28
N TRP I 36 29.85 -15.35 -72.48
CA TRP I 36 30.96 -15.26 -73.41
C TRP I 36 31.18 -13.80 -73.79
N VAL I 37 32.43 -13.44 -74.02
CA VAL I 37 32.81 -12.09 -74.42
C VAL I 37 33.88 -12.18 -75.49
N ARG I 38 33.76 -11.36 -76.53
CA ARG I 38 34.69 -11.34 -77.64
C ARG I 38 35.32 -9.96 -77.74
N GLN I 39 36.58 -9.94 -78.20
CA GLN I 39 37.37 -8.72 -78.27
C GLN I 39 38.07 -8.62 -79.61
N ALA I 40 37.89 -7.50 -80.30
CA ALA I 40 38.72 -7.22 -81.46
C ALA I 40 40.12 -6.84 -81.01
N PRO I 41 41.17 -7.33 -81.69
CA PRO I 41 42.54 -7.09 -81.22
C PRO I 41 42.83 -5.63 -80.91
N GLY I 42 43.10 -5.33 -79.63
CA GLY I 42 43.46 -4.00 -79.20
C GLY I 42 42.30 -3.08 -78.86
N LYS I 43 41.06 -3.50 -79.11
CA LYS I 43 39.90 -2.67 -78.87
C LYS I 43 39.19 -3.12 -77.59
N GLY I 44 38.00 -2.54 -77.35
CA GLY I 44 37.23 -2.87 -76.18
C GLY I 44 36.55 -4.22 -76.26
N LEU I 45 35.71 -4.53 -75.28
CA LEU I 45 35.05 -5.82 -75.18
C LEU I 45 33.62 -5.71 -75.68
N GLU I 46 33.15 -6.77 -76.35
CA GLU I 46 31.80 -6.84 -76.87
C GLU I 46 31.11 -8.09 -76.34
N TRP I 47 29.79 -7.99 -76.18
CA TRP I 47 29.02 -8.95 -75.39
C TRP I 47 28.52 -10.11 -76.24
N VAL I 48 28.32 -11.25 -75.60
CA VAL I 48 27.75 -12.44 -76.23
C VAL I 48 26.65 -12.97 -75.33
N ALA I 49 25.80 -13.82 -75.91
CA ALA I 49 24.59 -14.31 -75.24
C ALA I 49 24.93 -15.03 -73.94
N VAL I 50 23.88 -15.31 -73.16
CA VAL I 50 24.00 -15.90 -71.83
C VAL I 50 23.14 -17.17 -71.78
N ILE I 51 23.51 -18.09 -70.89
CA ILE I 51 22.78 -19.33 -70.68
C ILE I 51 22.50 -19.47 -69.19
N SER I 52 21.32 -20.00 -68.85
CA SER I 52 20.89 -20.07 -67.47
C SER I 52 21.75 -21.04 -66.67
N TYR I 53 21.57 -21.01 -65.35
CA TYR I 53 22.37 -21.84 -64.46
C TYR I 53 22.15 -23.33 -64.77
N ASP I 54 20.90 -23.73 -64.99
CA ASP I 54 20.60 -25.12 -65.32
C ASP I 54 20.82 -25.44 -66.79
N GLY I 55 21.06 -24.43 -67.64
CA GLY I 55 21.22 -24.66 -69.05
C GLY I 55 19.93 -24.85 -69.82
N SER I 56 18.78 -24.66 -69.17
CA SER I 56 17.50 -24.90 -69.82
C SER I 56 17.01 -23.70 -70.62
N ASN I 57 17.67 -22.55 -70.50
CA ASN I 57 17.22 -21.33 -71.16
C ASN I 57 18.43 -20.49 -71.56
N LYS I 58 18.19 -19.57 -72.49
CA LYS I 58 19.22 -18.64 -72.94
C LYS I 58 18.54 -17.39 -73.49
N TYR I 59 19.31 -16.30 -73.57
CA TYR I 59 18.83 -15.03 -74.09
C TYR I 59 19.82 -14.51 -75.12
N TYR I 60 19.31 -13.77 -76.10
CA TYR I 60 20.11 -13.27 -77.20
C TYR I 60 19.98 -11.76 -77.31
N ALA I 61 20.91 -11.15 -78.04
CA ALA I 61 20.90 -9.72 -78.33
C ALA I 61 21.30 -9.51 -79.78
N ASP I 62 21.03 -8.30 -80.28
CA ASP I 62 21.29 -8.00 -81.69
C ASP I 62 22.75 -8.21 -82.06
N SER I 63 23.66 -8.17 -81.09
CA SER I 63 25.07 -8.37 -81.41
C SER I 63 25.36 -9.77 -81.94
N VAL I 64 24.69 -10.79 -81.39
CA VAL I 64 25.06 -12.17 -81.69
C VAL I 64 23.83 -13.01 -82.05
N LYS I 65 22.65 -12.42 -82.01
CA LYS I 65 21.43 -13.19 -82.24
C LYS I 65 21.47 -13.87 -83.61
N GLY I 66 21.06 -15.15 -83.62
CA GLY I 66 21.02 -15.91 -84.85
C GLY I 66 22.33 -16.61 -85.18
N ARG I 67 23.41 -15.84 -85.25
CA ARG I 67 24.69 -16.39 -85.69
C ARG I 67 25.34 -17.26 -84.61
N PHE I 68 25.09 -16.95 -83.33
CA PHE I 68 25.77 -17.60 -82.23
C PHE I 68 24.82 -18.56 -81.51
N THR I 69 25.30 -19.76 -81.21
CA THR I 69 24.56 -20.76 -80.48
C THR I 69 25.35 -21.16 -79.25
N ILE I 70 24.66 -21.34 -78.12
CA ILE I 70 25.30 -21.63 -76.84
C ILE I 70 24.55 -22.76 -76.15
N SER I 71 25.31 -23.69 -75.56
CA SER I 71 24.74 -24.77 -74.77
C SER I 71 25.80 -25.25 -73.79
N ARG I 72 25.34 -25.74 -72.64
CA ARG I 72 26.23 -26.15 -71.56
C ARG I 72 25.87 -27.56 -71.09
N ASP I 73 26.89 -28.36 -70.81
CA ASP I 73 26.73 -29.72 -70.31
C ASP I 73 26.88 -29.69 -68.80
N ASN I 74 25.76 -29.81 -68.09
CA ASN I 74 25.77 -29.76 -66.63
C ASN I 74 26.32 -31.03 -66.01
N SER I 75 26.53 -32.10 -66.78
CA SER I 75 27.10 -33.33 -66.26
C SER I 75 28.63 -33.34 -66.32
N LYS I 76 29.25 -32.39 -67.03
CA LYS I 76 30.69 -32.30 -67.12
C LYS I 76 31.23 -30.92 -66.82
N ASN I 77 30.39 -29.96 -66.40
CA ASN I 77 30.82 -28.58 -66.18
C ASN I 77 31.50 -28.03 -67.43
N THR I 78 30.90 -28.31 -68.58
CA THR I 78 31.45 -27.92 -69.87
C THR I 78 30.47 -26.99 -70.58
N LEU I 79 31.00 -26.04 -71.34
CA LEU I 79 30.21 -25.06 -72.06
C LEU I 79 30.70 -24.99 -73.51
N TYR I 80 29.75 -24.80 -74.42
CA TYR I 80 30.05 -24.75 -75.85
C TYR I 80 29.45 -23.48 -76.45
N LEU I 81 30.17 -22.90 -77.40
CA LEU I 81 29.69 -21.75 -78.17
C LEU I 81 30.01 -22.00 -79.63
N GLN I 82 28.99 -21.92 -80.49
CA GLN I 82 29.13 -22.15 -81.92
C GLN I 82 28.75 -20.88 -82.68
N MET I 83 29.58 -20.51 -83.65
CA MET I 83 29.35 -19.35 -84.49
C MET I 83 28.98 -19.81 -85.89
N ASN I 84 27.98 -19.16 -86.48
CA ASN I 84 27.50 -19.50 -87.81
C ASN I 84 27.37 -18.23 -88.63
N SER I 85 27.47 -18.40 -89.95
CA SER I 85 27.50 -17.26 -90.88
C SER I 85 28.66 -16.32 -90.54
N LEU I 86 29.86 -16.87 -90.65
CA LEU I 86 31.05 -16.17 -90.21
C LEU I 86 31.32 -14.93 -91.06
N ARG I 87 32.07 -13.99 -90.48
CA ARG I 87 32.46 -12.76 -91.17
C ARG I 87 33.90 -12.43 -90.80
N THR I 88 34.45 -11.41 -91.46
CA THR I 88 35.79 -10.96 -91.13
C THR I 88 35.83 -10.32 -89.75
N GLU I 89 34.72 -9.72 -89.31
CA GLU I 89 34.68 -9.12 -87.98
C GLU I 89 34.73 -10.17 -86.89
N ASP I 90 34.57 -11.45 -87.25
CA ASP I 90 34.69 -12.52 -86.26
C ASP I 90 36.14 -12.78 -85.89
N THR I 91 37.09 -12.05 -86.49
CA THR I 91 38.49 -12.16 -86.09
C THR I 91 38.67 -11.49 -84.75
N ALA I 92 38.61 -12.28 -83.67
CA ALA I 92 38.60 -11.72 -82.32
C ALA I 92 39.03 -12.79 -81.34
N VAL I 93 39.32 -12.37 -80.11
CA VAL I 93 39.66 -13.27 -79.02
C VAL I 93 38.44 -13.42 -78.14
N TYR I 94 38.07 -14.66 -77.84
CA TYR I 94 36.84 -14.98 -77.14
C TYR I 94 37.16 -15.48 -75.73
N TYR I 95 36.30 -15.12 -74.78
CA TYR I 95 36.54 -15.40 -73.37
C TYR I 95 35.30 -16.04 -72.75
N CYS I 96 35.53 -16.87 -71.74
CA CYS I 96 34.47 -17.57 -71.03
C CYS I 96 34.39 -17.04 -69.61
N ALA I 97 33.19 -16.63 -69.20
CA ALA I 97 33.02 -15.93 -67.93
C ALA I 97 31.83 -16.53 -67.18
N SER I 98 31.71 -16.13 -65.90
CA SER I 98 30.65 -16.61 -65.03
C SER I 98 30.46 -15.64 -63.87
N GLY I 99 29.40 -15.86 -63.11
CA GLY I 99 29.14 -15.09 -61.90
C GLY I 99 29.75 -15.72 -60.68
N SER I 100 29.40 -15.17 -59.52
CA SER I 100 29.93 -15.63 -58.24
C SER I 100 29.03 -15.14 -57.12
N ASP I 101 29.50 -15.28 -55.88
CA ASP I 101 28.75 -14.79 -54.72
C ASP I 101 28.50 -13.29 -54.80
N TYR I 102 29.36 -12.55 -55.50
CA TYR I 102 29.16 -11.12 -55.67
C TYR I 102 27.94 -10.80 -56.53
N GLY I 103 27.38 -11.79 -57.20
CA GLY I 103 26.19 -11.60 -58.01
C GLY I 103 26.24 -12.38 -59.31
N ASP I 104 25.18 -13.14 -59.59
CA ASP I 104 25.09 -13.84 -60.86
C ASP I 104 24.93 -12.88 -62.03
N TYR I 105 24.63 -11.61 -61.76
CA TYR I 105 24.45 -10.59 -62.78
C TYR I 105 25.77 -9.94 -63.20
N LEU I 106 26.90 -10.44 -62.74
CA LEU I 106 28.21 -9.93 -63.12
C LEU I 106 29.07 -11.05 -63.68
N LEU I 107 29.92 -10.71 -64.64
CA LEU I 107 30.90 -11.64 -65.18
C LEU I 107 32.14 -11.57 -64.31
N VAL I 108 32.14 -12.36 -63.24
CA VAL I 108 33.15 -12.24 -62.19
C VAL I 108 34.41 -13.01 -62.54
N TYR I 109 34.28 -14.30 -62.84
CA TYR I 109 35.42 -15.17 -63.11
C TYR I 109 35.66 -15.25 -64.61
N TRP I 110 36.92 -15.19 -65.00
CA TRP I 110 37.32 -15.22 -66.40
C TRP I 110 38.45 -16.21 -66.60
N GLY I 111 38.59 -16.69 -67.82
CA GLY I 111 39.59 -17.70 -68.12
C GLY I 111 40.87 -17.14 -68.73
N GLN I 112 41.34 -17.79 -69.81
CA GLN I 112 42.57 -17.39 -70.47
C GLN I 112 42.39 -17.00 -71.93
N GLY I 113 41.28 -17.37 -72.57
CA GLY I 113 40.95 -16.88 -73.88
C GLY I 113 41.34 -17.84 -75.00
N THR I 114 40.66 -17.67 -76.14
CA THR I 114 40.94 -18.42 -77.35
C THR I 114 40.84 -17.47 -78.54
N LEU I 115 41.51 -17.82 -79.63
CA LEU I 115 41.68 -16.94 -80.78
C LEU I 115 40.96 -17.48 -82.01
N VAL I 116 40.43 -16.58 -82.83
CA VAL I 116 39.81 -16.93 -84.10
C VAL I 116 40.22 -15.89 -85.13
N THR I 117 40.54 -16.36 -86.34
CA THR I 117 40.95 -15.49 -87.43
C THR I 117 40.14 -15.86 -88.67
N VAL I 118 39.78 -14.85 -89.47
CA VAL I 118 38.94 -15.03 -90.65
C VAL I 118 39.48 -14.16 -91.77
N SER I 119 39.48 -14.71 -92.99
CA SER I 119 39.85 -13.95 -94.18
C SER I 119 39.25 -14.65 -95.40
N SER I 120 39.11 -13.88 -96.48
CA SER I 120 38.59 -14.44 -97.72
C SER I 120 39.67 -15.05 -98.59
N ALA I 121 40.94 -14.85 -98.25
CA ALA I 121 42.02 -15.35 -99.09
C ALA I 121 42.34 -16.80 -98.77
N SER I 122 42.74 -17.54 -99.79
CA SER I 122 43.15 -18.93 -99.59
C SER I 122 44.53 -18.99 -98.96
N THR I 123 44.87 -20.17 -98.43
CA THR I 123 46.17 -20.35 -97.80
C THR I 123 47.29 -20.14 -98.82
N LYS I 124 48.30 -19.37 -98.43
CA LYS I 124 49.41 -19.05 -99.33
C LYS I 124 50.63 -18.70 -98.50
N GLY I 125 51.79 -18.72 -99.16
CA GLY I 125 53.04 -18.41 -98.51
C GLY I 125 53.32 -16.92 -98.53
N PRO I 126 54.10 -16.43 -97.56
CA PRO I 126 54.37 -15.00 -97.47
C PRO I 126 55.51 -14.59 -98.41
N SER I 127 55.67 -13.27 -98.53
CA SER I 127 56.75 -12.66 -99.30
C SER I 127 57.46 -11.62 -98.46
N VAL I 128 58.77 -11.52 -98.64
CA VAL I 128 59.61 -10.65 -97.83
C VAL I 128 60.40 -9.75 -98.76
N PHE I 129 60.56 -8.48 -98.37
CA PHE I 129 61.33 -7.52 -99.14
C PHE I 129 62.20 -6.72 -98.18
N PRO I 130 63.37 -6.27 -98.64
CA PRO I 130 64.33 -5.65 -97.70
C PRO I 130 64.17 -4.15 -97.54
N LEU I 131 64.70 -3.61 -96.45
CA LEU I 131 64.80 -2.17 -96.20
C LEU I 131 66.26 -1.89 -95.88
N ALA I 132 67.00 -1.38 -96.87
CA ALA I 132 68.45 -1.26 -96.73
C ALA I 132 68.82 -0.20 -95.70
N PRO I 133 69.96 -0.35 -95.03
CA PRO I 133 70.47 0.75 -94.22
C PRO I 133 70.81 1.94 -95.09
N SER I 134 70.67 3.14 -94.52
CA SER I 134 70.80 4.35 -95.29
C SER I 134 71.35 5.46 -94.41
N SER I 135 71.84 6.52 -95.06
CA SER I 135 72.32 7.69 -94.32
C SER I 135 71.23 8.27 -93.43
N LYS I 136 69.97 8.17 -93.87
CA LYS I 136 68.86 8.66 -93.05
C LYS I 136 68.73 7.83 -91.77
N SER I 137 68.87 6.51 -91.87
CA SER I 137 68.71 5.66 -90.69
C SER I 137 69.90 5.77 -89.76
N THR I 138 71.08 6.09 -90.29
CA THR I 138 72.28 6.18 -89.47
C THR I 138 72.19 7.40 -88.56
N SER I 139 72.20 7.17 -87.26
CA SER I 139 72.11 8.24 -86.27
C SER I 139 72.96 7.89 -85.06
N GLY I 140 73.83 8.81 -84.67
CA GLY I 140 74.70 8.58 -83.52
C GLY I 140 75.61 7.37 -83.67
N GLY I 141 75.94 6.99 -84.90
CA GLY I 141 76.76 5.83 -85.15
C GLY I 141 76.02 4.52 -85.23
N THR I 142 74.71 4.51 -84.99
CA THR I 142 73.89 3.30 -85.03
C THR I 142 72.93 3.40 -86.21
N ALA I 143 72.95 2.38 -87.06
CA ALA I 143 72.13 2.35 -88.27
C ALA I 143 71.07 1.27 -88.15
N ALA I 144 69.90 1.55 -88.72
CA ALA I 144 68.76 0.66 -88.66
C ALA I 144 68.46 0.09 -90.05
N LEU I 145 68.31 -1.23 -90.11
CA LEU I 145 67.92 -1.91 -91.33
C LEU I 145 66.84 -2.93 -90.97
N GLY I 146 65.96 -3.20 -91.91
CA GLY I 146 64.82 -4.07 -91.64
C GLY I 146 64.31 -4.76 -92.89
N CYS I 147 63.39 -5.69 -92.68
CA CYS I 147 62.72 -6.42 -93.74
C CYS I 147 61.21 -6.21 -93.60
N LEU I 148 60.54 -6.05 -94.74
CA LEU I 148 59.10 -5.88 -94.76
C LEU I 148 58.43 -7.12 -95.35
N VAL I 149 57.46 -7.66 -94.63
CA VAL I 149 56.76 -8.88 -95.02
C VAL I 149 55.45 -8.48 -95.67
N LYS I 150 55.15 -9.08 -96.82
CA LYS I 150 53.93 -8.81 -97.55
C LYS I 150 52.85 -9.81 -97.18
N ASP I 151 51.68 -9.64 -97.80
CA ASP I 151 50.44 -10.25 -97.34
C ASP I 151 50.45 -11.77 -97.48
N TYR I 152 49.61 -12.41 -96.68
CA TYR I 152 49.48 -13.85 -96.66
C TYR I 152 48.32 -14.22 -95.76
N PHE I 153 48.02 -15.52 -95.68
CA PHE I 153 47.01 -16.03 -94.77
C PHE I 153 47.19 -17.54 -94.66
N PRO I 154 46.98 -18.12 -93.46
CA PRO I 154 46.66 -17.49 -92.17
C PRO I 154 47.87 -17.27 -91.27
N GLU I 155 47.62 -16.75 -90.08
CA GLU I 155 48.65 -16.62 -89.06
C GLU I 155 48.97 -18.00 -88.47
N PRO I 156 50.09 -18.13 -87.75
CA PRO I 156 51.10 -17.12 -87.39
C PRO I 156 52.36 -17.18 -88.22
N VAL I 157 53.33 -16.31 -87.91
CA VAL I 157 54.63 -16.30 -88.55
C VAL I 157 55.68 -15.92 -87.50
N THR I 158 56.93 -16.28 -87.80
CA THR I 158 58.06 -15.90 -86.96
C THR I 158 59.19 -15.44 -87.86
N VAL I 159 60.06 -14.60 -87.32
CA VAL I 159 61.13 -13.96 -88.07
C VAL I 159 62.46 -14.24 -87.40
N SER I 160 63.53 -14.19 -88.19
CA SER I 160 64.88 -14.44 -87.71
C SER I 160 65.86 -13.56 -88.48
N TRP I 161 67.07 -13.44 -87.96
CA TRP I 161 68.09 -12.59 -88.53
C TRP I 161 69.46 -13.21 -88.32
N ASN I 162 70.44 -12.75 -89.09
CA ASN I 162 71.81 -13.22 -88.91
C ASN I 162 72.32 -12.87 -87.52
N SER I 163 71.78 -11.82 -86.91
CA SER I 163 72.18 -11.46 -85.55
C SER I 163 71.65 -12.45 -84.53
N GLY I 164 70.77 -13.37 -84.96
CA GLY I 164 70.19 -14.31 -84.02
C GLY I 164 71.22 -15.15 -83.29
N ALA I 165 72.38 -15.39 -83.93
CA ALA I 165 73.44 -16.15 -83.27
C ALA I 165 73.84 -15.54 -81.94
N LEU I 166 73.76 -14.22 -81.81
CA LEU I 166 73.95 -13.54 -80.53
C LEU I 166 72.93 -12.38 -80.51
N THR I 167 71.77 -12.66 -79.93
CA THR I 167 70.62 -11.75 -80.01
C THR I 167 70.95 -10.39 -79.41
N SER I 168 70.79 -9.33 -80.21
CA SER I 168 71.00 -7.97 -79.73
C SER I 168 70.54 -7.00 -80.81
N GLY I 169 69.78 -5.99 -80.38
CA GLY I 169 69.35 -4.93 -81.28
C GLY I 169 68.34 -5.32 -82.32
N VAL I 170 67.50 -6.33 -82.04
CA VAL I 170 66.48 -6.79 -82.98
C VAL I 170 65.12 -6.37 -82.46
N HIS I 171 64.32 -5.76 -83.34
CA HIS I 171 62.96 -5.36 -83.01
C HIS I 171 62.01 -5.92 -84.07
N THR I 172 60.99 -6.63 -83.62
CA THR I 172 59.94 -7.16 -84.49
C THR I 172 58.60 -6.63 -84.02
N PHE I 173 57.73 -6.31 -84.98
CA PHE I 173 56.46 -5.66 -84.66
C PHE I 173 55.30 -6.61 -84.91
N PRO I 174 54.27 -6.61 -84.06
CA PRO I 174 53.13 -7.50 -84.30
C PRO I 174 52.50 -7.26 -85.66
N ALA I 175 52.06 -8.34 -86.30
CA ALA I 175 51.49 -8.24 -87.63
C ALA I 175 50.20 -7.43 -87.60
N VAL I 176 49.94 -6.71 -88.69
CA VAL I 176 48.76 -5.86 -88.83
C VAL I 176 47.96 -6.35 -90.02
N LEU I 177 46.63 -6.39 -89.86
CA LEU I 177 45.74 -6.74 -90.96
C LEU I 177 45.64 -5.57 -91.92
N GLN I 178 46.15 -5.74 -93.13
CA GLN I 178 46.13 -4.67 -94.12
C GLN I 178 44.74 -4.53 -94.72
N SER I 179 44.56 -3.45 -95.49
CA SER I 179 43.29 -3.22 -96.18
C SER I 179 42.97 -4.35 -97.14
N SER I 180 43.96 -5.10 -97.59
CA SER I 180 43.72 -6.21 -98.51
C SER I 180 42.98 -7.36 -97.83
N GLY I 181 42.90 -7.33 -96.50
CA GLY I 181 42.34 -8.44 -95.76
C GLY I 181 43.36 -9.50 -95.38
N LEU I 182 44.65 -9.18 -95.47
CA LEU I 182 45.71 -10.12 -95.16
C LEU I 182 46.75 -9.41 -94.31
N TYR I 183 47.69 -10.19 -93.77
CA TYR I 183 48.55 -9.73 -92.69
C TYR I 183 49.95 -9.38 -93.19
N SER I 184 50.48 -8.28 -92.65
CA SER I 184 51.84 -7.83 -92.95
C SER I 184 52.50 -7.40 -91.64
N LEU I 185 53.83 -7.44 -91.64
CA LEU I 185 54.61 -7.11 -90.44
C LEU I 185 55.94 -6.52 -90.84
N SER I 186 56.60 -5.87 -89.88
CA SER I 186 57.91 -5.28 -90.08
C SER I 186 58.89 -5.82 -89.05
N SER I 187 60.09 -6.17 -89.52
CA SER I 187 61.16 -6.65 -88.66
C SER I 187 62.43 -5.87 -88.95
N VAL I 188 63.06 -5.34 -87.91
CA VAL I 188 64.23 -4.49 -88.05
C VAL I 188 65.30 -4.93 -87.06
N VAL I 189 66.55 -4.60 -87.40
CA VAL I 189 67.70 -4.87 -86.53
C VAL I 189 68.63 -3.67 -86.61
N THR I 190 69.20 -3.29 -85.47
CA THR I 190 70.10 -2.16 -85.37
C THR I 190 71.55 -2.63 -85.41
N VAL I 191 72.39 -1.90 -86.14
CA VAL I 191 73.79 -2.28 -86.33
C VAL I 191 74.66 -1.02 -86.27
N PRO I 192 75.95 -1.14 -85.95
CA PRO I 192 76.83 0.04 -85.94
C PRO I 192 77.18 0.51 -87.33
N SER I 193 77.60 1.77 -87.46
CA SER I 193 77.94 2.32 -88.76
C SER I 193 79.14 1.62 -89.38
N SER I 194 80.15 1.28 -88.58
CA SER I 194 81.39 0.73 -89.12
C SER I 194 81.14 -0.56 -89.90
N SER I 195 80.09 -1.30 -89.54
CA SER I 195 79.84 -2.59 -90.19
C SER I 195 79.23 -2.42 -91.59
N LEU I 196 78.67 -1.24 -91.88
CA LEU I 196 77.97 -1.04 -93.13
C LEU I 196 78.89 -1.30 -94.32
N GLY I 197 78.34 -1.93 -95.35
CA GLY I 197 79.10 -2.24 -96.55
C GLY I 197 79.94 -3.50 -96.42
N THR I 198 80.74 -3.58 -95.35
CA THR I 198 81.59 -4.74 -95.16
C THR I 198 80.80 -5.96 -94.69
N GLN I 199 79.61 -5.75 -94.12
CA GLN I 199 78.80 -6.82 -93.57
C GLN I 199 77.47 -6.89 -94.30
N THR I 200 77.09 -8.10 -94.72
CA THR I 200 75.79 -8.35 -95.32
C THR I 200 74.83 -8.89 -94.28
N TYR I 201 73.58 -8.43 -94.35
CA TYR I 201 72.55 -8.80 -93.39
C TYR I 201 71.42 -9.49 -94.12
N ILE I 202 70.97 -10.62 -93.56
CA ILE I 202 69.95 -11.46 -94.19
C ILE I 202 68.87 -11.75 -93.15
N CYS I 203 67.62 -11.78 -93.61
CA CYS I 203 66.47 -12.06 -92.76
C CYS I 203 65.69 -13.23 -93.35
N ASN I 204 65.05 -14.00 -92.47
CA ASN I 204 64.26 -15.16 -92.87
C ASN I 204 62.93 -15.13 -92.14
N VAL I 205 61.88 -15.57 -92.82
CA VAL I 205 60.52 -15.58 -92.28
C VAL I 205 59.99 -17.00 -92.34
N ASN I 206 59.31 -17.42 -91.28
CA ASN I 206 58.76 -18.76 -91.16
C ASN I 206 57.24 -18.70 -91.14
N HIS I 207 56.61 -19.67 -91.81
CA HIS I 207 55.15 -19.72 -91.94
C HIS I 207 54.73 -21.18 -91.76
N LYS I 208 54.26 -21.51 -90.56
CA LYS I 208 53.92 -22.91 -90.27
C LYS I 208 52.62 -23.37 -90.91
N PRO I 209 51.57 -22.55 -91.01
CA PRO I 209 50.31 -23.06 -91.58
C PRO I 209 50.49 -23.68 -92.95
N SER I 210 51.35 -23.14 -93.80
CA SER I 210 51.67 -23.71 -95.10
C SER I 210 53.01 -24.43 -95.11
N ASN I 211 53.66 -24.55 -93.95
CA ASN I 211 54.98 -25.17 -93.87
C ASN I 211 55.94 -24.56 -94.88
N THR I 212 56.06 -23.23 -94.83
CA THR I 212 56.83 -22.47 -95.80
C THR I 212 57.90 -21.65 -95.07
N LYS I 213 59.08 -21.58 -95.66
CA LYS I 213 60.19 -20.79 -95.15
C LYS I 213 60.72 -19.90 -96.27
N VAL I 214 61.02 -18.65 -95.93
CA VAL I 214 61.48 -17.67 -96.90
C VAL I 214 62.73 -16.98 -96.37
N ASP I 215 63.68 -16.73 -97.26
CA ASP I 215 64.90 -16.02 -96.93
C ASP I 215 65.04 -14.80 -97.83
N LYS I 216 65.42 -13.67 -97.25
CA LYS I 216 65.58 -12.44 -98.00
C LYS I 216 66.85 -11.72 -97.58
N LYS I 217 67.45 -10.99 -98.52
CA LYS I 217 68.75 -10.37 -98.34
C LYS I 217 68.60 -8.85 -98.31
N VAL I 218 69.36 -8.20 -97.44
CA VAL I 218 69.38 -6.75 -97.30
C VAL I 218 70.74 -6.26 -97.79
N GLU I 219 70.73 -5.31 -98.72
CA GLU I 219 71.95 -4.78 -99.30
C GLU I 219 72.05 -3.29 -99.00
N PRO I 220 73.15 -2.79 -98.43
CA PRO I 220 73.25 -1.36 -98.17
C PRO I 220 73.13 -0.55 -99.46
N LYS I 221 72.52 0.63 -99.35
CA LYS I 221 72.29 1.49 -100.50
C LYS I 221 72.62 2.92 -100.14
N SER I 222 72.85 3.74 -101.16
CA SER I 222 73.23 5.13 -100.98
C SER I 222 72.07 6.02 -100.54
N CYS I 223 70.91 5.46 -100.23
CA CYS I 223 69.77 6.26 -99.78
C CYS I 223 70.14 7.14 -98.60
#